data_7M57
#
_entry.id   7M57
#
_cell.length_a   192.08
_cell.length_b   202.29
_cell.length_c   177.93
_cell.angle_alpha   90
_cell.angle_beta   90
_cell.angle_gamma   90
#
_symmetry.space_group_name_H-M   'P 21 21 2'
#
loop_
_entity.id
_entity.type
_entity.pdbx_description
1 polymer 'Coat protein'
2 polymer "RNA (5'-R(P*AP*AP*AP*AP*AP*AP*AP*AP*AP*AP*AP*AP*AP*AP*AP*A)-3')"
3 polymer 'RNA (27-mer)'
4 non-polymer 'PHOSPHATE ION'
5 water water
#
loop_
_entity_poly.entity_id
_entity_poly.type
_entity_poly.pdbx_seq_one_letter_code
_entity_poly.pdbx_strand_id
1 'polypeptide(L)'
;MGRGKVKPNRKSTGDNSNVVTMIRAGSYPKVNPTPTWVRAIPFEVSVQSGIAFKVPVGSLFSANFRTDSFTSVTVMSVRA
WTQLTPPVNEYSFVRLKPLFKTGDSTEEFEGRASNINTRASVGYRIPTNLRQNTVAADNVCEVRSNCRQVALVISCCFN
;
A,B,C,D,E,F,G,H,I,J,K,L,M,N,O,BB,CC,DD,EE,FF,GG,HH,II,JJ,KK,LL,MM,NN,OO,PP
2 'polyribonucleotide' AAAAAAAAAAAAAAAA P,Q,R,S,T,U,V,W,X,Y,Z,a,b,c,d,QQ,RR,SS,TT,UU,VV,WW,YY,ZZ,bb,cc,dd,ee,ff,gg
3 'polyribonucleotide' UUUUUUUUUUUUUUUUUUUUUUUUUUU e,f,g,h,i,j,k,l,m,n,o,p,q,r,s,t,u,v,w,x,y,z,1,2,3,4,5,6,7,8,hh,ii,jj,kk,ll,mm,nn,oo,pp,qq,rr,ss,tt,uu,vv,ww,xx,yy,zz
#
loop_
_chem_comp.id
_chem_comp.type
_chem_comp.name
_chem_comp.formula
A RNA linking ADENOSINE-5'-MONOPHOSPHATE 'C10 H14 N5 O7 P'
PO4 non-polymer 'PHOSPHATE ION' 'O4 P -3'
U RNA linking URIDINE-5'-MONOPHOSPHATE 'C9 H13 N2 O9 P'
#
# COMPACT_ATOMS: atom_id res chain seq x y z
N ASN A 16 2.80 -41.54 51.01
CA ASN A 16 2.63 -40.49 51.99
C ASN A 16 2.96 -41.00 53.39
N SER A 17 2.92 -40.10 54.38
CA SER A 17 3.29 -40.47 55.73
C SER A 17 2.27 -41.42 56.35
N ASN A 18 2.76 -42.35 57.17
N ASN A 18 2.75 -42.34 57.18
CA ASN A 18 1.89 -43.32 57.83
CA ASN A 18 1.91 -43.33 57.83
C ASN A 18 1.84 -43.19 59.34
C ASN A 18 1.83 -43.17 59.34
N VAL A 19 2.70 -42.36 59.94
CA VAL A 19 2.75 -42.16 61.37
C VAL A 19 2.82 -40.67 61.68
N VAL A 20 2.77 -40.35 62.97
CA VAL A 20 2.85 -38.97 63.41
C VAL A 20 4.28 -38.47 63.24
N THR A 21 4.41 -37.20 62.84
CA THR A 21 5.71 -36.57 62.68
C THR A 21 5.72 -35.25 63.43
N MET A 22 6.94 -34.78 63.73
CA MET A 22 7.11 -33.61 64.55
CA MET A 22 7.13 -33.60 64.54
C MET A 22 6.98 -32.33 63.71
N ILE A 23 6.32 -31.34 64.28
CA ILE A 23 6.19 -30.01 63.69
C ILE A 23 7.02 -29.05 64.52
N ARG A 24 7.98 -28.38 63.87
CA ARG A 24 8.87 -27.45 64.56
C ARG A 24 8.23 -26.07 64.57
N ALA A 25 7.24 -25.91 65.45
CA ALA A 25 6.54 -24.64 65.57
C ALA A 25 7.44 -23.59 66.21
N GLY A 26 7.09 -22.33 65.97
CA GLY A 26 7.89 -21.23 66.48
C GLY A 26 7.16 -20.40 67.53
N SER A 27 7.09 -19.09 67.31
CA SER A 27 6.42 -18.20 68.24
CA SER A 27 6.41 -18.21 68.24
C SER A 27 4.91 -18.43 68.18
N TYR A 28 4.22 -17.91 69.19
CA TYR A 28 2.77 -18.05 69.24
C TYR A 28 2.14 -17.17 68.16
N PRO A 29 1.25 -17.71 67.33
CA PRO A 29 0.74 -16.95 66.19
C PRO A 29 -0.47 -16.10 66.56
N LYS A 30 -0.84 -15.23 65.63
CA LYS A 30 -2.07 -14.46 65.77
C LYS A 30 -3.26 -15.38 65.58
N VAL A 31 -4.21 -15.33 66.52
CA VAL A 31 -5.33 -16.25 66.52
C VAL A 31 -6.64 -15.47 66.51
N ASN A 32 -7.73 -16.18 66.24
CA ASN A 32 -9.08 -15.65 66.31
C ASN A 32 -10.05 -16.80 66.56
N PRO A 33 -10.59 -16.91 67.78
CA PRO A 33 -11.52 -18.00 68.07
C PRO A 33 -12.88 -17.85 67.40
N THR A 34 -13.20 -16.68 66.88
CA THR A 34 -14.50 -16.40 66.28
C THR A 34 -14.29 -15.73 64.93
N PRO A 35 -13.93 -16.48 63.90
CA PRO A 35 -13.64 -15.89 62.59
C PRO A 35 -14.93 -15.64 61.80
N THR A 36 -14.75 -15.11 60.60
CA THR A 36 -15.85 -14.86 59.68
C THR A 36 -16.20 -16.14 58.93
N TRP A 37 -17.23 -16.06 58.09
CA TRP A 37 -17.74 -17.26 57.43
C TRP A 37 -18.67 -16.82 56.29
N VAL A 38 -18.26 -17.07 55.05
CA VAL A 38 -19.10 -16.83 53.90
C VAL A 38 -19.96 -18.05 53.65
N ARG A 39 -21.27 -17.84 53.49
CA ARG A 39 -22.23 -18.94 53.42
C ARG A 39 -23.30 -18.62 52.40
N ALA A 40 -24.02 -19.66 51.99
CA ALA A 40 -25.27 -19.53 51.24
C ALA A 40 -26.36 -20.19 52.09
N ILE A 41 -27.27 -19.37 52.60
CA ILE A 41 -28.25 -19.81 53.58
C ILE A 41 -29.55 -20.14 52.86
N PRO A 42 -30.03 -21.38 52.91
CA PRO A 42 -31.35 -21.69 52.34
C PRO A 42 -32.43 -21.70 53.40
N PHE A 43 -33.56 -21.05 53.12
CA PHE A 43 -34.70 -21.06 54.03
C PHE A 43 -35.94 -20.66 53.24
N GLU A 44 -37.10 -20.85 53.86
CA GLU A 44 -38.38 -20.62 53.21
C GLU A 44 -39.18 -19.57 53.96
N VAL A 45 -40.10 -18.94 53.24
CA VAL A 45 -41.00 -17.95 53.81
C VAL A 45 -42.41 -18.22 53.27
N SER A 46 -43.41 -17.85 54.06
CA SER A 46 -44.80 -18.00 53.65
C SER A 46 -45.28 -16.68 53.04
N VAL A 47 -45.87 -16.78 51.85
CA VAL A 47 -46.31 -15.61 51.08
C VAL A 47 -47.81 -15.70 50.85
N GLN A 48 -48.49 -14.57 51.04
CA GLN A 48 -49.92 -14.46 50.76
C GLN A 48 -50.12 -13.81 49.38
N SER A 49 -51.26 -14.11 48.79
CA SER A 49 -51.55 -13.62 47.44
CA SER A 49 -51.55 -13.62 47.45
CA SER A 49 -51.55 -13.62 47.44
C SER A 49 -51.69 -12.10 47.43
N GLY A 50 -51.09 -11.48 46.41
CA GLY A 50 -51.16 -10.04 46.23
C GLY A 50 -50.67 -9.21 47.39
N ILE A 51 -49.83 -9.77 48.25
CA ILE A 51 -49.35 -9.09 49.45
C ILE A 51 -47.85 -9.32 49.58
N ALA A 52 -47.10 -8.25 49.81
CA ALA A 52 -45.65 -8.33 49.92
C ALA A 52 -45.24 -8.84 51.29
N PHE A 53 -44.09 -9.51 51.33
CA PHE A 53 -43.56 -10.10 52.56
C PHE A 53 -42.12 -9.63 52.73
N LYS A 54 -41.86 -8.85 53.77
CA LYS A 54 -40.52 -8.34 54.06
CA LYS A 54 -40.52 -8.34 54.06
C LYS A 54 -39.72 -9.42 54.79
N VAL A 55 -38.67 -9.92 54.14
CA VAL A 55 -37.85 -10.98 54.70
C VAL A 55 -36.88 -10.38 55.73
N PRO A 56 -36.98 -10.77 57.00
N PRO A 56 -36.98 -10.76 57.00
CA PRO A 56 -36.08 -10.21 58.01
CA PRO A 56 -36.08 -10.21 58.01
C PRO A 56 -34.70 -10.82 57.96
C PRO A 56 -34.69 -10.81 57.92
N VAL A 57 -33.70 -10.00 58.32
CA VAL A 57 -32.32 -10.45 58.32
C VAL A 57 -32.09 -11.45 59.45
N GLY A 58 -32.86 -11.36 60.53
CA GLY A 58 -32.71 -12.28 61.64
C GLY A 58 -32.95 -13.74 61.29
N SER A 59 -33.60 -14.00 60.14
N SER A 59 -33.60 -13.99 60.15
CA SER A 59 -33.82 -15.36 59.71
CA SER A 59 -33.81 -15.36 59.70
C SER A 59 -32.51 -16.08 59.38
C SER A 59 -32.51 -16.08 59.40
N LEU A 60 -31.43 -15.34 59.13
CA LEU A 60 -30.14 -15.95 58.81
C LEU A 60 -29.38 -16.39 60.05
N PHE A 61 -29.74 -15.90 61.23
CA PHE A 61 -29.07 -16.26 62.47
C PHE A 61 -29.88 -17.34 63.16
N SER A 62 -29.41 -18.58 63.07
CA SER A 62 -30.12 -19.71 63.67
C SER A 62 -29.14 -20.86 63.83
N ALA A 63 -29.38 -21.67 64.87
CA ALA A 63 -28.56 -22.86 65.08
C ALA A 63 -28.76 -23.89 63.98
N ASN A 64 -29.83 -23.77 63.20
CA ASN A 64 -30.03 -24.65 62.05
C ASN A 64 -29.03 -24.36 60.94
N PHE A 65 -28.37 -23.21 60.98
CA PHE A 65 -27.38 -22.81 59.98
C PHE A 65 -25.98 -22.67 60.58
N ARG A 66 -25.80 -23.03 61.85
CA ARG A 66 -24.56 -22.83 62.60
C ARG A 66 -24.20 -21.35 62.73
N THR A 67 -25.18 -20.46 62.65
CA THR A 67 -24.94 -19.02 62.65
C THR A 67 -25.67 -18.32 63.79
N ASP A 68 -25.88 -19.01 64.91
CA ASP A 68 -26.46 -18.35 66.08
C ASP A 68 -25.42 -17.59 66.89
N SER A 69 -24.14 -17.71 66.54
CA SER A 69 -23.08 -17.00 67.23
C SER A 69 -22.83 -15.61 66.66
N PHE A 70 -23.39 -15.30 65.50
CA PHE A 70 -23.20 -14.01 64.87
C PHE A 70 -24.31 -13.04 65.25
N THR A 71 -24.02 -11.75 65.10
CA THR A 71 -25.00 -10.70 65.28
C THR A 71 -25.17 -9.81 64.06
N SER A 72 -24.19 -9.76 63.17
CA SER A 72 -24.26 -8.98 61.95
C SER A 72 -23.86 -9.85 60.76
N VAL A 73 -24.29 -9.44 59.57
CA VAL A 73 -24.01 -10.19 58.35
C VAL A 73 -24.03 -9.22 57.19
N THR A 74 -23.20 -9.50 56.17
CA THR A 74 -23.11 -8.69 54.96
C THR A 74 -23.66 -9.51 53.80
N VAL A 75 -24.88 -9.19 53.39
CA VAL A 75 -25.54 -9.92 52.31
C VAL A 75 -24.94 -9.49 50.97
N MET A 76 -24.63 -10.47 50.12
CA MET A 76 -24.02 -10.22 48.82
C MET A 76 -25.00 -10.39 47.67
N SER A 77 -25.78 -11.47 47.67
CA SER A 77 -26.72 -11.73 46.58
C SER A 77 -27.85 -12.60 47.10
N VAL A 78 -29.04 -12.39 46.54
CA VAL A 78 -30.25 -13.09 46.95
C VAL A 78 -30.82 -13.81 45.74
N ARG A 79 -31.26 -15.05 45.94
CA ARG A 79 -31.89 -15.84 44.89
CA ARG A 79 -31.89 -15.86 44.90
C ARG A 79 -33.16 -16.49 45.45
N ALA A 80 -34.23 -16.44 44.65
CA ALA A 80 -35.53 -16.92 45.10
C ALA A 80 -36.07 -17.98 44.14
N TRP A 81 -36.86 -18.90 44.70
CA TRP A 81 -37.56 -19.93 43.95
C TRP A 81 -38.93 -20.14 44.55
N THR A 82 -39.93 -20.36 43.70
CA THR A 82 -41.25 -20.72 44.17
C THR A 82 -41.18 -22.12 44.79
N GLN A 83 -41.78 -22.28 45.97
CA GLN A 83 -41.70 -23.52 46.72
C GLN A 83 -42.92 -24.42 46.55
N LEU A 84 -44.08 -23.84 46.26
CA LEU A 84 -45.31 -24.61 46.07
C LEU A 84 -45.81 -24.42 44.64
N THR A 85 -46.87 -25.16 44.31
CA THR A 85 -47.43 -25.07 42.98
C THR A 85 -48.27 -23.79 42.83
N PRO A 86 -48.31 -23.22 41.64
CA PRO A 86 -49.09 -22.00 41.42
C PRO A 86 -50.58 -22.31 41.38
N PRO A 87 -51.45 -21.30 41.45
CA PRO A 87 -52.88 -21.55 41.30
C PRO A 87 -53.20 -22.16 39.94
N VAL A 88 -54.38 -22.77 39.86
CA VAL A 88 -54.78 -23.49 38.65
C VAL A 88 -54.83 -22.52 37.49
N ASN A 89 -54.38 -23.00 36.32
CA ASN A 89 -54.35 -22.26 35.06
C ASN A 89 -53.19 -21.26 34.98
N GLU A 90 -52.48 -21.05 36.09
CA GLU A 90 -51.44 -20.05 36.16
C GLU A 90 -50.05 -20.67 36.05
N TYR A 91 -49.08 -19.83 35.71
CA TYR A 91 -47.66 -20.14 35.79
C TYR A 91 -47.06 -19.44 37.00
N SER A 92 -46.09 -20.10 37.63
CA SER A 92 -45.44 -19.54 38.81
C SER A 92 -44.69 -18.26 38.46
N PHE A 93 -44.67 -17.32 39.41
CA PHE A 93 -43.85 -16.13 39.28
C PHE A 93 -43.40 -15.71 40.68
N VAL A 94 -42.31 -14.94 40.70
CA VAL A 94 -41.76 -14.44 41.96
C VAL A 94 -41.07 -13.11 41.68
N ARG A 95 -41.31 -12.13 42.54
CA ARG A 95 -40.73 -10.80 42.43
C ARG A 95 -39.87 -10.50 43.64
N LEU A 96 -38.83 -9.70 43.43
CA LEU A 96 -37.89 -9.34 44.48
C LEU A 96 -37.61 -7.85 44.42
N LYS A 97 -37.85 -7.16 45.53
CA LYS A 97 -37.58 -5.72 45.63
CA LYS A 97 -37.59 -5.71 45.64
C LYS A 97 -36.53 -5.48 46.70
N PRO A 98 -35.30 -5.10 46.34
CA PRO A 98 -34.25 -4.92 47.34
C PRO A 98 -34.58 -3.82 48.33
N LEU A 99 -34.09 -4.01 49.56
CA LEU A 99 -34.29 -3.05 50.64
C LEU A 99 -32.94 -2.75 51.29
N PHE A 100 -32.75 -1.47 51.64
CA PHE A 100 -31.52 -1.01 52.28
C PHE A 100 -31.87 -0.01 53.36
N LYS A 101 -31.02 0.05 54.39
CA LYS A 101 -31.25 0.99 55.48
CA LYS A 101 -31.23 1.00 55.48
CA LYS A 101 -31.24 0.99 55.49
C LYS A 101 -31.09 2.43 55.00
N THR A 102 -30.14 2.68 54.10
CA THR A 102 -29.93 4.02 53.57
C THR A 102 -30.98 4.43 52.56
N GLY A 103 -31.82 3.50 52.10
CA GLY A 103 -32.85 3.81 51.13
C GLY A 103 -33.33 2.59 50.37
N ASP A 104 -34.65 2.41 50.31
CA ASP A 104 -35.22 1.25 49.65
C ASP A 104 -35.30 1.47 48.15
N SER A 105 -35.04 0.41 47.38
CA SER A 105 -35.09 0.47 45.93
CA SER A 105 -35.09 0.48 45.93
C SER A 105 -36.50 0.20 45.44
N THR A 106 -36.74 0.60 44.18
CA THR A 106 -38.05 0.41 43.55
C THR A 106 -37.99 -0.56 42.38
N GLU A 107 -36.94 -1.38 42.29
CA GLU A 107 -36.86 -2.40 41.26
C GLU A 107 -37.67 -3.63 41.67
N GLU A 108 -38.32 -4.26 40.70
CA GLU A 108 -39.11 -5.46 40.92
C GLU A 108 -38.59 -6.57 40.00
N PHE A 109 -37.42 -7.12 40.34
CA PHE A 109 -36.84 -8.21 39.57
C PHE A 109 -37.77 -9.42 39.60
N GLU A 110 -38.32 -9.78 38.44
CA GLU A 110 -39.35 -10.80 38.34
C GLU A 110 -38.91 -11.90 37.39
N GLY A 111 -39.27 -13.12 37.75
CA GLY A 111 -39.05 -14.26 36.88
C GLY A 111 -40.25 -15.18 36.91
N ARG A 112 -40.61 -15.69 35.73
CA ARG A 112 -41.79 -16.54 35.58
C ARG A 112 -41.37 -17.90 35.03
N ALA A 113 -42.12 -18.92 35.40
CA ALA A 113 -41.91 -20.26 34.87
C ALA A 113 -42.61 -20.40 33.52
N SER A 114 -41.93 -21.04 32.58
CA SER A 114 -42.51 -21.31 31.27
C SER A 114 -43.22 -22.66 31.22
N ASN A 115 -43.17 -23.43 32.32
CA ASN A 115 -43.93 -24.65 32.47
C ASN A 115 -44.70 -24.56 33.78
N ILE A 116 -45.97 -24.96 33.76
CA ILE A 116 -46.81 -24.84 34.95
C ILE A 116 -46.27 -25.71 36.09
N ASN A 117 -45.56 -26.78 35.75
CA ASN A 117 -45.06 -27.72 36.74
C ASN A 117 -43.61 -27.45 37.14
N THR A 118 -43.09 -26.27 36.83
CA THR A 118 -41.70 -25.92 37.12
CA THR A 118 -41.71 -25.92 37.14
C THR A 118 -41.66 -24.67 37.99
N ARG A 119 -40.57 -24.54 38.76
CA ARG A 119 -40.37 -23.39 39.62
C ARG A 119 -40.11 -22.13 38.80
N ALA A 120 -40.38 -20.99 39.41
CA ALA A 120 -39.98 -19.69 38.88
C ALA A 120 -38.84 -19.15 39.73
N SER A 121 -37.83 -18.60 39.07
CA SER A 121 -36.60 -18.20 39.76
C SER A 121 -36.15 -16.84 39.27
N VAL A 122 -35.51 -16.09 40.17
CA VAL A 122 -34.96 -14.78 39.88
C VAL A 122 -34.04 -14.38 41.03
N GLY A 123 -33.22 -13.36 40.82
CA GLY A 123 -32.32 -12.90 41.87
C GLY A 123 -31.67 -11.60 41.48
N TYR A 124 -30.96 -11.03 42.45
CA TYR A 124 -30.24 -9.77 42.23
C TYR A 124 -28.96 -9.77 43.04
N ARG A 125 -28.00 -8.98 42.59
CA ARG A 125 -26.69 -8.86 43.23
C ARG A 125 -26.54 -7.47 43.85
N ILE A 126 -26.05 -7.44 45.08
CA ILE A 126 -25.80 -6.19 45.80
C ILE A 126 -24.42 -5.69 45.41
N PRO A 127 -24.30 -4.44 44.92
CA PRO A 127 -22.98 -3.93 44.57
C PRO A 127 -22.12 -3.68 45.81
N THR A 128 -20.83 -3.45 45.56
CA THR A 128 -19.88 -3.30 46.66
CA THR A 128 -19.88 -3.31 46.66
C THR A 128 -20.20 -2.08 47.52
N ASN A 129 -20.65 -0.99 46.89
CA ASN A 129 -20.93 0.23 47.63
C ASN A 129 -22.12 0.11 48.57
N LEU A 130 -22.91 -0.96 48.47
CA LEU A 130 -24.07 -1.15 49.33
C LEU A 130 -23.96 -2.41 50.18
N ARG A 131 -22.75 -2.95 50.35
CA ARG A 131 -22.55 -4.17 51.12
C ARG A 131 -22.07 -3.80 52.52
N GLN A 132 -23.03 -3.34 53.33
CA GLN A 132 -22.78 -3.05 54.74
C GLN A 132 -23.41 -4.14 55.61
N ASN A 133 -23.13 -4.05 56.91
CA ASN A 133 -23.68 -5.03 57.85
C ASN A 133 -25.16 -4.76 58.10
N THR A 134 -25.88 -5.83 58.40
CA THR A 134 -27.29 -5.76 58.77
C THR A 134 -27.53 -6.63 59.99
N VAL A 135 -28.38 -6.15 60.90
CA VAL A 135 -28.67 -6.89 62.12
C VAL A 135 -30.03 -7.55 62.01
N ALA A 136 -30.50 -8.16 63.10
CA ALA A 136 -31.70 -8.98 63.04
C ALA A 136 -32.96 -8.15 62.78
N ALA A 137 -32.97 -6.88 63.20
CA ALA A 137 -34.15 -6.04 63.00
C ALA A 137 -34.32 -5.58 61.56
N ASP A 138 -33.23 -5.55 60.79
CA ASP A 138 -33.29 -5.05 59.42
C ASP A 138 -34.00 -6.04 58.51
N ASN A 139 -34.24 -5.60 57.28
CA ASN A 139 -34.90 -6.42 56.27
C ASN A 139 -34.01 -6.56 55.04
N VAL A 140 -34.18 -7.67 54.33
CA VAL A 140 -33.41 -7.96 53.12
C VAL A 140 -34.14 -7.41 51.91
N CYS A 141 -35.36 -7.88 51.68
CA CYS A 141 -36.12 -7.51 50.48
C CYS A 141 -37.58 -7.84 50.70
N GLU A 142 -38.41 -7.47 49.73
CA GLU A 142 -39.81 -7.85 49.68
C GLU A 142 -40.02 -8.90 48.61
N VAL A 143 -40.83 -9.92 48.93
CA VAL A 143 -41.10 -11.03 48.03
CA VAL A 143 -41.09 -11.02 48.02
C VAL A 143 -42.59 -11.08 47.73
N ARG A 144 -42.93 -11.19 46.46
CA ARG A 144 -44.30 -11.34 46.00
C ARG A 144 -44.37 -12.56 45.08
N SER A 145 -45.46 -13.31 45.18
CA SER A 145 -45.60 -14.50 44.35
C SER A 145 -47.05 -14.95 44.33
N ASN A 146 -47.40 -15.73 43.31
CA ASN A 146 -48.68 -16.41 43.27
C ASN A 146 -48.65 -17.75 44.02
N CYS A 147 -47.47 -18.22 44.41
CA CYS A 147 -47.34 -19.42 45.22
C CYS A 147 -47.25 -19.05 46.69
N ARG A 148 -47.75 -19.95 47.54
CA ARG A 148 -47.87 -19.65 48.96
C ARG A 148 -46.57 -19.76 49.73
N GLN A 149 -45.49 -20.26 49.11
CA GLN A 149 -44.19 -20.36 49.77
CA GLN A 149 -44.20 -20.37 49.77
C GLN A 149 -43.09 -20.05 48.77
N VAL A 150 -42.03 -19.42 49.26
CA VAL A 150 -40.90 -19.04 48.43
C VAL A 150 -39.62 -19.46 49.13
N ALA A 151 -38.77 -20.21 48.43
CA ALA A 151 -37.48 -20.64 48.96
C ALA A 151 -36.41 -19.65 48.57
N LEU A 152 -35.55 -19.29 49.52
CA LEU A 152 -34.50 -18.32 49.30
CA LEU A 152 -34.50 -18.32 49.30
C LEU A 152 -33.14 -18.97 49.52
N VAL A 153 -32.15 -18.49 48.78
CA VAL A 153 -30.76 -18.92 48.94
C VAL A 153 -29.89 -17.66 48.90
N ILE A 154 -29.48 -17.18 50.09
CA ILE A 154 -28.85 -15.88 50.24
C ILE A 154 -27.36 -16.07 50.45
N SER A 155 -26.56 -15.51 49.54
CA SER A 155 -25.11 -15.53 49.66
CA SER A 155 -25.11 -15.53 49.66
C SER A 155 -24.68 -14.32 50.49
N CYS A 156 -24.03 -14.58 51.63
CA CYS A 156 -23.67 -13.52 52.54
C CYS A 156 -22.42 -13.90 53.31
N CYS A 157 -21.89 -12.93 54.05
N CYS A 157 -21.88 -12.93 54.05
CA CYS A 157 -20.70 -13.10 54.88
CA CYS A 157 -20.70 -13.15 54.87
C CYS A 157 -21.06 -12.74 56.32
C CYS A 157 -21.02 -12.76 56.32
N PHE A 158 -20.97 -13.72 57.21
CA PHE A 158 -21.21 -13.48 58.63
C PHE A 158 -19.95 -12.95 59.28
N ASN A 159 -20.12 -12.00 60.19
CA ASN A 159 -18.99 -11.43 60.91
C ASN A 159 -19.44 -10.87 62.26
N ASN B 16 -8.41 -63.73 13.32
CA ASN B 16 -8.08 -64.22 14.65
C ASN B 16 -8.14 -65.75 14.69
N SER B 17 -7.69 -66.34 15.80
CA SER B 17 -7.62 -67.79 15.90
C SER B 17 -9.00 -68.42 15.75
N ASN B 18 -9.06 -69.55 15.04
N ASN B 18 -9.05 -69.54 15.04
CA ASN B 18 -10.32 -70.25 14.83
CA ASN B 18 -10.29 -70.26 14.80
C ASN B 18 -10.41 -71.59 15.53
C ASN B 18 -10.42 -71.56 15.58
N VAL B 19 -9.31 -72.08 16.11
CA VAL B 19 -9.30 -73.31 16.88
C VAL B 19 -8.47 -73.09 18.15
N VAL B 20 -8.41 -74.12 18.98
CA VAL B 20 -7.70 -74.02 20.24
C VAL B 20 -6.20 -74.05 19.99
N THR B 21 -5.45 -73.30 20.79
CA THR B 21 -3.99 -73.29 20.74
C THR B 21 -3.44 -73.54 22.13
N MET B 22 -2.21 -74.04 22.17
CA MET B 22 -1.61 -74.46 23.42
CA MET B 22 -1.59 -74.46 23.42
C MET B 22 -0.97 -73.27 24.15
N ILE B 23 -1.16 -73.25 25.46
CA ILE B 23 -0.58 -72.22 26.34
C ILE B 23 0.61 -72.85 27.04
N ARG B 24 1.79 -72.27 26.86
CA ARG B 24 3.02 -72.78 27.47
C ARG B 24 3.11 -72.26 28.91
N ALA B 25 2.27 -72.84 29.77
CA ALA B 25 2.21 -72.42 31.16
C ALA B 25 3.46 -72.83 31.92
N GLY B 26 3.72 -72.13 33.02
CA GLY B 26 4.89 -72.40 33.83
C GLY B 26 4.55 -72.84 35.24
N SER B 27 5.11 -72.15 36.23
CA SER B 27 4.86 -72.50 37.62
CA SER B 27 4.86 -72.51 37.61
C SER B 27 3.42 -72.17 38.01
N TYR B 28 2.99 -72.75 39.12
CA TYR B 28 1.64 -72.49 39.61
C TYR B 28 1.57 -71.07 40.15
N PRO B 29 0.56 -70.29 39.77
CA PRO B 29 0.53 -68.88 40.15
C PRO B 29 -0.14 -68.65 41.50
N LYS B 30 0.03 -67.44 42.01
CA LYS B 30 -0.68 -67.04 43.22
C LYS B 30 -2.15 -66.83 42.90
N VAL B 31 -3.02 -67.48 43.67
CA VAL B 31 -4.45 -67.51 43.36
C VAL B 31 -5.23 -66.94 44.54
N ASN B 32 -6.51 -66.67 44.29
CA ASN B 32 -7.47 -66.22 45.28
C ASN B 32 -8.89 -66.52 44.79
N PRO B 33 -9.57 -67.49 45.40
CA PRO B 33 -10.92 -67.82 44.93
C PRO B 33 -11.98 -66.83 45.37
N THR B 34 -11.73 -66.02 46.41
CA THR B 34 -12.69 -65.08 46.95
C THR B 34 -12.11 -63.67 46.85
N PRO B 35 -12.21 -63.03 45.68
CA PRO B 35 -11.56 -61.72 45.50
C PRO B 35 -12.44 -60.56 45.90
N THR B 36 -11.90 -59.34 45.79
CA THR B 36 -12.67 -58.14 46.03
C THR B 36 -13.52 -57.81 44.81
N TRP B 37 -14.32 -56.75 44.91
CA TRP B 37 -15.25 -56.40 43.84
C TRP B 37 -15.74 -54.97 44.04
N VAL B 38 -15.36 -54.08 43.11
CA VAL B 38 -15.91 -52.72 43.11
C VAL B 38 -17.31 -52.77 42.50
N ARG B 39 -18.28 -52.20 43.21
CA ARG B 39 -19.68 -52.32 42.83
C ARG B 39 -20.41 -51.02 43.09
N ALA B 40 -21.52 -50.86 42.36
CA ALA B 40 -22.52 -49.82 42.65
C ALA B 40 -23.84 -50.54 42.89
N ILE B 41 -24.34 -50.48 44.12
CA ILE B 41 -25.46 -51.29 44.56
C ILE B 41 -26.71 -50.42 44.57
N PRO B 42 -27.72 -50.72 43.76
CA PRO B 42 -28.98 -49.98 43.84
C PRO B 42 -30.02 -50.70 44.67
N PHE B 43 -30.69 -49.97 45.57
CA PHE B 43 -31.76 -50.53 46.38
C PHE B 43 -32.61 -49.39 46.91
N GLU B 44 -33.77 -49.76 47.44
CA GLU B 44 -34.77 -48.80 47.89
C GLU B 44 -35.08 -48.98 49.37
N VAL B 45 -35.44 -47.87 50.01
CA VAL B 45 -35.83 -47.87 51.42
C VAL B 45 -37.13 -47.10 51.56
N SER B 46 -37.91 -47.46 52.58
CA SER B 46 -39.16 -46.78 52.87
C SER B 46 -38.94 -45.70 53.92
N VAL B 47 -39.54 -44.54 53.69
CA VAL B 47 -39.32 -43.36 54.52
C VAL B 47 -40.67 -42.78 54.92
N GLN B 48 -40.78 -42.37 56.18
CA GLN B 48 -41.96 -41.69 56.70
C GLN B 48 -41.73 -40.19 56.70
N SER B 49 -42.82 -39.44 56.76
CA SER B 49 -42.74 -37.98 56.74
CA SER B 49 -42.74 -37.98 56.74
C SER B 49 -42.22 -37.46 58.06
N GLY B 50 -41.23 -36.58 58.00
CA GLY B 50 -40.68 -35.98 59.20
C GLY B 50 -39.91 -36.92 60.11
N ILE B 51 -39.54 -38.10 59.61
CA ILE B 51 -38.80 -39.08 60.41
C ILE B 51 -37.61 -39.56 59.57
N ALA B 52 -36.41 -39.41 60.12
CA ALA B 52 -35.20 -39.85 59.44
C ALA B 52 -35.07 -41.36 59.52
N PHE B 53 -34.47 -41.94 58.47
CA PHE B 53 -34.30 -43.38 58.36
C PHE B 53 -32.81 -43.69 58.25
N LYS B 54 -32.31 -44.49 59.20
CA LYS B 54 -30.92 -44.92 59.18
C LYS B 54 -30.75 -46.04 58.17
N VAL B 55 -29.88 -45.83 57.19
CA VAL B 55 -29.64 -46.83 56.15
C VAL B 55 -28.63 -47.86 56.67
N PRO B 56 -29.03 -49.10 56.86
CA PRO B 56 -28.10 -50.11 57.39
C PRO B 56 -27.15 -50.63 56.30
N VAL B 57 -25.94 -50.95 56.73
CA VAL B 57 -24.96 -51.52 55.81
C VAL B 57 -25.39 -52.91 55.36
N GLY B 58 -26.20 -53.60 56.17
CA GLY B 58 -26.65 -54.94 55.83
C GLY B 58 -27.46 -55.01 54.56
N SER B 59 -27.97 -53.88 54.07
N SER B 59 -27.97 -53.88 54.07
CA SER B 59 -28.71 -53.87 52.82
CA SER B 59 -28.71 -53.87 52.82
C SER B 59 -27.82 -54.17 51.62
C SER B 59 -27.82 -54.17 51.62
N LEU B 60 -26.52 -53.95 51.73
CA LEU B 60 -25.61 -54.20 50.61
C LEU B 60 -25.33 -55.68 50.42
N PHE B 61 -25.34 -56.46 51.50
CA PHE B 61 -25.02 -57.88 51.43
C PHE B 61 -26.30 -58.66 51.13
N SER B 62 -26.43 -59.14 49.90
CA SER B 62 -27.62 -59.88 49.48
C SER B 62 -27.29 -60.68 48.23
N ALA B 63 -27.94 -61.84 48.09
CA ALA B 63 -27.81 -62.62 46.88
C ALA B 63 -28.38 -61.90 45.67
N ASN B 64 -29.29 -60.95 45.88
CA ASN B 64 -29.81 -60.14 44.78
C ASN B 64 -28.75 -59.24 44.18
N PHE B 65 -27.58 -59.14 44.81
CA PHE B 65 -26.46 -58.34 44.30
C PHE B 65 -25.22 -59.19 44.08
N ARG B 66 -25.31 -60.51 44.24
CA ARG B 66 -24.16 -61.41 44.20
C ARG B 66 -23.13 -61.06 45.28
N THR B 67 -23.59 -60.45 46.38
CA THR B 67 -22.70 -60.00 47.44
C THR B 67 -22.96 -60.68 48.78
N ASP B 68 -23.73 -61.77 48.79
CA ASP B 68 -23.98 -62.48 50.04
C ASP B 68 -22.72 -63.12 50.61
N SER B 69 -21.70 -63.32 49.78
CA SER B 69 -20.47 -63.95 50.22
C SER B 69 -19.56 -63.03 51.02
N PHE B 70 -19.85 -61.73 51.06
CA PHE B 70 -19.01 -60.77 51.74
C PHE B 70 -19.53 -60.47 53.14
N THR B 71 -18.60 -60.07 54.02
CA THR B 71 -18.94 -59.67 55.38
C THR B 71 -18.61 -58.22 55.69
N SER B 72 -17.76 -57.57 54.89
CA SER B 72 -17.41 -56.17 55.08
C SER B 72 -17.56 -55.44 53.76
N VAL B 73 -17.49 -54.11 53.82
CA VAL B 73 -17.58 -53.28 52.63
C VAL B 73 -16.97 -51.92 52.95
N THR B 74 -16.30 -51.35 51.96
CA THR B 74 -15.70 -50.02 52.07
C THR B 74 -16.50 -49.08 51.17
N VAL B 75 -17.32 -48.23 51.79
CA VAL B 75 -18.20 -47.33 51.05
C VAL B 75 -17.38 -46.13 50.58
N MET B 76 -17.56 -45.76 49.31
CA MET B 76 -16.87 -44.61 48.74
CA MET B 76 -16.87 -44.61 48.74
C MET B 76 -17.79 -43.41 48.54
N SER B 77 -18.98 -43.63 47.98
CA SER B 77 -19.92 -42.53 47.75
C SER B 77 -21.34 -43.08 47.79
N VAL B 78 -22.28 -42.20 48.15
CA VAL B 78 -23.69 -42.54 48.25
C VAL B 78 -24.49 -41.52 47.47
N ARG B 79 -25.41 -41.99 46.64
CA ARG B 79 -26.28 -41.13 45.84
CA ARG B 79 -26.28 -41.13 45.84
C ARG B 79 -27.72 -41.56 46.06
N ALA B 80 -28.61 -40.58 46.21
CA ALA B 80 -30.01 -40.83 46.50
C ALA B 80 -30.92 -40.17 45.46
N TRP B 81 -32.04 -40.83 45.19
CA TRP B 81 -33.10 -40.30 44.34
C TRP B 81 -34.44 -40.61 44.99
N THR B 82 -35.36 -39.65 44.91
CA THR B 82 -36.72 -39.90 45.38
C THR B 82 -37.41 -40.90 44.48
N GLN B 83 -38.01 -41.93 45.08
CA GLN B 83 -38.55 -43.05 44.33
C GLN B 83 -40.04 -42.95 44.04
N LEU B 84 -40.80 -42.21 44.85
CA LEU B 84 -42.22 -42.02 44.62
C LEU B 84 -42.52 -40.53 44.48
N THR B 85 -43.77 -40.22 44.12
CA THR B 85 -44.16 -38.85 43.90
C THR B 85 -44.28 -38.10 45.22
N PRO B 86 -44.03 -36.80 45.22
CA PRO B 86 -44.16 -36.01 46.46
C PRO B 86 -45.62 -35.78 46.80
N PRO B 87 -45.91 -35.20 47.96
CA PRO B 87 -47.29 -34.84 48.29
C PRO B 87 -47.83 -33.80 47.31
N VAL B 88 -49.15 -33.60 47.37
CA VAL B 88 -49.78 -32.63 46.48
C VAL B 88 -49.26 -31.24 46.78
N ASN B 89 -49.00 -30.48 45.71
CA ASN B 89 -48.52 -29.09 45.68
C ASN B 89 -47.02 -28.98 45.93
N GLU B 90 -46.35 -30.01 46.43
CA GLU B 90 -44.95 -29.91 46.84
C GLU B 90 -44.02 -30.46 45.76
N TYR B 91 -42.77 -29.98 45.82
CA TYR B 91 -41.68 -30.50 45.02
C TYR B 91 -40.89 -31.52 45.84
N SER B 92 -40.30 -32.49 45.14
CA SER B 92 -39.56 -33.54 45.82
C SER B 92 -38.26 -33.00 46.40
N PHE B 93 -37.88 -33.52 47.56
CA PHE B 93 -36.59 -33.20 48.16
C PHE B 93 -36.07 -34.44 48.88
N VAL B 94 -34.76 -34.45 49.14
CA VAL B 94 -34.11 -35.56 49.82
C VAL B 94 -32.86 -35.05 50.51
N ARG B 95 -32.68 -35.45 51.77
CA ARG B 95 -31.51 -35.06 52.56
C ARG B 95 -30.72 -36.29 52.97
N LEU B 96 -29.40 -36.12 53.06
CA LEU B 96 -28.50 -37.19 53.47
C LEU B 96 -27.60 -36.69 54.60
N LYS B 97 -27.53 -37.45 55.68
CA LYS B 97 -26.58 -37.16 56.77
C LYS B 97 -25.59 -38.31 56.89
N PRO B 98 -24.32 -38.10 56.59
CA PRO B 98 -23.34 -39.18 56.70
C PRO B 98 -23.18 -39.65 58.15
N LEU B 99 -23.03 -40.96 58.31
CA LEU B 99 -22.77 -41.57 59.61
C LEU B 99 -21.47 -42.35 59.57
N PHE B 100 -20.72 -42.30 60.66
CA PHE B 100 -19.45 -43.01 60.77
C PHE B 100 -19.29 -43.55 62.19
N LYS B 101 -18.63 -44.70 62.30
CA LYS B 101 -18.46 -45.33 63.61
CA LYS B 101 -18.45 -45.33 63.60
C LYS B 101 -17.61 -44.47 64.53
N THR B 102 -16.58 -43.81 63.99
CA THR B 102 -15.72 -42.96 64.80
C THR B 102 -16.36 -41.63 65.18
N GLY B 103 -17.49 -41.29 64.56
CA GLY B 103 -18.17 -40.05 64.86
C GLY B 103 -19.12 -39.61 63.77
N ASP B 104 -20.39 -39.41 64.12
CA ASP B 104 -21.39 -39.04 63.14
C ASP B 104 -21.25 -37.58 62.74
N SER B 105 -21.67 -37.28 61.53
CA SER B 105 -21.63 -35.93 60.99
CA SER B 105 -21.63 -35.92 61.00
C SER B 105 -22.97 -35.23 61.20
N THR B 106 -22.97 -33.92 60.97
CA THR B 106 -24.18 -33.11 61.08
C THR B 106 -24.54 -32.42 59.76
N GLU B 107 -23.89 -32.80 58.66
CA GLU B 107 -24.22 -32.21 57.37
C GLU B 107 -25.54 -32.75 56.84
N GLU B 108 -26.33 -31.87 56.23
CA GLU B 108 -27.61 -32.23 55.63
C GLU B 108 -27.57 -31.87 54.15
N PHE B 109 -26.84 -32.65 53.37
CA PHE B 109 -26.79 -32.44 51.93
C PHE B 109 -28.17 -32.67 51.33
N GLU B 110 -28.71 -31.65 50.69
CA GLU B 110 -30.09 -31.66 50.23
C GLU B 110 -30.18 -31.26 48.76
N GLY B 111 -31.03 -31.95 48.03
CA GLY B 111 -31.35 -31.58 46.66
C GLY B 111 -32.85 -31.59 46.46
N ARG B 112 -33.33 -30.60 45.71
CA ARG B 112 -34.75 -30.46 45.45
C ARG B 112 -35.02 -30.50 43.96
N ALA B 113 -36.19 -31.01 43.60
CA ALA B 113 -36.59 -31.05 42.20
C ALA B 113 -37.19 -29.72 41.79
N SER B 114 -36.85 -29.27 40.59
CA SER B 114 -37.41 -28.04 40.04
C SER B 114 -38.71 -28.29 39.27
N ASN B 115 -39.05 -29.55 39.03
CA ASN B 115 -40.32 -29.93 38.43
C ASN B 115 -40.99 -30.92 39.37
N ILE B 116 -42.29 -30.71 39.62
CA ILE B 116 -43.03 -31.58 40.55
C ILE B 116 -43.07 -33.02 40.06
N ASN B 117 -42.91 -33.23 38.76
CA ASN B 117 -42.95 -34.57 38.18
C ASN B 117 -41.57 -35.20 38.03
N THR B 118 -40.54 -34.58 38.58
CA THR B 118 -39.16 -35.04 38.44
CA THR B 118 -39.17 -35.06 38.45
C THR B 118 -38.60 -35.44 39.81
N ARG B 119 -37.68 -36.40 39.79
CA ARG B 119 -37.02 -36.85 41.00
C ARG B 119 -36.12 -35.76 41.57
N ALA B 120 -35.86 -35.86 42.87
CA ALA B 120 -34.86 -35.05 43.54
C ALA B 120 -33.65 -35.92 43.87
N SER B 121 -32.45 -35.36 43.68
CA SER B 121 -31.23 -36.13 43.80
C SER B 121 -30.16 -35.33 44.52
N VAL B 122 -29.33 -36.05 45.28
CA VAL B 122 -28.17 -35.46 45.96
C VAL B 122 -27.29 -36.62 46.41
N GLY B 123 -26.02 -36.30 46.72
CA GLY B 123 -25.10 -37.33 47.13
C GLY B 123 -23.87 -36.71 47.78
N TYR B 124 -23.08 -37.57 48.42
CA TYR B 124 -21.86 -37.14 49.08
C TYR B 124 -20.76 -38.17 48.86
N ARG B 125 -19.52 -37.72 48.98
CA ARG B 125 -18.34 -38.54 48.79
C ARG B 125 -17.60 -38.67 50.12
N ILE B 126 -17.27 -39.91 50.49
CA ILE B 126 -16.53 -40.18 51.71
C ILE B 126 -15.04 -40.07 51.41
N PRO B 127 -14.30 -39.24 52.14
CA PRO B 127 -12.87 -39.07 51.85
C PRO B 127 -12.07 -40.33 52.18
N THR B 128 -10.83 -40.34 51.71
CA THR B 128 -9.96 -41.50 51.88
CA THR B 128 -9.98 -41.52 51.88
C THR B 128 -9.68 -41.79 53.35
N ASN B 129 -9.62 -40.75 54.19
CA ASN B 129 -9.33 -40.94 55.59
C ASN B 129 -10.48 -41.59 56.35
N LEU B 130 -11.67 -41.68 55.76
CA LEU B 130 -12.82 -42.27 56.41
C LEU B 130 -13.32 -43.52 55.68
N ARG B 131 -12.51 -44.10 54.80
CA ARG B 131 -12.91 -45.28 54.04
C ARG B 131 -12.40 -46.56 54.71
N GLN B 132 -12.84 -46.75 55.95
CA GLN B 132 -12.62 -48.01 56.65
C GLN B 132 -13.80 -48.96 56.37
N ASN B 133 -13.63 -50.21 56.77
CA ASN B 133 -14.67 -51.20 56.53
C ASN B 133 -15.89 -50.95 57.42
N THR B 134 -17.03 -51.46 56.97
CA THR B 134 -18.26 -51.44 57.74
C THR B 134 -18.94 -52.79 57.60
N VAL B 135 -19.64 -53.21 58.65
CA VAL B 135 -20.30 -54.50 58.66
C VAL B 135 -21.82 -54.29 58.71
N ALA B 136 -22.57 -55.39 58.66
CA ALA B 136 -24.02 -55.31 58.48
C ALA B 136 -24.71 -54.59 59.63
N ALA B 137 -24.10 -54.57 60.81
CA ALA B 137 -24.70 -53.90 61.95
C ALA B 137 -24.51 -52.39 61.91
N ASP B 138 -23.58 -51.89 61.11
CA ASP B 138 -23.33 -50.46 61.03
C ASP B 138 -24.39 -49.77 60.17
N ASN B 139 -24.38 -48.45 60.21
CA ASN B 139 -25.24 -47.62 59.39
C ASN B 139 -24.41 -46.80 58.41
N VAL B 140 -25.04 -46.42 57.31
CA VAL B 140 -24.39 -45.64 56.26
C VAL B 140 -24.73 -44.15 56.39
N CYS B 141 -26.02 -43.83 56.49
CA CYS B 141 -26.46 -42.45 56.51
C CYS B 141 -27.91 -42.40 56.95
N GLU B 142 -28.35 -41.21 57.36
CA GLU B 142 -29.75 -40.93 57.60
C GLU B 142 -30.37 -40.35 56.33
N VAL B 143 -31.66 -40.63 56.13
CA VAL B 143 -32.39 -40.20 54.95
C VAL B 143 -33.67 -39.49 55.40
N ARG B 144 -33.90 -38.29 54.86
CA ARG B 144 -35.13 -37.54 55.09
C ARG B 144 -35.72 -37.16 53.74
N SER B 145 -37.04 -37.27 53.62
CA SER B 145 -37.70 -36.98 52.36
C SER B 145 -39.19 -36.83 52.60
N ASN B 146 -39.85 -36.09 51.69
CA ASN B 146 -41.29 -35.99 51.68
C ASN B 146 -41.94 -37.07 50.83
N CYS B 147 -41.14 -37.90 50.17
CA CYS B 147 -41.64 -39.04 49.41
C CYS B 147 -41.53 -40.30 50.24
N ARG B 148 -42.43 -41.25 50.00
CA ARG B 148 -42.52 -42.45 50.83
C ARG B 148 -41.42 -43.46 50.54
N GLN B 149 -40.66 -43.30 49.45
CA GLN B 149 -39.57 -44.19 49.13
CA GLN B 149 -39.57 -44.19 49.12
C GLN B 149 -38.39 -43.39 48.59
N VAL B 150 -37.19 -43.91 48.79
CA VAL B 150 -35.95 -43.28 48.32
C VAL B 150 -35.07 -44.37 47.72
N ALA B 151 -34.57 -44.12 46.51
CA ALA B 151 -33.69 -45.06 45.83
C ALA B 151 -32.24 -44.64 46.05
N LEU B 152 -31.40 -45.59 46.43
CA LEU B 152 -29.99 -45.33 46.69
CA LEU B 152 -29.98 -45.35 46.71
C LEU B 152 -29.12 -46.11 45.72
N VAL B 153 -27.97 -45.52 45.39
CA VAL B 153 -26.96 -46.15 44.53
C VAL B 153 -25.62 -45.89 45.21
N ILE B 154 -25.08 -46.92 45.86
CA ILE B 154 -23.89 -46.79 46.70
C ILE B 154 -22.71 -47.38 45.96
N SER B 155 -21.69 -46.56 45.72
CA SER B 155 -20.44 -47.01 45.13
CA SER B 155 -20.44 -47.01 45.13
C SER B 155 -19.51 -47.46 46.26
N CYS B 156 -19.23 -48.75 46.30
CA CYS B 156 -18.44 -49.32 47.40
C CYS B 156 -17.59 -50.47 46.87
N CYS B 157 -16.70 -50.95 47.72
N CYS B 157 -16.69 -50.95 47.71
CA CYS B 157 -15.79 -52.04 47.40
CA CYS B 157 -15.80 -52.05 47.36
C CYS B 157 -16.02 -53.17 48.39
C CYS B 157 -15.98 -53.18 48.37
N PHE B 158 -16.43 -54.33 47.89
CA PHE B 158 -16.67 -55.49 48.74
C PHE B 158 -15.37 -56.25 48.96
N ASN B 159 -15.05 -56.53 50.22
CA ASN B 159 -13.86 -57.31 50.54
C ASN B 159 -14.10 -58.20 51.75
N ASN C 16 -26.99 -34.16 -15.40
CA ASN C 16 -26.87 -35.60 -15.60
C ASN C 16 -27.69 -36.04 -16.82
N SER C 17 -27.59 -37.32 -17.17
CA SER C 17 -28.19 -37.82 -18.41
C SER C 17 -29.70 -37.61 -18.42
N ASN C 18 -30.25 -37.39 -19.61
N ASN C 18 -30.23 -37.39 -19.61
CA ASN C 18 -31.67 -37.14 -19.75
CA ASN C 18 -31.65 -37.12 -19.79
C ASN C 18 -32.42 -38.23 -20.52
C ASN C 18 -32.41 -38.26 -20.47
N VAL C 19 -31.71 -39.20 -21.11
CA VAL C 19 -32.33 -40.33 -21.79
C VAL C 19 -31.55 -41.59 -21.44
N VAL C 20 -32.05 -42.73 -21.92
CA VAL C 20 -31.42 -44.00 -21.62
C VAL C 20 -30.09 -44.11 -22.34
N THR C 21 -29.13 -44.77 -21.69
CA THR C 21 -27.81 -45.02 -22.23
C THR C 21 -27.53 -46.51 -22.23
N MET C 22 -26.61 -46.94 -23.08
CA MET C 22 -26.31 -48.36 -23.23
CA MET C 22 -26.29 -48.35 -23.24
C MET C 22 -25.25 -48.79 -22.22
N ILE C 23 -25.48 -49.96 -21.63
CA ILE C 23 -24.55 -50.58 -20.69
C ILE C 23 -23.89 -51.75 -21.40
N ARG C 24 -22.55 -51.72 -21.49
CA ARG C 24 -21.81 -52.79 -22.16
C ARG C 24 -21.56 -53.91 -21.16
N ALA C 25 -22.61 -54.71 -20.95
CA ALA C 25 -22.53 -55.81 -20.00
C ALA C 25 -21.68 -56.95 -20.55
N GLY C 26 -21.21 -57.80 -19.63
CA GLY C 26 -20.38 -58.93 -20.01
C GLY C 26 -21.01 -60.26 -19.69
N SER C 27 -20.26 -61.11 -19.00
CA SER C 27 -20.75 -62.44 -18.65
CA SER C 27 -20.75 -62.44 -18.65
C SER C 27 -21.87 -62.33 -17.60
N TYR C 28 -22.56 -63.45 -17.39
CA TYR C 28 -23.63 -63.48 -16.40
C TYR C 28 -23.02 -63.50 -15.00
N PRO C 29 -23.35 -62.55 -14.14
CA PRO C 29 -22.66 -62.43 -12.85
C PRO C 29 -23.23 -63.42 -11.83
N LYS C 30 -22.61 -63.43 -10.66
CA LYS C 30 -23.14 -64.20 -9.54
C LYS C 30 -24.32 -63.45 -8.94
N VAL C 31 -25.44 -64.16 -8.77
CA VAL C 31 -26.68 -63.55 -8.33
C VAL C 31 -27.16 -64.24 -7.06
N ASN C 32 -28.17 -63.64 -6.43
CA ASN C 32 -28.80 -64.19 -5.24
C ASN C 32 -30.20 -63.63 -5.09
N PRO C 33 -31.24 -64.43 -5.33
CA PRO C 33 -32.61 -63.90 -5.24
C PRO C 33 -33.07 -63.64 -3.81
N THR C 34 -32.41 -64.21 -2.82
CA THR C 34 -32.83 -64.10 -1.42
C THR C 34 -31.63 -63.67 -0.57
N PRO C 35 -31.32 -62.38 -0.56
N PRO C 35 -31.29 -62.38 -0.58
CA PRO C 35 -30.15 -61.90 0.18
CA PRO C 35 -30.13 -61.90 0.17
C PRO C 35 -30.49 -61.63 1.63
C PRO C 35 -30.46 -61.70 1.64
N THR C 36 -29.44 -61.34 2.41
CA THR C 36 -29.59 -61.02 3.82
C THR C 36 -30.11 -59.58 3.96
N TRP C 37 -30.30 -59.16 5.21
CA TRP C 37 -30.88 -57.84 5.46
C TRP C 37 -30.67 -57.48 6.92
N VAL C 38 -30.02 -56.34 7.16
CA VAL C 38 -29.87 -55.80 8.51
C VAL C 38 -31.04 -54.88 8.78
N ARG C 39 -31.68 -55.07 9.93
CA ARG C 39 -32.90 -54.34 10.27
C ARG C 39 -32.92 -54.00 11.75
N ALA C 40 -33.75 -53.00 12.08
CA ALA C 40 -34.20 -52.76 13.44
C ALA C 40 -35.71 -52.91 13.45
N ILE C 41 -36.20 -53.87 14.22
CA ILE C 41 -37.60 -54.26 14.18
C ILE C 41 -38.31 -53.62 15.38
N PRO C 42 -39.29 -52.75 15.16
CA PRO C 42 -40.08 -52.22 16.29
C PRO C 42 -41.35 -53.01 16.51
N PHE C 43 -41.57 -53.45 17.74
CA PHE C 43 -42.80 -54.15 18.10
C PHE C 43 -43.02 -54.01 19.60
N GLU C 44 -44.22 -54.34 20.04
CA GLU C 44 -44.62 -54.18 21.43
C GLU C 44 -44.98 -55.53 22.05
N VAL C 45 -44.91 -55.59 23.38
CA VAL C 45 -45.28 -56.77 24.14
C VAL C 45 -46.09 -56.32 25.35
N SER C 46 -47.00 -57.19 25.78
CA SER C 46 -47.79 -56.95 26.98
C SER C 46 -47.14 -57.64 28.16
N VAL C 47 -47.04 -56.92 29.28
N VAL C 47 -47.03 -56.93 29.28
CA VAL C 47 -46.37 -57.39 30.48
CA VAL C 47 -46.37 -57.45 30.47
C VAL C 47 -47.31 -57.23 31.67
C VAL C 47 -47.28 -57.23 31.67
N GLN C 48 -47.32 -58.22 32.56
CA GLN C 48 -48.08 -58.15 33.80
C GLN C 48 -47.18 -57.70 34.93
N SER C 49 -47.79 -57.23 36.01
CA SER C 49 -47.03 -56.73 37.15
CA SER C 49 -47.03 -56.73 37.15
C SER C 49 -46.38 -57.89 37.89
N GLY C 50 -45.08 -57.76 38.16
CA GLY C 50 -44.34 -58.77 38.90
C GLY C 50 -44.11 -60.08 38.17
N ILE C 51 -44.40 -60.14 36.88
CA ILE C 51 -44.23 -61.35 36.09
C ILE C 51 -43.30 -61.05 34.92
N ALA C 52 -42.23 -61.83 34.80
CA ALA C 52 -41.31 -61.69 33.68
C ALA C 52 -41.91 -62.33 32.44
N PHE C 53 -41.74 -61.67 31.30
CA PHE C 53 -42.28 -62.12 30.04
C PHE C 53 -41.15 -62.46 29.08
N LYS C 54 -41.20 -63.67 28.52
CA LYS C 54 -40.19 -64.11 27.57
C LYS C 54 -40.61 -63.68 26.16
N VAL C 55 -39.80 -62.83 25.55
CA VAL C 55 -40.08 -62.33 24.20
C VAL C 55 -39.60 -63.36 23.19
N PRO C 56 -40.48 -63.89 22.34
CA PRO C 56 -40.06 -64.91 21.38
C PRO C 56 -39.36 -64.30 20.18
N VAL C 57 -38.38 -65.03 19.66
CA VAL C 57 -37.71 -64.61 18.42
C VAL C 57 -38.69 -64.60 17.27
N GLY C 58 -39.74 -65.44 17.34
CA GLY C 58 -40.73 -65.50 16.29
C GLY C 58 -41.44 -64.20 16.01
N SER C 59 -41.40 -63.26 16.96
N SER C 59 -41.40 -63.26 16.96
CA SER C 59 -42.02 -61.95 16.76
CA SER C 59 -42.02 -61.95 16.74
C SER C 59 -41.29 -61.13 15.70
C SER C 59 -41.33 -61.17 15.63
N LEU C 60 -40.09 -61.53 15.30
CA LEU C 60 -39.33 -60.82 14.28
C LEU C 60 -39.69 -61.23 12.87
N PHE C 61 -40.26 -62.41 12.68
CA PHE C 61 -40.65 -62.91 11.36
C PHE C 61 -42.12 -62.57 11.14
N SER C 62 -42.39 -61.59 10.29
CA SER C 62 -43.76 -61.16 10.02
C SER C 62 -43.78 -60.34 8.73
N ALA C 63 -44.90 -60.42 8.02
CA ALA C 63 -45.09 -59.62 6.82
C ALA C 63 -45.19 -58.13 7.13
N ASN C 64 -45.56 -57.78 8.36
CA ASN C 64 -45.58 -56.38 8.77
C ASN C 64 -44.20 -55.77 8.84
N PHE C 65 -43.15 -56.60 8.71
CA PHE C 65 -41.77 -56.14 8.71
C PHE C 65 -41.05 -56.54 7.43
N ARG C 66 -41.76 -57.09 6.44
CA ARG C 66 -41.16 -57.59 5.21
C ARG C 66 -40.19 -58.74 5.48
N THR C 67 -40.33 -59.42 6.61
CA THR C 67 -39.42 -60.48 7.01
C THR C 67 -40.12 -61.83 7.11
N ASP C 68 -41.28 -61.99 6.48
CA ASP C 68 -41.97 -63.28 6.54
C ASP C 68 -41.27 -64.37 5.74
N SER C 69 -40.29 -64.02 4.92
CA SER C 69 -39.57 -65.00 4.12
C SER C 69 -38.33 -65.55 4.82
N PHE C 70 -37.97 -65.01 5.98
CA PHE C 70 -36.80 -65.48 6.70
C PHE C 70 -37.19 -66.53 7.74
N THR C 71 -36.24 -67.40 8.07
CA THR C 71 -36.43 -68.41 9.09
C THR C 71 -35.46 -68.32 10.25
N SER C 72 -34.35 -67.60 10.10
CA SER C 72 -33.38 -67.40 11.16
C SER C 72 -32.97 -65.93 11.19
N VAL C 73 -32.45 -65.50 12.34
CA VAL C 73 -32.02 -64.12 12.51
C VAL C 73 -30.95 -64.08 13.58
N THR C 74 -29.97 -63.20 13.39
CA THR C 74 -28.87 -63.01 14.33
C THR C 74 -29.07 -61.67 15.03
N VAL C 75 -29.43 -61.75 16.31
CA VAL C 75 -29.73 -60.54 17.08
C VAL C 75 -28.43 -59.91 17.56
N MET C 76 -28.26 -58.61 17.30
CA MET C 76 -27.07 -57.89 17.69
CA MET C 76 -27.06 -57.88 17.69
C MET C 76 -27.25 -57.10 18.98
N SER C 77 -28.26 -56.23 19.03
CA SER C 77 -28.53 -55.43 20.23
C SER C 77 -30.03 -55.30 20.42
N VAL C 78 -30.43 -55.17 21.69
CA VAL C 78 -31.83 -55.06 22.08
C VAL C 78 -32.00 -53.78 22.88
N ARG C 79 -33.03 -53.00 22.55
CA ARG C 79 -33.36 -51.78 23.27
CA ARG C 79 -33.36 -51.77 23.26
C ARG C 79 -34.84 -51.78 23.62
N ALA C 80 -35.15 -51.34 24.84
CA ALA C 80 -36.52 -51.38 25.35
C ALA C 80 -36.95 -50.00 25.83
N TRP C 81 -38.27 -49.79 25.78
CA TRP C 81 -38.91 -48.59 26.30
C TRP C 81 -40.26 -48.98 26.88
N THR C 82 -40.71 -48.23 27.88
CA THR C 82 -42.06 -48.42 28.42
C THR C 82 -43.07 -47.73 27.51
N GLN C 83 -44.15 -48.44 27.19
CA GLN C 83 -45.11 -47.97 26.20
C GLN C 83 -46.34 -47.30 26.81
N LEU C 84 -46.67 -47.60 28.06
CA LEU C 84 -47.83 -47.00 28.71
C LEU C 84 -47.37 -46.25 29.97
N THR C 85 -48.34 -45.63 30.65
CA THR C 85 -48.05 -44.86 31.84
C THR C 85 -47.85 -45.78 33.05
N PRO C 86 -46.98 -45.38 33.97
CA PRO C 86 -46.74 -46.21 35.16
C PRO C 86 -47.91 -46.12 36.12
N PRO C 87 -47.95 -46.98 37.14
CA PRO C 87 -49.00 -46.85 38.16
C PRO C 87 -48.91 -45.52 38.88
N VAL C 88 -49.99 -45.18 39.58
CA VAL C 88 -50.05 -43.89 40.28
C VAL C 88 -48.98 -43.85 41.36
N ASN C 89 -48.31 -42.70 41.46
CA ASN C 89 -47.25 -42.37 42.41
C ASN C 89 -45.91 -43.02 42.05
N GLU C 90 -45.84 -43.81 40.97
CA GLU C 90 -44.63 -44.55 40.63
C GLU C 90 -43.97 -43.96 39.39
N TYR C 91 -42.65 -44.13 39.32
CA TYR C 91 -41.88 -43.84 38.11
C TYR C 91 -41.73 -45.10 37.28
N SER C 92 -41.66 -44.93 35.96
CA SER C 92 -41.58 -46.08 35.06
C SER C 92 -40.22 -46.75 35.16
N PHE C 93 -40.21 -48.07 34.99
CA PHE C 93 -38.96 -48.82 34.95
C PHE C 93 -39.14 -50.03 34.03
N VAL C 94 -38.01 -50.55 33.56
CA VAL C 94 -38.00 -51.73 32.69
C VAL C 94 -36.69 -52.48 32.91
N ARG C 95 -36.77 -53.81 32.97
CA ARG C 95 -35.60 -54.66 33.14
C ARG C 95 -35.50 -55.64 31.97
N LEU C 96 -34.26 -55.98 31.62
CA LEU C 96 -33.97 -56.93 30.54
C LEU C 96 -32.99 -57.97 31.04
N LYS C 97 -33.33 -59.24 30.86
CA LYS C 97 -32.42 -60.35 31.16
C LYS C 97 -32.14 -61.13 29.89
N PRO C 98 -30.92 -61.04 29.33
CA PRO C 98 -30.64 -61.74 28.08
C PRO C 98 -30.79 -63.25 28.23
N LEU C 99 -31.28 -63.89 27.17
CA LEU C 99 -31.45 -65.33 27.10
C LEU C 99 -30.67 -65.88 25.91
N PHE C 100 -30.12 -67.08 26.09
CA PHE C 100 -29.32 -67.72 25.05
C PHE C 100 -29.56 -69.23 25.08
N LYS C 101 -29.43 -69.85 23.91
CA LYS C 101 -29.60 -71.30 23.83
CA LYS C 101 -29.60 -71.30 23.82
CA LYS C 101 -29.60 -71.30 23.82
C LYS C 101 -28.48 -72.03 24.55
N THR C 102 -27.25 -71.52 24.45
CA THR C 102 -26.11 -72.16 25.10
C THR C 102 -26.07 -71.89 26.60
N GLY C 103 -26.83 -70.92 27.09
CA GLY C 103 -26.84 -70.61 28.50
C GLY C 103 -27.41 -69.24 28.81
N ASP C 104 -28.47 -69.21 29.63
CA ASP C 104 -29.12 -67.96 29.97
C ASP C 104 -28.25 -67.13 30.92
N SER C 105 -28.39 -65.82 30.83
CA SER C 105 -27.66 -64.90 31.68
CA SER C 105 -27.66 -64.91 31.69
C SER C 105 -28.49 -64.52 32.91
N THR C 106 -27.83 -63.96 33.90
CA THR C 106 -28.48 -63.52 35.13
C THR C 106 -28.42 -62.01 35.31
N GLU C 107 -27.97 -61.27 34.31
CA GLU C 107 -27.94 -59.81 34.40
C GLU C 107 -29.35 -59.24 34.29
N GLU C 108 -29.61 -58.20 35.08
CA GLU C 108 -30.91 -57.52 35.07
C GLU C 108 -30.65 -56.04 34.76
N PHE C 109 -30.35 -55.74 33.50
CA PHE C 109 -30.17 -54.36 33.07
C PHE C 109 -31.47 -53.60 33.23
N GLU C 110 -31.45 -52.57 34.08
CA GLU C 110 -32.66 -51.85 34.47
C GLU C 110 -32.50 -50.36 34.20
N GLY C 111 -33.54 -49.76 33.64
CA GLY C 111 -33.57 -48.34 33.40
C GLY C 111 -34.84 -47.71 33.96
N ARG C 112 -34.69 -46.61 34.70
CA ARG C 112 -35.81 -45.97 35.37
C ARG C 112 -36.04 -44.58 34.81
N ALA C 113 -37.28 -44.13 34.93
CA ALA C 113 -37.66 -42.79 34.50
C ALA C 113 -37.40 -41.78 35.62
N SER C 114 -36.86 -40.63 35.25
CA SER C 114 -36.67 -39.55 36.20
C SER C 114 -37.88 -38.62 36.28
N ASN C 115 -38.72 -38.62 35.25
CA ASN C 115 -39.99 -37.90 35.25
C ASN C 115 -41.11 -38.91 35.08
N ILE C 116 -42.17 -38.78 35.88
CA ILE C 116 -43.25 -39.76 35.87
C ILE C 116 -43.91 -39.80 34.49
N ASN C 117 -43.89 -38.69 33.76
CA ASN C 117 -44.54 -38.60 32.46
C ASN C 117 -43.63 -39.01 31.31
N THR C 118 -42.44 -39.55 31.61
CA THR C 118 -41.46 -39.92 30.61
CA THR C 118 -41.47 -39.92 30.60
C THR C 118 -41.21 -41.42 30.64
N ARG C 119 -40.86 -41.97 29.48
CA ARG C 119 -40.57 -43.39 29.36
C ARG C 119 -39.27 -43.75 30.08
N ALA C 120 -39.15 -45.03 30.42
CA ALA C 120 -37.92 -45.59 30.96
C ALA C 120 -37.27 -46.47 29.90
N SER C 121 -35.95 -46.40 29.79
CA SER C 121 -35.26 -47.07 28.70
C SER C 121 -33.99 -47.73 29.19
N VAL C 122 -33.66 -48.86 28.56
CA VAL C 122 -32.41 -49.56 28.82
C VAL C 122 -32.20 -50.56 27.68
N GLY C 123 -30.97 -50.99 27.50
CA GLY C 123 -30.66 -51.95 26.45
C GLY C 123 -29.34 -52.65 26.71
N TYR C 124 -29.11 -53.71 25.94
CA TYR C 124 -27.86 -54.46 26.05
C TYR C 124 -27.39 -54.87 24.67
N ARG C 125 -26.09 -55.15 24.59
CA ARG C 125 -25.42 -55.57 23.37
C ARG C 125 -25.03 -57.03 23.49
N ILE C 126 -25.25 -57.79 22.42
CA ILE C 126 -24.85 -59.20 22.36
C ILE C 126 -23.46 -59.26 21.73
N PRO C 127 -22.45 -59.78 22.44
CA PRO C 127 -21.11 -59.84 21.88
C PRO C 127 -21.04 -60.77 20.67
N THR C 128 -19.96 -60.64 19.91
CA THR C 128 -19.82 -61.38 18.66
C THR C 128 -19.76 -62.89 18.91
N ASN C 129 -19.12 -63.30 20.01
CA ASN C 129 -19.03 -64.72 20.31
C ASN C 129 -20.37 -65.36 20.64
N LEU C 130 -21.42 -64.55 20.81
CA LEU C 130 -22.76 -65.07 21.07
C LEU C 130 -23.75 -64.70 19.97
N ARG C 131 -23.25 -64.25 18.81
CA ARG C 131 -24.14 -63.86 17.71
C ARG C 131 -24.33 -65.03 16.75
N GLN C 132 -24.97 -66.08 17.27
CA GLN C 132 -25.37 -67.20 16.45
C GLN C 132 -26.79 -66.97 15.93
N ASN C 133 -27.34 -67.97 15.25
CA ASN C 133 -28.69 -67.89 14.72
C ASN C 133 -29.71 -68.33 15.76
N THR C 134 -30.87 -67.66 15.74
CA THR C 134 -31.98 -67.99 16.62
C THR C 134 -33.24 -68.10 15.77
N VAL C 135 -33.97 -69.20 15.93
CA VAL C 135 -35.19 -69.43 15.15
C VAL C 135 -36.39 -68.97 15.95
N ALA C 136 -37.59 -69.13 15.38
CA ALA C 136 -38.80 -68.59 15.99
C ALA C 136 -39.09 -69.20 17.35
N ALA C 137 -38.71 -70.47 17.56
CA ALA C 137 -39.01 -71.14 18.82
C ALA C 137 -38.17 -70.60 19.97
N ASP C 138 -37.06 -69.93 19.68
CA ASP C 138 -36.18 -69.42 20.72
C ASP C 138 -36.71 -68.11 21.30
N ASN C 139 -36.14 -67.71 22.43
CA ASN C 139 -36.47 -66.46 23.08
C ASN C 139 -35.26 -65.53 23.08
N VAL C 140 -35.52 -64.23 23.13
N VAL C 140 -35.51 -64.24 23.17
CA VAL C 140 -34.46 -63.24 23.16
CA VAL C 140 -34.43 -63.25 23.15
C VAL C 140 -34.10 -62.86 24.58
C VAL C 140 -34.08 -62.76 24.56
N CYS C 141 -35.09 -62.46 25.38
CA CYS C 141 -34.83 -61.95 26.72
C CYS C 141 -36.13 -61.96 27.53
N GLU C 142 -35.99 -61.71 28.83
CA GLU C 142 -37.10 -61.49 29.73
C GLU C 142 -37.27 -59.99 29.97
N VAL C 143 -38.51 -59.56 30.16
CA VAL C 143 -38.84 -58.16 30.37
CA VAL C 143 -38.83 -58.16 30.38
C VAL C 143 -39.70 -58.04 31.63
N ARG C 144 -39.32 -57.13 32.52
CA ARG C 144 -40.07 -56.86 33.74
C ARG C 144 -40.33 -55.36 33.82
N SER C 145 -41.58 -54.98 34.08
CA SER C 145 -41.93 -53.56 34.11
C SER C 145 -43.18 -53.36 34.94
N ASN C 146 -43.31 -52.15 35.50
CA ASN C 146 -44.54 -51.75 36.18
C ASN C 146 -45.57 -51.20 35.21
N CYS C 147 -45.18 -50.85 33.99
CA CYS C 147 -46.12 -50.46 32.96
C CYS C 147 -46.66 -51.70 32.27
N ARG C 148 -47.83 -51.56 31.65
CA ARG C 148 -48.53 -52.71 31.10
C ARG C 148 -48.08 -53.08 29.69
N GLN C 149 -47.31 -52.23 29.02
N GLN C 149 -47.28 -52.24 29.03
CA GLN C 149 -46.80 -52.51 27.69
CA GLN C 149 -46.80 -52.53 27.69
C GLN C 149 -45.37 -52.03 27.56
C GLN C 149 -45.39 -52.01 27.52
N VAL C 150 -44.55 -52.79 26.84
CA VAL C 150 -43.14 -52.47 26.63
C VAL C 150 -42.86 -52.54 25.15
N ALA C 151 -42.27 -51.47 24.60
CA ALA C 151 -41.88 -51.45 23.20
C ALA C 151 -40.41 -51.82 23.06
N LEU C 152 -40.09 -52.58 22.02
CA LEU C 152 -38.73 -53.04 21.77
CA LEU C 152 -38.74 -53.06 21.77
C LEU C 152 -38.28 -52.65 20.38
N VAL C 153 -36.99 -52.37 20.26
CA VAL C 153 -36.34 -52.08 18.99
C VAL C 153 -35.11 -52.97 18.93
N ILE C 154 -35.16 -54.02 18.12
CA ILE C 154 -34.16 -55.08 18.13
C ILE C 154 -33.34 -54.97 16.85
N SER C 155 -32.08 -54.58 17.00
CA SER C 155 -31.15 -54.54 15.88
CA SER C 155 -31.15 -54.54 15.88
C SER C 155 -30.66 -55.95 15.57
N CYS C 156 -30.83 -56.38 14.33
CA CYS C 156 -30.50 -57.75 13.96
C CYS C 156 -30.23 -57.82 12.47
N CYS C 157 -29.78 -59.00 12.03
N CYS C 157 -29.77 -58.99 12.03
CA CYS C 157 -29.50 -59.30 10.64
CA CYS C 157 -29.52 -59.26 10.61
C CYS C 157 -30.27 -60.55 10.25
C CYS C 157 -30.25 -60.53 10.22
N PHE C 158 -31.21 -60.41 9.32
CA PHE C 158 -31.98 -61.56 8.86
C PHE C 158 -31.22 -62.30 7.77
N ASN C 159 -31.21 -63.63 7.88
CA ASN C 159 -30.52 -64.46 6.90
C ASN C 159 -31.19 -65.84 6.79
N ASN D 16 -26.75 6.67 4.31
CA ASN D 16 -27.39 6.25 3.07
C ASN D 16 -28.23 7.38 2.51
N SER D 17 -28.83 7.16 1.33
CA SER D 17 -29.56 8.22 0.64
C SER D 17 -30.77 8.66 1.47
N ASN D 18 -31.10 9.94 1.36
N ASN D 18 -31.09 9.95 1.36
CA ASN D 18 -32.23 10.50 2.08
CA ASN D 18 -32.22 10.53 2.07
C ASN D 18 -33.33 11.04 1.15
C ASN D 18 -33.35 10.98 1.16
N VAL D 19 -33.14 10.99 -0.16
CA VAL D 19 -34.13 11.43 -1.12
C VAL D 19 -34.13 10.49 -2.31
N VAL D 20 -35.06 10.74 -3.24
CA VAL D 20 -35.17 9.92 -4.44
C VAL D 20 -34.02 10.20 -5.37
N THR D 21 -33.56 9.16 -6.06
CA THR D 21 -32.47 9.26 -7.03
C THR D 21 -32.88 8.58 -8.33
N MET D 22 -32.34 9.11 -9.43
CA MET D 22 -32.71 8.62 -10.75
CA MET D 22 -32.70 8.64 -10.76
C MET D 22 -32.03 7.31 -11.07
N ILE D 23 -32.78 6.40 -11.69
CA ILE D 23 -32.29 5.12 -12.17
C ILE D 23 -32.18 5.20 -13.68
N ARG D 24 -30.99 4.92 -14.21
CA ARG D 24 -30.77 4.99 -15.67
C ARG D 24 -31.14 3.65 -16.30
N ALA D 25 -32.45 3.43 -16.38
CA ALA D 25 -32.97 2.19 -16.95
C ALA D 25 -32.77 2.17 -18.46
N GLY D 26 -32.69 0.95 -19.00
CA GLY D 26 -32.48 0.78 -20.43
C GLY D 26 -33.67 0.19 -21.16
N SER D 27 -33.47 -0.98 -21.76
CA SER D 27 -34.55 -1.63 -22.50
CA SER D 27 -34.55 -1.62 -22.51
C SER D 27 -35.56 -2.25 -21.54
N TYR D 28 -36.73 -2.55 -22.06
CA TYR D 28 -37.76 -3.18 -21.25
C TYR D 28 -37.36 -4.61 -20.95
N PRO D 29 -37.36 -5.02 -19.68
CA PRO D 29 -36.81 -6.33 -19.31
C PRO D 29 -37.84 -7.43 -19.51
N LYS D 30 -37.40 -8.67 -19.27
CA LYS D 30 -38.29 -9.81 -19.26
C LYS D 30 -39.03 -9.85 -17.92
N VAL D 31 -40.35 -9.92 -17.98
CA VAL D 31 -41.19 -9.86 -16.78
C VAL D 31 -42.02 -11.14 -16.70
N ASN D 32 -42.64 -11.33 -15.53
CA ASN D 32 -43.49 -12.49 -15.28
C ASN D 32 -44.46 -12.16 -14.16
N PRO D 33 -45.73 -11.87 -14.47
CA PRO D 33 -46.65 -11.41 -13.42
C PRO D 33 -47.00 -12.48 -12.40
N THR D 34 -46.85 -13.76 -12.73
CA THR D 34 -47.24 -14.87 -11.85
C THR D 34 -46.04 -15.78 -11.64
N PRO D 35 -45.12 -15.40 -10.75
N PRO D 35 -45.11 -15.40 -10.76
CA PRO D 35 -43.91 -16.20 -10.53
CA PRO D 35 -43.91 -16.20 -10.54
C PRO D 35 -44.19 -17.39 -9.62
C PRO D 35 -44.20 -17.40 -9.64
N THR D 36 -43.17 -18.22 -9.44
CA THR D 36 -43.25 -19.37 -8.55
C THR D 36 -43.03 -18.91 -7.10
N TRP D 37 -43.08 -19.87 -6.17
CA TRP D 37 -43.02 -19.52 -4.75
C TRP D 37 -42.72 -20.78 -3.95
N VAL D 38 -41.57 -20.81 -3.29
CA VAL D 38 -41.24 -21.88 -2.35
C VAL D 38 -41.82 -21.51 -1.00
N ARG D 39 -42.53 -22.46 -0.37
CA ARG D 39 -43.26 -22.19 0.84
C ARG D 39 -43.22 -23.41 1.75
N ALA D 40 -43.59 -23.20 3.01
CA ALA D 40 -43.89 -24.27 3.95
C ALA D 40 -45.29 -24.02 4.49
N ILE D 41 -46.23 -24.87 4.12
CA ILE D 41 -47.65 -24.64 4.35
C ILE D 41 -48.06 -25.36 5.64
N PRO D 42 -48.49 -24.65 6.68
CA PRO D 42 -49.00 -25.32 7.88
C PRO D 42 -50.51 -25.47 7.87
N PHE D 43 -51.01 -26.68 8.13
CA PHE D 43 -52.44 -26.93 8.24
C PHE D 43 -52.65 -28.19 9.06
N GLU D 44 -53.89 -28.41 9.46
CA GLU D 44 -54.25 -29.53 10.31
C GLU D 44 -55.35 -30.36 9.66
N VAL D 45 -55.37 -31.65 10.00
CA VAL D 45 -56.38 -32.57 9.51
C VAL D 45 -56.96 -33.34 10.70
N SER D 46 -58.20 -33.80 10.54
CA SER D 46 -58.84 -34.62 11.54
C SER D 46 -58.62 -36.10 11.20
N VAL D 47 -58.22 -36.88 12.19
N VAL D 47 -58.22 -36.89 12.18
CA VAL D 47 -57.89 -38.29 12.02
CA VAL D 47 -57.92 -38.30 11.98
C VAL D 47 -58.71 -39.10 13.01
C VAL D 47 -58.67 -39.13 13.01
N GLN D 48 -59.17 -40.27 12.58
CA GLN D 48 -59.87 -41.21 13.44
C GLN D 48 -58.90 -42.29 13.92
N SER D 49 -59.21 -42.87 15.08
CA SER D 49 -58.35 -43.90 15.66
CA SER D 49 -58.35 -43.90 15.66
C SER D 49 -58.36 -45.14 14.78
N GLY D 50 -57.18 -45.67 14.49
CA GLY D 50 -57.05 -46.87 13.68
C GLY D 50 -57.49 -46.74 12.24
N ILE D 51 -57.72 -45.53 11.76
CA ILE D 51 -58.15 -45.29 10.38
C ILE D 51 -57.14 -44.37 9.72
N ALA D 52 -56.55 -44.83 8.61
CA ALA D 52 -55.65 -43.99 7.85
C ALA D 52 -56.44 -42.90 7.14
N PHE D 53 -55.83 -41.71 7.03
CA PHE D 53 -56.47 -40.56 6.42
C PHE D 53 -55.60 -40.07 5.26
N LYS D 54 -56.18 -40.01 4.07
CA LYS D 54 -55.47 -39.52 2.89
C LYS D 54 -55.53 -38.00 2.86
N VAL D 55 -54.35 -37.37 2.74
CA VAL D 55 -54.24 -35.91 2.79
C VAL D 55 -54.28 -35.40 1.35
N PRO D 56 -55.33 -34.68 0.95
N PRO D 56 -55.33 -34.68 0.95
CA PRO D 56 -55.41 -34.19 -0.43
CA PRO D 56 -55.40 -34.18 -0.43
C PRO D 56 -54.46 -33.02 -0.67
C PRO D 56 -54.43 -33.04 -0.65
N VAL D 57 -54.00 -32.91 -1.91
CA VAL D 57 -53.10 -31.82 -2.27
C VAL D 57 -53.85 -30.49 -2.34
N GLY D 58 -55.16 -30.55 -2.60
CA GLY D 58 -55.98 -29.34 -2.69
C GLY D 58 -55.99 -28.52 -1.43
N SER D 59 -55.57 -29.09 -0.30
N SER D 59 -55.57 -29.09 -0.30
CA SER D 59 -55.50 -28.32 0.94
CA SER D 59 -55.50 -28.34 0.94
C SER D 59 -54.44 -27.23 0.88
C SER D 59 -54.43 -27.24 0.89
N LEU D 60 -53.48 -27.34 -0.04
CA LEU D 60 -52.42 -26.36 -0.15
C LEU D 60 -52.81 -25.14 -0.98
N PHE D 61 -53.92 -25.19 -1.71
CA PHE D 61 -54.40 -24.07 -2.52
C PHE D 61 -55.54 -23.41 -1.76
N SER D 62 -55.24 -22.26 -1.16
CA SER D 62 -56.24 -21.54 -0.38
C SER D 62 -55.81 -20.10 -0.22
N ALA D 63 -56.79 -19.20 -0.08
CA ALA D 63 -56.50 -17.81 0.18
C ALA D 63 -55.86 -17.60 1.56
N ASN D 64 -56.05 -18.54 2.48
CA ASN D 64 -55.41 -18.44 3.79
C ASN D 64 -53.90 -18.57 3.70
N PHE D 65 -53.38 -19.03 2.56
CA PHE D 65 -51.96 -19.15 2.33
C PHE D 65 -51.47 -18.26 1.19
N ARG D 66 -52.34 -17.41 0.64
CA ARG D 66 -52.05 -16.61 -0.55
C ARG D 66 -51.70 -17.48 -1.75
N THR D 67 -52.21 -18.72 -1.77
CA THR D 67 -51.87 -19.68 -2.83
C THR D 67 -53.07 -20.11 -3.64
N ASP D 68 -54.21 -19.40 -3.55
CA ASP D 68 -55.38 -19.79 -4.32
C ASP D 68 -55.23 -19.50 -5.81
N SER D 69 -54.15 -18.86 -6.22
CA SER D 69 -53.89 -18.59 -7.63
C SER D 69 -53.16 -19.72 -8.33
N PHE D 70 -52.68 -20.72 -7.60
CA PHE D 70 -51.92 -21.82 -8.18
C PHE D 70 -52.84 -23.01 -8.45
N THR D 71 -52.46 -23.80 -9.46
CA THR D 71 -53.14 -25.04 -9.78
C THR D 71 -52.26 -26.27 -9.63
N SER D 72 -50.95 -26.11 -9.52
CA SER D 72 -50.04 -27.23 -9.36
C SER D 72 -48.96 -26.85 -8.36
N VAL D 73 -48.29 -27.86 -7.82
CA VAL D 73 -47.27 -27.64 -6.79
C VAL D 73 -46.35 -28.85 -6.78
N THR D 74 -45.08 -28.62 -6.46
CA THR D 74 -44.07 -29.66 -6.37
C THR D 74 -43.66 -29.80 -4.90
N VAL D 75 -44.02 -30.93 -4.29
CA VAL D 75 -43.75 -31.17 -2.88
C VAL D 75 -42.31 -31.64 -2.71
N MET D 76 -41.62 -31.08 -1.71
CA MET D 76 -40.23 -31.40 -1.42
C MET D 76 -40.08 -32.25 -0.16
N SER D 77 -40.75 -31.89 0.93
CA SER D 77 -40.68 -32.67 2.15
C SER D 77 -41.95 -32.47 2.96
N VAL D 78 -42.29 -33.48 3.76
CA VAL D 78 -43.50 -33.46 4.57
C VAL D 78 -43.13 -33.80 6.00
N ARG D 79 -43.60 -32.99 6.95
CA ARG D 79 -43.40 -33.23 8.37
CA ARG D 79 -43.40 -33.22 8.37
C ARG D 79 -44.74 -33.21 9.09
N ALA D 80 -44.84 -34.01 10.14
CA ALA D 80 -46.10 -34.17 10.87
C ALA D 80 -45.89 -34.04 12.37
N TRP D 81 -46.91 -33.55 13.05
CA TRP D 81 -46.96 -33.46 14.50
C TRP D 81 -48.36 -33.79 14.98
N THR D 82 -48.44 -34.41 16.16
CA THR D 82 -49.73 -34.61 16.80
C THR D 82 -50.24 -33.29 17.38
N GLN D 83 -51.48 -32.96 17.07
CA GLN D 83 -52.07 -31.67 17.45
C GLN D 83 -52.83 -31.71 18.76
N LEU D 84 -53.41 -32.85 19.12
CA LEU D 84 -54.17 -33.00 20.36
C LEU D 84 -53.49 -34.01 21.28
N THR D 85 -54.01 -34.12 22.49
CA THR D 85 -53.45 -35.05 23.46
C THR D 85 -53.80 -36.49 23.09
N PRO D 86 -52.94 -37.44 23.43
CA PRO D 86 -53.24 -38.85 23.14
C PRO D 86 -54.29 -39.39 24.09
N PRO D 87 -54.79 -40.60 23.83
CA PRO D 87 -55.70 -41.23 24.80
C PRO D 87 -55.01 -41.45 26.13
N VAL D 88 -55.83 -41.79 27.13
CA VAL D 88 -55.30 -42.01 28.47
C VAL D 88 -54.41 -43.25 28.47
N ASN D 89 -53.28 -43.15 29.17
CA ASN D 89 -52.26 -44.17 29.40
C ASN D 89 -51.31 -44.35 28.21
N GLU D 90 -51.55 -43.71 27.07
CA GLU D 90 -50.71 -43.88 25.90
C GLU D 90 -49.81 -42.68 25.68
N TYR D 91 -48.80 -42.89 24.84
CA TYR D 91 -47.97 -41.82 24.32
C TYR D 91 -48.37 -41.52 22.88
N SER D 92 -48.20 -40.27 22.47
CA SER D 92 -48.58 -39.85 21.13
C SER D 92 -47.71 -40.54 20.08
N PHE D 93 -48.32 -40.83 18.93
CA PHE D 93 -47.58 -41.36 17.80
C PHE D 93 -48.24 -40.89 16.50
N VAL D 94 -47.48 -40.95 15.42
CA VAL D 94 -47.97 -40.55 14.10
C VAL D 94 -47.17 -41.29 13.04
N ARG D 95 -47.89 -41.79 12.02
CA ARG D 95 -47.29 -42.52 10.92
C ARG D 95 -47.57 -41.80 9.61
N LEU D 96 -46.63 -41.90 8.67
CA LEU D 96 -46.76 -41.28 7.36
C LEU D 96 -46.38 -42.28 6.29
N LYS D 97 -47.31 -42.55 5.36
CA LYS D 97 -47.01 -43.37 4.20
C LYS D 97 -47.03 -42.52 2.95
N PRO D 98 -45.91 -42.31 2.28
CA PRO D 98 -45.90 -41.48 1.07
C PRO D 98 -46.70 -42.11 -0.06
N LEU D 99 -47.44 -41.27 -0.78
CA LEU D 99 -48.23 -41.68 -1.94
C LEU D 99 -47.69 -40.97 -3.18
N PHE D 100 -47.81 -41.64 -4.32
CA PHE D 100 -47.37 -41.09 -5.59
C PHE D 100 -48.31 -41.55 -6.70
N LYS D 101 -48.49 -40.69 -7.70
CA LYS D 101 -49.35 -41.05 -8.82
C LYS D 101 -48.77 -42.23 -9.61
N THR D 102 -47.44 -42.27 -9.74
CA THR D 102 -46.81 -43.37 -10.46
C THR D 102 -46.83 -44.67 -9.66
N GLY D 103 -47.05 -44.59 -8.34
CA GLY D 103 -47.08 -45.77 -7.51
C GLY D 103 -46.89 -45.47 -6.04
N ASP D 104 -47.84 -45.90 -5.22
CA ASP D 104 -47.76 -45.63 -3.79
C ASP D 104 -46.67 -46.47 -3.14
N SER D 105 -46.14 -45.94 -2.03
CA SER D 105 -45.10 -46.63 -1.27
CA SER D 105 -45.10 -46.63 -1.27
C SER D 105 -45.73 -47.39 -0.11
N THR D 106 -44.91 -48.22 0.53
CA THR D 106 -45.35 -49.01 1.68
C THR D 106 -44.56 -48.70 2.94
N GLU D 107 -43.75 -47.64 2.93
CA GLU D 107 -43.04 -47.22 4.14
C GLU D 107 -44.02 -46.59 5.13
N GLU D 108 -43.80 -46.85 6.41
CA GLU D 108 -44.61 -46.27 7.48
C GLU D 108 -43.66 -45.55 8.46
N PHE D 109 -43.16 -44.39 8.04
CA PHE D 109 -42.29 -43.60 8.90
C PHE D 109 -43.04 -43.18 10.15
N GLU D 110 -42.58 -43.66 11.30
CA GLU D 110 -43.29 -43.48 12.56
C GLU D 110 -42.43 -42.73 13.55
N GLY D 111 -43.06 -41.81 14.28
CA GLY D 111 -42.42 -41.14 15.40
C GLY D 111 -43.31 -41.19 16.61
N ARG D 112 -42.71 -41.41 17.77
CA ARG D 112 -43.44 -41.52 19.02
C ARG D 112 -42.87 -40.54 20.04
N ALA D 113 -43.75 -40.04 20.90
CA ALA D 113 -43.33 -39.17 21.97
C ALA D 113 -42.79 -39.99 23.14
N SER D 114 -41.80 -39.42 23.82
CA SER D 114 -41.24 -40.02 25.02
C SER D 114 -41.82 -39.40 26.29
N ASN D 115 -42.64 -38.37 26.15
CA ASN D 115 -43.37 -37.77 27.27
C ASN D 115 -44.83 -37.65 26.86
N ILE D 116 -45.73 -38.04 27.77
CA ILE D 116 -47.15 -38.09 27.43
C ILE D 116 -47.68 -36.71 27.09
N ASN D 117 -47.07 -35.66 27.64
CA ASN D 117 -47.52 -34.30 27.40
C ASN D 117 -46.88 -33.66 26.17
N THR D 118 -46.04 -34.39 25.45
CA THR D 118 -45.30 -33.86 24.32
CA THR D 118 -45.30 -33.85 24.32
C THR D 118 -45.82 -34.44 23.01
N ARG D 119 -45.59 -33.69 21.92
CA ARG D 119 -45.98 -34.11 20.60
C ARG D 119 -45.02 -35.17 20.05
N ALA D 120 -45.57 -36.06 19.23
CA ALA D 120 -44.76 -36.99 18.45
C ALA D 120 -44.65 -36.45 17.03
N SER D 121 -43.46 -36.61 16.44
CA SER D 121 -43.20 -36.04 15.13
C SER D 121 -42.42 -37.01 14.27
N VAL D 122 -42.62 -36.88 12.95
CA VAL D 122 -41.87 -37.67 11.97
C VAL D 122 -42.04 -36.98 10.63
N GLY D 123 -41.11 -37.24 9.71
CA GLY D 123 -41.20 -36.63 8.39
C GLY D 123 -40.45 -37.47 7.38
N TYR D 124 -40.61 -37.10 6.12
CA TYR D 124 -39.91 -37.79 5.04
C TYR D 124 -39.58 -36.80 3.93
N ARG D 125 -38.52 -37.13 3.17
CA ARG D 125 -38.05 -36.32 2.06
C ARG D 125 -38.32 -37.03 0.75
N ILE D 126 -38.83 -36.29 -0.23
CA ILE D 126 -39.11 -36.83 -1.56
C ILE D 126 -37.90 -36.62 -2.44
N PRO D 127 -37.40 -37.64 -3.12
CA PRO D 127 -36.21 -37.48 -3.95
C PRO D 127 -36.50 -36.64 -5.18
N THR D 128 -35.41 -36.21 -5.84
CA THR D 128 -35.54 -35.37 -7.02
CA THR D 128 -35.56 -35.36 -7.02
C THR D 128 -36.26 -36.10 -8.15
N ASN D 129 -36.06 -37.41 -8.26
CA ASN D 129 -36.69 -38.16 -9.35
C ASN D 129 -38.20 -38.33 -9.17
N LEU D 130 -38.73 -38.03 -7.99
CA LEU D 130 -40.16 -38.14 -7.73
C LEU D 130 -40.85 -36.80 -7.58
N ARG D 131 -40.13 -35.69 -7.79
CA ARG D 131 -40.68 -34.35 -7.60
C ARG D 131 -41.31 -33.84 -8.90
N GLN D 132 -42.48 -34.39 -9.20
CA GLN D 132 -43.32 -33.89 -10.28
C GLN D 132 -44.47 -33.08 -9.69
N ASN D 133 -45.21 -32.41 -10.57
CA ASN D 133 -46.32 -31.59 -10.12
C ASN D 133 -47.48 -32.44 -9.62
N THR D 134 -48.20 -31.90 -8.65
CA THR D 134 -49.42 -32.52 -8.12
C THR D 134 -50.54 -31.50 -8.09
N VAL D 135 -51.73 -31.93 -8.48
CA VAL D 135 -52.87 -31.03 -8.55
C VAL D 135 -53.81 -31.29 -7.37
N ALA D 136 -54.92 -30.57 -7.32
CA ALA D 136 -55.80 -30.62 -6.15
C ALA D 136 -56.42 -32.00 -5.96
N ALA D 137 -56.53 -32.78 -7.03
CA ALA D 137 -57.17 -34.10 -6.94
C ALA D 137 -56.23 -35.17 -6.38
N ASP D 138 -54.94 -34.90 -6.29
CA ASP D 138 -53.99 -35.88 -5.81
C ASP D 138 -53.98 -35.93 -4.28
N ASN D 139 -53.27 -36.91 -3.75
CA ASN D 139 -53.01 -37.05 -2.32
C ASN D 139 -51.51 -37.11 -2.09
N VAL D 140 -51.07 -36.52 -0.98
N VAL D 140 -51.06 -36.54 -0.98
CA VAL D 140 -49.66 -36.48 -0.63
CA VAL D 140 -49.64 -36.48 -0.65
C VAL D 140 -49.23 -37.72 0.13
C VAL D 140 -49.19 -37.67 0.19
N CYS D 141 -49.97 -38.06 1.19
CA CYS D 141 -49.61 -39.18 2.04
C CYS D 141 -50.83 -39.60 2.87
N GLU D 142 -50.68 -40.72 3.56
CA GLU D 142 -51.65 -41.18 4.55
C GLU D 142 -51.10 -40.92 5.95
N VAL D 143 -51.98 -40.53 6.86
CA VAL D 143 -51.61 -40.19 8.23
CA VAL D 143 -51.60 -40.20 8.23
C VAL D 143 -52.39 -41.09 9.18
N ARG D 144 -51.68 -41.70 10.13
CA ARG D 144 -52.27 -42.53 11.17
C ARG D 144 -51.78 -42.04 12.53
N SER D 145 -52.68 -41.98 13.50
CA SER D 145 -52.31 -41.49 14.82
C SER D 145 -53.38 -41.86 15.82
N ASN D 146 -52.98 -41.96 17.09
CA ASN D 146 -53.93 -42.13 18.18
C ASN D 146 -54.51 -40.81 18.65
N CYS D 147 -53.94 -39.69 18.23
CA CYS D 147 -54.52 -38.37 18.48
C CYS D 147 -55.53 -38.05 17.38
N ARG D 148 -56.50 -37.20 17.72
CA ARG D 148 -57.60 -36.91 16.81
C ARG D 148 -57.28 -35.81 15.81
N GLN D 149 -56.16 -35.12 15.95
CA GLN D 149 -55.77 -34.07 15.01
CA GLN D 149 -55.77 -34.07 15.01
C GLN D 149 -54.25 -34.12 14.81
N VAL D 150 -53.82 -33.90 13.58
CA VAL D 150 -52.41 -33.93 13.21
C VAL D 150 -52.06 -32.65 12.48
N ALA D 151 -50.97 -32.01 12.89
CA ALA D 151 -50.50 -30.78 12.28
C ALA D 151 -49.42 -31.09 11.25
N LEU D 152 -49.62 -30.61 10.04
CA LEU D 152 -48.70 -30.85 8.93
CA LEU D 152 -48.71 -30.86 8.92
C LEU D 152 -48.01 -29.57 8.51
N VAL D 153 -46.78 -29.72 8.03
CA VAL D 153 -45.97 -28.62 7.50
C VAL D 153 -45.28 -29.15 6.25
N ILE D 154 -45.74 -28.73 5.09
CA ILE D 154 -45.33 -29.31 3.81
C ILE D 154 -44.48 -28.30 3.06
N SER D 155 -43.21 -28.62 2.89
CA SER D 155 -42.31 -27.79 2.09
CA SER D 155 -42.31 -27.79 2.09
C SER D 155 -42.48 -28.12 0.62
N CYS D 156 -42.77 -27.11 -0.19
CA CYS D 156 -43.08 -27.32 -1.59
C CYS D 156 -42.80 -26.06 -2.39
N CYS D 157 -42.92 -26.18 -3.71
N CYS D 157 -42.91 -26.17 -3.71
CA CYS D 157 -42.76 -25.08 -4.65
CA CYS D 157 -42.76 -25.02 -4.59
C CYS D 157 -44.04 -24.96 -5.47
C CYS D 157 -44.00 -24.93 -5.47
N PHE D 158 -44.77 -23.86 -5.29
CA PHE D 158 -45.96 -23.62 -6.09
C PHE D 158 -45.55 -23.09 -7.47
N ASN D 159 -46.15 -23.65 -8.51
CA ASN D 159 -45.89 -23.16 -9.87
C ASN D 159 -47.11 -23.38 -10.75
N ASN E 16 -8.59 2.02 45.59
CA ASN E 16 -9.29 3.13 44.96
C ASN E 16 -9.52 4.27 45.97
N SER E 17 -10.11 5.36 45.51
CA SER E 17 -10.28 6.55 46.35
C SER E 17 -11.20 6.25 47.53
N ASN E 18 -10.85 6.81 48.69
CA ASN E 18 -11.61 6.60 49.91
C ASN E 18 -12.30 7.86 50.41
N VAL E 19 -12.06 9.02 49.79
CA VAL E 19 -12.64 10.28 50.22
C VAL E 19 -13.03 11.09 48.99
N VAL E 20 -13.62 12.25 49.22
CA VAL E 20 -14.05 13.12 48.13
C VAL E 20 -12.84 13.80 47.50
N THR E 21 -12.83 13.86 46.17
CA THR E 21 -11.76 14.49 45.41
C THR E 21 -12.36 15.53 44.48
N MET E 22 -11.61 16.61 44.28
CA MET E 22 -12.13 17.74 43.51
CA MET E 22 -12.12 17.75 43.50
C MET E 22 -12.15 17.42 42.01
N ILE E 23 -13.21 17.88 41.35
CA ILE E 23 -13.38 17.75 39.91
C ILE E 23 -13.21 19.14 39.31
N ARG E 24 -12.23 19.28 38.41
CA ARG E 24 -11.95 20.57 37.78
C ARG E 24 -12.90 20.75 36.61
N ALA E 25 -14.09 21.27 36.89
CA ALA E 25 -15.10 21.48 35.88
C ALA E 25 -14.82 22.74 35.09
N GLY E 26 -15.38 22.79 33.88
CA GLY E 26 -15.17 23.93 32.99
C GLY E 26 -16.43 24.71 32.71
N SER E 27 -16.76 24.88 31.44
CA SER E 27 -17.95 25.62 31.05
CA SER E 27 -17.95 25.63 31.06
C SER E 27 -19.21 24.81 31.31
N TYR E 28 -20.34 25.50 31.38
CA TYR E 28 -21.61 24.82 31.62
C TYR E 28 -21.96 23.95 30.41
N PRO E 29 -22.21 22.67 30.61
CA PRO E 29 -22.35 21.74 29.49
C PRO E 29 -23.76 21.78 28.90
N LYS E 30 -23.94 21.05 27.81
CA LYS E 30 -25.25 20.86 27.22
C LYS E 30 -26.02 19.81 28.04
N VAL E 31 -27.22 20.18 28.50
CA VAL E 31 -27.99 19.34 29.40
C VAL E 31 -29.29 18.92 28.73
N ASN E 32 -29.97 17.97 29.36
CA ASN E 32 -31.30 17.53 28.95
C ASN E 32 -32.02 16.93 30.14
N PRO E 33 -33.09 17.56 30.63
CA PRO E 33 -33.74 17.06 31.85
C PRO E 33 -34.63 15.85 31.58
N THR E 34 -35.12 15.73 30.35
CA THR E 34 -36.03 14.65 29.96
C THR E 34 -35.42 13.91 28.78
N PRO E 35 -34.53 12.96 29.04
CA PRO E 35 -33.82 12.26 27.97
C PRO E 35 -34.65 11.08 27.46
N THR E 36 -34.09 10.39 26.47
CA THR E 36 -34.71 9.21 25.92
C THR E 36 -34.42 7.99 26.79
N TRP E 37 -35.01 6.85 26.44
CA TRP E 37 -34.90 5.64 27.23
C TRP E 37 -35.35 4.41 26.44
N VAL E 38 -34.44 3.50 26.16
CA VAL E 38 -34.78 2.25 25.49
C VAL E 38 -35.11 1.22 26.56
N ARG E 39 -36.27 0.57 26.42
CA ARG E 39 -36.79 -0.32 27.45
C ARG E 39 -37.42 -1.54 26.80
N ALA E 40 -37.60 -2.58 27.61
CA ALA E 40 -38.43 -3.72 27.28
C ALA E 40 -39.57 -3.72 28.29
N ILE E 41 -40.79 -3.48 27.81
CA ILE E 41 -41.93 -3.25 28.68
C ILE E 41 -42.72 -4.56 28.78
N PRO E 42 -42.82 -5.18 29.95
CA PRO E 42 -43.66 -6.36 30.09
C PRO E 42 -45.05 -6.03 30.57
N PHE E 43 -46.07 -6.57 29.91
CA PHE E 43 -47.45 -6.39 30.34
C PHE E 43 -48.29 -7.51 29.72
N GLU E 44 -49.46 -7.72 30.32
CA GLU E 44 -50.37 -8.78 29.89
C GLU E 44 -51.64 -8.19 29.32
N VAL E 45 -52.31 -8.97 28.47
CA VAL E 45 -53.59 -8.60 27.88
C VAL E 45 -54.51 -9.80 27.95
N SER E 46 -55.80 -9.54 28.03
CA SER E 46 -56.82 -10.59 28.04
C SER E 46 -57.39 -10.72 26.63
N VAL E 47 -57.44 -11.97 26.15
N VAL E 47 -57.42 -11.96 26.14
CA VAL E 47 -57.88 -12.28 24.79
CA VAL E 47 -57.92 -12.25 24.79
C VAL E 47 -59.00 -13.32 24.87
C VAL E 47 -59.02 -13.30 24.89
N GLN E 48 -59.98 -13.20 23.98
CA GLN E 48 -61.08 -14.14 23.89
C GLN E 48 -60.82 -15.14 22.78
N SER E 49 -61.52 -16.26 22.84
CA SER E 49 -61.33 -17.32 21.84
CA SER E 49 -61.33 -17.32 21.84
C SER E 49 -61.92 -16.90 20.51
N GLY E 50 -61.14 -17.04 19.44
CA GLY E 50 -61.58 -16.72 18.10
C GLY E 50 -61.74 -15.25 17.80
N ILE E 51 -61.28 -14.36 18.68
CA ILE E 51 -61.39 -12.92 18.47
C ILE E 51 -60.00 -12.31 18.58
N ALA E 52 -59.65 -11.49 17.59
CA ALA E 52 -58.37 -10.80 17.62
C ALA E 52 -58.45 -9.56 18.50
N PHE E 53 -57.40 -9.33 19.28
CA PHE E 53 -57.33 -8.20 20.20
C PHE E 53 -56.26 -7.23 19.74
N LYS E 54 -56.64 -5.98 19.51
CA LYS E 54 -55.71 -4.94 19.11
C LYS E 54 -55.05 -4.37 20.37
N VAL E 55 -53.74 -4.61 20.52
CA VAL E 55 -53.01 -4.12 21.68
C VAL E 55 -52.71 -2.64 21.51
N PRO E 56 -53.23 -1.77 22.38
N PRO E 56 -53.24 -1.77 22.37
CA PRO E 56 -52.99 -0.34 22.23
CA PRO E 56 -52.99 -0.34 22.23
C PRO E 56 -51.58 0.05 22.66
C PRO E 56 -51.58 0.05 22.65
N VAL E 57 -51.07 1.13 22.06
CA VAL E 57 -49.77 1.63 22.43
C VAL E 57 -49.82 2.29 23.81
N GLY E 58 -50.99 2.82 24.18
CA GLY E 58 -51.17 3.46 25.47
C GLY E 58 -50.84 2.57 26.66
N SER E 59 -50.79 1.25 26.45
N SER E 59 -50.79 1.25 26.45
CA SER E 59 -50.37 0.34 27.51
CA SER E 59 -50.38 0.34 27.50
C SER E 59 -48.92 0.54 27.91
C SER E 59 -48.92 0.55 27.91
N LEU E 60 -48.11 1.17 27.04
CA LEU E 60 -46.71 1.38 27.33
C LEU E 60 -46.46 2.64 28.15
N PHE E 61 -47.46 3.51 28.29
CA PHE E 61 -47.33 4.74 29.08
C PHE E 61 -48.04 4.52 30.41
N SER E 62 -47.26 4.28 31.46
CA SER E 62 -47.82 4.03 32.78
C SER E 62 -46.75 4.24 33.83
N ALA E 63 -47.17 4.66 35.02
CA ALA E 63 -46.25 4.80 36.14
C ALA E 63 -45.70 3.46 36.61
N ASN E 64 -46.32 2.35 36.21
CA ASN E 64 -45.80 1.03 36.55
C ASN E 64 -44.53 0.68 35.79
N PHE E 65 -44.18 1.47 34.77
CA PHE E 65 -42.97 1.24 33.98
C PHE E 65 -42.03 2.44 34.01
N ARG E 66 -42.30 3.42 34.87
CA ARG E 66 -41.55 4.69 34.90
C ARG E 66 -41.65 5.41 33.56
N THR E 67 -42.78 5.27 32.86
CA THR E 67 -42.94 5.83 31.52
C THR E 67 -44.17 6.71 31.41
N ASP E 68 -44.76 7.14 32.52
CA ASP E 68 -45.93 8.02 32.44
C ASP E 68 -45.57 9.43 32.00
N SER E 69 -44.29 9.77 31.92
CA SER E 69 -43.85 11.09 31.47
C SER E 69 -43.58 11.14 29.98
N PHE E 70 -43.73 10.03 29.26
CA PHE E 70 -43.54 9.98 27.83
C PHE E 70 -44.89 10.05 27.10
N THR E 71 -44.86 10.62 25.90
CA THR E 71 -46.04 10.67 25.05
C THR E 71 -45.88 9.95 23.73
N SER E 72 -44.65 9.66 23.30
CA SER E 72 -44.39 8.92 22.08
C SER E 72 -43.43 7.78 22.40
N VAL E 73 -43.35 6.81 21.48
CA VAL E 73 -42.48 5.66 21.66
C VAL E 73 -42.20 5.06 20.28
N THR E 74 -41.00 4.53 20.12
CA THR E 74 -40.57 3.89 18.87
C THR E 74 -40.37 2.41 19.14
N VAL E 75 -41.29 1.58 18.67
CA VAL E 75 -41.25 0.14 18.89
C VAL E 75 -40.22 -0.49 17.96
N MET E 76 -39.42 -1.41 18.51
CA MET E 76 -38.38 -2.10 17.73
C MET E 76 -38.62 -3.58 17.56
N SER E 77 -39.28 -4.25 18.51
CA SER E 77 -39.59 -5.66 18.38
C SER E 77 -40.67 -6.03 19.39
N VAL E 78 -41.48 -7.03 19.03
CA VAL E 78 -42.60 -7.47 19.85
C VAL E 78 -42.53 -8.97 20.02
N ARG E 79 -42.54 -9.44 21.26
CA ARG E 79 -42.55 -10.86 21.58
CA ARG E 79 -42.53 -10.85 21.60
C ARG E 79 -43.75 -11.18 22.46
N ALA E 80 -44.30 -12.38 22.28
CA ALA E 80 -45.52 -12.77 22.98
C ALA E 80 -45.37 -14.17 23.58
N TRP E 81 -46.10 -14.39 24.67
CA TRP E 81 -46.17 -15.68 25.35
C TRP E 81 -47.59 -15.90 25.85
N THR E 82 -48.04 -17.16 25.83
CA THR E 82 -49.33 -17.51 26.41
C THR E 82 -49.21 -17.54 27.92
N GLN E 83 -50.05 -16.75 28.61
CA GLN E 83 -49.91 -16.53 30.04
C GLN E 83 -50.65 -17.56 30.88
N LEU E 84 -51.73 -18.15 30.36
CA LEU E 84 -52.52 -19.13 31.09
C LEU E 84 -52.50 -20.47 30.35
N THR E 85 -53.13 -21.48 30.96
CA THR E 85 -53.14 -22.80 30.37
C THR E 85 -54.12 -22.88 29.20
N PRO E 86 -53.82 -23.71 28.21
CA PRO E 86 -54.72 -23.84 27.05
C PRO E 86 -55.95 -24.64 27.42
N PRO E 87 -56.94 -24.72 26.53
CA PRO E 87 -58.07 -25.61 26.77
C PRO E 87 -57.62 -27.06 26.90
N VAL E 88 -58.53 -27.90 27.41
CA VAL E 88 -58.24 -29.32 27.57
C VAL E 88 -58.01 -29.94 26.19
N ASN E 89 -57.05 -30.87 26.14
CA ASN E 89 -56.59 -31.65 24.99
C ASN E 89 -55.80 -30.81 23.98
N GLU E 90 -55.70 -29.50 24.17
CA GLU E 90 -55.03 -28.63 23.20
C GLU E 90 -53.67 -28.18 23.69
N TYR E 91 -52.82 -27.82 22.73
CA TYR E 91 -51.56 -27.14 23.00
C TYR E 91 -51.76 -25.65 22.79
N SER E 92 -50.96 -24.85 23.51
CA SER E 92 -51.08 -23.41 23.42
C SER E 92 -50.56 -22.89 22.08
N PHE E 93 -51.17 -21.82 21.59
CA PHE E 93 -50.69 -21.15 20.39
C PHE E 93 -51.00 -19.66 20.50
N VAL E 94 -50.21 -18.86 19.79
CA VAL E 94 -50.36 -17.41 19.80
C VAL E 94 -49.92 -16.86 18.44
N ARG E 95 -50.72 -15.95 17.89
CA ARG E 95 -50.42 -15.31 16.61
C ARG E 95 -50.25 -13.82 16.81
N LEU E 96 -49.48 -13.20 15.92
CA LEU E 96 -49.22 -11.76 15.96
C LEU E 96 -49.37 -11.19 14.56
N LYS E 97 -50.29 -10.25 14.38
CA LYS E 97 -50.40 -9.49 13.14
C LYS E 97 -49.90 -8.07 13.35
N PRO E 98 -48.75 -7.69 12.79
CA PRO E 98 -48.25 -6.32 12.98
C PRO E 98 -49.20 -5.29 12.40
N LEU E 99 -49.40 -4.20 13.14
CA LEU E 99 -50.23 -3.08 12.72
C LEU E 99 -49.36 -1.84 12.56
N PHE E 100 -49.70 -1.02 11.57
CA PHE E 100 -48.97 0.21 11.30
C PHE E 100 -49.94 1.28 10.86
N LYS E 101 -49.57 2.54 11.11
CA LYS E 101 -50.45 3.65 10.73
CA LYS E 101 -50.43 3.65 10.74
C LYS E 101 -50.47 3.85 9.22
N THR E 102 -49.34 3.63 8.55
CA THR E 102 -49.29 3.78 7.10
C THR E 102 -49.88 2.57 6.38
N GLY E 103 -50.21 1.50 7.10
CA GLY E 103 -50.77 0.31 6.47
C GLY E 103 -50.55 -0.93 7.30
N ASP E 104 -51.63 -1.64 7.62
CA ASP E 104 -51.54 -2.86 8.42
C ASP E 104 -51.08 -4.02 7.56
N SER E 105 -50.29 -4.91 8.17
CA SER E 105 -49.79 -6.09 7.49
CA SER E 105 -49.80 -6.08 7.48
C SER E 105 -50.77 -7.25 7.64
N THR E 106 -50.55 -8.29 6.83
CA THR E 106 -51.37 -9.49 6.87
C THR E 106 -50.58 -10.71 7.32
N GLU E 107 -49.35 -10.52 7.80
CA GLU E 107 -48.57 -11.63 8.32
C GLU E 107 -49.15 -12.11 9.65
N GLU E 108 -49.18 -13.41 9.85
CA GLU E 108 -49.61 -14.02 11.10
C GLU E 108 -48.49 -14.91 11.62
N PHE E 109 -47.51 -14.28 12.26
CA PHE E 109 -46.43 -15.03 12.91
C PHE E 109 -47.01 -15.83 14.07
N GLU E 110 -46.91 -17.15 14.00
CA GLU E 110 -47.55 -18.04 14.96
C GLU E 110 -46.52 -18.92 15.63
N GLY E 111 -46.71 -19.16 16.92
CA GLY E 111 -45.90 -20.11 17.66
C GLY E 111 -46.78 -21.02 18.50
N ARG E 112 -46.46 -22.31 18.47
CA ARG E 112 -47.21 -23.30 19.22
C ARG E 112 -46.30 -24.02 20.20
N ALA E 113 -46.91 -24.57 21.25
CA ALA E 113 -46.18 -25.33 22.24
C ALA E 113 -46.13 -26.80 21.84
N SER E 114 -44.99 -27.43 22.07
CA SER E 114 -44.85 -28.86 21.84
C SER E 114 -45.17 -29.69 23.08
N ASN E 115 -45.32 -29.06 24.23
CA ASN E 115 -45.76 -29.71 25.45
C ASN E 115 -46.98 -28.97 25.99
N ILE E 116 -47.98 -29.72 26.46
CA ILE E 116 -49.24 -29.10 26.85
C ILE E 116 -49.06 -28.18 28.05
N ASN E 117 -48.04 -28.44 28.87
CA ASN E 117 -47.79 -27.66 30.07
C ASN E 117 -46.80 -26.53 29.86
N THR E 118 -46.44 -26.24 28.60
CA THR E 118 -45.44 -25.23 28.29
CA THR E 118 -45.45 -25.22 28.30
C THR E 118 -46.09 -24.08 27.51
N ARG E 119 -45.52 -22.89 27.66
CA ARG E 119 -45.99 -21.72 26.94
C ARG E 119 -45.64 -21.83 25.45
N ALA E 120 -46.42 -21.14 24.64
CA ALA E 120 -46.11 -20.93 23.23
C ALA E 120 -45.66 -19.50 23.03
N SER E 121 -44.67 -19.30 22.16
CA SER E 121 -44.05 -18.00 21.99
C SER E 121 -43.75 -17.73 20.53
N VAL E 122 -43.75 -16.44 20.17
CA VAL E 122 -43.39 -16.00 18.83
C VAL E 122 -43.17 -14.50 18.91
N GLY E 123 -42.38 -13.98 17.97
CA GLY E 123 -42.08 -12.56 17.95
C GLY E 123 -41.80 -12.08 16.54
N TYR E 124 -41.80 -10.76 16.38
CA TYR E 124 -41.49 -10.16 15.09
C TYR E 124 -40.71 -8.87 15.28
N ARG E 125 -39.79 -8.63 14.35
CA ARG E 125 -38.93 -7.45 14.37
C ARG E 125 -39.44 -6.44 13.35
N ILE E 126 -39.53 -5.18 13.78
CA ILE E 126 -39.93 -4.09 12.88
C ILE E 126 -38.70 -3.55 12.18
N PRO E 127 -38.70 -3.47 10.85
CA PRO E 127 -37.53 -2.92 10.15
C PRO E 127 -37.34 -1.44 10.44
N THR E 128 -36.15 -0.95 10.09
CA THR E 128 -35.81 0.44 10.37
CA THR E 128 -35.82 0.43 10.37
C THR E 128 -36.74 1.40 9.61
N ASN E 129 -37.14 1.04 8.40
CA ASN E 129 -37.98 1.91 7.59
C ASN E 129 -39.41 2.01 8.12
N LEU E 130 -39.75 1.28 9.17
CA LEU E 130 -41.08 1.38 9.79
C LEU E 130 -41.01 1.77 11.26
N ARG E 131 -39.85 2.25 11.73
CA ARG E 131 -39.69 2.63 13.14
C ARG E 131 -39.95 4.12 13.32
N GLN E 132 -41.21 4.49 13.16
CA GLN E 132 -41.68 5.84 13.43
C GLN E 132 -42.32 5.87 14.82
N ASN E 133 -42.72 7.06 15.25
CA ASN E 133 -43.33 7.22 16.56
C ASN E 133 -44.79 6.79 16.53
N THR E 134 -45.26 6.28 17.67
CA THR E 134 -46.66 5.91 17.85
C THR E 134 -47.11 6.43 19.21
N VAL E 135 -48.32 6.99 19.25
CA VAL E 135 -48.85 7.57 20.48
C VAL E 135 -49.86 6.63 21.10
N ALA E 136 -50.53 7.08 22.16
CA ALA E 136 -51.41 6.20 22.93
C ALA E 136 -52.57 5.68 22.08
N ALA E 137 -53.09 6.50 21.17
CA ALA E 137 -54.25 6.11 20.37
C ALA E 137 -53.93 5.02 19.36
N ASP E 138 -52.67 4.73 19.11
CA ASP E 138 -52.29 3.75 18.10
C ASP E 138 -52.35 2.33 18.68
N ASN E 139 -52.29 1.36 17.78
CA ASN E 139 -52.23 -0.06 18.13
C ASN E 139 -50.95 -0.65 17.58
N VAL E 140 -50.34 -1.55 18.34
N VAL E 140 -50.35 -1.57 18.32
CA VAL E 140 -49.09 -2.19 17.94
CA VAL E 140 -49.09 -2.17 17.90
C VAL E 140 -49.35 -3.40 17.05
C VAL E 140 -49.30 -3.44 17.08
N CYS E 141 -50.21 -4.31 17.50
CA CYS E 141 -50.45 -5.55 16.78
C CYS E 141 -51.76 -6.18 17.23
N GLU E 142 -52.27 -7.10 16.42
CA GLU E 142 -53.37 -7.96 16.82
C GLU E 142 -52.82 -9.27 17.37
N VAL E 143 -53.49 -9.80 18.39
CA VAL E 143 -53.06 -11.03 19.07
CA VAL E 143 -53.06 -11.03 19.06
C VAL E 143 -54.21 -12.02 19.05
N ARG E 144 -53.92 -13.27 18.67
CA ARG E 144 -54.89 -14.36 18.69
CA ARG E 144 -54.88 -14.36 18.70
C ARG E 144 -54.29 -15.53 19.48
N SER E 145 -55.11 -16.13 20.34
CA SER E 145 -54.61 -17.23 21.16
C SER E 145 -55.79 -18.05 21.66
N ASN E 146 -55.52 -19.34 21.89
CA ASN E 146 -56.48 -20.20 22.57
C ASN E 146 -56.38 -20.11 24.08
N CYS E 147 -55.34 -19.44 24.60
CA CYS E 147 -55.24 -19.15 26.02
C CYS E 147 -55.87 -17.80 26.31
N ARG E 148 -56.40 -17.65 27.53
CA ARG E 148 -57.19 -16.47 27.86
C ARG E 148 -56.34 -15.23 28.13
N GLN E 149 -55.04 -15.39 28.40
N GLN E 149 -55.04 -15.39 28.37
CA GLN E 149 -54.15 -14.29 28.65
CA GLN E 149 -54.16 -14.27 28.66
C GLN E 149 -52.86 -14.46 27.86
C GLN E 149 -52.84 -14.45 27.92
N VAL E 150 -52.29 -13.35 27.43
CA VAL E 150 -51.05 -13.34 26.65
C VAL E 150 -50.08 -12.36 27.31
N ALA E 151 -48.85 -12.80 27.52
CA ALA E 151 -47.79 -11.95 28.06
C ALA E 151 -46.97 -11.37 26.91
N LEU E 152 -46.78 -10.06 26.93
CA LEU E 152 -46.09 -9.34 25.87
C LEU E 152 -44.87 -8.61 26.43
N VAL E 153 -43.77 -8.67 25.68
CA VAL E 153 -42.55 -7.95 26.00
C VAL E 153 -42.15 -7.18 24.74
N ILE E 154 -42.20 -5.86 24.82
CA ILE E 154 -42.02 -5.00 23.65
C ILE E 154 -40.75 -4.18 23.84
N SER E 155 -39.74 -4.45 23.02
CA SER E 155 -38.51 -3.66 23.03
CA SER E 155 -38.51 -3.66 23.03
C SER E 155 -38.74 -2.38 22.23
N CYS E 156 -38.58 -1.23 22.89
CA CYS E 156 -38.88 0.04 22.26
C CYS E 156 -38.01 1.13 22.86
N CYS E 157 -38.12 2.33 22.30
N CYS E 157 -38.10 2.33 22.28
CA CYS E 157 -37.40 3.52 22.76
CA CYS E 157 -37.40 3.50 22.79
C CYS E 157 -38.42 4.61 23.06
C CYS E 157 -38.42 4.60 23.07
N PHE E 158 -38.47 5.03 24.32
CA PHE E 158 -39.38 6.10 24.73
C PHE E 158 -38.74 7.45 24.50
N ASN E 159 -39.49 8.37 23.90
CA ASN E 159 -38.99 9.71 23.62
C ASN E 159 -40.12 10.73 23.59
N ASN F 16 -30.56 -3.60 4.22
CA ASN F 16 -31.14 -4.11 5.45
C ASN F 16 -32.61 -4.48 5.23
N SER F 17 -33.23 -5.07 6.23
CA SER F 17 -34.60 -5.57 6.10
C SER F 17 -35.58 -4.42 5.88
N ASN F 18 -36.51 -4.62 4.95
N ASN F 18 -36.51 -4.62 4.95
CA ASN F 18 -37.53 -3.63 4.66
CA ASN F 18 -37.54 -3.64 4.64
C ASN F 18 -38.92 -4.02 5.14
C ASN F 18 -38.92 -4.01 5.17
N VAL F 19 -39.11 -5.25 5.61
CA VAL F 19 -40.40 -5.72 6.11
C VAL F 19 -40.19 -6.41 7.45
N VAL F 20 -41.30 -6.67 8.13
CA VAL F 20 -41.25 -7.35 9.41
C VAL F 20 -40.73 -8.77 9.23
N THR F 21 -39.93 -9.23 10.17
CA THR F 21 -39.39 -10.58 10.15
C THR F 21 -39.71 -11.28 11.46
N MET F 22 -39.71 -12.61 11.42
CA MET F 22 -40.09 -13.41 12.56
CA MET F 22 -40.09 -13.42 12.55
C MET F 22 -38.91 -13.62 13.50
N ILE F 23 -39.18 -13.46 14.80
CA ILE F 23 -38.19 -13.71 15.84
C ILE F 23 -38.55 -15.03 16.52
N ARG F 24 -37.60 -15.96 16.53
CA ARG F 24 -37.81 -17.27 17.13
C ARG F 24 -37.54 -17.19 18.62
N ALA F 25 -38.53 -16.68 19.35
CA ALA F 25 -38.40 -16.51 20.79
C ALA F 25 -38.52 -17.85 21.50
N GLY F 26 -38.00 -17.90 22.73
CA GLY F 26 -38.03 -19.12 23.52
C GLY F 26 -38.85 -18.99 24.79
N SER F 27 -38.25 -19.34 25.92
CA SER F 27 -38.96 -19.26 27.19
CA SER F 27 -38.96 -19.26 27.19
C SER F 27 -39.16 -17.80 27.60
N TYR F 28 -40.02 -17.60 28.59
CA TYR F 28 -40.27 -16.25 29.07
C TYR F 28 -39.06 -15.75 29.85
N PRO F 29 -38.52 -14.60 29.50
CA PRO F 29 -37.25 -14.15 30.10
C PRO F 29 -37.47 -13.56 31.48
N LYS F 30 -36.37 -13.18 32.12
CA LYS F 30 -36.41 -12.45 33.37
C LYS F 30 -36.63 -10.97 33.09
N VAL F 31 -37.65 -10.40 33.71
CA VAL F 31 -38.11 -9.05 33.38
C VAL F 31 -38.09 -8.18 34.63
N ASN F 32 -38.20 -6.87 34.40
CA ASN F 32 -38.25 -5.85 35.44
C ASN F 32 -38.94 -4.61 34.90
N PRO F 33 -40.14 -4.28 35.38
CA PRO F 33 -40.84 -3.10 34.86
C PRO F 33 -40.32 -1.78 35.37
N THR F 34 -39.57 -1.78 36.47
CA THR F 34 -39.09 -0.55 37.11
C THR F 34 -37.58 -0.63 37.28
N PRO F 35 -36.82 -0.36 36.23
CA PRO F 35 -35.37 -0.56 36.29
C PRO F 35 -34.61 0.65 36.80
N THR F 36 -33.29 0.52 36.90
CA THR F 36 -32.43 1.61 37.33
C THR F 36 -32.13 2.55 36.16
N TRP F 37 -31.45 3.65 36.47
CA TRP F 37 -31.19 4.68 35.47
C TRP F 37 -30.06 5.57 35.95
N VAL F 38 -29.00 5.68 35.17
CA VAL F 38 -27.92 6.62 35.44
C VAL F 38 -28.24 7.93 34.73
N ARG F 39 -28.17 9.04 35.46
CA ARG F 39 -28.62 10.33 34.95
C ARG F 39 -27.69 11.43 35.46
N ALA F 40 -27.69 12.54 34.73
CA ALA F 40 -27.17 13.81 35.24
C ALA F 40 -28.34 14.79 35.29
N ILE F 41 -28.69 15.22 36.49
CA ILE F 41 -29.89 16.00 36.74
C ILE F 41 -29.51 17.47 36.80
N PRO F 42 -30.00 18.30 35.87
CA PRO F 42 -29.73 19.74 35.96
C PRO F 42 -30.84 20.49 36.68
N PHE F 43 -30.46 21.29 37.68
CA PHE F 43 -31.41 22.12 38.40
C PHE F 43 -30.65 23.27 39.06
N GLU F 44 -31.41 24.25 39.53
CA GLU F 44 -30.84 25.46 40.11
C GLU F 44 -31.37 25.67 41.52
N VAL F 45 -30.60 26.41 42.31
CA VAL F 45 -30.98 26.75 43.69
C VAL F 45 -30.69 28.23 43.92
N SER F 46 -31.50 28.84 44.79
CA SER F 46 -31.33 30.24 45.15
C SER F 46 -30.50 30.36 46.42
N VAL F 47 -29.43 31.13 46.35
N VAL F 47 -29.42 31.13 46.35
CA VAL F 47 -28.47 31.27 47.44
CA VAL F 47 -28.50 31.26 47.47
C VAL F 47 -28.38 32.73 47.84
C VAL F 47 -28.37 32.74 47.84
N GLN F 48 -28.21 32.98 49.14
CA GLN F 48 -28.02 34.32 49.66
C GLN F 48 -26.54 34.59 49.91
N SER F 49 -26.21 35.87 50.09
CA SER F 49 -24.83 36.27 50.30
CA SER F 49 -24.82 36.27 50.30
C SER F 49 -24.36 35.88 51.70
N GLY F 50 -23.20 35.24 51.77
CA GLY F 50 -22.60 34.86 53.03
C GLY F 50 -23.32 33.80 53.83
N ILE F 51 -24.34 33.16 53.26
CA ILE F 51 -25.11 32.12 53.95
C ILE F 51 -25.04 30.84 53.13
N ALA F 52 -24.73 29.73 53.80
CA ALA F 52 -24.65 28.45 53.14
C ALA F 52 -26.03 27.86 52.91
N PHE F 53 -26.21 27.19 51.78
CA PHE F 53 -27.49 26.59 51.40
C PHE F 53 -27.32 25.09 51.27
N LYS F 54 -28.11 24.33 52.02
CA LYS F 54 -28.08 22.87 51.97
C LYS F 54 -28.99 22.39 50.86
N VAL F 55 -28.43 21.62 49.93
CA VAL F 55 -29.15 21.14 48.75
C VAL F 55 -29.85 19.84 49.13
N PRO F 56 -31.18 19.79 49.14
N PRO F 56 -31.18 19.79 49.15
CA PRO F 56 -31.87 18.54 49.49
CA PRO F 56 -31.87 18.54 49.49
C PRO F 56 -31.86 17.55 48.34
C PRO F 56 -31.81 17.55 48.34
N VAL F 57 -31.81 16.27 48.70
CA VAL F 57 -31.81 15.21 47.70
C VAL F 57 -33.17 15.10 47.02
N GLY F 58 -34.24 15.56 47.67
CA GLY F 58 -35.56 15.54 47.07
C GLY F 58 -35.66 16.35 45.78
N SER F 59 -34.68 17.23 45.53
N SER F 59 -34.68 17.23 45.53
CA SER F 59 -34.67 18.00 44.30
CA SER F 59 -34.67 18.00 44.30
C SER F 59 -34.43 17.13 43.07
C SER F 59 -34.47 17.12 43.07
N LEU F 60 -33.88 15.92 43.25
CA LEU F 60 -33.63 15.03 42.13
C LEU F 60 -34.84 14.20 41.74
N PHE F 61 -35.83 14.09 42.61
CA PHE F 61 -37.04 13.33 42.34
C PHE F 61 -38.12 14.31 41.89
N SER F 62 -38.46 14.26 40.60
CA SER F 62 -39.45 15.18 40.04
C SER F 62 -39.91 14.64 38.70
N ALA F 63 -41.14 14.97 38.33
CA ALA F 63 -41.64 14.65 36.99
C ALA F 63 -40.89 15.41 35.91
N ASN F 64 -40.28 16.55 36.26
CA ASN F 64 -39.49 17.31 35.30
C ASN F 64 -38.25 16.56 34.86
N PHE F 65 -37.82 15.55 35.62
CA PHE F 65 -36.65 14.75 35.30
C PHE F 65 -37.01 13.31 34.99
N ARG F 66 -38.30 12.99 34.84
CA ARG F 66 -38.78 11.63 34.67
C ARG F 66 -38.37 10.74 35.84
N THR F 67 -38.19 11.33 37.02
CA THR F 67 -37.69 10.59 38.17
C THR F 67 -38.65 10.65 39.36
N ASP F 68 -39.93 10.91 39.11
CA ASP F 68 -40.88 10.96 40.22
C ASP F 68 -41.23 9.58 40.75
N SER F 69 -40.92 8.52 40.00
CA SER F 69 -41.21 7.16 40.45
C SER F 69 -40.12 6.59 41.35
N PHE F 70 -39.00 7.29 41.51
CA PHE F 70 -37.91 6.84 42.36
C PHE F 70 -38.03 7.43 43.76
N THR F 71 -37.58 6.66 44.75
CA THR F 71 -37.50 7.14 46.11
C THR F 71 -36.08 7.13 46.68
N SER F 72 -35.12 6.54 45.97
CA SER F 72 -33.73 6.52 46.40
C SER F 72 -32.84 6.82 45.21
N VAL F 73 -31.58 7.17 45.49
CA VAL F 73 -30.62 7.52 44.46
C VAL F 73 -29.23 7.46 45.07
N THR F 74 -28.24 7.15 44.24
CA THR F 74 -26.84 7.10 44.67
C THR F 74 -26.08 8.17 43.91
N VAL F 75 -25.64 9.20 44.62
CA VAL F 75 -24.96 10.34 44.01
C VAL F 75 -23.50 9.98 43.75
N MET F 76 -23.09 10.07 42.49
CA MET F 76 -21.71 9.77 42.11
C MET F 76 -20.83 11.01 42.14
N SER F 77 -21.23 12.07 41.43
CA SER F 77 -20.45 13.29 41.34
C SER F 77 -21.37 14.50 41.30
N VAL F 78 -20.87 15.63 41.76
CA VAL F 78 -21.65 16.86 41.86
C VAL F 78 -20.83 18.00 41.27
N ARG F 79 -21.44 18.76 40.35
CA ARG F 79 -20.82 19.94 39.76
CA ARG F 79 -20.84 19.93 39.74
C ARG F 79 -21.76 21.12 39.90
N ALA F 80 -21.19 22.31 39.93
CA ALA F 80 -21.98 23.52 40.14
C ALA F 80 -21.43 24.67 39.32
N TRP F 81 -22.33 25.55 38.87
CA TRP F 81 -21.99 26.76 38.13
C TRP F 81 -22.77 27.94 38.68
N THR F 82 -22.15 29.11 38.64
CA THR F 82 -22.85 30.34 39.03
C THR F 82 -23.85 30.72 37.95
N GLN F 83 -25.12 30.84 38.32
CA GLN F 83 -26.20 31.05 37.36
C GLN F 83 -26.47 32.51 37.07
N LEU F 84 -26.15 33.41 37.99
CA LEU F 84 -26.37 34.85 37.79
C LEU F 84 -25.03 35.58 37.84
N THR F 85 -25.09 36.88 37.57
CA THR F 85 -23.90 37.69 37.56
C THR F 85 -23.47 38.03 38.98
N PRO F 86 -22.17 38.14 39.24
CA PRO F 86 -21.69 38.47 40.58
C PRO F 86 -21.99 39.91 40.93
N PRO F 87 -21.79 40.31 42.17
CA PRO F 87 -21.92 41.73 42.53
C PRO F 87 -20.93 42.59 41.76
N VAL F 88 -21.19 43.90 41.78
CA VAL F 88 -20.32 44.83 41.08
C VAL F 88 -18.91 44.76 41.65
N ASN F 89 -17.92 44.81 40.77
CA ASN F 89 -16.48 44.83 41.03
C ASN F 89 -15.93 43.45 41.41
N GLU F 90 -16.76 42.43 41.55
CA GLU F 90 -16.32 41.11 41.98
C GLU F 90 -16.33 40.11 40.83
N TYR F 91 -15.50 39.09 40.97
CA TYR F 91 -15.55 37.92 40.12
C TYR F 91 -16.43 36.85 40.75
N SER F 92 -16.99 35.98 39.91
CA SER F 92 -17.85 34.92 40.42
C SER F 92 -17.05 33.88 41.18
N PHE F 93 -17.68 33.29 42.19
CA PHE F 93 -17.07 32.18 42.92
C PHE F 93 -18.18 31.30 43.47
N VAL F 94 -17.84 30.04 43.73
CA VAL F 94 -18.78 29.07 44.27
C VAL F 94 -18.01 28.05 45.08
N ARG F 95 -18.53 27.71 46.26
CA ARG F 95 -17.92 26.73 47.14
C ARG F 95 -18.86 25.56 47.36
N LEU F 96 -18.29 24.37 47.55
CA LEU F 96 -19.05 23.15 47.78
C LEU F 96 -18.51 22.42 49.00
N LYS F 97 -19.40 22.06 49.91
CA LYS F 97 -19.06 21.27 51.09
C LYS F 97 -19.84 19.97 51.08
N PRO F 98 -19.21 18.84 50.78
CA PRO F 98 -19.95 17.56 50.73
C PRO F 98 -20.56 17.22 52.09
N LEU F 99 -21.78 16.70 52.05
CA LEU F 99 -22.50 16.27 53.24
C LEU F 99 -22.84 14.78 53.11
N PHE F 100 -22.74 14.06 54.23
CA PHE F 100 -23.02 12.64 54.25
C PHE F 100 -23.73 12.29 55.55
N LYS F 101 -24.65 11.31 55.47
CA LYS F 101 -25.36 10.88 56.66
CA LYS F 101 -25.36 10.87 56.66
CA LYS F 101 -25.37 10.87 56.66
C LYS F 101 -24.42 10.32 57.72
N THR F 102 -23.45 9.51 57.30
CA THR F 102 -22.49 8.94 58.24
C THR F 102 -21.56 10.00 58.83
N GLY F 103 -21.49 11.17 58.23
CA GLY F 103 -20.63 12.23 58.72
C GLY F 103 -20.34 13.29 57.68
N ASP F 104 -20.56 14.55 58.03
CA ASP F 104 -20.34 15.64 57.10
C ASP F 104 -18.85 15.92 56.95
N SER F 105 -18.45 16.31 55.74
CA SER F 105 -17.08 16.68 55.45
CA SER F 105 -17.08 16.68 55.46
C SER F 105 -16.87 18.16 55.75
N THR F 106 -15.61 18.55 55.87
CA THR F 106 -15.25 19.94 56.09
C THR F 106 -14.51 20.55 54.91
N GLU F 107 -14.38 19.82 53.80
CA GLU F 107 -13.75 20.37 52.62
C GLU F 107 -14.61 21.44 51.98
N GLU F 108 -13.98 22.49 51.47
CA GLU F 108 -14.66 23.57 50.76
C GLU F 108 -14.04 23.69 49.38
N PHE F 109 -14.41 22.77 48.49
CA PHE F 109 -13.98 22.86 47.10
C PHE F 109 -14.51 24.14 46.48
N GLU F 110 -13.61 24.97 45.97
CA GLU F 110 -13.95 26.31 45.53
C GLU F 110 -13.43 26.55 44.12
N GLY F 111 -14.25 27.21 43.31
CA GLY F 111 -13.83 27.67 42.00
C GLY F 111 -14.15 29.14 41.84
N ARG F 112 -13.27 29.85 41.15
CA ARG F 112 -13.41 31.28 40.94
C ARG F 112 -13.30 31.60 39.46
N ALA F 113 -13.95 32.70 39.07
CA ALA F 113 -13.92 33.17 37.70
C ALA F 113 -12.75 34.11 37.49
N SER F 114 -12.05 33.92 36.37
CA SER F 114 -10.98 34.83 35.97
C SER F 114 -11.48 35.95 35.07
N ASN F 115 -12.74 35.89 34.67
CA ASN F 115 -13.38 36.96 33.91
C ASN F 115 -14.71 37.27 34.59
N ILE F 116 -15.01 38.56 34.77
CA ILE F 116 -16.21 38.93 35.54
C ILE F 116 -17.47 38.50 34.82
N ASN F 117 -17.43 38.38 33.50
CA ASN F 117 -18.59 38.02 32.69
C ASN F 117 -18.71 36.52 32.49
N THR F 118 -17.86 35.72 33.13
CA THR F 118 -17.83 34.27 32.96
CA THR F 118 -17.85 34.28 32.96
C THR F 118 -18.27 33.59 34.24
N ARG F 119 -18.89 32.41 34.10
CA ARG F 119 -19.30 31.62 35.24
C ARG F 119 -18.10 31.13 36.03
N ALA F 120 -18.33 30.85 37.31
CA ALA F 120 -17.38 30.13 38.15
C ALA F 120 -17.88 28.72 38.37
N SER F 121 -16.95 27.76 38.41
CA SER F 121 -17.34 26.35 38.45
C SER F 121 -16.41 25.56 39.34
N VAL F 122 -16.93 24.46 39.88
CA VAL F 122 -16.17 23.54 40.73
C VAL F 122 -16.98 22.26 40.86
N GLY F 123 -16.37 21.21 41.39
CA GLY F 123 -17.06 19.95 41.59
C GLY F 123 -16.25 19.02 42.45
N TYR F 124 -16.88 17.88 42.79
CA TYR F 124 -16.20 16.86 43.59
C TYR F 124 -16.79 15.49 43.28
N ARG F 125 -15.95 14.47 43.38
CA ARG F 125 -16.33 13.09 43.12
C ARG F 125 -16.49 12.35 44.43
N ILE F 126 -17.62 11.65 44.59
CA ILE F 126 -17.87 10.85 45.78
C ILE F 126 -17.23 9.47 45.58
N PRO F 127 -16.40 9.01 46.52
CA PRO F 127 -15.77 7.70 46.36
C PRO F 127 -16.79 6.57 46.47
N THR F 128 -16.37 5.40 45.98
CA THR F 128 -17.26 4.24 45.97
C THR F 128 -17.68 3.82 47.37
N ASN F 129 -16.80 3.98 48.36
CA ASN F 129 -17.12 3.59 49.72
C ASN F 129 -18.19 4.45 50.37
N LEU F 130 -18.47 5.63 49.80
CA LEU F 130 -19.51 6.51 50.32
C LEU F 130 -20.71 6.60 49.40
N ARG F 131 -20.81 5.72 48.39
CA ARG F 131 -21.90 5.76 47.43
C ARG F 131 -23.03 4.83 47.89
N GLN F 132 -23.67 5.22 48.99
CA GLN F 132 -24.86 4.54 49.47
C GLN F 132 -26.10 5.24 48.93
N ASN F 133 -27.26 4.70 49.27
CA ASN F 133 -28.51 5.31 48.84
C ASN F 133 -28.83 6.53 49.70
N THR F 134 -29.54 7.49 49.11
N THR F 134 -29.56 7.48 49.12
CA THR F 134 -30.02 8.67 49.80
CA THR F 134 -30.01 8.66 49.84
C THR F 134 -31.47 8.93 49.41
C THR F 134 -31.43 8.99 49.41
N VAL F 135 -32.24 9.45 50.36
CA VAL F 135 -33.66 9.70 50.14
C VAL F 135 -33.94 11.20 50.10
N ALA F 136 -35.21 11.56 49.95
CA ALA F 136 -35.57 12.95 49.66
C ALA F 136 -35.27 13.87 50.83
N ALA F 137 -35.23 13.34 52.05
CA ALA F 137 -35.01 14.19 53.22
C ALA F 137 -33.54 14.49 53.47
N ASP F 138 -32.62 13.78 52.83
CA ASP F 138 -31.20 13.99 53.06
C ASP F 138 -30.70 15.19 52.27
N ASN F 139 -29.44 15.54 52.51
CA ASN F 139 -28.78 16.66 51.84
C ASN F 139 -27.55 16.16 51.09
N VAL F 140 -27.29 16.77 49.94
CA VAL F 140 -26.13 16.41 49.13
C VAL F 140 -24.89 17.18 49.58
N CYS F 141 -25.01 18.50 49.69
CA CYS F 141 -23.86 19.35 49.98
C CYS F 141 -24.36 20.75 50.35
N GLU F 142 -23.44 21.56 50.85
CA GLU F 142 -23.68 22.99 51.04
C GLU F 142 -23.09 23.75 49.86
N VAL F 143 -23.70 24.89 49.55
CA VAL F 143 -23.28 25.74 48.44
CA VAL F 143 -23.26 25.75 48.45
C VAL F 143 -23.16 27.18 48.95
N ARG F 144 -22.04 27.83 48.64
CA ARG F 144 -21.78 29.22 49.00
C ARG F 144 -21.32 29.96 47.75
N SER F 145 -21.89 31.15 47.54
CA SER F 145 -21.56 31.92 46.34
C SER F 145 -21.99 33.37 46.54
N ASN F 146 -21.29 34.27 45.86
CA ASN F 146 -21.70 35.67 45.81
C ASN F 146 -22.72 35.94 44.72
N CYS F 147 -22.95 34.99 43.82
CA CYS F 147 -24.05 35.08 42.87
C CYS F 147 -25.33 34.58 43.54
N ARG F 148 -26.46 35.12 43.09
CA ARG F 148 -27.72 34.83 43.76
C ARG F 148 -28.35 33.51 43.34
N GLN F 149 -27.77 32.82 42.35
N GLN F 149 -27.77 32.81 42.36
CA GLN F 149 -28.27 31.54 41.90
CA GLN F 149 -28.29 31.52 41.93
C GLN F 149 -27.11 30.65 41.48
C GLN F 149 -27.14 30.65 41.44
N VAL F 150 -27.24 29.35 41.73
CA VAL F 150 -26.22 28.37 41.38
C VAL F 150 -26.88 27.24 40.60
N ALA F 151 -26.31 26.88 39.46
CA ALA F 151 -26.79 25.79 38.64
C ALA F 151 -25.98 24.53 38.93
N LEU F 152 -26.66 23.43 39.21
CA LEU F 152 -26.03 22.18 39.58
C LEU F 152 -26.31 21.11 38.54
N VAL F 153 -25.36 20.19 38.39
CA VAL F 153 -25.50 19.02 37.53
C VAL F 153 -24.95 17.84 38.31
N ILE F 154 -25.84 16.96 38.77
CA ILE F 154 -25.49 15.89 39.69
C ILE F 154 -25.62 14.56 38.96
N SER F 155 -24.49 13.89 38.74
CA SER F 155 -24.49 12.57 38.12
CA SER F 155 -24.49 12.57 38.12
C SER F 155 -24.79 11.52 39.18
N CYS F 156 -25.89 10.79 39.00
CA CYS F 156 -26.33 9.83 40.00
C CYS F 156 -27.03 8.66 39.31
N CYS F 157 -27.29 7.61 40.11
N CYS F 157 -27.28 7.61 40.09
CA CYS F 157 -27.97 6.41 39.65
CA CYS F 157 -27.98 6.43 39.59
C CYS F 157 -29.26 6.27 40.45
C CYS F 157 -29.25 6.23 40.42
N PHE F 158 -30.40 6.39 39.75
CA PHE F 158 -31.68 6.24 40.41
C PHE F 158 -32.05 4.76 40.53
N ASN F 159 -32.58 4.38 41.69
CA ASN F 159 -32.96 3.00 41.92
C ASN F 159 -34.12 2.91 42.90
N ASN G 16 -3.37 23.69 -19.76
CA ASN G 16 -4.75 23.28 -20.07
C ASN G 16 -5.21 23.93 -21.37
N SER G 17 -6.34 23.45 -21.89
CA SER G 17 -6.84 23.94 -23.17
C SER G 17 -7.18 25.42 -23.08
N ASN G 18 -6.95 26.15 -24.18
N ASN G 18 -6.96 26.13 -24.19
CA ASN G 18 -7.22 27.58 -24.23
CA ASN G 18 -7.18 27.57 -24.27
C ASN G 18 -8.30 27.97 -25.23
C ASN G 18 -8.33 27.95 -25.19
N VAL G 19 -8.94 27.00 -25.87
CA VAL G 19 -10.01 27.27 -26.83
C VAL G 19 -11.10 26.20 -26.67
N VAL G 20 -12.17 26.37 -27.43
CA VAL G 20 -13.27 25.42 -27.39
C VAL G 20 -12.86 24.13 -28.09
N THR G 21 -13.30 23.00 -27.53
CA THR G 21 -13.01 21.69 -28.11
C THR G 21 -14.32 20.93 -28.30
N MET G 22 -14.29 19.98 -29.23
CA MET G 22 -15.48 19.22 -29.56
CA MET G 22 -15.47 19.20 -29.58
C MET G 22 -15.70 18.07 -28.58
N ILE G 23 -16.96 17.86 -28.21
CA ILE G 23 -17.38 16.77 -27.35
C ILE G 23 -18.16 15.79 -28.19
N ARG G 24 -17.73 14.52 -28.20
CA ARG G 24 -18.38 13.49 -29.02
C ARG G 24 -19.53 12.87 -28.22
N ALA G 25 -20.59 13.66 -28.07
CA ALA G 25 -21.78 13.22 -27.36
C ALA G 25 -22.49 12.11 -28.14
N GLY G 26 -23.30 11.34 -27.41
CA GLY G 26 -23.99 10.23 -28.02
C GLY G 26 -25.50 10.33 -27.93
N SER G 27 -26.13 9.34 -27.32
CA SER G 27 -27.57 9.33 -27.17
CA SER G 27 -27.57 9.33 -27.17
C SER G 27 -28.01 10.37 -26.14
N TYR G 28 -29.28 10.72 -26.20
CA TYR G 28 -29.82 11.71 -25.27
C TYR G 28 -29.87 11.11 -23.87
N PRO G 29 -29.35 11.79 -22.87
CA PRO G 29 -29.24 11.20 -21.52
C PRO G 29 -30.51 11.40 -20.71
N LYS G 30 -30.56 10.69 -19.59
CA LYS G 30 -31.63 10.89 -18.63
C LYS G 30 -31.45 12.25 -17.94
N VAL G 31 -32.50 13.08 -17.98
CA VAL G 31 -32.40 14.45 -17.50
C VAL G 31 -33.44 14.67 -16.40
N ASN G 32 -33.24 15.75 -15.67
CA ASN G 32 -34.18 16.17 -14.62
C ASN G 32 -34.07 17.67 -14.42
N PRO G 33 -35.09 18.44 -14.82
CA PRO G 33 -35.00 19.90 -14.69
C PRO G 33 -35.21 20.40 -13.27
N THR G 34 -35.79 19.60 -12.39
CA THR G 34 -36.13 20.03 -11.03
C THR G 34 -35.50 19.05 -10.04
N PRO G 35 -34.20 19.15 -9.81
CA PRO G 35 -33.51 18.16 -8.97
C PRO G 35 -33.69 18.46 -7.49
N THR G 36 -33.08 17.60 -6.67
CA THR G 36 -33.05 17.79 -5.22
C THR G 36 -31.95 18.77 -4.84
N TRP G 37 -31.82 19.03 -3.54
CA TRP G 37 -30.83 19.99 -3.06
C TRP G 37 -30.63 19.80 -1.56
N VAL G 38 -29.40 19.50 -1.16
CA VAL G 38 -29.04 19.46 0.26
C VAL G 38 -28.57 20.85 0.68
N ARG G 39 -29.19 21.40 1.72
CA ARG G 39 -28.95 22.77 2.12
C ARG G 39 -28.96 22.90 3.63
N ALA G 40 -28.38 24.01 4.10
CA ALA G 40 -28.51 24.46 5.48
C ALA G 40 -29.09 25.86 5.44
N ILE G 41 -30.29 26.00 6.00
CA ILE G 41 -31.07 27.23 5.88
C ILE G 41 -30.90 28.05 7.16
N PRO G 42 -30.30 29.23 7.10
CA PRO G 42 -30.27 30.09 8.29
C PRO G 42 -31.44 31.06 8.33
N PHE G 43 -32.22 31.02 9.41
CA PHE G 43 -33.29 31.99 9.61
C PHE G 43 -33.48 32.19 11.10
N GLU G 44 -34.22 33.24 11.45
CA GLU G 44 -34.45 33.62 12.84
C GLU G 44 -35.93 33.63 13.13
N VAL G 45 -36.26 33.38 14.40
CA VAL G 45 -37.63 33.42 14.88
C VAL G 45 -37.67 34.33 16.11
N SER G 46 -38.83 34.94 16.35
CA SER G 46 -39.05 35.78 17.50
C SER G 46 -39.71 34.96 18.60
N VAL G 47 -39.15 35.01 19.80
N VAL G 47 -39.14 34.99 19.80
CA VAL G 47 -39.57 34.19 20.94
CA VAL G 47 -39.61 34.19 20.92
C VAL G 47 -39.86 35.10 22.11
C VAL G 47 -39.88 35.09 22.11
N GLN G 48 -40.92 34.77 22.86
CA GLN G 48 -41.28 35.49 24.07
C GLN G 48 -40.77 34.74 25.29
N SER G 49 -40.66 35.45 26.40
CA SER G 49 -40.16 34.87 27.63
CA SER G 49 -40.16 34.87 27.63
C SER G 49 -41.19 33.92 28.24
N GLY G 50 -40.72 32.76 28.68
CA GLY G 50 -41.60 31.77 29.27
C GLY G 50 -42.64 31.19 28.35
N ILE G 51 -42.55 31.43 27.04
CA ILE G 51 -43.52 30.95 26.06
C ILE G 51 -42.78 30.19 24.98
N ALA G 52 -43.20 28.96 24.70
CA ALA G 52 -42.59 28.17 23.65
C ALA G 52 -43.12 28.60 22.28
N PHE G 53 -42.25 28.55 21.28
CA PHE G 53 -42.61 28.92 19.92
C PHE G 53 -42.43 27.71 19.01
N LYS G 54 -43.48 27.38 18.26
CA LYS G 54 -43.41 26.30 17.28
C LYS G 54 -42.89 26.86 15.97
N VAL G 55 -41.76 26.31 15.51
CA VAL G 55 -41.13 26.75 14.26
C VAL G 55 -41.78 26.01 13.10
N PRO G 56 -42.37 26.71 12.13
CA PRO G 56 -43.00 26.02 11.01
C PRO G 56 -41.99 25.59 9.97
N VAL G 57 -42.34 24.53 9.25
CA VAL G 57 -41.49 24.09 8.14
C VAL G 57 -41.59 25.06 6.98
N GLY G 58 -42.70 25.79 6.87
CA GLY G 58 -42.90 26.76 5.81
C GLY G 58 -41.87 27.86 5.77
N SER G 59 -41.18 28.10 6.89
N SER G 59 -41.18 28.10 6.89
CA SER G 59 -40.11 29.10 6.92
CA SER G 59 -40.11 29.10 6.89
C SER G 59 -38.91 28.68 6.08
C SER G 59 -38.95 28.71 5.98
N LEU G 60 -38.84 27.42 5.66
CA LEU G 60 -37.74 26.95 4.81
C LEU G 60 -38.01 27.18 3.33
N PHE G 61 -39.27 27.31 2.93
CA PHE G 61 -39.61 27.58 1.53
C PHE G 61 -39.72 29.09 1.35
N SER G 62 -38.77 29.67 0.62
CA SER G 62 -38.75 31.10 0.38
C SER G 62 -37.78 31.40 -0.74
N ALA G 63 -38.06 32.48 -1.48
CA ALA G 63 -37.13 32.92 -2.52
C ALA G 63 -35.85 33.51 -1.94
N ASN G 64 -35.86 33.87 -0.65
CA ASN G 64 -34.63 34.31 0.00
C ASN G 64 -33.62 33.18 0.15
N PHE G 65 -34.07 31.93 0.03
CA PHE G 65 -33.20 30.77 0.10
C PHE G 65 -33.14 30.01 -1.22
N ARG G 66 -33.72 30.57 -2.29
CA ARG G 66 -33.85 29.92 -3.59
C ARG G 66 -34.69 28.64 -3.52
N THR G 67 -35.51 28.50 -2.48
CA THR G 67 -36.27 27.27 -2.24
C THR G 67 -37.77 27.46 -2.42
N ASP G 68 -38.20 28.54 -3.08
CA ASP G 68 -39.62 28.77 -3.26
C ASP G 68 -40.25 27.81 -4.27
N SER G 69 -39.46 26.95 -4.90
CA SER G 69 -39.98 25.97 -5.85
C SER G 69 -40.22 24.60 -5.22
N PHE G 70 -39.78 24.38 -3.99
CA PHE G 70 -39.99 23.11 -3.30
C PHE G 70 -41.25 23.17 -2.45
N THR G 71 -41.88 22.01 -2.30
CA THR G 71 -43.06 21.88 -1.45
C THR G 71 -42.86 20.94 -0.28
N SER G 72 -41.87 20.05 -0.32
CA SER G 72 -41.57 19.14 0.76
C SER G 72 -40.08 19.16 1.03
N VAL G 73 -39.70 18.81 2.25
CA VAL G 73 -38.30 18.85 2.66
C VAL G 73 -38.09 17.85 3.78
N THR G 74 -36.91 17.22 3.79
CA THR G 74 -36.55 16.24 4.81
C THR G 74 -35.51 16.88 5.72
N VAL G 75 -35.90 17.11 6.98
CA VAL G 75 -35.02 17.75 7.94
C VAL G 75 -34.09 16.70 8.56
N MET G 76 -32.79 16.97 8.51
CA MET G 76 -31.80 16.03 9.05
C MET G 76 -31.31 16.43 10.43
N SER G 77 -30.97 17.70 10.63
CA SER G 77 -30.51 18.18 11.93
C SER G 77 -30.88 19.64 12.08
N VAL G 78 -31.10 20.05 13.33
CA VAL G 78 -31.50 21.41 13.67
C VAL G 78 -30.52 21.95 14.70
N ARG G 79 -30.08 23.20 14.51
CA ARG G 79 -29.18 23.88 15.43
CA ARG G 79 -29.18 23.87 15.43
C ARG G 79 -29.72 25.26 15.74
N ALA G 80 -29.51 25.70 16.98
CA ALA G 80 -30.04 26.96 17.46
C ALA G 80 -28.99 27.77 18.19
N TRP G 81 -29.02 29.09 17.98
CA TRP G 81 -28.23 30.03 18.73
C TRP G 81 -29.13 31.18 19.17
N THR G 82 -28.85 31.74 20.34
CA THR G 82 -29.54 32.94 20.78
C THR G 82 -29.09 34.13 19.94
N GLN G 83 -30.05 34.93 19.48
CA GLN G 83 -29.75 36.02 18.55
C GLN G 83 -29.62 37.37 19.23
N LEU G 84 -30.22 37.58 20.40
CA LEU G 84 -30.14 38.84 21.12
C LEU G 84 -29.49 38.62 22.48
N THR G 85 -29.28 39.72 23.20
CA THR G 85 -28.69 39.64 24.52
C THR G 85 -29.71 39.13 25.53
N PRO G 86 -29.26 38.36 26.53
CA PRO G 86 -30.19 37.89 27.56
C PRO G 86 -30.61 39.04 28.47
N PRO G 87 -31.60 38.83 29.33
CA PRO G 87 -31.96 39.87 30.31
C PRO G 87 -30.80 40.20 31.22
N VAL G 88 -30.97 41.30 31.97
CA VAL G 88 -29.92 41.75 32.88
C VAL G 88 -29.68 40.70 33.96
N ASN G 89 -28.41 40.48 34.27
CA ASN G 89 -27.90 39.56 35.31
C ASN G 89 -27.97 38.10 34.88
N GLU G 90 -28.52 37.78 33.71
CA GLU G 90 -28.72 36.40 33.29
C GLU G 90 -27.72 36.00 32.21
N TYR G 91 -27.50 34.70 32.09
CA TYR G 91 -26.81 34.11 30.95
C TYR G 91 -27.83 33.65 29.93
N SER G 92 -27.37 33.49 28.69
CA SER G 92 -28.24 33.02 27.62
C SER G 92 -28.48 31.52 27.74
N PHE G 93 -29.68 31.10 27.37
CA PHE G 93 -29.98 29.68 27.26
C PHE G 93 -30.98 29.50 26.12
N VAL G 94 -31.04 28.28 25.60
CA VAL G 94 -31.97 27.94 24.52
C VAL G 94 -32.35 26.47 24.66
N ARG G 95 -33.64 26.19 24.50
CA ARG G 95 -34.15 24.82 24.59
C ARG G 95 -34.80 24.43 23.27
N LEU G 96 -34.68 23.15 22.93
CA LEU G 96 -35.25 22.61 21.71
C LEU G 96 -36.05 21.36 22.05
N LYS G 97 -37.29 21.31 21.57
CA LYS G 97 -38.12 20.10 21.68
C LYS G 97 -38.47 19.62 20.27
N PRO G 98 -37.94 18.48 19.83
CA PRO G 98 -38.28 17.99 18.49
C PRO G 98 -39.77 17.70 18.36
N LEU G 99 -40.31 17.99 17.17
CA LEU G 99 -41.69 17.72 16.83
C LEU G 99 -41.75 16.81 15.61
N PHE G 100 -42.75 15.91 15.60
CA PHE G 100 -42.92 14.98 14.50
C PHE G 100 -44.40 14.74 14.26
N LYS G 101 -44.74 14.43 13.00
CA LYS G 101 -46.13 14.15 12.67
CA LYS G 101 -46.13 14.14 12.66
C LYS G 101 -46.59 12.82 13.25
N THR G 102 -45.70 11.83 13.30
CA THR G 102 -46.03 10.53 13.86
C THR G 102 -46.04 10.51 15.37
N GLY G 103 -45.57 11.58 16.03
CA GLY G 103 -45.53 11.63 17.47
C GLY G 103 -44.47 12.59 17.99
N ASP G 104 -44.90 13.58 18.78
CA ASP G 104 -43.96 14.57 19.29
C ASP G 104 -43.11 13.98 20.42
N SER G 105 -41.90 14.51 20.55
CA SER G 105 -40.97 14.09 21.58
CA SER G 105 -40.97 14.09 21.58
C SER G 105 -41.07 15.01 22.79
N THR G 106 -40.52 14.54 23.91
CA THR G 106 -40.51 15.30 25.15
C THR G 106 -39.10 15.65 25.60
N GLU G 107 -38.12 15.60 24.70
CA GLU G 107 -36.77 15.98 25.03
C GLU G 107 -36.61 17.49 24.97
N GLU G 108 -35.92 18.06 25.94
CA GLU G 108 -35.66 19.50 26.01
C GLU G 108 -34.16 19.73 25.96
N PHE G 109 -33.57 19.50 24.78
CA PHE G 109 -32.14 19.74 24.59
C PHE G 109 -31.83 21.21 24.85
N GLU G 110 -31.01 21.47 25.87
CA GLU G 110 -30.74 22.82 26.32
C GLU G 110 -29.24 23.08 26.35
N GLY G 111 -28.86 24.28 25.95
CA GLY G 111 -27.49 24.74 26.09
C GLY G 111 -27.47 26.13 26.67
N ARG G 112 -26.50 26.37 27.56
CA ARG G 112 -26.39 27.63 28.26
C ARG G 112 -25.03 28.26 28.01
N ALA G 113 -25.02 29.59 27.95
CA ALA G 113 -23.78 30.33 27.76
C ALA G 113 -23.03 30.45 29.08
N SER G 114 -21.72 30.27 29.02
CA SER G 114 -20.87 30.46 30.19
C SER G 114 -20.32 31.88 30.28
N ASN G 115 -20.63 32.73 29.30
CA ASN G 115 -20.29 34.14 29.34
C ASN G 115 -21.54 34.93 28.99
N ILE G 116 -21.82 35.99 29.76
CA ILE G 116 -23.04 36.75 29.56
C ILE G 116 -23.07 37.43 28.20
N ASN G 117 -21.90 37.65 27.59
CA ASN G 117 -21.81 38.32 26.30
C ASN G 117 -21.71 37.34 25.13
N THR G 118 -21.96 36.05 25.37
CA THR G 118 -21.82 35.02 24.35
CA THR G 118 -21.83 35.04 24.33
C THR G 118 -23.17 34.33 24.14
N ARG G 119 -23.38 33.85 22.91
CA ARG G 119 -24.59 33.13 22.58
C ARG G 119 -24.65 31.80 23.30
N ALA G 120 -25.87 31.29 23.47
CA ALA G 120 -26.09 29.92 23.90
C ALA G 120 -26.51 29.09 22.71
N SER G 121 -26.00 27.87 22.62
CA SER G 121 -26.22 27.05 21.43
C SER G 121 -26.57 25.63 21.85
N VAL G 122 -27.41 25.00 21.03
CA VAL G 122 -27.73 23.58 21.21
C VAL G 122 -28.35 23.10 19.90
N GLY G 123 -28.35 21.78 19.70
CA GLY G 123 -28.94 21.22 18.49
C GLY G 123 -29.26 19.75 18.68
N TYR G 124 -29.90 19.19 17.66
CA TYR G 124 -30.24 17.77 17.69
C TYR G 124 -30.26 17.22 16.27
N ARG G 125 -30.06 15.91 16.17
CA ARG G 125 -30.05 15.20 14.91
C ARG G 125 -31.27 14.30 14.81
N ILE G 126 -31.90 14.29 13.64
CA ILE G 126 -33.07 13.45 13.39
C ILE G 126 -32.58 12.10 12.86
N PRO G 127 -32.91 10.99 13.49
CA PRO G 127 -32.43 9.69 13.03
C PRO G 127 -33.00 9.33 11.66
N THR G 128 -32.39 8.33 11.04
CA THR G 128 -32.77 7.93 9.68
CA THR G 128 -32.79 7.96 9.69
C THR G 128 -34.23 7.45 9.64
N ASN G 129 -34.68 6.76 10.70
CA ASN G 129 -36.03 6.24 10.72
C ASN G 129 -37.09 7.34 10.75
N LEU G 130 -36.74 8.54 11.20
CA LEU G 130 -37.69 9.64 11.32
C LEU G 130 -37.47 10.72 10.26
N ARG G 131 -36.79 10.39 9.16
CA ARG G 131 -36.51 11.37 8.12
C ARG G 131 -37.48 11.19 6.95
N GLN G 132 -38.74 11.52 7.23
CA GLN G 132 -39.78 11.58 6.22
C GLN G 132 -39.94 13.03 5.76
N ASN G 133 -40.79 13.23 4.76
CA ASN G 133 -41.01 14.57 4.24
C ASN G 133 -41.93 15.37 5.16
N THR G 134 -41.76 16.69 5.11
CA THR G 134 -42.61 17.62 5.83
C THR G 134 -42.97 18.77 4.91
N VAL G 135 -44.19 19.29 5.06
CA VAL G 135 -44.65 20.39 4.22
C VAL G 135 -44.77 21.65 5.06
N ALA G 136 -45.18 22.76 4.42
CA ALA G 136 -45.18 24.06 5.08
C ALA G 136 -46.08 24.09 6.30
N ALA G 137 -47.13 23.27 6.32
CA ALA G 137 -48.06 23.24 7.44
C ALA G 137 -47.49 22.54 8.66
N ASP G 138 -46.40 21.79 8.51
CA ASP G 138 -45.82 21.06 9.63
C ASP G 138 -44.94 21.97 10.47
N ASN G 139 -44.54 21.46 11.63
CA ASN G 139 -43.67 22.18 12.55
C ASN G 139 -42.41 21.36 12.80
N VAL G 140 -41.28 22.05 12.91
CA VAL G 140 -40.01 21.36 13.12
C VAL G 140 -39.79 21.07 14.59
N CYS G 141 -39.82 22.11 15.43
CA CYS G 141 -39.50 21.96 16.83
C CYS G 141 -39.99 23.19 17.60
N GLU G 142 -40.11 23.03 18.91
CA GLU G 142 -40.41 24.14 19.81
C GLU G 142 -39.12 24.74 20.31
N VAL G 143 -39.11 26.06 20.49
CA VAL G 143 -37.93 26.80 20.92
CA VAL G 143 -37.93 26.79 20.93
C VAL G 143 -38.29 27.65 22.13
N ARG G 144 -37.46 27.60 23.17
CA ARG G 144 -37.61 28.38 24.38
C ARG G 144 -36.29 29.05 24.70
N SER G 145 -36.35 30.31 25.13
CA SER G 145 -35.14 31.06 25.45
C SER G 145 -35.51 32.30 26.25
N ASN G 146 -34.59 32.73 27.11
CA ASN G 146 -34.75 34.00 27.80
C ASN G 146 -34.38 35.19 26.91
N CYS G 147 -33.79 34.94 25.75
CA CYS G 147 -33.54 35.97 24.75
C CYS G 147 -34.75 36.10 23.83
N ARG G 148 -34.89 37.27 23.21
CA ARG G 148 -36.10 37.55 22.45
C ARG G 148 -36.05 37.00 21.02
N GLN G 149 -34.88 36.61 20.53
N GLN G 149 -34.88 36.57 20.54
CA GLN G 149 -34.76 36.04 19.20
CA GLN G 149 -34.75 36.07 19.18
C GLN G 149 -33.79 34.87 19.23
C GLN G 149 -33.75 34.92 19.17
N VAL G 150 -34.05 33.90 18.36
CA VAL G 150 -33.21 32.70 18.25
C VAL G 150 -32.88 32.49 16.78
N ALA G 151 -31.60 32.29 16.47
CA ALA G 151 -31.16 31.98 15.12
C ALA G 151 -31.08 30.48 14.94
N LEU G 152 -31.52 30.00 13.79
CA LEU G 152 -31.59 28.58 13.48
C LEU G 152 -30.82 28.27 12.20
N VAL G 153 -30.18 27.11 12.18
CA VAL G 153 -29.51 26.57 11.00
C VAL G 153 -29.95 25.13 10.86
N ILE G 154 -30.84 24.86 9.90
CA ILE G 154 -31.49 23.56 9.77
C ILE G 154 -30.92 22.87 8.54
N SER G 155 -30.17 21.79 8.77
CA SER G 155 -29.66 20.97 7.69
CA SER G 155 -29.66 20.97 7.69
C SER G 155 -30.80 20.12 7.14
N CYS G 156 -31.05 20.22 5.84
CA CYS G 156 -32.19 19.54 5.25
C CYS G 156 -31.93 19.22 3.79
N CYS G 157 -32.76 18.33 3.26
N CYS G 157 -32.77 18.35 3.24
CA CYS G 157 -32.71 17.91 1.86
CA CYS G 157 -32.67 17.94 1.84
C CYS G 157 -34.04 18.29 1.21
C CYS G 157 -34.00 18.25 1.15
N PHE G 158 -34.00 19.24 0.28
CA PHE G 158 -35.21 19.64 -0.43
C PHE G 158 -35.48 18.70 -1.59
N ASN G 159 -36.75 18.37 -1.79
CA ASN G 159 -37.16 17.53 -2.91
C ASN G 159 -38.63 17.76 -3.27
N ASN H 16 30.50 36.80 7.13
CA ASN H 16 30.27 37.18 5.73
C ASN H 16 31.20 38.32 5.33
N SER H 17 31.18 38.67 4.04
CA SER H 17 32.06 39.70 3.52
C SER H 17 31.90 41.00 4.30
N ASN H 18 33.03 41.66 4.57
N ASN H 18 33.03 41.66 4.58
CA ASN H 18 33.02 42.88 5.37
CA ASN H 18 33.05 42.88 5.36
C ASN H 18 33.31 44.14 4.56
C ASN H 18 33.26 44.14 4.55
N VAL H 19 33.72 44.02 3.30
CA VAL H 19 33.94 45.15 2.42
C VAL H 19 33.32 44.85 1.06
N VAL H 20 33.42 45.83 0.16
CA VAL H 20 32.82 45.69 -1.17
C VAL H 20 33.60 44.69 -2.00
N THR H 21 32.88 43.91 -2.80
CA THR H 21 33.48 42.96 -3.73
C THR H 21 33.05 43.30 -5.14
N MET H 22 33.83 42.86 -6.12
CA MET H 22 33.57 43.16 -7.52
CA MET H 22 33.58 43.14 -7.52
C MET H 22 32.63 42.12 -8.13
N ILE H 23 31.64 42.61 -8.86
CA ILE H 23 30.69 41.76 -9.58
C ILE H 23 31.05 41.78 -11.06
N ARG H 24 31.32 40.60 -11.62
CA ARG H 24 31.68 40.48 -13.02
C ARG H 24 30.41 40.40 -13.86
N ALA H 25 29.82 41.56 -14.10
CA ALA H 25 28.59 41.64 -14.87
C ALA H 25 28.85 41.30 -16.33
N GLY H 26 27.79 40.92 -17.03
CA GLY H 26 27.87 40.59 -18.43
C GLY H 26 27.14 41.57 -19.33
N SER H 27 26.15 41.08 -20.07
CA SER H 27 25.36 41.92 -20.96
CA SER H 27 25.37 41.94 -20.95
C SER H 27 24.28 42.66 -20.17
N TYR H 28 23.71 43.67 -20.79
CA TYR H 28 22.64 44.42 -20.15
C TYR H 28 21.37 43.57 -20.08
N PRO H 29 20.78 43.41 -18.91
CA PRO H 29 19.64 42.50 -18.76
C PRO H 29 18.32 43.15 -19.14
N LYS H 30 17.28 42.33 -19.17
CA LYS H 30 15.92 42.82 -19.37
C LYS H 30 15.42 43.47 -18.10
N VAL H 31 14.95 44.71 -18.20
CA VAL H 31 14.56 45.49 -17.04
C VAL H 31 13.09 45.87 -17.15
N ASN H 32 12.54 46.36 -16.04
CA ASN H 32 11.16 46.80 -15.97
C ASN H 32 11.07 47.81 -14.84
N PRO H 33 10.99 49.11 -15.16
CA PRO H 33 10.94 50.12 -14.11
C PRO H 33 9.62 50.15 -13.34
N THR H 34 8.57 49.54 -13.88
CA THR H 34 7.24 49.55 -13.29
C THR H 34 6.71 48.13 -13.21
N PRO H 35 7.13 47.36 -12.22
CA PRO H 35 6.75 45.95 -12.14
C PRO H 35 5.42 45.75 -11.42
N THR H 36 4.97 44.50 -11.41
CA THR H 36 3.74 44.12 -10.72
C THR H 36 3.99 44.08 -9.21
N TRP H 37 2.93 43.85 -8.44
CA TRP H 37 3.03 43.88 -6.99
C TRP H 37 1.80 43.21 -6.38
N VAL H 38 2.03 42.13 -5.62
CA VAL H 38 0.96 41.46 -4.89
C VAL H 38 0.81 42.13 -3.53
N ARG H 39 -0.43 42.47 -3.17
CA ARG H 39 -0.68 43.24 -1.96
C ARG H 39 -1.97 42.78 -1.29
N ALA H 40 -2.11 43.15 -0.02
CA ALA H 40 -3.37 43.08 0.71
C ALA H 40 -3.65 44.47 1.22
N ILE H 41 -4.68 45.11 0.67
CA ILE H 41 -4.93 46.53 0.89
C ILE H 41 -5.91 46.69 2.05
N PRO H 42 -5.52 47.31 3.16
CA PRO H 42 -6.48 47.55 4.24
C PRO H 42 -7.13 48.92 4.15
N PHE H 43 -8.46 48.96 4.13
CA PHE H 43 -9.18 50.23 4.13
C PHE H 43 -10.57 49.98 4.70
N GLU H 44 -11.24 51.07 5.06
CA GLU H 44 -12.54 51.00 5.70
C GLU H 44 -13.58 51.71 4.85
N VAL H 45 -14.84 51.29 5.00
CA VAL H 45 -15.96 51.91 4.32
C VAL H 45 -17.06 52.17 5.35
N SER H 46 -17.82 53.22 5.11
CA SER H 46 -18.98 53.54 5.96
C SER H 46 -20.23 52.94 5.35
N VAL H 47 -21.02 52.27 6.18
N VAL H 47 -21.02 52.26 6.17
CA VAL H 47 -22.22 51.55 5.76
CA VAL H 47 -22.23 51.59 5.71
C VAL H 47 -23.39 52.02 6.60
C VAL H 47 -23.39 52.02 6.59
N GLN H 48 -24.56 52.11 5.98
CA GLN H 48 -25.79 52.49 6.66
C GLN H 48 -26.61 51.23 6.97
N SER H 49 -27.59 51.41 7.86
CA SER H 49 -28.43 50.29 8.28
CA SER H 49 -28.43 50.29 8.28
C SER H 49 -29.41 49.93 7.17
N GLY H 50 -29.43 48.65 6.79
CA GLY H 50 -30.36 48.15 5.80
C GLY H 50 -30.08 48.57 4.37
N ILE H 51 -28.95 49.21 4.10
CA ILE H 51 -28.62 49.68 2.75
C ILE H 51 -27.29 49.06 2.34
N ALA H 52 -27.28 48.41 1.18
CA ALA H 52 -26.06 47.81 0.66
C ALA H 52 -25.15 48.88 0.08
N PHE H 53 -23.85 48.74 0.33
CA PHE H 53 -22.84 49.69 -0.11
C PHE H 53 -21.94 49.03 -1.14
N LYS H 54 -21.81 49.64 -2.31
CA LYS H 54 -20.94 49.15 -3.36
C LYS H 54 -19.53 49.68 -3.14
N VAL H 55 -18.59 48.79 -2.86
CA VAL H 55 -17.19 49.19 -2.65
C VAL H 55 -16.53 49.37 -4.00
N PRO H 56 -16.03 50.56 -4.32
CA PRO H 56 -15.39 50.78 -5.63
C PRO H 56 -13.96 50.26 -5.65
N VAL H 57 -13.54 49.83 -6.84
CA VAL H 57 -12.17 49.38 -7.02
C VAL H 57 -11.21 50.55 -6.86
N GLY H 58 -11.66 51.78 -7.15
CA GLY H 58 -10.82 52.95 -7.06
C GLY H 58 -10.26 53.21 -5.67
N SER H 59 -10.85 52.60 -4.64
N SER H 59 -10.85 52.60 -4.64
CA SER H 59 -10.33 52.75 -3.28
CA SER H 59 -10.32 52.76 -3.29
C SER H 59 -8.97 52.08 -3.11
C SER H 59 -8.97 52.09 -3.13
N LEU H 60 -8.60 51.17 -4.01
CA LEU H 60 -7.33 50.47 -3.92
C LEU H 60 -6.16 51.29 -4.45
N PHE H 61 -6.42 52.23 -5.35
CA PHE H 61 -5.36 53.07 -5.92
C PHE H 61 -5.22 54.33 -5.07
N SER H 62 -4.15 54.39 -4.27
CA SER H 62 -3.92 55.55 -3.42
C SER H 62 -2.43 55.60 -3.05
N ALA H 63 -1.96 56.81 -2.78
CA ALA H 63 -0.60 56.98 -2.28
C ALA H 63 -0.45 56.44 -0.86
N ASN H 64 -1.56 56.30 -0.13
CA ASN H 64 -1.51 55.72 1.21
C ASN H 64 -1.24 54.22 1.18
N PHE H 65 -1.26 53.60 0.00
CA PHE H 65 -0.89 52.20 -0.15
C PHE H 65 0.25 52.02 -1.15
N ARG H 66 0.91 53.11 -1.54
CA ARG H 66 1.99 53.12 -2.53
C ARG H 66 1.51 52.66 -3.91
N THR H 67 0.20 52.71 -4.18
CA THR H 67 -0.37 52.17 -5.40
C THR H 67 -0.98 53.24 -6.29
N ASP H 68 -0.62 54.50 -6.10
CA ASP H 68 -1.16 55.56 -6.94
C ASP H 68 -0.64 55.48 -8.37
N SER H 69 0.42 54.70 -8.62
CA SER H 69 0.99 54.56 -9.96
C SER H 69 0.26 53.54 -10.81
N PHE H 70 -0.65 52.75 -10.24
CA PHE H 70 -1.35 51.70 -10.96
C PHE H 70 -2.70 52.19 -11.46
N THR H 71 -3.16 51.59 -12.56
CA THR H 71 -4.47 51.88 -13.11
C THR H 71 -5.38 50.66 -13.17
N SER H 72 -4.84 49.45 -13.01
CA SER H 72 -5.64 48.23 -13.00
C SER H 72 -5.17 47.33 -11.88
N VAL H 73 -6.03 46.40 -11.48
CA VAL H 73 -5.72 45.49 -10.39
C VAL H 73 -6.56 44.23 -10.56
N THR H 74 -5.97 43.09 -10.19
CA THR H 74 -6.61 41.79 -10.28
C THR H 74 -6.94 41.30 -8.88
N VAL H 75 -8.22 41.35 -8.52
CA VAL H 75 -8.66 40.98 -7.18
C VAL H 75 -8.67 39.46 -7.05
N MET H 76 -8.04 38.94 -6.00
CA MET H 76 -8.00 37.51 -5.74
CA MET H 76 -8.00 37.51 -5.75
C MET H 76 -9.00 37.08 -4.67
N SER H 77 -9.05 37.80 -3.55
CA SER H 77 -9.96 37.46 -2.47
C SER H 77 -10.35 38.72 -1.72
N VAL H 78 -11.47 38.65 -1.01
CA VAL H 78 -12.02 39.77 -0.25
C VAL H 78 -12.37 39.28 1.15
N ARG H 79 -11.92 40.00 2.18
CA ARG H 79 -12.24 39.70 3.56
CA ARG H 79 -12.23 39.70 3.56
C ARG H 79 -12.80 40.95 4.23
N ALA H 80 -13.82 40.76 5.06
CA ALA H 80 -14.52 41.86 5.70
C ALA H 80 -14.61 41.67 7.20
N TRP H 81 -14.39 42.75 7.95
CA TRP H 81 -14.56 42.79 9.40
C TRP H 81 -15.38 44.01 9.79
N THR H 82 -16.20 43.85 10.81
CA THR H 82 -16.90 45.01 11.38
C THR H 82 -15.90 45.88 12.12
N GLN H 83 -16.03 47.20 11.95
CA GLN H 83 -15.06 48.13 12.50
C GLN H 83 -15.56 48.86 13.74
N LEU H 84 -16.86 48.98 13.94
CA LEU H 84 -17.43 49.65 15.11
C LEU H 84 -18.36 48.68 15.85
N THR H 85 -18.95 49.18 16.93
CA THR H 85 -19.81 48.34 17.76
C THR H 85 -21.21 48.23 17.15
N PRO H 86 -21.88 47.09 17.34
CA PRO H 86 -23.22 46.91 16.78
C PRO H 86 -24.26 47.66 17.59
N PRO H 87 -25.51 47.69 17.12
CA PRO H 87 -26.58 48.29 17.94
C PRO H 87 -26.77 47.54 19.24
N VAL H 88 -27.45 48.20 20.18
CA VAL H 88 -27.70 47.59 21.48
C VAL H 88 -28.56 46.34 21.30
N ASN H 89 -28.26 45.31 22.09
CA ASN H 89 -28.91 44.01 22.16
C ASN H 89 -28.57 43.12 20.97
N GLU H 90 -27.87 43.61 19.95
CA GLU H 90 -27.60 42.83 18.75
C GLU H 90 -26.16 42.33 18.72
N TYR H 91 -25.96 41.24 17.98
CA TYR H 91 -24.62 40.77 17.64
C TYR H 91 -24.21 41.33 16.28
N SER H 92 -22.90 41.42 16.06
CA SER H 92 -22.39 41.97 14.82
C SER H 92 -22.53 40.97 13.68
N PHE H 93 -22.80 41.49 12.48
CA PHE H 93 -22.83 40.66 11.30
C PHE H 93 -22.38 41.49 10.10
N VAL H 94 -21.96 40.80 9.05
CA VAL H 94 -21.53 41.46 7.82
C VAL H 94 -21.80 40.52 6.66
N ARG H 95 -22.29 41.08 5.55
CA ARG H 95 -22.58 40.32 4.34
C ARG H 95 -21.76 40.86 3.18
N LEU H 96 -21.39 39.97 2.27
CA LEU H 96 -20.63 40.31 1.07
C LEU H 96 -21.31 39.71 -0.15
N LYS H 97 -21.52 40.53 -1.17
CA LYS H 97 -22.11 40.08 -2.42
C LYS H 97 -21.15 40.38 -3.57
N PRO H 98 -20.51 39.35 -4.15
CA PRO H 98 -19.52 39.61 -5.21
C PRO H 98 -20.15 40.24 -6.44
N LEU H 99 -19.45 41.20 -7.02
CA LEU H 99 -19.86 41.88 -8.24
C LEU H 99 -18.81 41.68 -9.32
N PHE H 100 -19.26 41.49 -10.55
CA PHE H 100 -18.37 41.28 -11.69
C PHE H 100 -18.91 42.01 -12.91
N LYS H 101 -17.99 42.49 -13.74
CA LYS H 101 -18.41 43.21 -14.95
CA LYS H 101 -18.40 43.20 -14.96
C LYS H 101 -19.16 42.28 -15.91
N THR H 102 -18.80 41.00 -15.94
CA THR H 102 -19.48 40.05 -16.80
C THR H 102 -20.81 39.57 -16.23
N GLY H 103 -21.13 39.94 -14.98
CA GLY H 103 -22.36 39.50 -14.35
C GLY H 103 -22.24 39.41 -12.84
N ASP H 104 -23.07 40.15 -12.14
CA ASP H 104 -23.00 40.17 -10.68
C ASP H 104 -23.60 38.90 -10.10
N SER H 105 -23.04 38.47 -8.97
CA SER H 105 -23.51 37.29 -8.26
CA SER H 105 -23.52 37.29 -8.27
C SER H 105 -24.57 37.67 -7.23
N THR H 106 -25.34 36.67 -6.82
CA THR H 106 -26.39 36.87 -5.82
C THR H 106 -26.06 36.22 -4.48
N GLU H 107 -24.85 35.69 -4.32
CA GLU H 107 -24.46 35.11 -3.04
C GLU H 107 -24.34 36.18 -1.97
N GLU H 108 -24.77 35.84 -0.76
CA GLU H 108 -24.69 36.73 0.40
C GLU H 108 -23.91 36.02 1.50
N PHE H 109 -22.60 35.91 1.32
CA PHE H 109 -21.74 35.31 2.33
C PHE H 109 -21.81 36.12 3.61
N GLU H 110 -22.33 35.50 4.67
CA GLU H 110 -22.61 36.21 5.91
C GLU H 110 -21.82 35.56 7.05
N GLY H 111 -21.26 36.40 7.90
CA GLY H 111 -20.65 35.94 9.13
C GLY H 111 -21.20 36.74 10.30
N ARG H 112 -21.37 36.06 11.43
CA ARG H 112 -21.92 36.69 12.63
C ARG H 112 -20.99 36.44 13.81
N ALA H 113 -20.91 37.43 14.69
CA ALA H 113 -20.12 37.30 15.90
C ALA H 113 -20.89 36.53 16.97
N SER H 114 -20.19 35.68 17.70
CA SER H 114 -20.78 34.95 18.80
C SER H 114 -20.58 35.63 20.14
N ASN H 115 -19.88 36.76 20.16
CA ASN H 115 -19.76 37.62 21.33
C ASN H 115 -20.10 39.04 20.91
N ILE H 116 -20.90 39.72 21.73
CA ILE H 116 -21.36 41.06 21.37
C ILE H 116 -20.21 42.05 21.31
N ASN H 117 -19.07 41.73 21.92
CA ASN H 117 -17.91 42.61 21.96
C ASN H 117 -16.83 42.20 20.96
N THR H 118 -17.14 41.31 20.02
CA THR H 118 -16.18 40.81 19.05
CA THR H 118 -16.18 40.82 19.05
C THR H 118 -16.65 41.12 17.63
N ARG H 119 -15.69 41.28 16.72
CA ARG H 119 -16.00 41.55 15.33
C ARG H 119 -16.63 40.35 14.66
N ALA H 120 -17.46 40.62 13.65
CA ALA H 120 -17.98 39.59 12.76
C ALA H 120 -17.21 39.63 11.44
N SER H 121 -16.86 38.45 10.93
CA SER H 121 -15.99 38.37 9.78
C SER H 121 -16.51 37.34 8.79
N VAL H 122 -16.24 37.61 7.50
CA VAL H 122 -16.53 36.67 6.43
C VAL H 122 -15.71 37.10 5.22
N GLY H 123 -15.50 36.17 4.29
CA GLY H 123 -14.73 36.48 3.11
C GLY H 123 -15.08 35.54 1.97
N TYR H 124 -14.68 35.95 0.76
CA TYR H 124 -14.93 35.14 -0.42
C TYR H 124 -13.74 35.20 -1.37
N ARG H 125 -13.47 34.08 -2.02
CA ARG H 125 -12.35 33.91 -2.94
C ARG H 125 -12.87 33.93 -4.37
N ILE H 126 -12.21 34.69 -5.23
CA ILE H 126 -12.58 34.77 -6.64
C ILE H 126 -11.83 33.70 -7.42
N PRO H 127 -12.51 32.86 -8.18
CA PRO H 127 -11.83 31.78 -8.91
C PRO H 127 -10.94 32.34 -10.02
N THR H 128 -10.10 31.46 -10.57
CA THR H 128 -9.15 31.87 -11.60
CA THR H 128 -9.16 31.88 -11.59
C THR H 128 -9.86 32.35 -12.87
N ASN H 129 -11.04 31.79 -13.17
CA ASN H 129 -11.74 32.18 -14.38
C ASN H 129 -12.43 33.53 -14.28
N LEU H 130 -12.47 34.14 -13.09
CA LEU H 130 -13.05 35.47 -12.91
C LEU H 130 -12.02 36.48 -12.41
N ARG H 131 -10.73 36.18 -12.57
CA ARG H 131 -9.68 37.09 -12.14
C ARG H 131 -9.19 37.91 -13.32
N GLN H 132 -10.07 38.80 -13.79
CA GLN H 132 -9.70 39.76 -14.81
C GLN H 132 -9.29 41.08 -14.16
N ASN H 133 -8.88 42.04 -14.98
CA ASN H 133 -8.52 43.35 -14.47
C ASN H 133 -9.78 44.16 -14.15
N THR H 134 -9.65 45.07 -13.20
CA THR H 134 -10.72 45.99 -12.82
C THR H 134 -10.13 47.37 -12.61
N VAL H 135 -10.80 48.38 -13.16
CA VAL H 135 -10.32 49.75 -13.06
C VAL H 135 -11.07 50.48 -11.95
N ALA H 136 -10.77 51.76 -11.77
CA ALA H 136 -11.30 52.51 -10.63
C ALA H 136 -12.82 52.62 -10.68
N ALA H 137 -13.41 52.66 -11.89
CA ALA H 137 -14.85 52.82 -12.00
C ALA H 137 -15.61 51.56 -11.62
N ASP H 138 -14.95 50.42 -11.56
CA ASP H 138 -15.62 49.16 -11.26
C ASP H 138 -15.87 49.02 -9.76
N ASN H 139 -16.71 48.05 -9.41
CA ASN H 139 -16.99 47.69 -8.03
C ASN H 139 -16.46 46.30 -7.73
N VAL H 140 -16.19 46.05 -6.46
N VAL H 140 -16.22 46.02 -6.46
CA VAL H 140 -15.70 44.76 -5.98
CA VAL H 140 -15.72 44.72 -6.03
C VAL H 140 -16.84 43.92 -5.42
C VAL H 140 -16.80 43.88 -5.36
N CYS H 141 -17.61 44.48 -4.49
CA CYS H 141 -18.67 43.74 -3.81
C CYS H 141 -19.64 44.73 -3.18
N GLU H 142 -20.81 44.21 -2.82
CA GLU H 142 -21.77 44.93 -1.99
C GLU H 142 -21.61 44.46 -0.55
N VAL H 143 -21.57 45.42 0.38
CA VAL H 143 -21.36 45.15 1.79
CA VAL H 143 -21.36 45.13 1.79
C VAL H 143 -22.60 45.56 2.57
N ARG H 144 -23.07 44.68 3.45
CA ARG H 144 -24.18 44.97 4.35
C ARG H 144 -23.74 44.67 5.78
N SER H 145 -24.25 45.46 6.72
CA SER H 145 -23.87 45.28 8.11
C SER H 145 -24.79 46.11 8.99
N ASN H 146 -24.87 45.71 10.27
CA ASN H 146 -25.54 46.51 11.28
C ASN H 146 -24.58 47.45 12.01
N CYS H 147 -23.27 47.30 11.79
CA CYS H 147 -22.29 48.25 12.26
C CYS H 147 -22.16 49.39 11.25
N ARG H 148 -21.70 50.55 11.73
CA ARG H 148 -21.62 51.72 10.87
C ARG H 148 -20.35 51.77 10.05
N GLN H 149 -19.40 50.87 10.28
N GLN H 149 -19.41 50.85 10.25
CA GLN H 149 -18.15 50.82 9.52
CA GLN H 149 -18.17 50.84 9.49
C GLN H 149 -17.73 49.38 9.33
C GLN H 149 -17.67 49.41 9.35
N VAL H 150 -17.14 49.10 8.17
CA VAL H 150 -16.63 47.77 7.85
C VAL H 150 -15.17 47.92 7.42
N ALA H 151 -14.30 47.07 7.95
CA ALA H 151 -12.89 47.07 7.60
C ALA H 151 -12.64 45.97 6.58
N LEU H 152 -12.08 46.35 5.43
CA LEU H 152 -11.81 45.43 4.34
CA LEU H 152 -11.81 45.43 4.34
C LEU H 152 -10.31 45.18 4.21
N VAL H 153 -9.97 43.97 3.79
CA VAL H 153 -8.60 43.58 3.48
C VAL H 153 -8.67 42.80 2.17
N ILE H 154 -8.27 43.43 1.08
CA ILE H 154 -8.45 42.87 -0.26
C ILE H 154 -7.10 42.39 -0.78
N SER H 155 -6.99 41.09 -1.01
CA SER H 155 -5.80 40.53 -1.63
CA SER H 155 -5.80 40.53 -1.63
C SER H 155 -5.91 40.66 -3.15
N CYS H 156 -4.88 41.26 -3.76
CA CYS H 156 -4.94 41.52 -5.19
C CYS H 156 -3.53 41.67 -5.73
N CYS H 157 -3.43 41.68 -7.06
N CYS H 157 -3.43 41.70 -7.05
CA CYS H 157 -2.19 41.88 -7.77
CA CYS H 157 -2.15 41.87 -7.73
C CYS H 157 -2.30 43.14 -8.60
C CYS H 157 -2.24 43.11 -8.62
N PHE H 158 -1.47 44.13 -8.28
CA PHE H 158 -1.46 45.38 -9.03
C PHE H 158 -0.59 45.23 -10.28
N ASN H 159 -1.13 45.62 -11.43
CA ASN H 159 -0.40 45.55 -12.68
C ASN H 159 -0.74 46.74 -13.56
N ASN I 16 25.23 16.90 47.28
CA ASN I 16 26.23 17.89 46.92
C ASN I 16 26.96 18.38 48.16
N SER I 17 28.00 19.20 47.97
CA SER I 17 28.85 19.61 49.07
C SER I 17 28.07 20.43 50.09
N ASN I 18 28.35 20.20 51.37
N ASN I 18 28.36 20.19 51.37
CA ASN I 18 27.68 20.90 52.45
CA ASN I 18 27.69 20.88 52.46
C ASN I 18 28.56 21.91 53.16
C ASN I 18 28.55 21.94 53.12
N VAL I 19 29.82 22.07 52.74
CA VAL I 19 30.75 23.04 53.31
C VAL I 19 31.54 23.68 52.19
N VAL I 20 32.38 24.66 52.56
CA VAL I 20 33.19 25.36 51.57
C VAL I 20 34.34 24.48 51.12
N THR I 21 34.62 24.50 49.82
CA THR I 21 35.72 23.75 49.24
C THR I 21 36.68 24.72 48.56
N MET I 22 37.96 24.36 48.58
CA MET I 22 38.98 25.24 48.03
CA MET I 22 39.00 25.23 48.04
C MET I 22 38.97 25.24 46.51
N ILE I 23 39.17 26.44 45.94
CA ILE I 23 39.30 26.61 44.50
C ILE I 23 40.78 26.80 44.19
N ARG I 24 41.30 25.99 43.26
CA ARG I 24 42.70 26.09 42.88
C ARG I 24 42.82 27.06 41.71
N ALA I 25 42.75 28.35 42.04
CA ALA I 25 42.80 29.40 41.03
C ALA I 25 44.23 29.58 40.52
N GLY I 26 44.34 30.04 39.28
CA GLY I 26 45.63 30.26 38.67
C GLY I 26 45.98 31.72 38.51
N SER I 27 46.37 32.12 37.31
CA SER I 27 46.75 33.50 37.05
CA SER I 27 46.75 33.50 37.05
C SER I 27 45.51 34.41 37.14
N TYR I 28 45.77 35.71 37.21
CA TYR I 28 44.69 36.67 37.26
C TYR I 28 43.98 36.72 35.91
N PRO I 29 42.67 36.55 35.87
CA PRO I 29 41.97 36.42 34.59
C PRO I 29 41.60 37.77 33.99
N LYS I 30 41.14 37.72 32.75
CA LYS I 30 40.61 38.92 32.10
C LYS I 30 39.28 39.29 32.73
N VAL I 31 39.16 40.56 33.14
CA VAL I 31 38.01 41.02 33.91
C VAL I 31 37.36 42.21 33.22
N ASN I 32 36.11 42.46 33.59
CA ASN I 32 35.34 43.61 33.12
C ASN I 32 34.33 44.01 34.17
N PRO I 33 34.45 45.21 34.76
CA PRO I 33 33.50 45.60 35.81
C PRO I 33 32.20 46.17 35.29
N THR I 34 32.15 46.61 34.03
CA THR I 34 30.96 47.20 33.43
C THR I 34 30.64 46.45 32.13
N PRO I 35 30.00 45.28 32.24
CA PRO I 35 29.75 44.48 31.03
C PRO I 35 28.46 44.86 30.32
N THR I 36 28.18 44.19 29.21
CA THR I 36 26.96 44.41 28.45
C THR I 36 25.78 43.70 29.12
N TRP I 37 24.60 43.84 28.52
CA TRP I 37 23.38 43.29 29.11
C TRP I 37 22.25 43.28 28.09
N VAL I 38 21.70 42.11 27.80
CA VAL I 38 20.53 42.00 26.93
C VAL I 38 19.28 42.03 27.81
N ARG I 39 18.36 42.93 27.50
CA ARG I 39 17.20 43.17 28.33
C ARG I 39 15.97 43.42 27.46
N ALA I 40 14.79 43.24 28.07
CA ALA I 40 13.54 43.72 27.52
C ALA I 40 12.97 44.74 28.51
N ILE I 41 12.83 45.98 28.06
CA ILE I 41 12.51 47.09 28.93
C ILE I 41 11.05 47.46 28.76
N PRO I 42 10.22 47.41 29.80
CA PRO I 42 8.83 47.85 29.67
C PRO I 42 8.62 49.26 30.19
N PHE I 43 7.96 50.09 29.37
CA PHE I 43 7.60 51.44 29.80
C PHE I 43 6.42 51.91 28.96
N GLU I 44 5.80 53.01 29.38
CA GLU I 44 4.57 53.50 28.80
C GLU I 44 4.75 54.93 28.29
N VAL I 45 4.01 55.27 27.25
CA VAL I 45 4.04 56.60 26.64
C VAL I 45 2.61 57.12 26.51
N SER I 46 2.46 58.44 26.61
CA SER I 46 1.17 59.09 26.47
C SER I 46 0.99 59.55 25.03
N VAL I 47 -0.12 59.13 24.42
CA VAL I 47 -0.40 59.40 23.02
C VAL I 47 -1.68 60.22 22.91
N GLN I 48 -1.68 61.18 21.99
CA GLN I 48 -2.87 61.97 21.67
C GLN I 48 -3.52 61.42 20.40
N SER I 49 -4.80 61.77 20.21
CA SER I 49 -5.55 61.27 19.07
CA SER I 49 -5.55 61.27 19.07
CA SER I 49 -5.55 61.27 19.07
C SER I 49 -5.07 61.95 17.79
N GLY I 50 -4.83 61.13 16.76
CA GLY I 50 -4.42 61.62 15.46
C GLY I 50 -3.05 62.27 15.39
N ILE I 51 -2.23 62.11 16.42
CA ILE I 51 -0.91 62.73 16.48
C ILE I 51 0.13 61.66 16.75
N ALA I 52 1.19 61.63 15.95
CA ALA I 52 2.25 60.66 16.11
C ALA I 52 3.20 61.08 17.22
N PHE I 53 3.62 60.13 18.04
CA PHE I 53 4.51 60.38 19.16
C PHE I 53 5.84 59.66 18.91
N LYS I 54 6.93 60.42 18.91
CA LYS I 54 8.25 59.85 18.76
C LYS I 54 8.74 59.31 20.10
N VAL I 55 9.25 58.08 20.10
CA VAL I 55 9.72 57.43 21.31
C VAL I 55 11.21 57.72 21.45
N PRO I 56 11.64 58.45 22.49
CA PRO I 56 13.07 58.74 22.64
C PRO I 56 13.84 57.56 23.20
N VAL I 57 15.06 57.39 22.70
CA VAL I 57 15.95 56.34 23.19
C VAL I 57 16.33 56.60 24.65
N GLY I 58 16.32 57.87 25.06
CA GLY I 58 16.65 58.21 26.43
C GLY I 58 15.73 57.60 27.46
N SER I 59 14.53 57.16 27.05
N SER I 59 14.54 57.16 27.05
CA SER I 59 13.61 56.52 27.98
CA SER I 59 13.62 56.51 27.98
C SER I 59 14.09 55.14 28.41
C SER I 59 14.16 55.18 28.49
N LEU I 60 15.13 54.58 27.79
CA LEU I 60 15.66 53.29 28.18
C LEU I 60 16.73 53.39 29.27
N PHE I 61 17.34 54.56 29.44
CA PHE I 61 18.37 54.76 30.46
C PHE I 61 17.71 55.34 31.70
N SER I 62 17.59 54.52 32.74
CA SER I 62 16.92 54.94 33.97
C SER I 62 17.31 54.02 35.10
N ALA I 63 17.30 54.58 36.32
CA ALA I 63 17.52 53.75 37.50
C ALA I 63 16.37 52.79 37.77
N ASN I 64 15.21 53.02 37.15
CA ASN I 64 14.08 52.11 37.27
C ASN I 64 14.29 50.83 36.46
N PHE I 65 15.28 50.80 35.58
CA PHE I 65 15.61 49.60 34.82
C PHE I 65 17.03 49.11 35.11
N ARG I 66 17.70 49.69 36.10
CA ARG I 66 19.09 49.39 36.42
C ARG I 66 20.02 49.71 35.24
N THR I 67 19.61 50.64 34.38
CA THR I 67 20.36 50.96 33.16
C THR I 67 20.77 52.43 33.10
N ASP I 68 20.88 53.09 34.26
CA ASP I 68 21.35 54.46 34.28
C ASP I 68 22.85 54.59 34.06
N SER I 69 23.58 53.47 34.10
CA SER I 69 25.02 53.49 33.88
C SER I 69 25.40 53.38 32.41
N PHE I 70 24.46 53.00 31.54
CA PHE I 70 24.71 52.91 30.12
C PHE I 70 24.43 54.25 29.44
N THR I 71 25.07 54.45 28.29
CA THR I 71 24.83 55.62 27.47
C THR I 71 24.37 55.29 26.06
N SER I 72 24.72 54.12 25.54
CA SER I 72 24.29 53.67 24.22
C SER I 72 23.46 52.41 24.38
N VAL I 73 22.79 52.02 23.30
CA VAL I 73 21.96 50.82 23.31
C VAL I 73 21.72 50.38 21.88
N THR I 74 21.67 49.06 21.69
CA THR I 74 21.44 48.44 20.38
C THR I 74 20.04 47.83 20.40
N VAL I 75 19.12 48.45 19.68
CA VAL I 75 17.73 48.00 19.66
C VAL I 75 17.58 46.84 18.69
N MET I 76 16.93 45.76 19.14
CA MET I 76 16.72 44.58 18.31
CA MET I 76 16.72 44.58 18.31
C MET I 76 15.28 44.41 17.86
N SER I 77 14.30 44.70 18.73
CA SER I 77 12.91 44.58 18.35
C SER I 77 12.06 45.44 19.26
N VAL I 78 10.89 45.85 18.75
CA VAL I 78 9.98 46.74 19.45
C VAL I 78 8.58 46.16 19.38
N ARG I 79 7.91 46.06 20.53
CA ARG I 79 6.55 45.56 20.62
CA ARG I 79 6.55 45.55 20.62
C ARG I 79 5.70 46.55 21.39
N ALA I 80 4.51 46.84 20.88
CA ALA I 80 3.61 47.82 21.46
C ALA I 80 2.27 47.21 21.83
N TRP I 81 1.69 47.67 22.93
CA TRP I 81 0.35 47.31 23.36
C TRP I 81 -0.42 48.57 23.74
N THR I 82 -1.72 48.59 23.46
CA THR I 82 -2.56 49.66 23.95
C THR I 82 -2.75 49.52 25.46
N GLN I 83 -2.53 50.60 26.20
CA GLN I 83 -2.52 50.56 27.65
C GLN I 83 -3.85 50.96 28.29
N LEU I 84 -4.66 51.77 27.62
CA LEU I 84 -5.96 52.20 28.13
C LEU I 84 -7.06 51.74 27.18
N THR I 85 -8.30 52.03 27.55
CA THR I 85 -9.44 51.65 26.73
C THR I 85 -9.57 52.57 25.53
N PRO I 86 -10.06 52.06 24.41
CA PRO I 86 -10.27 52.90 23.23
C PRO I 86 -11.48 53.80 23.41
N PRO I 87 -11.70 54.75 22.52
CA PRO I 87 -12.92 55.57 22.59
C PRO I 87 -14.16 54.70 22.43
N VAL I 88 -15.30 55.30 22.74
CA VAL I 88 -16.56 54.56 22.70
C VAL I 88 -16.86 54.15 21.26
N ASN I 89 -17.38 52.94 21.10
CA ASN I 89 -17.81 52.30 19.85
C ASN I 89 -16.63 51.81 19.01
N GLU I 90 -15.39 51.99 19.45
CA GLU I 90 -14.23 51.67 18.63
C GLU I 90 -13.45 50.50 19.21
N TYR I 91 -12.69 49.85 18.34
CA TYR I 91 -11.71 48.85 18.73
C TYR I 91 -10.33 49.50 18.80
N SER I 92 -9.50 48.99 19.71
CA SER I 92 -8.16 49.56 19.88
C SER I 92 -7.28 49.23 18.68
N PHE I 93 -6.41 50.17 18.34
CA PHE I 93 -5.39 49.93 17.31
C PHE I 93 -4.12 50.66 17.70
N VAL I 94 -3.02 50.25 17.06
CA VAL I 94 -1.73 50.88 17.29
C VAL I 94 -0.88 50.73 16.02
N ARG I 95 -0.18 51.79 15.65
CA ARG I 95 0.70 51.79 14.49
C ARG I 95 2.11 52.14 14.91
N LEU I 96 3.09 51.50 14.26
CA LEU I 96 4.50 51.72 14.55
C LEU I 96 5.24 52.02 13.26
N LYS I 97 6.01 53.11 13.26
CA LYS I 97 6.86 53.47 12.13
C LYS I 97 8.31 53.52 12.58
N PRO I 98 9.16 52.58 12.15
CA PRO I 98 10.55 52.57 12.60
C PRO I 98 11.30 53.82 12.16
N LEU I 99 12.08 54.38 13.07
CA LEU I 99 12.90 55.55 12.82
C LEU I 99 14.37 55.19 12.98
N PHE I 100 15.20 55.65 12.05
CA PHE I 100 16.62 55.38 12.06
C PHE I 100 17.40 56.65 11.79
N LYS I 101 18.60 56.73 12.35
CA LYS I 101 19.44 57.91 12.15
C LYS I 101 19.89 58.02 10.71
N THR I 102 20.15 56.89 10.05
CA THR I 102 20.61 56.90 8.67
C THR I 102 19.49 57.18 7.67
N GLY I 103 18.23 56.99 8.08
CA GLY I 103 17.10 57.19 7.20
C GLY I 103 15.83 56.55 7.72
N ASP I 104 14.78 57.34 7.88
CA ASP I 104 13.55 56.85 8.49
C ASP I 104 12.74 56.03 7.49
N SER I 105 12.01 55.06 8.03
CA SER I 105 11.15 54.20 7.24
CA SER I 105 11.16 54.21 7.22
C SER I 105 9.74 54.78 7.14
N THR I 106 8.99 54.30 6.16
CA THR I 106 7.61 54.72 5.98
C THR I 106 6.61 53.59 6.25
N GLU I 107 7.07 52.48 6.81
CA GLU I 107 6.17 51.39 7.15
C GLU I 107 5.32 51.76 8.35
N GLU I 108 4.05 51.40 8.31
CA GLU I 108 3.11 51.64 9.41
C GLU I 108 2.54 50.29 9.84
N PHE I 109 3.35 49.50 10.54
CA PHE I 109 2.89 48.21 11.04
C PHE I 109 1.76 48.42 12.03
N GLU I 110 0.59 47.86 11.72
CA GLU I 110 -0.62 48.12 12.49
C GLU I 110 -1.20 46.82 13.03
N GLY I 111 -1.69 46.90 14.26
CA GLY I 111 -2.48 45.82 14.83
C GLY I 111 -3.77 46.37 15.39
N ARG I 112 -4.82 45.57 15.27
CA ARG I 112 -6.14 45.98 15.73
C ARG I 112 -6.73 44.92 16.65
N ALA I 113 -7.53 45.37 17.61
CA ALA I 113 -8.21 44.47 18.52
C ALA I 113 -9.51 43.98 17.88
N SER I 114 -9.75 42.67 17.98
CA SER I 114 -11.01 42.10 17.54
C SER I 114 -12.06 42.08 18.64
N ASN I 115 -11.66 42.31 19.90
CA ASN I 115 -12.57 42.51 21.01
C ASN I 115 -12.35 43.90 21.58
N ILE I 116 -13.44 44.60 21.87
CA ILE I 116 -13.33 45.99 22.32
C ILE I 116 -12.63 46.08 23.68
N ASN I 117 -12.72 45.02 24.49
CA ASN I 117 -12.13 45.01 25.81
C ASN I 117 -10.71 44.47 25.84
N THR I 118 -10.13 44.17 24.69
CA THR I 118 -8.80 43.58 24.59
CA THR I 118 -8.79 43.59 24.60
C THR I 118 -7.82 44.58 23.98
N ARG I 119 -6.56 44.47 24.39
CA ARG I 119 -5.51 45.32 23.85
C ARG I 119 -5.24 44.98 22.39
N ALA I 120 -4.79 45.99 21.64
CA ALA I 120 -4.26 45.79 20.30
C ALA I 120 -2.75 45.81 20.36
N SER I 121 -2.11 44.93 19.59
CA SER I 121 -0.67 44.80 19.67
C SER I 121 -0.07 44.66 18.28
N VAL I 122 1.19 45.05 18.16
CA VAL I 122 1.94 44.89 16.93
C VAL I 122 3.41 45.07 17.25
N GLY I 123 4.28 44.65 16.33
CA GLY I 123 5.71 44.80 16.55
C GLY I 123 6.49 44.70 15.27
N TYR I 124 7.78 45.03 15.36
CA TYR I 124 8.67 44.92 14.22
C TYR I 124 10.08 44.60 14.70
N ARG I 125 10.82 43.89 13.86
CA ARG I 125 12.18 43.46 14.14
C ARG I 125 13.16 44.28 13.29
N ILE I 126 14.24 44.73 13.92
CA ILE I 126 15.29 45.49 13.24
C ILE I 126 16.32 44.50 12.70
N PRO I 127 16.62 44.52 11.41
CA PRO I 127 17.60 43.59 10.85
C PRO I 127 19.00 43.86 11.37
N THR I 128 19.89 42.91 11.13
CA THR I 128 21.26 43.03 11.61
CA THR I 128 21.26 43.03 11.62
C THR I 128 21.97 44.22 10.97
N ASN I 129 21.68 44.51 9.71
CA ASN I 129 22.33 45.62 9.03
C ASN I 129 21.91 46.99 9.56
N LEU I 130 20.92 47.05 10.45
CA LEU I 130 20.48 48.30 11.04
C LEU I 130 20.62 48.33 12.55
N ARG I 131 21.38 47.40 13.13
CA ARG I 131 21.54 47.33 14.57
C ARG I 131 22.82 48.06 15.00
N GLN I 132 22.75 49.38 14.94
CA GLN I 132 23.79 50.25 15.44
C GLN I 132 23.36 50.84 16.79
N ASN I 133 24.31 51.49 17.45
CA ASN I 133 24.03 52.09 18.74
C ASN I 133 23.22 53.37 18.59
N THR I 134 22.48 53.70 19.64
CA THR I 134 21.71 54.94 19.70
C THR I 134 21.86 55.56 21.09
N VAL I 135 21.86 56.88 21.14
CA VAL I 135 22.03 57.61 22.39
C VAL I 135 20.70 58.21 22.82
N ALA I 136 20.70 58.92 23.95
CA ALA I 136 19.46 59.41 24.53
C ALA I 136 18.72 60.34 23.57
N ALA I 137 19.46 61.13 22.79
CA ALA I 137 18.82 62.08 21.89
C ALA I 137 18.04 61.40 20.79
N ASP I 138 18.41 60.18 20.43
CA ASP I 138 17.83 59.52 19.27
C ASP I 138 16.39 59.08 19.56
N ASN I 139 15.67 58.78 18.49
CA ASN I 139 14.31 58.26 18.54
C ASN I 139 14.28 56.83 18.04
N VAL I 140 13.31 56.06 18.55
CA VAL I 140 13.13 54.66 18.16
C VAL I 140 12.11 54.52 17.05
N CYS I 141 10.94 55.13 17.22
CA CYS I 141 9.84 54.95 16.28
C CYS I 141 8.77 55.99 16.59
N GLU I 142 7.76 56.03 15.73
CA GLU I 142 6.55 56.83 15.94
C GLU I 142 5.39 55.89 16.26
N VAL I 143 4.59 56.26 17.25
CA VAL I 143 3.46 55.45 17.71
CA VAL I 143 3.46 55.44 17.70
C VAL I 143 2.18 56.23 17.48
N ARG I 144 1.17 55.57 16.92
CA ARG I 144 -0.14 56.15 16.71
C ARG I 144 -1.18 55.19 17.28
N SER I 145 -2.17 55.73 17.97
CA SER I 145 -3.20 54.90 18.58
C SER I 145 -4.42 55.75 18.90
N ASN I 146 -5.59 55.11 18.89
CA ASN I 146 -6.79 55.75 19.38
C ASN I 146 -6.89 55.73 20.90
N CYS I 147 -6.01 54.98 21.57
CA CYS I 147 -5.96 54.96 23.02
C CYS I 147 -4.96 56.00 23.51
N ARG I 148 -5.17 56.47 24.75
CA ARG I 148 -4.37 57.56 25.29
C ARG I 148 -3.01 57.12 25.82
N GLN I 149 -2.81 55.83 26.04
CA GLN I 149 -1.54 55.32 26.54
CA GLN I 149 -1.54 55.32 26.54
C GLN I 149 -1.19 54.04 25.80
N VAL I 150 0.10 53.85 25.53
CA VAL I 150 0.60 52.68 24.82
C VAL I 150 1.78 52.11 25.62
N ALA I 151 1.70 50.83 25.93
CA ALA I 151 2.78 50.15 26.64
C ALA I 151 3.76 49.54 25.65
N LEU I 152 5.05 49.73 25.88
CA LEU I 152 6.09 49.26 25.00
C LEU I 152 6.98 48.25 25.73
N VAL I 153 7.49 47.28 24.97
CA VAL I 153 8.47 46.32 25.46
C VAL I 153 9.54 46.20 24.38
N ILE I 154 10.70 46.78 24.63
CA ILE I 154 11.76 46.89 23.65
C ILE I 154 12.88 45.92 24.03
N SER I 155 13.19 45.00 23.13
CA SER I 155 14.31 44.08 23.31
CA SER I 155 14.31 44.08 23.31
C SER I 155 15.57 44.74 22.76
N CYS I 156 16.56 44.93 23.63
CA CYS I 156 17.77 45.65 23.23
C CYS I 156 18.95 45.17 24.07
N CYS I 157 20.15 45.50 23.60
N CYS I 157 20.15 45.50 23.61
CA CYS I 157 21.39 45.18 24.27
CA CYS I 157 21.38 45.16 24.31
C CYS I 157 22.06 46.48 24.70
C CYS I 157 22.10 46.43 24.71
N PHE I 158 22.28 46.63 26.01
CA PHE I 158 22.95 47.82 26.53
C PHE I 158 24.46 47.61 26.49
N ASN I 159 25.17 48.67 26.11
CA ASN I 159 26.63 48.62 26.06
C ASN I 159 27.22 50.01 26.26
N ASN J 16 -12.97 -7.53 45.63
CA ASN J 16 -12.10 -7.24 46.76
C ASN J 16 -12.74 -7.74 48.06
N SER J 17 -11.98 -7.69 49.16
CA SER J 17 -12.43 -8.27 50.42
C SER J 17 -13.73 -7.61 50.88
N ASN J 18 -14.57 -8.41 51.54
CA ASN J 18 -15.89 -7.95 51.97
C ASN J 18 -16.05 -7.86 53.48
N VAL J 19 -15.10 -8.35 54.26
CA VAL J 19 -15.17 -8.28 55.72
C VAL J 19 -13.78 -7.99 56.29
N VAL J 20 -13.75 -7.77 57.60
CA VAL J 20 -12.50 -7.46 58.27
C VAL J 20 -11.54 -8.62 58.18
N THR J 21 -10.26 -8.32 57.97
CA THR J 21 -9.20 -9.31 57.87
C THR J 21 -8.14 -9.03 58.92
N MET J 22 -7.45 -10.07 59.34
CA MET J 22 -6.44 -9.93 60.38
CA MET J 22 -6.44 -9.95 60.38
C MET J 22 -5.12 -9.44 59.81
N ILE J 23 -4.51 -8.49 60.50
CA ILE J 23 -3.22 -7.92 60.13
C ILE J 23 -2.17 -8.47 61.10
N ARG J 24 -1.14 -9.11 60.56
CA ARG J 24 -0.06 -9.67 61.37
C ARG J 24 0.97 -8.58 61.64
N ALA J 25 0.67 -7.75 62.63
CA ALA J 25 1.54 -6.65 62.99
C ALA J 25 2.74 -7.14 63.79
N GLY J 26 3.81 -6.35 63.74
CA GLY J 26 5.04 -6.72 64.41
C GLY J 26 5.37 -5.78 65.56
N SER J 27 6.64 -5.41 65.67
CA SER J 27 7.08 -4.51 66.74
CA SER J 27 7.08 -4.51 66.74
C SER J 27 6.45 -3.14 66.58
N TYR J 28 6.50 -2.35 67.64
CA TYR J 28 5.91 -1.02 67.61
C TYR J 28 6.71 -0.13 66.67
N PRO J 29 6.09 0.50 65.68
CA PRO J 29 6.85 1.27 64.69
C PRO J 29 7.20 2.66 65.21
N LYS J 30 7.98 3.37 64.40
CA LYS J 30 8.28 4.77 64.69
C LYS J 30 7.09 5.63 64.29
N VAL J 31 6.68 6.52 65.19
CA VAL J 31 5.47 7.30 65.01
C VAL J 31 5.78 8.79 65.14
N ASN J 32 4.87 9.61 64.61
CA ASN J 32 4.94 11.07 64.71
C ASN J 32 3.54 11.63 64.70
N PRO J 33 3.03 12.10 65.85
CA PRO J 33 1.65 12.61 65.89
C PRO J 33 1.48 13.97 65.24
N THR J 34 2.57 14.68 64.95
CA THR J 34 2.53 16.03 64.39
C THR J 34 3.44 16.06 63.17
N PRO J 35 2.98 15.58 62.03
CA PRO J 35 3.85 15.51 60.84
C PRO J 35 3.90 16.82 60.06
N THR J 36 4.65 16.81 58.96
CA THR J 36 4.71 17.94 58.06
C THR J 36 3.56 17.89 57.06
N TRP J 37 3.45 18.91 56.22
CA TRP J 37 2.32 19.00 55.29
C TRP J 37 2.69 19.95 54.17
N VAL J 38 2.67 19.47 52.94
CA VAL J 38 2.81 20.32 51.77
C VAL J 38 1.44 20.81 51.36
N ARG J 39 1.29 22.12 51.20
CA ARG J 39 -0.03 22.71 50.98
C ARG J 39 0.10 23.90 50.04
N ALA J 40 -1.04 24.27 49.45
CA ALA J 40 -1.20 25.54 48.76
C ALA J 40 -2.30 26.31 49.46
N ILE J 41 -1.98 27.50 49.95
CA ILE J 41 -2.87 28.27 50.82
C ILE J 41 -3.48 29.39 49.98
N PRO J 42 -4.81 29.45 49.82
CA PRO J 42 -5.41 30.60 49.15
C PRO J 42 -5.95 31.63 50.13
N PHE J 43 -5.59 32.89 49.92
CA PHE J 43 -6.11 33.97 50.75
C PHE J 43 -5.98 35.27 49.97
N GLU J 44 -6.64 36.31 50.48
CA GLU J 44 -6.67 37.61 49.82
C GLU J 44 -6.06 38.66 50.74
N VAL J 45 -5.60 39.75 50.13
CA VAL J 45 -5.05 40.88 50.85
C VAL J 45 -5.64 42.16 50.28
N SER J 46 -5.86 43.15 51.15
CA SER J 46 -6.37 44.45 50.74
C SER J 46 -5.19 45.38 50.50
N VAL J 47 -5.16 45.97 49.30
N VAL J 47 -5.14 45.96 49.29
CA VAL J 47 -4.07 46.84 48.86
CA VAL J 47 -4.05 46.84 48.92
C VAL J 47 -4.64 48.21 48.50
C VAL J 47 -4.62 48.19 48.52
N GLN J 48 -3.84 49.24 48.75
CA GLN J 48 -4.20 50.60 48.40
C GLN J 48 -3.45 51.03 47.14
N SER J 49 -3.98 52.06 46.49
CA SER J 49 -3.38 52.54 45.25
CA SER J 49 -3.38 52.54 45.25
CA SER J 49 -3.38 52.54 45.25
C SER J 49 -2.06 53.25 45.53
N GLY J 50 -1.01 52.84 44.83
CA GLY J 50 0.30 53.45 44.96
C GLY J 50 1.08 53.10 46.22
N ILE J 51 0.58 52.19 47.05
CA ILE J 51 1.23 51.81 48.30
C ILE J 51 1.49 50.31 48.27
N ALA J 52 2.73 49.93 48.58
CA ALA J 52 3.09 48.51 48.65
C ALA J 52 2.60 47.91 49.97
N PHE J 53 2.12 46.68 49.90
CA PHE J 53 1.61 45.96 51.07
C PHE J 53 2.50 44.76 51.34
N LYS J 54 3.15 44.75 52.50
CA LYS J 54 3.94 43.61 52.93
C LYS J 54 3.01 42.51 53.41
N VAL J 55 3.05 41.36 52.74
CA VAL J 55 2.18 40.24 53.11
C VAL J 55 2.84 39.47 54.25
N PRO J 56 2.19 39.36 55.41
CA PRO J 56 2.81 38.65 56.52
C PRO J 56 2.74 37.14 56.37
N VAL J 57 3.75 36.47 56.93
CA VAL J 57 3.75 35.02 56.95
C VAL J 57 2.69 34.50 57.92
N GLY J 58 2.30 35.29 58.91
CA GLY J 58 1.28 34.89 59.86
C GLY J 58 -0.07 34.61 59.24
N SER J 59 -0.30 35.07 58.01
N SER J 59 -0.30 35.07 58.01
CA SER J 59 -1.55 34.79 57.32
CA SER J 59 -1.55 34.77 57.33
C SER J 59 -1.65 33.33 56.87
C SER J 59 -1.68 33.30 56.97
N LEU J 60 -0.56 32.57 56.95
CA LEU J 60 -0.60 31.16 56.58
C LEU J 60 -0.99 30.26 57.76
N PHE J 61 -0.90 30.75 58.99
CA PHE J 61 -1.24 29.96 60.17
C PHE J 61 -2.65 30.37 60.62
N SER J 62 -3.62 29.51 60.33
CA SER J 62 -5.01 29.82 60.69
C SER J 62 -5.82 28.53 60.70
N ALA J 63 -6.88 28.53 61.52
CA ALA J 63 -7.78 27.39 61.57
C ALA J 63 -8.58 27.23 60.28
N ASN J 64 -8.68 28.28 59.46
CA ASN J 64 -9.36 28.17 58.17
C ASN J 64 -8.58 27.31 57.19
N PHE J 65 -7.30 27.05 57.46
CA PHE J 65 -6.46 26.20 56.61
C PHE J 65 -6.04 24.93 57.32
N ARG J 66 -6.59 24.66 58.52
CA ARG J 66 -6.16 23.54 59.37
C ARG J 66 -4.70 23.67 59.76
N THR J 67 -4.18 24.90 59.81
CA THR J 67 -2.76 25.15 60.04
C THR J 67 -2.51 25.99 61.28
N ASP J 68 -3.44 26.00 62.23
CA ASP J 68 -3.21 26.73 63.48
C ASP J 68 -2.28 25.99 64.43
N SER J 69 -1.91 24.75 64.12
CA SER J 69 -1.03 23.97 64.97
C SER J 69 0.45 24.17 64.66
N PHE J 70 0.77 24.75 63.50
CA PHE J 70 2.15 24.95 63.11
C PHE J 70 2.67 26.30 63.61
N THR J 71 4.00 26.42 63.67
CA THR J 71 4.65 27.67 64.01
C THR J 71 5.68 28.11 62.98
N SER J 72 6.09 27.24 62.07
CA SER J 72 7.05 27.59 61.03
C SER J 72 6.57 26.99 59.71
N VAL J 73 7.03 27.60 58.61
CA VAL J 73 6.63 27.17 57.28
C VAL J 73 7.74 27.52 56.30
N THR J 74 7.93 26.66 55.30
CA THR J 74 8.92 26.86 54.25
C THR J 74 8.18 27.19 52.97
N VAL J 75 8.28 28.44 52.53
CA VAL J 75 7.58 28.90 51.34
C VAL J 75 8.38 28.49 50.10
N MET J 76 7.70 27.91 49.13
CA MET J 76 8.34 27.45 47.89
C MET J 76 8.05 28.36 46.71
N SER J 77 6.78 28.74 46.50
CA SER J 77 6.45 29.63 45.40
C SER J 77 5.25 30.49 45.80
N VAL J 78 5.13 31.63 45.14
CA VAL J 78 4.07 32.60 45.40
C VAL J 78 3.42 32.97 44.07
N ARG J 79 2.10 32.92 44.03
CA ARG J 79 1.34 33.31 42.84
CA ARG J 79 1.32 33.29 42.85
C ARG J 79 0.23 34.28 43.25
N ALA J 80 0.09 35.35 42.47
CA ALA J 80 -0.85 36.42 42.78
C ALA J 80 -1.85 36.59 41.65
N TRP J 81 -3.10 36.90 42.02
CA TRP J 81 -4.15 37.27 41.08
C TRP J 81 -4.87 38.50 41.61
N THR J 82 -5.23 39.40 40.69
CA THR J 82 -6.07 40.52 41.06
C THR J 82 -7.48 40.03 41.36
N GLN J 83 -8.04 40.49 42.48
CA GLN J 83 -9.32 39.96 42.97
C GLN J 83 -10.51 40.84 42.63
N LEU J 84 -10.32 42.14 42.47
CA LEU J 84 -11.40 43.06 42.14
C LEU J 84 -11.13 43.71 40.78
N THR J 85 -12.11 44.47 40.30
CA THR J 85 -12.00 45.11 39.00
C THR J 85 -11.03 46.28 39.06
N PRO J 86 -10.36 46.58 37.94
CA PRO J 86 -9.43 47.71 37.92
C PRO J 86 -10.18 49.02 37.82
N PRO J 87 -9.49 50.15 37.97
CA PRO J 87 -10.13 51.46 37.76
C PRO J 87 -10.64 51.59 36.34
N VAL J 88 -11.47 52.62 36.13
CA VAL J 88 -12.05 52.85 34.82
C VAL J 88 -10.95 53.19 33.82
N ASN J 89 -11.05 52.61 32.62
CA ASN J 89 -10.17 52.78 31.46
C ASN J 89 -8.85 52.04 31.61
N GLU J 90 -8.63 51.30 32.70
CA GLU J 90 -7.34 50.64 32.93
C GLU J 90 -7.48 49.13 32.84
N TYR J 91 -6.33 48.49 32.62
CA TYR J 91 -6.21 47.03 32.72
C TYR J 91 -5.59 46.66 34.06
N SER J 92 -5.96 45.48 34.55
CA SER J 92 -5.44 45.01 35.83
C SER J 92 -3.95 44.70 35.72
N PHE J 93 -3.22 45.02 36.78
CA PHE J 93 -1.82 44.65 36.90
C PHE J 93 -1.50 44.36 38.36
N VAL J 94 -0.58 43.42 38.58
CA VAL J 94 -0.16 43.07 39.94
C VAL J 94 1.35 42.83 39.93
N ARG J 95 2.04 43.40 40.90
CA ARG J 95 3.48 43.26 41.03
C ARG J 95 3.81 42.54 42.34
N LEU J 96 4.91 41.78 42.33
CA LEU J 96 5.38 41.06 43.51
C LEU J 96 6.86 41.34 43.71
N LYS J 97 7.22 41.78 44.91
CA LYS J 97 8.61 41.99 45.27
C LYS J 97 8.99 41.04 46.40
N PRO J 98 9.82 40.02 46.14
CA PRO J 98 10.15 39.06 47.19
C PRO J 98 10.87 39.70 48.36
N LEU J 99 10.58 39.21 49.56
CA LEU J 99 11.23 39.64 50.78
C LEU J 99 11.85 38.44 51.48
N PHE J 100 13.01 38.67 52.11
CA PHE J 100 13.72 37.61 52.81
C PHE J 100 14.36 38.18 54.07
N LYS J 101 14.57 37.31 55.06
CA LYS J 101 15.17 37.76 56.30
CA LYS J 101 15.17 37.76 56.31
C LYS J 101 16.65 38.11 56.13
N THR J 102 17.35 37.35 55.29
CA THR J 102 18.77 37.60 55.06
C THR J 102 19.02 38.77 54.10
N GLY J 103 17.99 39.27 53.43
CA GLY J 103 18.16 40.37 52.49
C GLY J 103 17.06 40.44 51.46
N ASP J 104 16.34 41.56 51.43
CA ASP J 104 15.22 41.69 50.51
C ASP J 104 15.72 41.87 49.07
N SER J 105 14.88 41.47 48.13
CA SER J 105 15.18 41.57 46.71
CA SER J 105 15.19 41.58 46.71
C SER J 105 14.58 42.85 46.13
N THR J 106 15.05 43.20 44.93
CA THR J 106 14.57 44.39 44.23
C THR J 106 13.85 44.04 42.93
N GLU J 107 13.55 42.77 42.69
CA GLU J 107 12.77 42.39 41.52
C GLU J 107 11.31 42.79 41.72
N GLU J 108 10.68 43.23 40.64
CA GLU J 108 9.25 43.57 40.62
C GLU J 108 8.59 42.78 39.51
N PHE J 109 8.35 41.49 39.78
CA PHE J 109 7.66 40.64 38.81
C PHE J 109 6.24 41.14 38.60
N GLU J 110 5.94 41.57 37.37
CA GLU J 110 4.67 42.20 37.05
C GLU J 110 3.94 41.41 35.98
N GLY J 111 2.64 41.22 36.19
CA GLY J 111 1.77 40.62 35.19
C GLY J 111 0.55 41.48 34.94
N ARG J 112 0.23 41.74 33.68
CA ARG J 112 -0.88 42.58 33.32
C ARG J 112 -1.92 41.79 32.53
N ALA J 113 -3.18 42.16 32.72
CA ALA J 113 -4.26 41.54 31.96
C ALA J 113 -4.37 42.19 30.59
N SER J 114 -4.64 41.36 29.58
CA SER J 114 -4.85 41.85 28.23
C SER J 114 -6.32 42.11 27.93
N ASN J 115 -7.22 41.80 28.87
CA ASN J 115 -8.63 42.12 28.77
C ASN J 115 -9.05 42.80 30.07
N ILE J 116 -9.81 43.89 29.96
CA ILE J 116 -10.16 44.66 31.15
C ILE J 116 -11.02 43.84 32.10
N ASN J 117 -11.76 42.87 31.58
CA ASN J 117 -12.63 42.04 32.39
C ASN J 117 -11.93 40.81 32.95
N THR J 118 -10.63 40.66 32.71
CA THR J 118 -9.87 39.49 33.12
CA THR J 118 -9.87 39.48 33.13
C THR J 118 -8.85 39.86 34.19
N ARG J 119 -8.57 38.91 35.07
CA ARG J 119 -7.57 39.11 36.13
C ARG J 119 -6.18 39.25 35.54
N ALA J 120 -5.31 39.93 36.29
CA ALA J 120 -3.88 39.94 36.02
C ALA J 120 -3.19 39.01 37.01
N SER J 121 -2.25 38.22 36.51
CA SER J 121 -1.59 37.22 37.35
C SER J 121 -0.09 37.24 37.11
N VAL J 122 0.65 36.90 38.16
CA VAL J 122 2.09 36.74 38.07
C VAL J 122 2.54 35.98 39.30
N GLY J 123 3.74 35.41 39.24
CA GLY J 123 4.26 34.70 40.39
C GLY J 123 5.77 34.63 40.35
N TYR J 124 6.34 33.98 41.36
CA TYR J 124 7.77 33.74 41.40
C TYR J 124 8.05 32.50 42.23
N ARG J 125 9.17 31.85 41.92
CA ARG J 125 9.62 30.65 42.61
C ARG J 125 10.81 30.99 43.50
N ILE J 126 10.86 30.40 44.68
CA ILE J 126 11.95 30.58 45.63
C ILE J 126 12.94 29.44 45.43
N PRO J 127 14.23 29.72 45.21
CA PRO J 127 15.19 28.64 44.99
C PRO J 127 15.48 27.87 46.26
N THR J 128 16.14 26.72 46.08
CA THR J 128 16.41 25.83 47.21
C THR J 128 17.31 26.49 48.26
N ASN J 129 18.25 27.35 47.84
CA ASN J 129 19.17 27.97 48.77
C ASN J 129 18.50 29.02 49.65
N LEU J 130 17.29 29.45 49.33
CA LEU J 130 16.57 30.43 50.14
C LEU J 130 15.28 29.87 50.72
N ARG J 131 15.15 28.55 50.76
CA ARG J 131 13.95 27.91 51.32
C ARG J 131 14.20 27.51 52.77
N GLN J 132 14.33 28.52 53.62
CA GLN J 132 14.42 28.32 55.06
C GLN J 132 13.06 28.55 55.69
N ASN J 133 12.97 28.26 56.99
CA ASN J 133 11.73 28.45 57.71
C ASN J 133 11.42 29.93 57.88
N THR J 134 10.13 30.22 58.00
CA THR J 134 9.65 31.57 58.29
C THR J 134 8.57 31.49 59.37
N VAL J 135 8.52 32.50 60.23
CA VAL J 135 7.57 32.53 61.33
C VAL J 135 6.55 33.63 61.10
N ALA J 136 5.60 33.78 62.03
CA ALA J 136 4.48 34.69 61.81
C ALA J 136 4.95 36.13 61.65
N ALA J 137 6.01 36.52 62.37
CA ALA J 137 6.46 37.91 62.33
C ALA J 137 7.11 38.28 61.00
N ASP J 138 7.46 37.31 60.16
CA ASP J 138 8.14 37.58 58.92
C ASP J 138 7.16 38.01 57.84
N ASN J 139 7.71 38.46 56.72
CA ASN J 139 6.94 38.85 55.55
C ASN J 139 7.40 38.04 54.35
N VAL J 140 6.46 37.73 53.46
N VAL J 140 6.48 37.72 53.45
CA VAL J 140 6.72 36.91 52.29
CA VAL J 140 6.82 36.90 52.29
C VAL J 140 7.22 37.79 51.15
C VAL J 140 7.20 37.75 51.09
N CYS J 141 6.44 38.80 50.79
CA CYS J 141 6.74 39.66 49.65
C CYS J 141 5.95 40.96 49.79
N GLU J 142 6.18 41.87 48.86
CA GLU J 142 5.38 43.09 48.72
C GLU J 142 4.51 42.98 47.48
N VAL J 143 3.26 43.42 47.59
CA VAL J 143 2.28 43.35 46.51
CA VAL J 143 2.30 43.35 46.51
C VAL J 143 1.89 44.76 46.12
N ARG J 144 1.86 45.02 44.82
CA ARG J 144 1.41 46.29 44.26
C ARG J 144 0.41 46.02 43.16
N SER J 145 -0.66 46.80 43.11
CA SER J 145 -1.71 46.58 42.13
C SER J 145 -2.60 47.81 42.04
N ASN J 146 -3.30 47.94 40.92
CA ASN J 146 -4.31 48.98 40.76
C ASN J 146 -5.67 48.55 41.27
N CYS J 147 -5.90 47.25 41.42
CA CYS J 147 -7.12 46.74 42.04
C CYS J 147 -6.99 46.77 43.56
N ARG J 148 -8.13 46.82 44.24
CA ARG J 148 -8.13 46.98 45.69
C ARG J 148 -7.90 45.68 46.44
N GLN J 149 -7.93 44.53 45.77
CA GLN J 149 -7.74 43.24 46.43
CA GLN J 149 -7.74 43.25 46.43
C GLN J 149 -6.91 42.33 45.53
N VAL J 150 -6.02 41.57 46.14
CA VAL J 150 -5.16 40.63 45.43
C VAL J 150 -5.29 39.26 46.10
N ALA J 151 -5.56 38.24 45.30
CA ALA J 151 -5.62 36.87 45.79
C ALA J 151 -4.27 36.19 45.60
N LEU J 152 -3.84 35.46 46.62
CA LEU J 152 -2.55 34.77 46.58
CA LEU J 152 -2.55 34.78 46.61
C LEU J 152 -2.75 33.27 46.77
N VAL J 153 -1.86 32.50 46.14
CA VAL J 153 -1.83 31.05 46.26
C VAL J 153 -0.37 30.68 46.51
N ILE J 154 -0.05 30.33 47.75
CA ILE J 154 1.33 30.14 48.19
C ILE J 154 1.57 28.65 48.40
N SER J 155 2.47 28.09 47.62
CA SER J 155 2.88 26.69 47.78
CA SER J 155 2.88 26.69 47.77
C SER J 155 3.96 26.61 48.85
N CYS J 156 3.67 25.89 49.92
CA CYS J 156 4.57 25.86 51.06
C CYS J 156 4.50 24.51 51.76
N CYS J 157 5.47 24.27 52.64
N CYS J 157 5.46 24.27 52.65
CA CYS J 157 5.56 23.06 53.45
CA CYS J 157 5.51 23.05 53.44
C CYS J 157 5.51 23.47 54.92
C CYS J 157 5.52 23.42 54.91
N PHE J 158 4.44 23.08 55.61
CA PHE J 158 4.31 23.39 57.03
C PHE J 158 5.08 22.39 57.86
N ASN J 159 5.86 22.88 58.82
CA ASN J 159 6.63 22.02 59.71
C ASN J 159 6.80 22.66 61.09
N ASN K 16 21.37 24.05 40.29
CA ASN K 16 19.99 24.53 40.29
C ASN K 16 19.96 26.05 40.47
N SER K 17 18.75 26.63 40.42
CA SER K 17 18.61 28.07 40.48
C SER K 17 19.09 28.61 41.82
N ASN K 18 19.65 29.82 41.81
N ASN K 18 19.65 29.82 41.80
CA ASN K 18 20.15 30.46 43.01
CA ASN K 18 20.17 30.47 42.99
C ASN K 18 19.41 31.74 43.37
C ASN K 18 19.39 31.72 43.39
N VAL K 19 18.45 32.17 42.55
CA VAL K 19 17.64 33.36 42.83
C VAL K 19 16.20 33.09 42.41
N VAL K 20 15.33 34.06 42.71
CA VAL K 20 13.92 33.91 42.39
C VAL K 20 13.72 34.02 40.88
N THR K 21 12.78 33.24 40.37
CA THR K 21 12.46 33.25 38.95
C THR K 21 10.95 33.38 38.77
N MET K 22 10.57 34.14 37.75
CA MET K 22 9.16 34.44 37.53
CA MET K 22 9.17 34.44 37.50
C MET K 22 8.41 33.19 37.07
N ILE K 23 7.15 33.10 37.48
CA ILE K 23 6.26 32.01 37.10
C ILE K 23 5.12 32.61 36.30
N ARG K 24 5.03 32.24 35.02
CA ARG K 24 3.99 32.76 34.13
C ARG K 24 2.66 32.10 34.47
N ALA K 25 2.07 32.56 35.58
CA ALA K 25 0.80 32.01 36.03
C ALA K 25 -0.32 32.37 35.05
N GLY K 26 -1.30 31.49 34.97
CA GLY K 26 -2.44 31.65 34.08
C GLY K 26 -3.67 32.12 34.83
N SER K 27 -4.81 31.50 34.52
CA SER K 27 -6.05 31.84 35.20
CA SER K 27 -6.05 31.84 35.20
C SER K 27 -6.01 31.37 36.65
N TYR K 28 -7.00 31.81 37.42
CA TYR K 28 -7.08 31.41 38.81
C TYR K 28 -7.47 29.94 38.91
N PRO K 29 -6.70 29.11 39.60
CA PRO K 29 -6.98 27.67 39.62
C PRO K 29 -8.03 27.32 40.67
N LYS K 30 -8.49 26.07 40.58
CA LYS K 30 -9.43 25.54 41.56
C LYS K 30 -8.70 25.28 42.88
N VAL K 31 -9.17 25.89 43.96
CA VAL K 31 -8.48 25.87 45.24
C VAL K 31 -9.35 25.16 46.27
N ASN K 32 -8.72 24.80 47.39
CA ASN K 32 -9.38 24.16 48.52
C ASN K 32 -8.64 24.47 49.80
N PRO K 33 -9.22 25.30 50.68
CA PRO K 33 -8.48 25.70 51.90
C PRO K 33 -8.47 24.63 52.98
N THR K 34 -9.35 23.64 52.92
CA THR K 34 -9.45 22.61 53.95
C THR K 34 -9.46 21.24 53.27
N PRO K 35 -8.30 20.74 52.86
N PRO K 35 -8.30 20.75 52.84
CA PRO K 35 -8.22 19.48 52.12
CA PRO K 35 -8.23 19.48 52.11
C PRO K 35 -8.31 18.29 53.07
C PRO K 35 -8.30 18.29 53.07
N THR K 36 -8.26 17.09 52.48
CA THR K 36 -8.24 15.87 53.24
C THR K 36 -6.81 15.56 53.69
N TRP K 37 -6.66 14.49 54.46
CA TRP K 37 -5.35 14.16 55.04
C TRP K 37 -5.34 12.71 55.46
N VAL K 38 -4.50 11.89 54.83
CA VAL K 38 -4.30 10.51 55.24
C VAL K 38 -3.23 10.47 56.31
N ARG K 39 -3.51 9.79 57.42
CA ARG K 39 -2.65 9.83 58.58
C ARG K 39 -2.56 8.44 59.21
N ALA K 40 -1.66 8.32 60.19
CA ALA K 40 -1.62 7.20 61.12
C ALA K 40 -1.55 7.79 62.51
N ILE K 41 -2.65 7.68 63.26
CA ILE K 41 -2.83 8.41 64.51
C ILE K 41 -2.39 7.50 65.65
N PRO K 42 -1.37 7.86 66.42
CA PRO K 42 -1.03 7.07 67.61
C PRO K 42 -1.64 7.65 68.88
N PHE K 43 -2.22 6.78 69.71
CA PHE K 43 -2.76 7.20 71.00
C PHE K 43 -2.93 5.97 71.88
N GLU K 44 -3.15 6.20 73.16
CA GLU K 44 -3.24 5.14 74.14
C GLU K 44 -4.53 5.25 74.94
N VAL K 45 -4.93 4.12 75.54
CA VAL K 45 -6.15 4.04 76.34
C VAL K 45 -5.85 3.25 77.60
N SER K 46 -6.67 3.50 78.64
CA SER K 46 -6.61 2.77 79.90
C SER K 46 -7.61 1.64 79.87
N VAL K 47 -7.16 0.42 80.18
N VAL K 47 -7.15 0.42 80.16
CA VAL K 47 -7.96 -0.78 80.13
CA VAL K 47 -8.01 -0.76 80.13
C VAL K 47 -7.89 -1.48 81.48
C VAL K 47 -7.90 -1.47 81.48
N GLN K 48 -9.03 -1.99 81.95
CA GLN K 48 -9.10 -2.80 83.16
C GLN K 48 -9.05 -4.27 82.79
N SER K 49 -8.60 -5.08 83.74
CA SER K 49 -8.50 -6.52 83.50
CA SER K 49 -8.51 -6.52 83.50
C SER K 49 -9.89 -7.14 83.43
N GLY K 50 -10.12 -7.97 82.42
CA GLY K 50 -11.39 -8.63 82.24
C GLY K 50 -12.53 -7.75 81.79
N ILE K 51 -12.28 -6.49 81.46
CA ILE K 51 -13.31 -5.55 81.05
C ILE K 51 -12.96 -5.02 79.67
N ALA K 52 -13.94 -5.00 78.78
CA ALA K 52 -13.73 -4.53 77.41
C ALA K 52 -13.84 -3.00 77.36
N PHE K 53 -12.89 -2.37 76.68
CA PHE K 53 -12.87 -0.93 76.52
C PHE K 53 -13.30 -0.59 75.10
N LYS K 54 -14.31 0.28 74.99
CA LYS K 54 -14.75 0.77 73.69
C LYS K 54 -13.94 2.02 73.34
N VAL K 55 -13.23 1.97 72.21
CA VAL K 55 -12.37 3.07 71.78
C VAL K 55 -13.23 4.03 70.95
N PRO K 56 -13.46 5.26 71.41
N PRO K 56 -13.48 5.25 71.42
CA PRO K 56 -14.30 6.19 70.63
CA PRO K 56 -14.30 6.19 70.64
C PRO K 56 -13.53 6.80 69.48
C PRO K 56 -13.53 6.77 69.46
N VAL K 57 -14.29 7.17 68.44
CA VAL K 57 -13.70 7.82 67.28
C VAL K 57 -13.28 9.25 67.62
N GLY K 58 -13.86 9.85 68.66
CA GLY K 58 -13.50 11.19 69.06
C GLY K 58 -12.05 11.34 69.50
N SER K 59 -11.39 10.22 69.85
N SER K 59 -11.40 10.22 69.85
CA SER K 59 -9.98 10.30 70.23
CA SER K 59 -9.99 10.28 70.22
C SER K 59 -9.09 10.67 69.07
C SER K 59 -9.10 10.72 69.07
N LEU K 60 -9.58 10.56 67.83
CA LEU K 60 -8.78 10.92 66.66
C LEU K 60 -8.80 12.42 66.37
N PHE K 61 -9.78 13.14 66.90
CA PHE K 61 -9.90 14.58 66.68
C PHE K 61 -9.28 15.30 67.87
N SER K 62 -8.07 15.81 67.71
CA SER K 62 -7.38 16.53 68.77
C SER K 62 -6.37 17.47 68.15
N ALA K 63 -6.02 18.51 68.91
CA ALA K 63 -4.97 19.43 68.47
C ALA K 63 -3.60 18.80 68.56
N ASN K 64 -3.43 17.75 69.38
CA ASN K 64 -2.16 17.05 69.46
C ASN K 64 -1.83 16.30 68.18
N PHE K 65 -2.82 16.09 67.32
CA PHE K 65 -2.62 15.43 66.03
C PHE K 65 -2.81 16.39 64.87
N ARG K 66 -3.00 17.68 65.13
CA ARG K 66 -3.34 18.68 64.12
C ARG K 66 -4.67 18.34 63.44
N THR K 67 -5.59 17.71 64.16
CA THR K 67 -6.82 17.21 63.57
C THR K 67 -8.07 17.75 64.26
N ASP K 68 -7.95 18.81 65.07
CA ASP K 68 -9.12 19.36 65.73
C ASP K 68 -10.07 20.06 64.77
N SER K 69 -9.72 20.15 63.48
CA SER K 69 -10.55 20.83 62.49
C SER K 69 -11.46 19.89 61.71
N PHE K 70 -11.23 18.58 61.78
CA PHE K 70 -12.06 17.61 61.07
C PHE K 70 -13.25 17.20 61.94
N THR K 71 -14.32 16.76 61.27
CA THR K 71 -15.50 16.23 61.95
C THR K 71 -15.81 14.79 61.60
N SER K 72 -15.30 14.29 60.47
CA SER K 72 -15.48 12.90 60.09
C SER K 72 -14.14 12.31 59.71
N VAL K 73 -14.07 10.99 59.66
CA VAL K 73 -12.83 10.30 59.35
C VAL K 73 -13.17 8.90 58.84
N THR K 74 -12.39 8.42 57.88
CA THR K 74 -12.57 7.12 57.27
C THR K 74 -11.45 6.20 57.78
N VAL K 75 -11.80 5.29 58.68
CA VAL K 75 -10.82 4.36 59.24
C VAL K 75 -10.50 3.28 58.22
N MET K 76 -9.22 2.97 58.06
CA MET K 76 -8.76 1.95 57.13
CA MET K 76 -8.76 1.95 57.13
C MET K 76 -8.19 0.72 57.81
N SER K 77 -7.48 0.88 58.92
CA SER K 77 -6.91 -0.26 59.63
C SER K 77 -6.54 0.16 61.04
N VAL K 78 -6.63 -0.80 61.97
CA VAL K 78 -6.39 -0.57 63.39
C VAL K 78 -5.33 -1.55 63.87
N ARG K 79 -4.34 -1.04 64.61
CA ARG K 79 -3.29 -1.86 65.19
CA ARG K 79 -3.30 -1.87 65.19
C ARG K 79 -3.15 -1.53 66.67
N ALA K 80 -2.93 -2.55 67.49
CA ALA K 80 -2.84 -2.38 68.93
C ALA K 80 -1.60 -3.08 69.47
N TRP K 81 -0.94 -2.41 70.42
CA TRP K 81 0.19 -2.97 71.16
C TRP K 81 -0.06 -2.80 72.65
N THR K 82 0.45 -3.75 73.43
CA THR K 82 0.40 -3.60 74.88
C THR K 82 1.40 -2.54 75.32
N GLN K 83 0.92 -1.57 76.11
CA GLN K 83 1.73 -0.43 76.48
C GLN K 83 2.45 -0.61 77.81
N LEU K 84 1.92 -1.43 78.70
CA LEU K 84 2.54 -1.68 80.00
C LEU K 84 2.87 -3.16 80.15
N THR K 85 3.55 -3.49 81.24
CA THR K 85 3.95 -4.85 81.49
C THR K 85 2.76 -5.71 81.92
N PRO K 86 2.77 -7.00 81.59
CA PRO K 86 1.67 -7.87 81.99
C PRO K 86 1.75 -8.19 83.47
N PRO K 87 0.71 -8.80 84.04
CA PRO K 87 0.81 -9.27 85.43
C PRO K 87 1.93 -10.29 85.59
N VAL K 88 2.23 -10.59 86.85
CA VAL K 88 3.30 -11.53 87.14
C VAL K 88 2.95 -12.90 86.59
N ASN K 89 3.95 -13.59 86.04
CA ASN K 89 3.90 -14.93 85.48
C ASN K 89 3.20 -15.00 84.12
N GLU K 90 2.65 -13.91 83.61
CA GLU K 90 1.85 -13.94 82.40
C GLU K 90 2.62 -13.38 81.21
N TYR K 91 2.15 -13.74 80.02
CA TYR K 91 2.57 -13.12 78.77
C TYR K 91 1.51 -12.12 78.32
N SER K 92 1.95 -11.05 77.67
CA SER K 92 1.04 -10.02 77.22
C SER K 92 0.13 -10.55 76.11
N PHE K 93 -1.12 -10.08 76.11
CA PHE K 93 -2.05 -10.40 75.03
C PHE K 93 -2.97 -9.21 74.83
N VAL K 94 -3.54 -9.12 73.62
CA VAL K 94 -4.48 -8.07 73.29
C VAL K 94 -5.48 -8.60 72.27
N ARG K 95 -6.75 -8.28 72.48
CA ARG K 95 -7.82 -8.67 71.55
C ARG K 95 -8.49 -7.43 70.99
N LEU K 96 -8.98 -7.55 69.76
CA LEU K 96 -9.67 -6.45 69.09
C LEU K 96 -10.96 -6.97 68.48
N LYS K 97 -12.08 -6.36 68.87
CA LYS K 97 -13.37 -6.66 68.27
C LYS K 97 -13.84 -5.47 67.45
N PRO K 98 -13.86 -5.55 66.12
CA PRO K 98 -14.31 -4.42 65.30
C PRO K 98 -15.76 -4.05 65.60
N LEU K 99 -16.05 -2.76 65.58
CA LEU K 99 -17.38 -2.24 65.79
C LEU K 99 -17.79 -1.39 64.58
N PHE K 100 -19.06 -1.49 64.21
CA PHE K 100 -19.59 -0.77 63.06
C PHE K 100 -21.00 -0.30 63.36
N LYS K 101 -21.34 0.90 62.87
CA LYS K 101 -22.67 1.44 63.09
C LYS K 101 -23.74 0.54 62.48
N THR K 102 -23.49 0.02 61.29
CA THR K 102 -24.45 -0.87 60.63
C THR K 102 -24.56 -2.21 61.34
N GLY K 103 -23.63 -2.54 62.23
CA GLY K 103 -23.66 -3.81 62.93
C GLY K 103 -22.30 -4.23 63.46
N ASP K 104 -22.22 -4.46 64.77
CA ASP K 104 -20.95 -4.84 65.37
C ASP K 104 -20.56 -6.25 64.96
N SER K 105 -19.26 -6.52 64.94
CA SER K 105 -18.72 -7.83 64.61
CA SER K 105 -18.73 -7.82 64.61
C SER K 105 -18.44 -8.62 65.88
N THR K 106 -18.22 -9.91 65.71
CA THR K 106 -17.92 -10.81 66.81
C THR K 106 -16.51 -11.37 66.76
N GLU K 107 -15.70 -10.95 65.79
CA GLU K 107 -14.32 -11.43 65.71
C GLU K 107 -13.51 -10.90 66.88
N GLU K 108 -12.61 -11.74 67.40
CA GLU K 108 -11.70 -11.37 68.48
C GLU K 108 -10.27 -11.61 68.00
N PHE K 109 -9.78 -10.72 67.15
CA PHE K 109 -8.41 -10.81 66.67
C PHE K 109 -7.45 -10.64 67.84
N GLU K 110 -6.70 -11.69 68.16
CA GLU K 110 -5.87 -11.74 69.35
C GLU K 110 -4.42 -12.00 68.98
N GLY K 111 -3.53 -11.24 69.60
CA GLY K 111 -2.09 -11.52 69.48
C GLY K 111 -1.49 -11.62 70.87
N ARG K 112 -0.56 -12.56 71.02
CA ARG K 112 0.09 -12.81 72.29
C ARG K 112 1.59 -12.65 72.15
N ALA K 113 2.23 -12.29 73.27
CA ALA K 113 3.68 -12.15 73.31
C ALA K 113 4.33 -13.49 73.62
N SER K 114 5.43 -13.78 72.92
CA SER K 114 6.21 -14.98 73.18
C SER K 114 7.37 -14.72 74.13
N ASN K 115 7.63 -13.47 74.46
CA ASN K 115 8.58 -13.10 75.51
C ASN K 115 7.87 -12.21 76.51
N ILE K 116 8.09 -12.47 77.80
CA ILE K 116 7.37 -11.73 78.84
C ILE K 116 7.75 -10.26 78.80
N ASN K 117 8.95 -9.93 78.33
CA ASN K 117 9.41 -8.56 78.28
C ASN K 117 9.06 -7.86 76.97
N THR K 118 8.37 -8.54 76.05
CA THR K 118 8.05 -7.99 74.73
CA THR K 118 8.05 -7.97 74.74
C THR K 118 6.56 -7.72 74.63
N ARG K 119 6.20 -6.71 73.84
CA ARG K 119 4.81 -6.36 73.63
C ARG K 119 4.09 -7.44 72.82
N ALA K 120 2.78 -7.53 73.02
CA ALA K 120 1.90 -8.31 72.17
C ALA K 120 1.18 -7.38 71.21
N SER K 121 0.94 -7.85 69.99
CA SER K 121 0.39 -6.99 68.95
C SER K 121 -0.60 -7.76 68.09
N VAL K 122 -1.58 -7.02 67.56
CA VAL K 122 -2.54 -7.57 66.61
C VAL K 122 -3.19 -6.40 65.89
N GLY K 123 -3.76 -6.67 64.72
CA GLY K 123 -4.42 -5.63 63.95
C GLY K 123 -5.38 -6.22 62.94
N TYR K 124 -6.27 -5.36 62.43
CA TYR K 124 -7.26 -5.79 61.45
C TYR K 124 -7.49 -4.68 60.44
N ARG K 125 -7.90 -5.09 59.23
CA ARG K 125 -8.15 -4.18 58.12
C ARG K 125 -9.64 -4.10 57.85
N ILE K 126 -10.13 -2.88 57.62
CA ILE K 126 -11.52 -2.65 57.28
C ILE K 126 -11.67 -2.70 55.76
N PRO K 127 -12.56 -3.54 55.22
CA PRO K 127 -12.70 -3.63 53.77
C PRO K 127 -13.32 -2.36 53.18
N THR K 128 -13.25 -2.27 51.85
CA THR K 128 -13.74 -1.09 51.15
CA THR K 128 -13.74 -1.08 51.18
C THR K 128 -15.24 -0.91 51.34
N ASN K 129 -15.99 -2.00 51.48
CA ASN K 129 -17.44 -1.91 51.63
C ASN K 129 -17.87 -1.41 53.01
N LEU K 130 -16.94 -1.31 53.96
CA LEU K 130 -17.25 -0.81 55.29
C LEU K 130 -16.50 0.47 55.62
N ARG K 131 -15.89 1.12 54.63
CA ARG K 131 -15.13 2.36 54.87
C ARG K 131 -16.03 3.57 54.65
N GLN K 132 -17.02 3.69 55.52
CA GLN K 132 -17.86 4.89 55.55
C GLN K 132 -17.29 5.88 56.56
N ASN K 133 -17.96 7.03 56.69
CA ASN K 133 -17.51 8.02 57.64
C ASN K 133 -17.99 7.69 59.05
N THR K 134 -17.23 8.12 60.04
CA THR K 134 -17.60 8.01 61.44
C THR K 134 -17.28 9.32 62.14
N VAL K 135 -18.16 9.72 63.06
CA VAL K 135 -17.98 10.97 63.78
C VAL K 135 -17.47 10.69 65.19
N ALA K 136 -17.30 11.73 65.99
CA ALA K 136 -16.72 11.57 67.32
C ALA K 136 -17.57 10.69 68.22
N ALA K 137 -18.87 10.63 67.97
CA ALA K 137 -19.75 9.87 68.85
C ALA K 137 -19.67 8.37 68.62
N ASP K 138 -19.10 7.94 67.50
CA ASP K 138 -19.05 6.52 67.17
C ASP K 138 -17.90 5.84 67.88
N ASN K 139 -17.83 4.52 67.72
CA ASN K 139 -16.79 3.69 68.32
C ASN K 139 -16.02 2.94 67.23
N VAL K 140 -14.76 2.66 67.52
CA VAL K 140 -13.88 1.97 66.56
C VAL K 140 -13.90 0.47 66.79
N CYS K 141 -13.60 0.03 68.01
CA CYS K 141 -13.51 -1.39 68.32
C CYS K 141 -13.54 -1.55 69.83
N GLU K 142 -13.55 -2.81 70.27
CA GLU K 142 -13.41 -3.15 71.68
C GLU K 142 -12.02 -3.71 71.92
N VAL K 143 -11.41 -3.32 73.04
CA VAL K 143 -10.04 -3.69 73.37
C VAL K 143 -10.06 -4.48 74.67
N ARG K 144 -9.41 -5.64 74.66
CA ARG K 144 -9.22 -6.46 75.86
C ARG K 144 -7.75 -6.82 75.98
N SER K 145 -7.23 -6.76 77.21
CA SER K 145 -5.83 -7.05 77.46
C SER K 145 -5.62 -7.28 78.96
N ASN K 146 -4.51 -7.93 79.29
CA ASN K 146 -4.13 -8.11 80.68
C ASN K 146 -3.21 -7.00 81.17
N CYS K 147 -2.58 -6.26 80.28
CA CYS K 147 -1.88 -5.04 80.65
C CYS K 147 -2.88 -3.91 80.87
N ARG K 148 -2.47 -2.91 81.64
CA ARG K 148 -3.39 -1.85 82.01
C ARG K 148 -3.45 -0.71 81.01
N GLN K 149 -2.61 -0.72 79.97
CA GLN K 149 -2.64 0.31 78.94
CA GLN K 149 -2.62 0.31 78.95
C GLN K 149 -2.32 -0.33 77.59
N VAL K 150 -3.00 0.15 76.56
CA VAL K 150 -2.87 -0.37 75.20
C VAL K 150 -2.56 0.78 74.26
N ALA K 151 -1.58 0.59 73.38
CA ALA K 151 -1.21 1.60 72.39
C ALA K 151 -1.83 1.24 71.05
N LEU K 152 -2.47 2.23 70.42
CA LEU K 152 -3.13 2.04 69.14
C LEU K 152 -2.53 2.96 68.08
N VAL K 153 -2.49 2.47 66.85
CA VAL K 153 -2.08 3.25 65.69
C VAL K 153 -3.12 3.00 64.60
N ILE K 154 -3.95 4.00 64.33
CA ILE K 154 -5.10 3.85 63.46
C ILE K 154 -4.83 4.59 62.16
N SER K 155 -4.70 3.85 61.06
CA SER K 155 -4.55 4.46 59.74
CA SER K 155 -4.54 4.46 59.75
C SER K 155 -5.91 4.88 59.22
N CYS K 156 -6.06 6.17 58.94
CA CYS K 156 -7.37 6.70 58.57
C CYS K 156 -7.21 7.92 57.67
N CYS K 157 -8.29 8.27 56.99
N CYS K 157 -8.29 8.28 57.00
CA CYS K 157 -8.36 9.42 56.11
CA CYS K 157 -8.30 9.44 56.11
C CYS K 157 -9.30 10.46 56.71
C CYS K 157 -9.29 10.47 56.66
N PHE K 158 -8.77 11.61 57.08
CA PHE K 158 -9.59 12.68 57.63
C PHE K 158 -10.24 13.49 56.50
N ASN K 159 -11.50 13.85 56.70
CA ASN K 159 -12.22 14.70 55.75
C ASN K 159 -13.36 15.44 56.43
N ASN L 16 55.79 -4.43 47.23
CA ASN L 16 55.82 -2.97 47.17
C ASN L 16 57.18 -2.44 47.60
N SER L 17 57.33 -1.12 47.65
CA SER L 17 58.62 -0.51 47.92
C SER L 17 59.07 -0.81 49.34
N ASN L 18 60.38 -1.05 49.49
N ASN L 18 60.38 -1.04 49.49
CA ASN L 18 60.96 -1.35 50.79
CA ASN L 18 60.98 -1.36 50.78
C ASN L 18 61.87 -0.25 51.33
C ASN L 18 61.84 -0.24 51.34
N VAL L 19 62.12 0.80 50.55
CA VAL L 19 62.97 1.91 50.99
C VAL L 19 62.34 3.22 50.53
N VAL L 20 62.91 4.32 51.02
CA VAL L 20 62.43 5.64 50.63
C VAL L 20 62.72 5.87 49.15
N THR L 21 61.80 6.53 48.47
CA THR L 21 61.96 6.89 47.07
C THR L 21 61.69 8.37 46.90
N MET L 22 62.29 8.95 45.87
CA MET L 22 62.22 10.39 45.67
CA MET L 22 62.23 10.39 45.65
C MET L 22 60.92 10.80 44.98
N ILE L 23 60.33 11.88 45.48
CA ILE L 23 59.14 12.49 44.90
C ILE L 23 59.58 13.70 44.10
N ARG L 24 59.16 13.76 42.84
CA ARG L 24 59.52 14.88 41.97
C ARG L 24 58.46 15.98 42.07
N ALA L 25 58.51 16.68 43.20
CA ALA L 25 57.56 17.74 43.48
C ALA L 25 57.80 18.94 42.57
N GLY L 26 56.77 19.76 42.41
CA GLY L 26 56.86 20.94 41.57
C GLY L 26 56.64 22.22 42.35
N SER L 27 55.77 23.08 41.82
CA SER L 27 55.48 24.35 42.48
CA SER L 27 55.48 24.35 42.48
C SER L 27 54.81 24.11 43.84
N TYR L 28 54.76 25.16 44.64
CA TYR L 28 54.14 25.05 45.95
C TYR L 28 52.63 25.00 45.80
N PRO L 29 51.95 24.05 46.43
CA PRO L 29 50.52 23.86 46.20
C PRO L 29 49.65 24.72 47.09
N LYS L 30 48.34 24.66 46.87
CA LYS L 30 47.38 25.33 47.75
C LYS L 30 47.18 24.48 49.00
N VAL L 31 47.35 25.09 50.17
CA VAL L 31 47.33 24.36 51.44
C VAL L 31 46.21 24.93 52.32
N ASN L 32 45.90 24.18 53.38
CA ASN L 32 44.92 24.60 54.37
C ASN L 32 45.24 23.93 55.71
N PRO L 33 45.66 24.70 56.72
CA PRO L 33 46.08 24.08 57.98
C PRO L 33 44.92 23.66 58.86
N THR L 34 43.77 24.34 58.71
CA THR L 34 42.58 24.10 59.52
C THR L 34 41.44 23.70 58.60
N PRO L 35 41.34 22.43 58.23
CA PRO L 35 40.33 22.00 57.26
C PRO L 35 39.00 21.70 57.94
N THR L 36 38.04 21.29 57.12
CA THR L 36 36.73 20.86 57.60
C THR L 36 36.80 19.42 58.08
N TRP L 37 35.66 18.89 58.54
CA TRP L 37 35.63 17.54 59.08
C TRP L 37 34.20 17.02 59.23
N VAL L 38 33.86 15.97 58.48
CA VAL L 38 32.59 15.29 58.69
C VAL L 38 32.74 14.32 59.85
N ARG L 39 31.83 14.39 60.81
CA ARG L 39 31.93 13.59 62.03
C ARG L 39 30.54 13.14 62.47
N ALA L 40 30.53 12.12 63.31
CA ALA L 40 29.37 11.75 64.12
C ALA L 40 29.79 11.84 65.58
N ILE L 41 29.15 12.75 66.31
CA ILE L 41 29.58 13.11 67.65
C ILE L 41 28.66 12.40 68.65
N PRO L 42 29.15 11.42 69.40
CA PRO L 42 28.31 10.77 70.42
C PRO L 42 28.43 11.43 71.78
N PHE L 43 27.30 11.75 72.40
CA PHE L 43 27.30 12.33 73.74
C PHE L 43 25.94 12.09 74.36
N GLU L 44 25.88 12.26 75.69
CA GLU L 44 24.68 11.98 76.46
C GLU L 44 24.20 13.23 77.17
N VAL L 45 22.89 13.28 77.42
CA VAL L 45 22.24 14.38 78.11
C VAL L 45 21.35 13.83 79.21
N SER L 46 21.13 14.64 80.24
CA SER L 46 20.26 14.28 81.35
C SER L 46 18.88 14.89 81.13
N VAL L 47 17.85 14.05 81.17
CA VAL L 47 16.48 14.46 80.92
C VAL L 47 15.63 14.16 82.13
N GLN L 48 14.72 15.07 82.46
CA GLN L 48 13.76 14.86 83.54
C GLN L 48 12.44 14.37 82.97
N SER L 49 11.65 13.73 83.84
CA SER L 49 10.37 13.18 83.42
CA SER L 49 10.38 13.18 83.42
C SER L 49 9.38 14.30 83.13
N GLY L 50 8.79 14.26 81.94
CA GLY L 50 7.79 15.25 81.55
C GLY L 50 8.33 16.62 81.23
N ILE L 51 9.65 16.80 81.15
CA ILE L 51 10.27 18.09 80.88
C ILE L 51 11.13 17.96 79.63
N ALA L 52 10.90 18.84 78.65
CA ALA L 52 11.69 18.85 77.44
C ALA L 52 13.05 19.51 77.70
N PHE L 53 14.08 18.98 77.07
CA PHE L 53 15.45 19.46 77.25
C PHE L 53 15.98 19.93 75.92
N LYS L 54 16.40 21.20 75.85
CA LYS L 54 16.98 21.76 74.63
C LYS L 54 18.45 21.36 74.56
N VAL L 55 18.82 20.66 73.49
CA VAL L 55 20.20 20.21 73.31
C VAL L 55 21.02 21.35 72.71
N PRO L 56 22.03 21.87 73.42
CA PRO L 56 22.83 22.96 72.87
C PRO L 56 23.83 22.46 71.84
N VAL L 57 24.08 23.33 70.84
CA VAL L 57 25.07 23.00 69.82
C VAL L 57 26.46 22.99 70.42
N GLY L 58 26.69 23.74 71.50
CA GLY L 58 27.99 23.79 72.14
C GLY L 58 28.49 22.44 72.64
N SER L 59 27.61 21.45 72.73
N SER L 59 27.61 21.45 72.73
CA SER L 59 28.02 20.11 73.16
CA SER L 59 28.03 20.12 73.16
C SER L 59 28.94 19.45 72.14
C SER L 59 28.93 19.44 72.14
N LEU L 60 28.92 19.91 70.89
CA LEU L 60 29.73 19.30 69.84
C LEU L 60 31.16 19.84 69.80
N PHE L 61 31.43 20.97 70.46
CA PHE L 61 32.77 21.56 70.49
C PHE L 61 33.42 21.18 71.81
N SER L 62 34.37 20.25 71.77
CA SER L 62 35.06 19.82 72.97
C SER L 62 36.34 19.11 72.58
N ALA L 63 37.34 19.19 73.47
CA ALA L 63 38.59 18.47 73.25
C ALA L 63 38.38 16.96 73.30
N ASN L 64 37.31 16.49 73.96
CA ASN L 64 36.99 15.07 73.97
C ASN L 64 36.60 14.55 72.59
N PHE L 65 36.32 15.45 71.64
CA PHE L 65 35.96 15.06 70.28
C PHE L 65 36.95 15.59 69.25
N ARG L 66 38.07 16.18 69.70
CA ARG L 66 39.05 16.84 68.83
C ARG L 66 38.48 18.05 68.11
N THR L 67 37.34 18.57 68.56
CA THR L 67 36.63 19.64 67.85
C THR L 67 36.59 20.94 68.65
N ASP L 68 37.49 21.11 69.62
CA ASP L 68 37.53 22.36 70.38
C ASP L 68 38.09 23.51 69.57
N SER L 69 38.62 23.25 68.37
CA SER L 69 39.17 24.28 67.52
C SER L 69 38.14 24.87 66.56
N PHE L 70 36.93 24.32 66.52
CA PHE L 70 35.88 24.80 65.64
C PHE L 70 34.94 25.75 66.38
N THR L 71 34.32 26.65 65.63
CA THR L 71 33.34 27.57 66.17
C THR L 71 31.96 27.45 65.53
N SER L 72 31.86 26.80 64.37
CA SER L 72 30.58 26.55 63.71
C SER L 72 30.52 25.10 63.27
N VAL L 73 29.30 24.62 63.06
CA VAL L 73 29.09 23.23 62.64
C VAL L 73 27.76 23.15 61.92
N THR L 74 27.72 22.33 60.87
CA THR L 74 26.53 22.13 60.05
C THR L 74 26.01 20.72 60.31
N VAL L 75 24.84 20.63 60.93
CA VAL L 75 24.22 19.36 61.30
C VAL L 75 23.45 18.80 60.12
N MET L 76 23.59 17.50 59.90
CA MET L 76 22.89 16.79 58.82
CA MET L 76 22.89 16.80 58.83
C MET L 76 21.79 15.87 59.32
N SER L 77 22.01 15.18 60.44
CA SER L 77 21.00 14.27 60.99
C SER L 77 21.26 14.08 62.48
N VAL L 78 20.19 13.75 63.21
CA VAL L 78 20.24 13.57 64.65
C VAL L 78 19.62 12.23 64.99
N ARG L 79 20.26 11.48 65.89
CA ARG L 79 19.77 10.20 66.35
CA ARG L 79 19.81 10.18 66.34
C ARG L 79 19.84 10.13 67.86
N ALA L 80 18.88 9.42 68.46
CA ALA L 80 18.78 9.33 69.90
C ALA L 80 18.40 7.92 70.34
N TRP L 81 19.04 7.46 71.42
CA TRP L 81 18.71 6.22 72.09
C TRP L 81 18.53 6.47 73.57
N THR L 82 17.64 5.72 74.20
CA THR L 82 17.50 5.79 75.65
C THR L 82 18.73 5.17 76.31
N GLN L 83 19.32 5.88 77.25
CA GLN L 83 20.58 5.46 77.85
C GLN L 83 20.40 4.65 79.13
N LEU L 84 19.32 4.89 79.87
CA LEU L 84 19.05 4.18 81.12
C LEU L 84 17.77 3.38 80.97
N THR L 85 17.48 2.57 81.99
CA THR L 85 16.27 1.77 81.98
C THR L 85 15.07 2.66 82.26
N PRO L 86 13.92 2.38 81.65
CA PRO L 86 12.71 3.16 81.91
C PRO L 86 12.20 2.89 83.32
N PRO L 87 11.21 3.64 83.78
CA PRO L 87 10.59 3.33 85.08
C PRO L 87 9.95 1.96 85.07
N VAL L 88 9.55 1.52 86.28
CA VAL L 88 8.97 0.20 86.43
C VAL L 88 7.67 0.11 85.63
N ASN L 89 7.48 -1.02 84.96
CA ASN L 89 6.29 -1.40 84.18
C ASN L 89 6.20 -0.70 82.83
N GLU L 90 7.14 0.17 82.48
CA GLU L 90 7.05 0.97 81.28
C GLU L 90 8.07 0.52 80.23
N TYR L 91 7.75 0.81 78.98
CA TYR L 91 8.66 0.61 77.86
C TYR L 91 9.38 1.91 77.54
N SER L 92 10.60 1.79 77.02
CA SER L 92 11.39 2.96 76.70
C SER L 92 10.81 3.69 75.50
N PHE L 93 10.85 5.03 75.57
CA PHE L 93 10.47 5.86 74.43
C PHE L 93 11.34 7.11 74.43
N VAL L 94 11.35 7.78 73.27
CA VAL L 94 12.13 9.01 73.11
C VAL L 94 11.49 9.82 71.99
N ARG L 95 11.35 11.13 72.23
CA ARG L 95 10.79 12.05 71.26
C ARG L 95 11.83 13.10 70.89
N LEU L 96 11.79 13.55 69.64
CA LEU L 96 12.69 14.58 69.14
C LEU L 96 11.89 15.65 68.43
N LYS L 97 12.16 16.90 68.76
CA LYS L 97 11.56 18.05 68.07
C LYS L 97 12.67 18.92 67.50
N PRO L 98 12.87 18.93 66.18
CA PRO L 98 13.95 19.75 65.59
C PRO L 98 13.75 21.23 65.88
N LEU L 99 14.85 21.92 66.15
CA LEU L 99 14.86 23.35 66.38
C LEU L 99 15.73 24.02 65.32
N PHE L 100 15.31 25.21 64.90
CA PHE L 100 16.05 25.97 63.90
C PHE L 100 16.00 27.45 64.26
N LYS L 101 17.06 28.17 63.89
CA LYS L 101 17.10 29.61 64.16
CA LYS L 101 17.10 29.61 64.14
C LYS L 101 16.03 30.34 63.35
N THR L 102 15.84 29.95 62.09
CA THR L 102 14.83 30.60 61.26
C THR L 102 13.41 30.27 61.70
N GLY L 103 13.23 29.17 62.44
CA GLY L 103 11.91 28.78 62.91
C GLY L 103 11.87 27.37 63.48
N ASP L 104 11.36 27.23 64.69
CA ASP L 104 11.30 25.92 65.33
C ASP L 104 10.19 25.08 64.71
N SER L 105 10.43 23.77 64.64
CA SER L 105 9.46 22.84 64.11
CA SER L 105 9.45 22.84 64.10
C SER L 105 8.56 22.30 65.22
N THR L 106 7.43 21.73 64.81
CA THR L 106 6.47 21.16 65.75
C THR L 106 6.37 19.64 65.65
N GLU L 107 7.20 19.02 64.81
CA GLU L 107 7.21 17.56 64.71
C GLU L 107 7.71 16.94 66.01
N GLU L 108 7.19 15.76 66.32
CA GLU L 108 7.61 14.99 67.50
C GLU L 108 7.91 13.57 67.05
N PHE L 109 9.06 13.38 66.41
CA PHE L 109 9.47 12.06 65.97
C PHE L 109 9.72 11.16 67.18
N GLU L 110 8.93 10.10 67.30
CA GLU L 110 8.91 9.26 68.49
C GLU L 110 9.19 7.81 68.12
N GLY L 111 10.05 7.17 68.89
CA GLY L 111 10.33 5.75 68.76
C GLY L 111 10.24 5.06 70.10
N ARG L 112 9.53 3.93 70.17
CA ARG L 112 9.30 3.23 71.42
C ARG L 112 9.95 1.84 71.36
N ALA L 113 10.32 1.35 72.53
CA ALA L 113 10.90 0.02 72.64
C ALA L 113 9.80 -1.03 72.66
N SER L 114 10.04 -2.13 71.96
CA SER L 114 9.13 -3.27 72.01
C SER L 114 9.52 -4.27 73.09
N ASN L 115 10.69 -4.12 73.71
CA ASN L 115 11.12 -4.92 74.84
C ASN L 115 11.57 -3.97 75.94
N ILE L 116 11.13 -4.23 77.17
CA ILE L 116 11.44 -3.33 78.27
C ILE L 116 12.94 -3.25 78.53
N ASN L 117 13.69 -4.27 78.15
CA ASN L 117 15.13 -4.27 78.33
C ASN L 117 15.88 -3.65 77.17
N THR L 118 15.20 -3.26 76.11
CA THR L 118 15.81 -2.72 74.91
CA THR L 118 15.83 -2.71 74.92
C THR L 118 15.65 -1.21 74.86
N ARG L 119 16.65 -0.54 74.28
CA ARG L 119 16.58 0.90 74.08
C ARG L 119 15.50 1.24 73.07
N ALA L 120 15.02 2.48 73.15
CA ALA L 120 14.17 3.06 72.12
C ALA L 120 14.99 4.02 71.28
N SER L 121 14.74 4.02 69.98
CA SER L 121 15.54 4.82 69.05
C SER L 121 14.64 5.55 68.07
N VAL L 122 15.06 6.75 67.69
CA VAL L 122 14.39 7.53 66.66
C VAL L 122 15.38 8.58 66.17
N GLY L 123 15.15 9.10 64.97
CA GLY L 123 16.03 10.11 64.42
C GLY L 123 15.35 10.85 63.29
N TYR L 124 15.97 11.97 62.91
CA TYR L 124 15.46 12.78 61.81
C TYR L 124 16.62 13.33 61.00
N ARG L 125 16.34 13.63 59.74
CA ARG L 125 17.32 14.16 58.80
C ARG L 125 16.97 15.61 58.46
N ILE L 126 17.98 16.47 58.49
CA ILE L 126 17.79 17.87 58.15
C ILE L 126 17.97 18.05 56.65
N PRO L 127 17.03 18.66 55.95
CA PRO L 127 17.16 18.83 54.49
C PRO L 127 18.29 19.79 54.15
N THR L 128 18.62 19.81 52.86
CA THR L 128 19.71 20.67 52.39
CA THR L 128 19.71 20.66 52.39
C THR L 128 19.37 22.14 52.55
N ASN L 129 18.10 22.50 52.35
CA ASN L 129 17.70 23.91 52.46
C ASN L 129 17.74 24.44 53.88
N LEU L 130 17.97 23.59 54.88
CA LEU L 130 18.04 24.02 56.27
C LEU L 130 19.41 23.77 56.90
N ARG L 131 20.42 23.45 56.09
CA ARG L 131 21.74 23.12 56.61
C ARG L 131 22.62 24.37 56.57
N GLN L 132 22.36 25.27 57.52
CA GLN L 132 23.19 26.45 57.72
C GLN L 132 24.12 26.20 58.91
N ASN L 133 24.98 27.19 59.19
CA ASN L 133 25.89 27.05 60.31
C ASN L 133 25.17 27.31 61.63
N THR L 134 25.66 26.68 62.68
CA THR L 134 25.14 26.85 64.03
C THR L 134 26.30 27.00 65.00
N VAL L 135 26.19 27.93 65.94
CA VAL L 135 27.24 28.18 66.91
C VAL L 135 26.84 27.61 68.27
N ALA L 136 27.70 27.76 69.27
CA ALA L 136 27.51 27.09 70.55
C ALA L 136 26.23 27.56 71.25
N ALA L 137 25.86 28.82 71.07
CA ALA L 137 24.67 29.35 71.74
C ALA L 137 23.38 28.76 71.20
N ASP L 138 23.40 28.20 69.99
CA ASP L 138 22.20 27.67 69.37
C ASP L 138 21.82 26.33 70.00
N ASN L 139 20.61 25.87 69.68
CA ASN L 139 20.08 24.60 70.16
C ASN L 139 19.77 23.70 68.98
N VAL L 140 20.03 22.39 69.17
CA VAL L 140 19.78 21.44 68.11
C VAL L 140 18.31 21.02 68.09
N CYS L 141 17.80 20.53 69.22
CA CYS L 141 16.46 19.99 69.28
C CYS L 141 16.04 19.82 70.73
N GLU L 142 14.75 19.65 70.95
CA GLU L 142 14.22 19.26 72.24
C GLU L 142 14.13 17.73 72.31
N VAL L 143 14.37 17.19 73.50
CA VAL L 143 14.33 15.75 73.74
CA VAL L 143 14.32 15.76 73.73
C VAL L 143 13.39 15.47 74.90
N ARG L 144 12.53 14.47 74.73
CA ARG L 144 11.61 14.01 75.76
C ARG L 144 11.73 12.51 75.89
N SER L 145 11.71 12.01 77.13
CA SER L 145 11.84 10.59 77.37
C SER L 145 11.44 10.28 78.81
N ASN L 146 10.95 9.06 79.03
CA ASN L 146 10.71 8.58 80.38
C ASN L 146 11.97 8.08 81.05
N CYS L 147 13.07 7.98 80.32
CA CYS L 147 14.37 7.61 80.89
C CYS L 147 15.16 8.86 81.23
N ARG L 148 16.01 8.74 82.24
CA ARG L 148 16.71 9.91 82.78
C ARG L 148 17.89 10.35 81.92
N GLN L 149 18.36 9.49 81.01
N GLN L 149 18.34 9.51 80.98
CA GLN L 149 19.48 9.83 80.13
CA GLN L 149 19.48 9.83 80.14
C GLN L 149 19.18 9.35 78.73
C GLN L 149 19.23 9.33 78.72
N VAL L 150 19.59 10.15 77.74
CA VAL L 150 19.40 9.82 76.33
C VAL L 150 20.75 9.96 75.62
N ALA L 151 21.14 8.93 74.88
CA ALA L 151 22.38 8.96 74.12
C ALA L 151 22.12 9.49 72.72
N LEU L 152 22.90 10.49 72.32
CA LEU L 152 22.73 11.16 71.04
C LEU L 152 23.94 10.89 70.15
N VAL L 153 23.68 10.71 68.85
CA VAL L 153 24.70 10.61 67.83
C VAL L 153 24.31 11.56 66.70
N ILE L 154 25.12 12.59 66.48
CA ILE L 154 24.77 13.68 65.58
C ILE L 154 25.76 13.69 64.43
N SER L 155 25.29 13.35 63.23
CA SER L 155 26.12 13.42 62.03
CA SER L 155 26.12 13.43 62.04
C SER L 155 26.20 14.88 61.57
N CYS L 156 27.40 15.45 61.61
CA CYS L 156 27.59 16.86 61.30
C CYS L 156 28.91 17.07 60.59
N CYS L 157 29.06 18.28 60.03
N CYS L 157 29.08 18.27 60.03
CA CYS L 157 30.27 18.70 59.33
CA CYS L 157 30.30 18.66 59.34
C CYS L 157 30.83 19.92 60.06
C CYS L 157 30.86 19.91 60.00
N PHE L 158 32.02 19.77 60.62
CA PHE L 158 32.66 20.89 61.30
C PHE L 158 33.39 21.78 60.30
N ASN L 159 33.32 23.08 60.52
CA ASN L 159 34.01 24.04 59.66
C ASN L 159 34.26 25.35 60.40
N ASN M 16 38.90 -46.19 50.55
CA ASN M 16 40.29 -45.76 50.54
C ASN M 16 41.18 -46.86 51.12
N SER M 17 42.46 -46.55 51.29
CA SER M 17 43.44 -47.55 51.69
C SER M 17 43.03 -48.20 53.02
N ASN M 18 43.28 -49.51 53.12
CA ASN M 18 42.91 -50.26 54.31
C ASN M 18 44.10 -50.73 55.14
N VAL M 19 45.30 -50.79 54.57
CA VAL M 19 46.50 -51.14 55.31
C VAL M 19 47.60 -50.15 54.96
N VAL M 20 48.79 -50.40 55.52
CA VAL M 20 49.91 -49.49 55.37
C VAL M 20 50.48 -49.61 53.96
N THR M 21 50.87 -48.47 53.39
CA THR M 21 51.52 -48.40 52.09
C THR M 21 52.87 -47.72 52.22
N MET M 22 53.80 -48.12 51.37
CA MET M 22 55.17 -47.60 51.44
CA MET M 22 55.17 -47.61 51.43
C MET M 22 55.28 -46.25 50.75
N ILE M 23 56.01 -45.34 51.40
CA ILE M 23 56.29 -44.01 50.84
C ILE M 23 57.71 -44.01 50.31
N ARG M 24 57.87 -43.64 49.04
CA ARG M 24 59.18 -43.63 48.40
C ARG M 24 59.85 -42.28 48.67
N ALA M 25 60.44 -42.17 49.85
CA ALA M 25 61.06 -40.93 50.28
C ALA M 25 62.37 -40.69 49.54
N GLY M 26 62.85 -39.44 49.61
CA GLY M 26 64.09 -39.07 48.98
C GLY M 26 65.11 -38.51 49.94
N SER M 27 65.60 -37.30 49.67
CA SER M 27 66.58 -36.67 50.52
CA SER M 27 66.58 -36.67 50.52
C SER M 27 65.94 -36.20 51.83
N TYR M 28 66.79 -35.82 52.77
CA TYR M 28 66.29 -35.31 54.05
C TYR M 28 65.76 -33.90 53.86
N PRO M 29 64.53 -33.62 54.24
CA PRO M 29 63.91 -32.33 53.93
C PRO M 29 64.36 -31.23 54.88
N LYS M 30 63.98 -30.02 54.53
CA LYS M 30 64.19 -28.86 55.40
C LYS M 30 63.16 -28.91 56.54
N VAL M 31 63.64 -28.92 57.78
CA VAL M 31 62.78 -29.16 58.93
C VAL M 31 62.79 -27.93 59.84
N ASN M 32 61.79 -27.89 60.73
CA ASN M 32 61.66 -26.85 61.75
C ASN M 32 60.88 -27.42 62.93
N PRO M 33 61.51 -27.58 64.08
CA PRO M 33 60.81 -28.22 65.21
C PRO M 33 59.85 -27.28 65.92
N THR M 34 60.14 -25.98 65.90
CA THR M 34 59.35 -24.96 66.59
C THR M 34 58.79 -23.99 65.56
N PRO M 35 57.69 -24.35 64.91
CA PRO M 35 57.14 -23.50 63.85
C PRO M 35 56.24 -22.41 64.42
N THR M 36 55.72 -21.58 63.52
CA THR M 36 54.78 -20.53 63.90
C THR M 36 53.38 -21.11 64.09
N TRP M 37 52.46 -20.26 64.56
CA TRP M 37 51.12 -20.72 64.90
C TRP M 37 50.21 -19.50 64.99
N VAL M 38 49.27 -19.37 64.06
CA VAL M 38 48.26 -18.32 64.12
C VAL M 38 47.12 -18.80 65.00
N ARG M 39 46.72 -17.98 65.96
CA ARG M 39 45.77 -18.40 66.98
C ARG M 39 44.77 -17.29 67.25
N ALA M 40 43.71 -17.66 67.97
CA ALA M 40 42.79 -16.70 68.60
C ALA M 40 42.74 -17.05 70.07
N ILE M 41 43.28 -16.17 70.91
CA ILE M 41 43.51 -16.46 72.32
C ILE M 41 42.38 -15.82 73.13
N PRO M 42 41.53 -16.61 73.79
CA PRO M 42 40.53 -16.01 74.68
C PRO M 42 41.02 -15.92 76.12
N PHE M 43 40.81 -14.77 76.75
CA PHE M 43 41.13 -14.59 78.16
C PHE M 43 40.37 -13.38 78.68
N GLU M 44 40.27 -13.30 80.00
CA GLU M 44 39.50 -12.26 80.66
C GLU M 44 40.41 -11.41 81.54
N VAL M 45 39.97 -10.17 81.77
CA VAL M 45 40.68 -9.23 82.64
C VAL M 45 39.66 -8.53 83.52
N SER M 46 40.08 -8.22 84.75
CA SER M 46 39.23 -7.53 85.71
C SER M 46 39.43 -6.03 85.59
N VAL M 47 38.32 -5.29 85.54
CA VAL M 47 38.34 -3.85 85.32
C VAL M 47 37.59 -3.16 86.45
N GLN M 48 38.10 -2.00 86.86
CA GLN M 48 37.44 -1.16 87.85
C GLN M 48 36.68 -0.03 87.17
N SER M 49 35.77 0.58 87.93
CA SER M 49 34.93 1.64 87.37
CA SER M 49 34.93 1.64 87.37
C SER M 49 35.75 2.91 87.13
N GLY M 50 35.64 3.45 85.93
CA GLY M 50 36.30 4.69 85.59
C GLY M 50 37.81 4.63 85.46
N ILE M 51 38.41 3.45 85.55
CA ILE M 51 39.86 3.29 85.48
C ILE M 51 40.18 2.38 84.29
N ALA M 52 41.09 2.84 83.43
CA ALA M 52 41.51 2.05 82.28
C ALA M 52 42.53 1.01 82.72
N PHE M 53 42.46 -0.17 82.11
CA PHE M 53 43.37 -1.27 82.43
C PHE M 53 44.22 -1.58 81.21
N LYS M 54 45.55 -1.54 81.38
CA LYS M 54 46.47 -1.88 80.31
C LYS M 54 46.63 -3.39 80.26
N VAL M 55 46.13 -4.00 79.19
CA VAL M 55 46.22 -5.45 79.00
C VAL M 55 47.65 -5.81 78.63
N PRO M 56 48.35 -6.58 79.45
CA PRO M 56 49.72 -6.95 79.10
C PRO M 56 49.76 -8.05 78.05
N VAL M 57 50.78 -7.96 77.18
CA VAL M 57 50.96 -8.98 76.14
C VAL M 57 51.32 -10.31 76.77
N GLY M 58 51.94 -10.31 77.94
CA GLY M 58 52.33 -11.55 78.60
C GLY M 58 51.18 -12.46 78.93
N SER M 59 49.94 -11.97 78.84
N SER M 59 49.94 -11.97 78.85
CA SER M 59 48.78 -12.81 79.09
CA SER M 59 48.77 -12.81 79.08
C SER M 59 48.58 -13.86 77.99
C SER M 59 48.61 -13.87 78.01
N LEU M 60 49.20 -13.67 76.83
CA LEU M 60 49.06 -14.60 75.73
C LEU M 60 49.97 -15.81 75.85
N PHE M 61 51.04 -15.72 76.64
CA PHE M 61 51.99 -16.80 76.81
C PHE M 61 51.63 -17.57 78.08
N SER M 62 51.00 -18.73 77.91
CA SER M 62 50.58 -19.54 79.04
C SER M 62 50.34 -20.96 78.58
N ALA M 63 50.50 -21.91 79.51
CA ALA M 63 50.26 -23.32 79.19
C ALA M 63 48.79 -23.59 78.92
N ASN M 64 47.89 -22.73 79.38
CA ASN M 64 46.46 -22.88 79.09
C ASN M 64 46.14 -22.65 77.62
N PHE M 65 47.08 -22.07 76.86
CA PHE M 65 46.90 -21.84 75.43
C PHE M 65 47.89 -22.65 74.60
N ARG M 66 48.68 -23.52 75.24
CA ARG M 66 49.75 -24.26 74.56
C ARG M 66 50.81 -23.31 74.00
N THR M 67 50.88 -22.09 74.55
CA THR M 67 51.74 -21.06 74.01
C THR M 67 52.85 -20.65 74.98
N ASP M 68 53.11 -21.45 76.01
CA ASP M 68 54.16 -21.10 76.96
C ASP M 68 55.56 -21.25 76.38
N SER M 69 55.68 -21.69 75.13
CA SER M 69 56.97 -21.86 74.48
C SER M 69 57.39 -20.65 73.66
N PHE M 70 56.48 -19.72 73.39
CA PHE M 70 56.78 -18.55 72.59
C PHE M 70 57.26 -17.39 73.46
N THR M 71 58.05 -16.51 72.86
CA THR M 71 58.53 -15.30 73.52
C THR M 71 58.05 -14.02 72.88
N SER M 72 57.66 -14.04 71.61
CA SER M 72 57.12 -12.89 70.92
C SER M 72 55.81 -13.28 70.24
N VAL M 73 55.08 -12.26 69.77
CA VAL M 73 53.80 -12.49 69.13
C VAL M 73 53.45 -11.27 68.30
N THR M 74 52.78 -11.49 67.17
CA THR M 74 52.35 -10.43 66.27
C THR M 74 50.83 -10.31 66.38
N VAL M 75 50.36 -9.26 67.05
CA VAL M 75 48.94 -9.06 67.27
C VAL M 75 48.31 -8.50 66.01
N MET M 76 47.24 -9.13 65.54
CA MET M 76 46.55 -8.74 64.31
C MET M 76 45.22 -8.04 64.55
N SER M 77 44.41 -8.52 65.50
CA SER M 77 43.14 -7.88 65.79
C SER M 77 42.71 -8.24 67.20
N VAL M 78 42.02 -7.31 67.84
CA VAL M 78 41.58 -7.45 69.23
C VAL M 78 40.07 -7.23 69.29
N ARG M 79 39.36 -8.17 69.90
CA ARG M 79 37.92 -8.08 70.08
CA ARG M 79 37.92 -8.08 70.08
C ARG M 79 37.59 -8.26 71.56
N ALA M 80 36.71 -7.39 72.08
CA ALA M 80 36.39 -7.39 73.50
C ALA M 80 34.89 -7.50 73.71
N TRP M 81 34.51 -8.28 74.73
CA TRP M 81 33.13 -8.41 75.17
C TRP M 81 33.06 -8.16 76.68
N THR M 82 31.95 -7.59 77.12
CA THR M 82 31.69 -7.49 78.55
C THR M 82 31.37 -8.88 79.11
N GLN M 83 32.00 -9.23 80.23
CA GLN M 83 31.89 -10.56 80.79
C GLN M 83 30.86 -10.66 81.91
N LEU M 84 30.60 -9.58 82.62
CA LEU M 84 29.64 -9.58 83.72
C LEU M 84 28.51 -8.60 83.42
N THR M 85 27.51 -8.58 84.31
CA THR M 85 26.36 -7.71 84.11
C THR M 85 26.71 -6.26 84.45
N PRO M 86 26.07 -5.31 83.80
CA PRO M 86 26.35 -3.90 84.07
C PRO M 86 25.71 -3.46 85.37
N PRO M 87 26.07 -2.27 85.88
CA PRO M 87 25.39 -1.74 87.07
C PRO M 87 23.90 -1.57 86.82
N VAL M 88 23.17 -1.35 87.92
CA VAL M 88 21.72 -1.22 87.84
C VAL M 88 21.36 0.03 87.04
N ASN M 89 20.35 -0.12 86.18
CA ASN M 89 19.76 0.91 85.32
C ASN M 89 20.64 1.23 84.11
N GLU M 90 21.77 0.56 83.91
CA GLU M 90 22.71 0.90 82.85
C GLU M 90 22.77 -0.21 81.80
N TYR M 91 23.21 0.17 80.61
CA TYR M 91 23.56 -0.76 79.56
C TYR M 91 25.07 -0.96 79.52
N SER M 92 25.50 -2.15 79.14
CA SER M 92 26.92 -2.47 79.12
C SER M 92 27.64 -1.68 78.03
N PHE M 93 28.91 -1.39 78.27
CA PHE M 93 29.75 -0.78 77.25
C PHE M 93 31.20 -1.20 77.49
N VAL M 94 32.02 -0.98 76.46
CA VAL M 94 33.44 -1.29 76.54
C VAL M 94 34.21 -0.41 75.57
N ARG M 95 35.32 0.17 76.02
CA ARG M 95 36.16 1.02 75.18
C ARG M 95 37.54 0.38 75.03
N LEU M 96 38.10 0.51 73.84
CA LEU M 96 39.43 -0.01 73.53
C LEU M 96 40.30 1.11 72.99
N LYS M 97 41.48 1.27 73.58
CA LYS M 97 42.47 2.24 73.11
C LYS M 97 43.74 1.52 72.72
N PRO M 98 44.05 1.41 71.42
CA PRO M 98 45.24 0.66 71.01
C PRO M 98 46.51 1.29 71.54
N LEU M 99 47.46 0.44 71.96
CA LEU M 99 48.76 0.86 72.45
C LEU M 99 49.84 0.28 71.56
N PHE M 100 50.90 1.07 71.34
CA PHE M 100 52.00 0.65 70.50
C PHE M 100 53.31 1.16 71.09
N LYS M 101 54.39 0.40 70.87
CA LYS M 101 55.69 0.82 71.39
CA LYS M 101 55.70 0.81 71.38
C LYS M 101 56.18 2.09 70.71
N THR M 102 55.96 2.21 69.39
CA THR M 102 56.38 3.38 68.64
C THR M 102 55.48 4.59 68.87
N GLY M 103 54.40 4.45 69.64
CA GLY M 103 53.49 5.55 69.91
C GLY M 103 52.06 5.12 70.13
N ASP M 104 51.55 5.36 71.33
CA ASP M 104 50.19 4.98 71.66
C ASP M 104 49.18 5.83 70.91
N SER M 105 48.06 5.22 70.54
CA SER M 105 46.98 5.92 69.86
CA SER M 105 46.99 5.93 69.85
C SER M 105 46.00 6.52 70.87
N THR M 106 45.19 7.45 70.38
CA THR M 106 44.18 8.09 71.20
C THR M 106 42.76 7.71 70.81
N GLU M 107 42.60 6.74 69.91
CA GLU M 107 41.27 6.31 69.52
C GLU M 107 40.62 5.49 70.63
N GLU M 108 39.32 5.71 70.83
CA GLU M 108 38.55 5.02 71.85
C GLU M 108 37.38 4.30 71.19
N PHE M 109 37.67 3.21 70.50
CA PHE M 109 36.62 2.40 69.91
C PHE M 109 35.69 1.88 70.98
N GLU M 110 34.40 2.23 70.89
CA GLU M 110 33.44 1.93 71.94
C GLU M 110 32.21 1.26 71.35
N GLY M 111 31.68 0.28 72.08
CA GLY M 111 30.43 -0.36 71.73
C GLY M 111 29.52 -0.51 72.93
N ARG M 112 28.22 -0.34 72.73
CA ARG M 112 27.25 -0.45 73.80
C ARG M 112 26.19 -1.49 73.46
N ALA M 113 25.69 -2.17 74.48
CA ALA M 113 24.60 -3.11 74.30
C ALA M 113 23.27 -2.38 74.22
N SER M 114 22.42 -2.80 73.31
CA SER M 114 21.09 -2.22 73.18
C SER M 114 20.06 -2.92 74.07
N ASN M 115 20.44 -4.02 74.69
CA ASN M 115 19.61 -4.70 75.67
C ASN M 115 20.43 -4.89 76.94
N ILE M 116 19.84 -4.57 78.09
CA ILE M 116 20.60 -4.59 79.34
C ILE M 116 21.15 -5.98 79.64
N ASN M 117 20.47 -7.02 79.17
CA ASN M 117 20.88 -8.39 79.45
C ASN M 117 21.87 -8.93 78.43
N THR M 118 22.28 -8.12 77.45
CA THR M 118 23.18 -8.55 76.40
CA THR M 118 23.19 -8.56 76.40
C THR M 118 24.56 -7.92 76.58
N ARG M 119 25.59 -8.60 76.08
CA ARG M 119 26.94 -8.07 76.14
C ARG M 119 27.10 -6.91 75.17
N ALA M 120 28.02 -6.00 75.50
CA ALA M 120 28.48 -4.99 74.57
C ALA M 120 29.82 -5.42 74.01
N SER M 121 30.05 -5.15 72.73
CA SER M 121 31.25 -5.62 72.06
C SER M 121 31.78 -4.55 71.10
N VAL M 122 33.09 -4.62 70.86
CA VAL M 122 33.76 -3.75 69.90
C VAL M 122 35.12 -4.38 69.58
N GLY M 123 35.76 -3.91 68.53
CA GLY M 123 37.07 -4.43 68.18
C GLY M 123 37.75 -3.51 67.19
N TYR M 124 39.06 -3.74 67.01
CA TYR M 124 39.83 -2.97 66.06
C TYR M 124 40.85 -3.87 65.37
N ARG M 125 41.25 -3.44 64.17
CA ARG M 125 42.22 -4.14 63.35
C ARG M 125 43.54 -3.37 63.36
N ILE M 126 44.64 -4.10 63.47
CA ILE M 126 45.97 -3.49 63.45
C ILE M 126 46.50 -3.55 62.02
N PRO M 127 46.87 -2.42 61.42
CA PRO M 127 47.33 -2.44 60.02
C PRO M 127 48.66 -3.16 59.88
N THR M 128 49.02 -3.44 58.63
CA THR M 128 50.23 -4.19 58.34
CA THR M 128 50.23 -4.19 58.36
C THR M 128 51.48 -3.42 58.76
N ASN M 129 51.45 -2.09 58.63
CA ASN M 129 52.62 -1.29 58.96
C ASN M 129 52.93 -1.25 60.45
N LEU M 130 52.00 -1.68 61.30
CA LEU M 130 52.22 -1.70 62.74
C LEU M 130 52.20 -3.12 63.31
N ARG M 131 52.35 -4.14 62.46
CA ARG M 131 52.32 -5.52 62.92
C ARG M 131 53.74 -6.03 63.15
N GLN M 132 54.37 -5.46 64.18
CA GLN M 132 55.67 -5.91 64.64
C GLN M 132 55.49 -6.87 65.82
N ASN M 133 56.62 -7.37 66.34
CA ASN M 133 56.57 -8.27 67.48
C ASN M 133 56.41 -7.50 68.78
N THR M 134 55.75 -8.14 69.75
CA THR M 134 55.64 -7.64 71.10
C THR M 134 55.97 -8.76 72.07
N VAL M 135 56.56 -8.39 73.21
CA VAL M 135 56.95 -9.39 74.21
C VAL M 135 56.06 -9.24 75.44
N ALA M 136 56.34 -10.03 76.47
CA ALA M 136 55.46 -10.06 77.64
C ALA M 136 55.41 -8.71 78.35
N ALA M 137 56.50 -7.94 78.31
CA ALA M 137 56.54 -6.66 79.01
C ALA M 137 55.70 -5.59 78.33
N ASP M 138 55.23 -5.83 77.11
CA ASP M 138 54.45 -4.84 76.37
C ASP M 138 52.97 -4.94 76.73
N ASN M 139 52.20 -3.97 76.24
CA ASN M 139 50.76 -3.90 76.48
C ASN M 139 50.02 -3.87 75.15
N VAL M 140 48.89 -4.56 75.09
CA VAL M 140 48.09 -4.60 73.87
C VAL M 140 47.27 -3.33 73.73
N CYS M 141 46.42 -3.04 74.71
CA CYS M 141 45.54 -1.89 74.64
C CYS M 141 45.00 -1.59 76.04
N GLU M 142 44.38 -0.43 76.17
CA GLU M 142 43.66 -0.07 77.39
C GLU M 142 42.18 -0.41 77.22
N VAL M 143 41.54 -0.79 78.33
CA VAL M 143 40.14 -1.21 78.35
CA VAL M 143 40.14 -1.20 78.33
C VAL M 143 39.42 -0.46 79.46
N ARG M 144 38.23 0.05 79.14
CA ARG M 144 37.36 0.73 80.09
C ARG M 144 35.97 0.13 79.97
N SER M 145 35.32 -0.11 81.11
CA SER M 145 34.00 -0.73 81.09
C SER M 145 33.33 -0.53 82.44
N ASN M 146 32.01 -0.33 82.41
CA ASN M 146 31.21 -0.29 83.63
C ASN M 146 30.99 -1.67 84.22
N CYS M 147 31.27 -2.73 83.48
CA CYS M 147 31.26 -4.08 84.02
C CYS M 147 32.59 -4.38 84.69
N ARG M 148 32.61 -5.40 85.54
CA ARG M 148 33.79 -5.69 86.34
C ARG M 148 34.77 -6.62 85.62
N GLN M 149 34.35 -7.31 84.57
CA GLN M 149 35.23 -8.18 83.80
CA GLN M 149 35.22 -8.17 83.80
C GLN M 149 34.96 -7.99 82.31
N VAL M 150 36.00 -8.19 81.51
CA VAL M 150 35.94 -8.05 80.07
C VAL M 150 36.63 -9.26 79.43
N ALA M 151 35.93 -9.92 78.51
CA ALA M 151 36.51 -11.03 77.77
C ALA M 151 37.15 -10.53 76.49
N LEU M 152 38.32 -11.08 76.17
CA LEU M 152 39.09 -10.69 75.00
C LEU M 152 39.37 -11.90 74.12
N VAL M 153 39.41 -11.66 72.81
CA VAL M 153 39.82 -12.66 71.83
C VAL M 153 40.76 -11.95 70.87
N ILE M 154 42.05 -12.19 71.02
CA ILE M 154 43.09 -11.44 70.33
C ILE M 154 43.68 -12.32 69.25
N SER M 155 43.29 -12.07 68.00
CA SER M 155 43.87 -12.80 66.88
CA SER M 155 43.87 -12.80 66.88
C SER M 155 45.32 -12.38 66.71
N CYS M 156 46.22 -13.35 66.66
CA CYS M 156 47.64 -13.06 66.61
C CYS M 156 48.40 -14.23 66.00
N CYS M 157 49.69 -14.00 65.75
N CYS M 157 49.69 -14.02 65.77
CA CYS M 157 50.61 -15.01 65.23
CA CYS M 157 50.57 -15.05 65.24
C CYS M 157 51.76 -15.15 66.20
C CYS M 157 51.78 -15.17 66.15
N PHE M 158 51.95 -16.35 66.74
CA PHE M 158 53.05 -16.63 67.64
C PHE M 158 54.27 -17.07 66.85
N ASN M 159 55.43 -16.51 67.19
CA ASN M 159 56.67 -16.88 66.52
C ASN M 159 57.86 -16.80 67.47
N ASN N 16 -5.84 -44.00 45.12
CA ASN N 16 -5.02 -45.14 45.51
C ASN N 16 -5.90 -46.32 45.89
N SER N 17 -5.28 -47.42 46.32
CA SER N 17 -6.03 -48.62 46.64
C SER N 17 -6.92 -48.41 47.86
N ASN N 18 -8.11 -48.99 47.81
N ASN N 18 -8.11 -49.01 47.80
CA ASN N 18 -9.03 -48.94 48.94
CA ASN N 18 -9.07 -48.94 48.90
C ASN N 18 -9.28 -50.29 49.60
C ASN N 18 -9.28 -50.28 49.59
N VAL N 19 -8.75 -51.37 49.04
CA VAL N 19 -8.88 -52.71 49.61
C VAL N 19 -7.52 -53.39 49.55
N VAL N 20 -7.46 -54.59 50.12
CA VAL N 20 -6.21 -55.34 50.15
C VAL N 20 -5.90 -55.87 48.76
N THR N 21 -4.60 -55.92 48.43
CA THR N 21 -4.12 -56.42 47.16
C THR N 21 -3.06 -57.48 47.41
N MET N 22 -2.96 -58.42 46.46
CA MET N 22 -2.07 -59.55 46.63
CA MET N 22 -2.06 -59.55 46.62
C MET N 22 -0.63 -59.18 46.26
N ILE N 23 0.32 -59.67 47.06
CA ILE N 23 1.74 -59.49 46.81
C ILE N 23 2.30 -60.81 46.28
N ARG N 24 3.02 -60.74 45.17
CA ARG N 24 3.63 -61.94 44.58
C ARG N 24 5.06 -62.08 45.08
N ALA N 25 5.16 -62.45 46.35
CA ALA N 25 6.45 -62.64 46.98
C ALA N 25 7.11 -63.93 46.48
N GLY N 26 8.43 -63.99 46.61
CA GLY N 26 9.18 -65.13 46.13
C GLY N 26 9.89 -65.90 47.21
N SER N 27 11.20 -66.04 47.09
CA SER N 27 11.99 -66.77 48.07
CA SER N 27 11.98 -66.77 48.08
C SER N 27 12.03 -66.01 49.40
N TYR N 28 12.51 -66.70 50.43
CA TYR N 28 12.60 -66.07 51.75
C TYR N 28 13.79 -65.11 51.77
N PRO N 29 13.57 -63.85 52.16
CA PRO N 29 14.64 -62.85 52.09
C PRO N 29 15.57 -62.93 53.29
N LYS N 30 16.70 -62.26 53.16
CA LYS N 30 17.64 -62.12 54.27
C LYS N 30 17.07 -61.16 55.31
N VAL N 31 16.94 -61.63 56.54
CA VAL N 31 16.23 -60.90 57.58
C VAL N 31 17.19 -60.56 58.71
N ASN N 32 16.71 -59.70 59.62
CA ASN N 32 17.44 -59.30 60.81
C ASN N 32 16.46 -58.78 61.86
N PRO N 33 16.29 -59.48 62.98
CA PRO N 33 15.32 -59.02 63.98
C PRO N 33 15.85 -57.92 64.89
N THR N 34 17.17 -57.74 64.98
CA THR N 34 17.78 -56.71 65.82
C THR N 34 18.67 -55.84 64.94
N PRO N 35 18.12 -54.82 64.28
CA PRO N 35 18.94 -53.99 63.39
C PRO N 35 19.58 -52.80 64.09
N THR N 36 20.34 -52.02 63.32
CA THR N 36 21.00 -50.82 63.83
C THR N 36 20.01 -49.66 63.87
N TRP N 37 20.46 -48.53 64.41
CA TRP N 37 19.57 -47.37 64.60
C TRP N 37 20.37 -46.10 64.86
N VAL N 38 20.40 -45.18 63.91
CA VAL N 38 21.01 -43.89 64.12
C VAL N 38 20.05 -43.00 64.88
N ARG N 39 20.51 -42.39 65.97
CA ARG N 39 19.64 -41.66 66.88
C ARG N 39 20.37 -40.45 67.44
N ALA N 40 19.59 -39.47 67.90
CA ALA N 40 20.09 -38.36 68.71
C ALA N 40 19.43 -38.48 70.08
N ILE N 41 20.23 -38.79 71.09
CA ILE N 41 19.72 -39.10 72.43
C ILE N 41 19.76 -37.82 73.26
N PRO N 42 18.62 -37.29 73.70
CA PRO N 42 18.64 -36.16 74.62
C PRO N 42 18.58 -36.60 76.08
N PHE N 43 19.52 -36.10 76.89
CA PHE N 43 19.50 -36.36 78.33
C PHE N 43 20.30 -35.26 79.01
N GLU N 44 20.18 -35.21 80.34
CA GLU N 44 20.79 -34.16 81.13
C GLU N 44 21.72 -34.77 82.17
N VAL N 45 22.67 -33.96 82.63
CA VAL N 45 23.58 -34.33 83.71
C VAL N 45 23.69 -33.16 84.67
N SER N 46 23.85 -33.47 85.95
CA SER N 46 24.03 -32.46 86.97
C SER N 46 25.53 -32.26 87.23
N VAL N 47 25.97 -31.00 87.14
N VAL N 47 25.99 -31.02 87.11
CA VAL N 47 27.38 -30.63 87.26
CA VAL N 47 27.40 -30.72 87.30
C VAL N 47 27.55 -29.69 88.43
C VAL N 47 27.54 -29.74 88.45
N GLN N 48 28.71 -29.77 89.08
CA GLN N 48 29.06 -28.87 90.17
C GLN N 48 29.99 -27.77 89.64
N SER N 49 30.07 -26.68 90.40
CA SER N 49 30.89 -25.56 89.99
CA SER N 49 30.90 -25.56 90.00
C SER N 49 32.38 -25.93 90.09
N GLY N 50 33.11 -25.66 89.00
CA GLY N 50 34.55 -25.86 88.98
C GLY N 50 34.97 -27.32 89.04
N ILE N 51 34.03 -28.22 88.80
CA ILE N 51 34.28 -29.65 88.83
C ILE N 51 33.84 -30.26 87.50
N ALA N 52 34.76 -30.92 86.82
CA ALA N 52 34.48 -31.56 85.54
C ALA N 52 33.67 -32.83 85.75
N PHE N 53 32.65 -33.01 84.92
CA PHE N 53 31.77 -34.17 84.98
C PHE N 53 32.02 -35.06 83.77
N LYS N 54 32.41 -36.30 84.03
CA LYS N 54 32.59 -37.28 82.96
C LYS N 54 31.25 -37.91 82.62
N VAL N 55 30.88 -37.88 81.34
CA VAL N 55 29.61 -38.40 80.87
C VAL N 55 29.82 -39.87 80.47
N PRO N 56 29.22 -40.82 81.18
N PRO N 56 29.22 -40.82 81.18
CA PRO N 56 29.38 -42.22 80.80
CA PRO N 56 29.36 -42.22 80.80
C PRO N 56 28.51 -42.59 79.61
C PRO N 56 28.54 -42.55 79.57
N VAL N 57 29.04 -43.52 78.80
CA VAL N 57 28.30 -43.96 77.62
C VAL N 57 27.04 -44.71 78.03
N GLY N 58 27.04 -45.33 79.22
CA GLY N 58 25.88 -46.09 79.69
C GLY N 58 24.62 -45.26 79.83
N SER N 59 24.73 -43.93 79.85
N SER N 59 24.73 -43.93 79.86
CA SER N 59 23.55 -43.09 79.93
CA SER N 59 23.55 -43.09 79.93
C SER N 59 22.72 -43.14 78.65
C SER N 59 22.70 -43.21 78.66
N LEU N 60 23.28 -43.66 77.56
CA LEU N 60 22.55 -43.79 76.31
C LEU N 60 21.76 -45.09 76.21
N PHE N 61 22.11 -46.10 76.99
CA PHE N 61 21.39 -47.38 76.97
C PHE N 61 20.32 -47.33 78.05
N SER N 62 19.09 -47.05 77.65
CA SER N 62 17.98 -46.94 78.60
C SER N 62 16.66 -47.18 77.87
N ALA N 63 15.67 -47.64 78.62
CA ALA N 63 14.35 -47.87 78.04
C ALA N 63 13.63 -46.57 77.72
N ASN N 64 14.06 -45.46 78.31
CA ASN N 64 13.50 -44.16 77.95
C ASN N 64 13.91 -43.71 76.57
N PHE N 65 14.86 -44.40 75.94
CA PHE N 65 15.30 -44.10 74.58
C PHE N 65 15.03 -45.26 73.62
N ARG N 66 14.32 -46.28 74.07
CA ARG N 66 14.11 -47.52 73.30
C ARG N 66 15.44 -48.19 72.95
N THR N 67 16.47 -47.98 73.78
CA THR N 67 17.82 -48.46 73.48
C THR N 67 18.36 -49.39 74.56
N ASP N 68 17.50 -49.96 75.39
CA ASP N 68 17.96 -50.89 76.42
C ASP N 68 18.40 -52.23 75.84
N SER N 69 18.14 -52.48 74.56
CA SER N 69 18.52 -53.73 73.92
C SER N 69 19.89 -53.66 73.26
N PHE N 70 20.53 -52.49 73.23
CA PHE N 70 21.84 -52.33 72.63
C PHE N 70 22.93 -52.41 73.71
N THR N 71 24.09 -52.93 73.31
CA THR N 71 25.24 -53.01 74.19
C THR N 71 26.45 -52.23 73.70
N SER N 72 26.39 -51.68 72.50
CA SER N 72 27.46 -50.86 71.96
C SER N 72 26.86 -49.71 71.16
N VAL N 73 27.63 -48.65 70.99
CA VAL N 73 27.16 -47.48 70.26
C VAL N 73 28.36 -46.74 69.68
N THR N 74 28.19 -46.20 68.48
CA THR N 74 29.23 -45.43 67.80
C THR N 74 28.82 -43.96 67.83
N VAL N 75 29.51 -43.17 68.64
CA VAL N 75 29.17 -41.76 68.81
C VAL N 75 29.74 -40.97 67.62
N MET N 76 28.89 -40.16 66.98
CA MET N 76 29.31 -39.32 65.87
CA MET N 76 29.33 -39.31 65.87
C MET N 76 29.51 -37.86 66.25
N SER N 77 28.61 -37.30 67.05
CA SER N 77 28.70 -35.90 67.41
C SER N 77 28.03 -35.68 68.76
N VAL N 78 28.54 -34.70 69.50
CA VAL N 78 28.04 -34.36 70.82
C VAL N 78 27.80 -32.86 70.88
N ARG N 79 26.64 -32.46 71.39
CA ARG N 79 26.29 -31.07 71.60
CA ARG N 79 26.33 -31.07 71.63
C ARG N 79 25.73 -30.91 73.01
N ALA N 80 26.00 -29.76 73.62
CA ALA N 80 25.56 -29.51 74.99
C ALA N 80 24.98 -28.12 75.13
N TRP N 81 23.91 -28.02 75.93
CA TRP N 81 23.30 -26.75 76.30
C TRP N 81 23.25 -26.63 77.81
N THR N 82 23.37 -25.40 78.30
CA THR N 82 23.18 -25.15 79.72
C THR N 82 21.70 -25.27 80.05
N GLN N 83 21.38 -26.07 81.07
CA GLN N 83 19.99 -26.38 81.38
C GLN N 83 19.41 -25.46 82.45
N LEU N 84 20.24 -24.91 83.32
CA LEU N 84 19.80 -24.00 84.37
C LEU N 84 20.44 -22.64 84.18
N THR N 85 19.97 -21.68 84.96
CA THR N 85 20.49 -20.33 84.87
C THR N 85 21.89 -20.25 85.48
N PRO N 86 22.71 -19.31 85.03
CA PRO N 86 24.05 -19.14 85.61
C PRO N 86 23.95 -18.44 86.95
N PRO N 87 25.05 -18.38 87.71
CA PRO N 87 25.04 -17.61 88.96
C PRO N 87 24.74 -16.14 88.69
N VAL N 88 24.46 -15.42 89.77
CA VAL N 88 24.10 -14.02 89.67
C VAL N 88 25.24 -13.23 89.03
N ASN N 89 24.88 -12.33 88.12
CA ASN N 89 25.75 -11.38 87.41
C ASN N 89 26.53 -12.03 86.27
N GLU N 90 26.43 -13.34 86.07
CA GLU N 90 27.25 -14.03 85.10
C GLU N 90 26.45 -14.45 83.88
N TYR N 91 27.16 -14.75 82.80
CA TYR N 91 26.62 -15.37 81.61
C TYR N 91 26.92 -16.87 81.63
N SER N 92 26.09 -17.64 80.94
CA SER N 92 26.26 -19.08 80.91
C SER N 92 27.42 -19.48 80.00
N PHE N 93 28.06 -20.60 80.34
CA PHE N 93 29.10 -21.18 79.50
C PHE N 93 29.15 -22.68 79.74
N VAL N 94 29.73 -23.39 78.78
CA VAL N 94 29.88 -24.84 78.87
C VAL N 94 31.13 -25.24 78.09
N ARG N 95 31.90 -26.17 78.64
CA ARG N 95 33.11 -26.67 78.01
C ARG N 95 33.00 -28.18 77.82
N LEU N 96 33.55 -28.67 76.71
CA LEU N 96 33.52 -30.08 76.37
C LEU N 96 34.92 -30.54 76.02
N LYS N 97 35.43 -31.54 76.76
CA LYS N 97 36.70 -32.16 76.44
C LYS N 97 36.47 -33.58 75.97
N PRO N 98 36.70 -33.88 74.69
CA PRO N 98 36.44 -35.24 74.20
C PRO N 98 37.38 -36.26 74.85
N LEU N 99 36.83 -37.46 75.07
CA LEU N 99 37.56 -38.57 75.66
C LEU N 99 37.51 -39.77 74.71
N PHE N 100 38.62 -40.50 74.63
CA PHE N 100 38.71 -41.68 73.77
C PHE N 100 39.49 -42.77 74.49
N LYS N 101 39.16 -44.02 74.17
CA LYS N 101 39.85 -45.14 74.81
CA LYS N 101 39.85 -45.14 74.80
CA LYS N 101 39.84 -45.15 74.81
C LYS N 101 41.31 -45.21 74.38
N THR N 102 41.58 -44.95 73.11
CA THR N 102 42.96 -45.02 72.61
C THR N 102 43.78 -43.78 72.99
N GLY N 103 43.16 -42.77 73.60
CA GLY N 103 43.88 -41.58 73.99
C GLY N 103 42.98 -40.37 74.16
N ASP N 104 43.00 -39.78 75.35
CA ASP N 104 42.16 -38.62 75.62
C ASP N 104 42.72 -37.37 74.95
N SER N 105 41.83 -36.44 74.63
CA SER N 105 42.19 -35.18 74.01
CA SER N 105 42.19 -35.18 74.02
C SER N 105 42.34 -34.10 75.07
N THR N 106 42.97 -33.00 74.68
CA THR N 106 43.19 -31.86 75.56
C THR N 106 42.45 -30.62 75.10
N GLU N 107 41.53 -30.75 74.14
CA GLU N 107 40.75 -29.62 73.67
C GLU N 107 39.65 -29.28 74.67
N GLU N 108 39.30 -27.99 74.72
CA GLU N 108 38.22 -27.50 75.58
C GLU N 108 37.33 -26.58 74.73
N PHE N 109 36.50 -27.19 73.90
CA PHE N 109 35.56 -26.41 73.08
C PHE N 109 34.56 -25.72 73.98
N GLU N 110 34.53 -24.38 73.91
CA GLU N 110 33.78 -23.57 74.85
C GLU N 110 32.86 -22.61 74.12
N GLY N 111 31.62 -22.54 74.56
CA GLY N 111 30.68 -21.56 74.04
C GLY N 111 30.02 -20.82 75.18
N ARG N 112 29.86 -19.51 75.01
CA ARG N 112 29.29 -18.64 76.03
C ARG N 112 28.05 -17.96 75.51
N ALA N 113 27.13 -17.65 76.42
CA ALA N 113 25.92 -16.93 76.08
C ALA N 113 26.20 -15.44 76.04
N SER N 114 25.61 -14.76 75.07
CA SER N 114 25.71 -13.31 74.99
C SER N 114 24.59 -12.60 75.73
N ASN N 115 23.58 -13.34 76.18
CA ASN N 115 22.51 -12.80 77.00
C ASN N 115 22.42 -13.64 78.27
N ILE N 116 22.31 -12.98 79.43
CA ILE N 116 22.30 -13.70 80.69
C ILE N 116 21.11 -14.64 80.80
N ASN N 117 20.07 -14.41 80.02
CA ASN N 117 18.85 -15.22 80.07
C ASN N 117 18.81 -16.29 78.98
N THR N 118 19.88 -16.43 78.20
CA THR N 118 19.92 -17.37 77.09
CA THR N 118 19.92 -17.37 77.09
C THR N 118 20.91 -18.50 77.38
N ARG N 119 20.62 -19.68 76.83
CA ARG N 119 21.50 -20.82 76.99
C ARG N 119 22.84 -20.59 76.31
N ALA N 120 23.86 -21.28 76.79
CA ALA N 120 25.15 -21.38 76.12
C ALA N 120 25.30 -22.78 75.53
N SER N 121 25.80 -22.86 74.30
CA SER N 121 25.85 -24.13 73.60
C SER N 121 27.18 -24.26 72.86
N VAL N 122 27.62 -25.51 72.70
CA VAL N 122 28.83 -25.82 71.96
C VAL N 122 28.82 -27.31 71.63
N GLY N 123 29.66 -27.73 70.70
CA GLY N 123 29.70 -29.13 70.33
C GLY N 123 30.95 -29.44 69.53
N TYR N 124 31.15 -30.75 69.30
CA TYR N 124 32.30 -31.20 68.53
C TYR N 124 31.91 -32.44 67.73
N ARG N 125 32.65 -32.69 66.65
CA ARG N 125 32.42 -33.82 65.77
C ARG N 125 33.55 -34.83 65.90
N ILE N 126 33.20 -36.11 65.93
CA ILE N 126 34.19 -37.18 66.01
C ILE N 126 34.56 -37.61 64.60
N PRO N 127 35.84 -37.61 64.24
CA PRO N 127 36.23 -38.01 62.89
C PRO N 127 35.97 -39.50 62.65
N THR N 128 36.00 -39.87 61.36
CA THR N 128 35.71 -41.26 61.00
CA THR N 128 35.70 -41.26 61.01
C THR N 128 36.76 -42.22 61.53
N ASN N 129 38.00 -41.77 61.67
CA ASN N 129 39.06 -42.65 62.14
C ASN N 129 38.97 -42.92 63.64
N LEU N 130 38.08 -42.24 64.36
CA LEU N 130 37.89 -42.48 65.78
C LEU N 130 36.50 -42.99 66.11
N ARG N 131 35.70 -43.33 65.10
CA ARG N 131 34.32 -43.77 65.31
C ARG N 131 34.26 -45.29 65.48
N GLN N 132 34.88 -45.75 66.57
CA GLN N 132 34.75 -47.14 66.98
C GLN N 132 33.61 -47.27 67.97
N ASN N 133 33.36 -48.49 68.43
CA ASN N 133 32.27 -48.70 69.37
C ASN N 133 32.70 -48.34 70.79
N THR N 134 31.69 -48.07 71.62
CA THR N 134 31.91 -47.78 73.03
C THR N 134 30.83 -48.49 73.84
N VAL N 135 31.19 -48.93 75.04
CA VAL N 135 30.28 -49.68 75.90
C VAL N 135 29.89 -48.83 77.11
N ALA N 136 29.07 -49.41 77.99
CA ALA N 136 28.49 -48.65 79.10
C ALA N 136 29.55 -48.09 80.03
N ALA N 137 30.65 -48.82 80.24
CA ALA N 137 31.68 -48.36 81.17
C ALA N 137 32.48 -47.20 80.60
N ASP N 138 32.52 -47.04 79.27
CA ASP N 138 33.33 -46.00 78.66
C ASP N 138 32.70 -44.62 78.88
N ASN N 139 33.49 -43.59 78.62
CA ASN N 139 33.08 -42.21 78.81
C ASN N 139 33.09 -41.46 77.49
N VAL N 140 32.14 -40.54 77.33
CA VAL N 140 32.03 -39.75 76.11
C VAL N 140 32.96 -38.55 76.16
N CYS N 141 32.81 -37.70 77.18
CA CYS N 141 33.56 -36.46 77.26
C CYS N 141 33.45 -35.93 78.68
N GLU N 142 34.19 -34.85 78.94
CA GLU N 142 34.09 -34.11 80.18
C GLU N 142 33.27 -32.85 79.97
N VAL N 143 32.47 -32.49 80.98
CA VAL N 143 31.58 -31.33 80.91
C VAL N 143 31.90 -30.41 82.08
N ARG N 144 32.21 -29.15 81.77
CA ARG N 144 32.40 -28.10 82.76
C ARG N 144 31.43 -26.97 82.47
N SER N 145 30.91 -26.35 83.53
CA SER N 145 29.93 -25.29 83.37
C SER N 145 29.76 -24.57 84.69
N ASN N 146 29.27 -23.33 84.61
CA ASN N 146 28.85 -22.59 85.79
C ASN N 146 27.38 -22.85 86.13
N CYS N 147 26.62 -23.43 85.20
CA CYS N 147 25.24 -23.82 85.47
C CYS N 147 25.22 -25.23 86.06
N ARG N 148 24.25 -25.46 86.95
CA ARG N 148 24.22 -26.70 87.71
C ARG N 148 23.72 -27.90 86.91
N GLN N 149 23.22 -27.70 85.68
CA GLN N 149 22.73 -28.79 84.86
CA GLN N 149 22.73 -28.79 84.86
C GLN N 149 23.04 -28.51 83.41
N VAL N 150 23.33 -29.57 82.65
CA VAL N 150 23.68 -29.48 81.24
C VAL N 150 22.87 -30.51 80.48
N ALA N 151 22.22 -30.07 79.40
CA ALA N 151 21.45 -30.94 78.53
C ALA N 151 22.30 -31.33 77.32
N LEU N 152 22.35 -32.62 77.03
CA LEU N 152 23.18 -33.16 75.96
C LEU N 152 22.32 -33.81 74.90
N VAL N 153 22.71 -33.64 73.64
CA VAL N 153 22.09 -34.29 72.50
C VAL N 153 23.21 -35.00 71.74
N ILE N 154 23.23 -36.32 71.80
CA ILE N 154 24.34 -37.10 71.27
C ILE N 154 23.85 -37.87 70.05
N SER N 155 24.32 -37.47 68.87
CA SER N 155 24.03 -38.19 67.64
CA SER N 155 24.03 -38.19 67.64
C SER N 155 24.94 -39.42 67.55
N CYS N 156 24.34 -40.60 67.41
CA CYS N 156 25.10 -41.85 67.41
C CYS N 156 24.30 -42.93 66.69
N CYS N 157 24.99 -44.02 66.32
CA CYS N 157 24.32 -45.23 65.80
C CYS N 157 24.44 -46.39 66.79
N PHE N 158 23.31 -46.90 67.25
CA PHE N 158 23.28 -48.09 68.09
C PHE N 158 23.44 -49.36 67.25
N ASN N 159 24.20 -50.31 67.77
CA ASN N 159 24.38 -51.60 67.11
C ASN N 159 24.79 -52.67 68.11
N ASN O 16 -16.75 -0.32 38.92
CA ASN O 16 -17.62 -1.46 39.16
C ASN O 16 -19.07 -0.99 39.34
N SER O 17 -19.99 -1.94 39.53
CA SER O 17 -21.40 -1.61 39.61
C SER O 17 -21.69 -0.78 40.85
N ASN O 18 -22.62 0.17 40.70
N ASN O 18 -22.63 0.17 40.70
CA ASN O 18 -23.03 1.02 41.82
CA ASN O 18 -23.04 1.03 41.79
C ASN O 18 -24.46 0.78 42.27
C ASN O 18 -24.45 0.74 42.29
N VAL O 19 -25.22 -0.06 41.57
CA VAL O 19 -26.60 -0.38 41.94
C VAL O 19 -26.82 -1.88 41.77
N VAL O 20 -28.00 -2.32 42.20
CA VAL O 20 -28.35 -3.73 42.14
C VAL O 20 -28.53 -4.14 40.69
N THR O 21 -28.10 -5.36 40.37
CA THR O 21 -28.25 -5.92 39.04
C THR O 21 -28.90 -7.30 39.15
N MET O 22 -29.55 -7.71 38.08
CA MET O 22 -30.33 -8.94 38.10
CA MET O 22 -30.34 -8.94 38.07
C MET O 22 -29.45 -10.15 37.86
N ILE O 23 -29.72 -11.22 38.60
CA ILE O 23 -29.05 -12.50 38.46
C ILE O 23 -30.03 -13.46 37.79
N ARG O 24 -29.60 -14.04 36.67
CA ARG O 24 -30.45 -14.97 35.92
C ARG O 24 -30.21 -16.38 36.43
N ALA O 25 -30.85 -16.69 37.56
CA ALA O 25 -30.72 -18.00 38.16
C ALA O 25 -31.54 -19.03 37.39
N GLY O 26 -31.20 -20.30 37.61
CA GLY O 26 -31.87 -21.38 36.93
C GLY O 26 -32.63 -22.32 37.84
N SER O 27 -32.26 -23.59 37.84
CA SER O 27 -32.92 -24.58 38.68
CA SER O 27 -32.92 -24.58 38.68
C SER O 27 -32.46 -24.43 40.13
N TYR O 28 -33.22 -25.03 41.03
CA TYR O 28 -32.88 -24.97 42.44
C TYR O 28 -31.60 -25.76 42.69
N PRO O 29 -30.59 -25.15 43.31
CA PRO O 29 -29.29 -25.82 43.45
C PRO O 29 -29.27 -26.80 44.62
N LYS O 30 -28.24 -27.64 44.62
CA LYS O 30 -27.99 -28.52 45.75
C LYS O 30 -27.47 -27.70 46.92
N VAL O 31 -28.18 -27.74 48.04
CA VAL O 31 -27.90 -26.85 49.17
C VAL O 31 -27.46 -27.69 50.37
N ASN O 32 -26.99 -27.00 51.40
CA ASN O 32 -26.63 -27.60 52.68
C ASN O 32 -26.63 -26.52 53.76
N PRO O 33 -27.56 -26.58 54.71
CA PRO O 33 -27.60 -25.55 55.76
C PRO O 33 -26.52 -25.72 56.82
N THR O 34 -25.95 -26.92 56.97
CA THR O 34 -24.97 -27.23 58.00
C THR O 34 -23.72 -27.78 57.34
N PRO O 35 -22.82 -26.91 56.86
CA PRO O 35 -21.64 -27.40 56.14
C PRO O 35 -20.47 -27.69 57.07
N THR O 36 -19.35 -28.14 56.49
CA THR O 36 -18.13 -28.38 57.24
C THR O 36 -17.37 -27.08 57.44
N TRP O 37 -16.25 -27.14 58.16
CA TRP O 37 -15.50 -25.94 58.50
C TRP O 37 -14.10 -26.33 58.92
N VAL O 38 -13.09 -25.88 58.17
CA VAL O 38 -11.70 -26.03 58.57
C VAL O 38 -11.33 -24.88 59.48
N ARG O 39 -10.82 -25.20 60.66
CA ARG O 39 -10.58 -24.19 61.68
C ARG O 39 -9.30 -24.51 62.45
N ALA O 40 -8.79 -23.50 63.15
CA ALA O 40 -7.79 -23.67 64.18
C ALA O 40 -8.37 -23.12 65.48
N ILE O 41 -8.30 -23.92 66.54
CA ILE O 41 -9.01 -23.63 67.78
C ILE O 41 -7.98 -23.31 68.86
N PRO O 42 -7.90 -22.06 69.32
CA PRO O 42 -6.99 -21.75 70.43
C PRO O 42 -7.67 -21.87 71.79
N PHE O 43 -7.05 -22.63 72.69
CA PHE O 43 -7.56 -22.76 74.05
C PHE O 43 -6.40 -23.18 74.95
N GLU O 44 -6.65 -23.12 76.25
CA GLU O 44 -5.62 -23.35 77.24
C GLU O 44 -6.09 -24.38 78.26
N VAL O 45 -5.14 -25.18 78.75
CA VAL O 45 -5.41 -26.17 79.78
C VAL O 45 -4.43 -25.97 80.93
N SER O 46 -4.88 -26.30 82.13
CA SER O 46 -4.03 -26.23 83.32
C SER O 46 -3.32 -27.57 83.51
N VAL O 47 -2.02 -27.51 83.78
N VAL O 47 -2.03 -27.51 83.77
CA VAL O 47 -1.18 -28.68 83.92
CA VAL O 47 -1.21 -28.72 83.93
C VAL O 47 -0.44 -28.60 85.25
C VAL O 47 -0.43 -28.62 85.23
N GLN O 48 -0.37 -29.72 85.95
CA GLN O 48 0.39 -29.83 87.19
C GLN O 48 1.80 -30.33 86.90
N SER O 49 2.71 -30.08 87.84
CA SER O 49 4.08 -30.51 87.68
CA SER O 49 4.08 -30.52 87.68
C SER O 49 4.19 -32.03 87.78
N GLY O 50 4.96 -32.62 86.87
CA GLY O 50 5.20 -34.05 86.90
C GLY O 50 3.97 -34.90 86.67
N ILE O 51 2.92 -34.33 86.11
CA ILE O 51 1.68 -35.06 85.84
C ILE O 51 1.25 -34.76 84.41
N ALA O 52 0.97 -35.82 83.66
CA ALA O 52 0.49 -35.68 82.29
C ALA O 52 -1.01 -35.41 82.28
N PHE O 53 -1.44 -34.51 81.40
CA PHE O 53 -2.83 -34.11 81.29
C PHE O 53 -3.36 -34.51 79.93
N LYS O 54 -4.37 -35.37 79.91
CA LYS O 54 -5.03 -35.74 78.65
C LYS O 54 -5.98 -34.63 78.23
N VAL O 55 -5.82 -34.16 76.99
CA VAL O 55 -6.64 -33.08 76.45
C VAL O 55 -7.89 -33.72 75.82
N PRO O 56 -9.08 -33.45 76.33
N PRO O 56 -9.08 -33.46 76.34
CA PRO O 56 -10.28 -34.04 75.74
CA PRO O 56 -10.27 -34.04 75.73
C PRO O 56 -10.65 -33.34 74.44
C PRO O 56 -10.62 -33.35 74.42
N VAL O 57 -11.27 -34.12 73.53
CA VAL O 57 -11.71 -33.56 72.26
C VAL O 57 -12.88 -32.62 72.46
N GLY O 58 -13.64 -32.79 73.54
CA GLY O 58 -14.77 -31.92 73.85
C GLY O 58 -14.41 -30.45 74.02
N SER O 59 -13.11 -30.14 74.20
N SER O 59 -13.12 -30.15 74.20
CA SER O 59 -12.70 -28.75 74.32
CA SER O 59 -12.70 -28.75 74.32
C SER O 59 -12.83 -27.97 73.03
C SER O 59 -12.89 -27.98 73.03
N LEU O 60 -12.99 -28.67 71.89
CA LEU O 60 -13.11 -27.99 70.61
C LEU O 60 -14.55 -27.54 70.33
N PHE O 61 -15.54 -28.22 70.90
CA PHE O 61 -16.93 -27.89 70.69
C PHE O 61 -17.36 -26.88 71.74
N SER O 62 -17.58 -25.64 71.31
CA SER O 62 -17.94 -24.57 72.24
C SER O 62 -18.54 -23.41 71.47
N ALA O 63 -19.45 -22.69 72.12
CA ALA O 63 -19.97 -21.46 71.54
C ALA O 63 -18.90 -20.36 71.49
N ASN O 64 -17.82 -20.51 72.26
CA ASN O 64 -16.71 -19.57 72.19
C ASN O 64 -15.95 -19.68 70.87
N PHE O 65 -16.12 -20.78 70.14
CA PHE O 65 -15.47 -20.99 68.86
C PHE O 65 -16.46 -21.10 67.71
N ARG O 66 -17.74 -20.81 67.96
CA ARG O 66 -18.82 -21.01 67.01
C ARG O 66 -18.96 -22.47 66.58
N THR O 67 -18.50 -23.40 67.41
CA THR O 67 -18.49 -24.83 67.06
C THR O 67 -19.35 -25.66 68.00
N ASP O 68 -20.33 -25.05 68.67
CA ASP O 68 -21.21 -25.81 69.53
C ASP O 68 -22.21 -26.66 68.76
N SER O 69 -22.34 -26.45 67.46
CA SER O 69 -23.28 -27.21 66.64
C SER O 69 -22.68 -28.52 66.10
N PHE O 70 -21.38 -28.74 66.29
CA PHE O 70 -20.72 -29.94 65.80
C PHE O 70 -20.62 -31.00 66.88
N THR O 71 -20.63 -32.26 66.47
CA THR O 71 -20.41 -33.38 67.37
C THR O 71 -19.18 -34.21 67.05
N SER O 72 -18.62 -34.07 65.85
CA SER O 72 -17.41 -34.78 65.46
C SER O 72 -16.44 -33.81 64.81
N VAL O 73 -15.17 -34.20 64.78
CA VAL O 73 -14.11 -33.36 64.23
C VAL O 73 -12.94 -34.26 63.85
N THR O 74 -12.27 -33.89 62.76
CA THR O 74 -11.08 -34.60 62.28
C THR O 74 -9.86 -33.73 62.52
N VAL O 75 -9.05 -34.11 63.49
CA VAL O 75 -7.86 -33.34 63.86
C VAL O 75 -6.75 -33.63 62.86
N MET O 76 -6.10 -32.57 62.39
CA MET O 76 -4.99 -32.69 61.45
CA MET O 76 -4.99 -32.69 61.45
C MET O 76 -3.63 -32.45 62.08
N SER O 77 -3.48 -31.43 62.91
CA SER O 77 -2.21 -31.15 63.56
C SER O 77 -2.47 -30.49 64.91
N VAL O 78 -1.50 -30.62 65.82
CA VAL O 78 -1.58 -30.09 67.16
C VAL O 78 -0.32 -29.27 67.44
N ARG O 79 -0.49 -28.12 68.07
CA ARG O 79 0.62 -27.26 68.47
CA ARG O 79 0.61 -27.24 68.46
C ARG O 79 0.42 -26.80 69.89
N ALA O 80 1.51 -26.74 70.65
CA ALA O 80 1.45 -26.39 72.06
C ALA O 80 2.50 -25.34 72.40
N TRP O 81 2.10 -24.37 73.22
CA TRP O 81 3.00 -23.36 73.77
C TRP O 81 2.82 -23.30 75.28
N THR O 82 3.90 -22.93 75.97
CA THR O 82 3.82 -22.69 77.40
C THR O 82 3.15 -21.34 77.65
N GLN O 83 2.09 -21.35 78.47
CA GLN O 83 1.28 -20.15 78.67
C GLN O 83 1.75 -19.29 79.85
N LEU O 84 2.44 -19.87 80.83
CA LEU O 84 2.91 -19.14 81.99
C LEU O 84 4.43 -19.30 82.13
N THR O 85 4.99 -18.61 83.11
CA THR O 85 6.42 -18.62 83.31
C THR O 85 6.85 -19.93 83.98
N PRO O 86 8.05 -20.42 83.66
CA PRO O 86 8.54 -21.65 84.27
C PRO O 86 8.95 -21.40 85.71
N PRO O 87 9.27 -22.46 86.47
CA PRO O 87 9.79 -22.26 87.82
C PRO O 87 11.11 -21.51 87.79
N VAL O 88 11.55 -21.10 88.99
CA VAL O 88 12.79 -20.33 89.10
C VAL O 88 13.98 -21.19 88.68
N ASN O 89 14.88 -20.60 87.91
CA ASN O 89 16.14 -21.16 87.40
C ASN O 89 15.96 -22.13 86.24
N GLU O 90 14.74 -22.32 85.74
CA GLU O 90 14.49 -23.31 84.70
C GLU O 90 14.07 -22.63 83.40
N TYR O 91 14.34 -23.32 82.29
CA TYR O 91 13.80 -22.96 80.99
C TYR O 91 12.53 -23.76 80.74
N SER O 92 11.57 -23.13 80.05
CA SER O 92 10.30 -23.79 79.80
C SER O 92 10.48 -25.00 78.88
N PHE O 93 9.62 -26.00 79.08
CA PHE O 93 9.58 -27.15 78.18
C PHE O 93 8.15 -27.65 78.08
N VAL O 94 7.87 -28.36 76.99
CA VAL O 94 6.54 -28.93 76.79
C VAL O 94 6.70 -30.20 75.95
N ARG O 95 5.98 -31.25 76.34
CA ARG O 95 5.98 -32.52 75.63
C ARG O 95 4.56 -32.85 75.16
N LEU O 96 4.48 -33.52 74.02
CA LEU O 96 3.21 -33.96 73.45
C LEU O 96 3.27 -35.44 73.12
N LYS O 97 2.29 -36.19 73.62
CA LYS O 97 2.14 -37.60 73.31
C LYS O 97 0.80 -37.83 72.61
N PRO O 98 0.80 -38.14 71.32
CA PRO O 98 -0.48 -38.29 70.60
C PRO O 98 -1.28 -39.49 71.09
N LEU O 99 -2.60 -39.34 71.07
CA LEU O 99 -3.53 -40.38 71.52
C LEU O 99 -4.53 -40.68 70.41
N PHE O 100 -4.80 -41.97 70.20
CA PHE O 100 -5.73 -42.42 69.18
C PHE O 100 -6.65 -43.49 69.76
N LYS O 101 -7.84 -43.61 69.17
CA LYS O 101 -8.78 -44.62 69.63
CA LYS O 101 -8.78 -44.62 69.62
C LYS O 101 -8.34 -46.02 69.24
N THR O 102 -7.69 -46.17 68.08
CA THR O 102 -7.22 -47.47 67.64
C THR O 102 -5.94 -47.91 68.35
N GLY O 103 -5.26 -47.00 69.03
CA GLY O 103 -4.04 -47.32 69.74
C GLY O 103 -3.21 -46.09 70.02
N ASP O 104 -2.85 -45.88 71.28
CA ASP O 104 -2.08 -44.72 71.66
C ASP O 104 -0.62 -44.87 71.27
N SER O 105 0.01 -43.75 70.91
CA SER O 105 1.41 -43.72 70.55
CA SER O 105 1.41 -43.74 70.55
C SER O 105 2.29 -43.54 71.78
N THR O 106 3.59 -43.67 71.59
CA THR O 106 4.55 -43.51 72.67
C THR O 106 5.58 -42.42 72.38
N GLU O 107 5.40 -41.65 71.32
CA GLU O 107 6.33 -40.57 71.02
C GLU O 107 6.15 -39.42 72.02
N GLU O 108 7.27 -38.78 72.38
CA GLU O 108 7.28 -37.65 73.30
C GLU O 108 7.99 -36.49 72.61
N PHE O 109 7.30 -35.85 71.67
CA PHE O 109 7.86 -34.69 70.99
C PHE O 109 8.03 -33.55 71.98
N GLU O 110 9.26 -33.07 72.14
CA GLU O 110 9.59 -32.12 73.19
C GLU O 110 10.24 -30.87 72.59
N GLY O 111 9.80 -29.72 73.07
CA GLY O 111 10.42 -28.45 72.73
C GLY O 111 10.74 -27.65 73.96
N ARG O 112 11.97 -27.14 74.05
CA ARG O 112 12.42 -26.36 75.19
C ARG O 112 12.77 -24.95 74.75
N ALA O 113 12.68 -24.02 75.69
CA ALA O 113 13.03 -22.64 75.44
C ALA O 113 14.53 -22.42 75.65
N SER O 114 15.12 -21.63 74.75
CA SER O 114 16.52 -21.25 74.89
C SER O 114 16.69 -19.93 75.63
N ASN O 115 15.59 -19.29 76.01
CA ASN O 115 15.60 -18.10 76.85
C ASN O 115 14.57 -18.31 77.95
N ILE O 116 14.94 -18.00 79.19
CA ILE O 116 14.03 -18.24 80.31
C ILE O 116 12.76 -17.41 80.16
N ASN O 117 12.83 -16.29 79.44
CA ASN O 117 11.70 -15.40 79.26
C ASN O 117 10.91 -15.68 77.99
N THR O 118 11.11 -16.84 77.37
CA THR O 118 10.47 -17.17 76.11
CA THR O 118 10.45 -17.17 76.11
C THR O 118 9.70 -18.49 76.23
N ARG O 119 8.61 -18.59 75.48
CA ARG O 119 7.81 -19.80 75.47
C ARG O 119 8.56 -20.94 74.81
N ALA O 120 8.23 -22.17 75.22
CA ALA O 120 8.71 -23.38 74.59
C ALA O 120 7.58 -24.01 73.80
N SER O 121 7.87 -24.42 72.56
CA SER O 121 6.84 -24.88 71.64
C SER O 121 7.25 -26.18 70.96
N VAL O 122 6.25 -26.99 70.65
CA VAL O 122 6.45 -28.21 69.87
C VAL O 122 5.09 -28.64 69.35
N GLY O 123 5.09 -29.41 68.27
CA GLY O 123 3.83 -29.86 67.68
C GLY O 123 4.04 -31.10 66.84
N TYR O 124 2.93 -31.70 66.43
CA TYR O 124 2.97 -32.91 65.63
C TYR O 124 1.83 -32.93 64.63
N ARG O 125 2.06 -33.63 63.53
CA ARG O 125 1.09 -33.78 62.45
C ARG O 125 0.55 -35.21 62.44
N ILE O 126 -0.77 -35.34 62.31
CA ILE O 126 -1.41 -36.65 62.26
C ILE O 126 -1.49 -37.08 60.79
N PRO O 127 -1.05 -38.29 60.45
CA PRO O 127 -1.06 -38.71 59.05
C PRO O 127 -2.48 -38.92 58.55
N THR O 128 -2.58 -39.03 57.21
CA THR O 128 -3.89 -39.18 56.57
CA THR O 128 -3.89 -39.18 56.59
C THR O 128 -4.56 -40.49 56.97
N ASN O 129 -3.78 -41.56 57.18
CA ASN O 129 -4.34 -42.85 57.53
C ASN O 129 -4.92 -42.88 58.95
N LEU O 130 -4.65 -41.86 59.76
CA LEU O 130 -5.18 -41.79 61.11
C LEU O 130 -6.11 -40.59 61.31
N ARG O 131 -6.60 -40.01 60.22
CA ARG O 131 -7.50 -38.86 60.30
C ARG O 131 -8.95 -39.31 60.24
N GLN O 132 -9.34 -40.10 61.24
CA GLN O 132 -10.73 -40.48 61.44
C GLN O 132 -11.40 -39.46 62.37
N ASN O 133 -12.69 -39.66 62.62
CA ASN O 133 -13.42 -38.73 63.47
C ASN O 133 -13.17 -39.04 64.95
N THR O 134 -13.30 -38.01 65.77
CA THR O 134 -13.24 -38.13 67.22
C THR O 134 -14.36 -37.30 67.82
N VAL O 135 -14.95 -37.81 68.90
CA VAL O 135 -16.08 -37.13 69.55
C VAL O 135 -15.63 -36.57 70.89
N ALA O 136 -16.54 -35.91 71.60
CA ALA O 136 -16.18 -35.19 72.81
C ALA O 136 -15.56 -36.10 73.86
N ALA O 137 -15.99 -37.35 73.93
CA ALA O 137 -15.44 -38.27 74.92
C ALA O 137 -13.99 -38.64 74.62
N ASP O 138 -13.56 -38.53 73.37
CA ASP O 138 -12.21 -38.93 73.01
C ASP O 138 -11.19 -37.91 73.51
N ASN O 139 -9.92 -38.30 73.46
CA ASN O 139 -8.81 -37.46 73.86
C ASN O 139 -7.91 -37.18 72.67
N VAL O 140 -7.27 -36.01 72.69
CA VAL O 140 -6.36 -35.62 71.62
C VAL O 140 -4.94 -36.08 71.90
N CYS O 141 -4.42 -35.74 73.08
CA CYS O 141 -3.02 -36.00 73.39
C CYS O 141 -2.80 -35.73 74.88
N GLU O 142 -1.68 -36.24 75.38
CA GLU O 142 -1.20 -35.89 76.72
C GLU O 142 -0.22 -34.72 76.61
N VAL O 143 -0.24 -33.85 77.62
CA VAL O 143 0.61 -32.67 77.66
CA VAL O 143 0.63 -32.68 77.65
C VAL O 143 1.40 -32.69 78.96
N ARG O 144 2.71 -32.47 78.87
CA ARG O 144 3.58 -32.39 80.03
C ARG O 144 4.38 -31.10 79.95
N SER O 145 4.57 -30.44 81.09
CA SER O 145 5.27 -29.16 81.12
C SER O 145 5.58 -28.80 82.56
N ASN O 146 6.63 -27.99 82.74
CA ASN O 146 6.93 -27.43 84.05
C ASN O 146 6.18 -26.14 84.31
N CYS O 147 5.58 -25.53 83.29
CA CYS O 147 4.68 -24.41 83.47
C CYS O 147 3.30 -24.93 83.88
N ARG O 148 2.52 -24.06 84.52
CA ARG O 148 1.23 -24.47 85.07
C ARG O 148 0.09 -24.38 84.06
N GLN O 149 0.32 -23.80 82.88
CA GLN O 149 -0.71 -23.69 81.85
CA GLN O 149 -0.71 -23.69 81.86
C GLN O 149 -0.07 -23.82 80.48
N VAL O 150 -0.77 -24.51 79.58
CA VAL O 150 -0.30 -24.74 78.22
C VAL O 150 -1.37 -24.24 77.25
N ALA O 151 -0.95 -23.46 76.26
CA ALA O 151 -1.83 -22.97 75.22
C ALA O 151 -1.71 -23.86 73.98
N LEU O 152 -2.84 -24.29 73.44
CA LEU O 152 -2.89 -25.18 72.30
C LEU O 152 -3.60 -24.51 71.14
N VAL O 153 -3.13 -24.78 69.93
CA VAL O 153 -3.78 -24.35 68.70
C VAL O 153 -3.90 -25.57 67.81
N ILE O 154 -5.11 -26.10 67.68
CA ILE O 154 -5.36 -27.37 67.01
C ILE O 154 -6.03 -27.10 65.67
N SER O 155 -5.35 -27.45 64.59
CA SER O 155 -5.93 -27.34 63.26
CA SER O 155 -5.93 -27.34 63.26
C SER O 155 -6.78 -28.57 62.97
N CYS O 156 -8.04 -28.35 62.61
CA CYS O 156 -8.96 -29.47 62.43
C CYS O 156 -10.07 -29.06 61.49
N CYS O 157 -10.88 -30.05 61.10
N CYS O 157 -10.88 -30.04 61.10
CA CYS O 157 -12.04 -29.87 60.24
CA CYS O 157 -12.04 -29.80 60.24
C CYS O 157 -13.26 -30.38 60.99
C CYS O 157 -13.27 -30.37 60.93
N PHE O 158 -14.19 -29.49 61.31
CA PHE O 158 -15.43 -29.89 61.96
C PHE O 158 -16.41 -30.41 60.92
N ASN O 159 -17.13 -31.46 61.27
CA ASN O 159 -18.15 -32.03 60.39
C ASN O 159 -19.23 -32.75 61.20
N ASN IB 16 51.95 -2.69 -40.31
CA ASN IB 16 51.10 -3.01 -41.45
C ASN IB 16 51.95 -3.45 -42.64
N SER IB 17 51.29 -3.95 -43.68
CA SER IB 17 52.00 -4.50 -44.83
C SER IB 17 52.85 -3.43 -45.50
N ASN IB 18 54.07 -3.81 -45.89
N ASN IB 18 54.07 -3.82 -45.89
CA ASN IB 18 55.01 -2.88 -46.49
CA ASN IB 18 55.03 -2.88 -46.48
C ASN IB 18 55.28 -3.13 -47.96
C ASN IB 18 55.24 -3.10 -47.97
N VAL IB 19 54.75 -4.21 -48.53
CA VAL IB 19 54.92 -4.51 -49.95
C VAL IB 19 53.59 -5.03 -50.50
N VAL IB 20 53.58 -5.27 -51.81
CA VAL IB 20 52.37 -5.75 -52.47
C VAL IB 20 52.09 -7.19 -52.08
N THR IB 21 50.82 -7.52 -51.92
CA THR IB 21 50.39 -8.87 -51.56
C THR IB 21 49.39 -9.36 -52.60
N MET IB 22 49.23 -10.68 -52.66
CA MET IB 22 48.33 -11.29 -53.63
CA MET IB 22 48.33 -11.30 -53.63
C MET IB 22 46.89 -11.30 -53.12
N ILE IB 23 45.97 -10.98 -54.02
CA ILE IB 23 44.53 -11.04 -53.73
C ILE IB 23 43.99 -12.27 -54.44
N ARG IB 24 43.38 -13.18 -53.68
CA ARG IB 24 42.82 -14.40 -54.25
C ARG IB 24 41.40 -14.13 -54.74
N ALA IB 25 41.32 -13.43 -55.86
CA ALA IB 25 40.05 -13.04 -56.45
C ALA IB 25 39.34 -14.25 -57.04
N GLY IB 26 38.02 -14.12 -57.19
CA GLY IB 26 37.21 -15.20 -57.70
C GLY IB 26 36.47 -14.85 -58.98
N SER IB 27 35.16 -15.10 -59.00
CA SER IB 27 34.36 -14.83 -60.18
CA SER IB 27 34.36 -14.83 -60.18
C SER IB 27 34.28 -13.33 -60.43
N TYR IB 28 33.88 -12.98 -61.66
CA TYR IB 28 33.75 -11.57 -62.01
C TYR IB 28 32.57 -10.96 -61.27
N PRO IB 29 32.75 -9.84 -60.59
CA PRO IB 29 31.69 -9.27 -59.77
C PRO IB 29 30.74 -8.40 -60.58
N LYS IB 30 29.63 -8.03 -59.92
CA LYS IB 30 28.69 -7.08 -60.50
C LYS IB 30 29.31 -5.69 -60.45
N VAL IB 31 29.41 -5.02 -61.60
CA VAL IB 31 30.09 -3.74 -61.70
C VAL IB 31 29.10 -2.68 -62.17
N ASN IB 32 29.48 -1.42 -61.96
CA ASN IB 32 28.72 -0.27 -62.40
C ASN IB 32 29.68 0.88 -62.66
N PRO IB 33 29.89 1.26 -63.92
CA PRO IB 33 30.84 2.35 -64.21
C PRO IB 33 30.32 3.71 -63.84
N THR IB 34 29.01 3.88 -63.66
CA THR IB 34 28.39 5.18 -63.44
C THR IB 34 27.51 5.10 -62.20
N PRO IB 35 28.10 5.18 -61.01
CA PRO IB 35 27.32 5.03 -59.78
C PRO IB 35 26.64 6.33 -59.36
N THR IB 36 25.79 6.21 -58.33
CA THR IB 36 25.14 7.36 -57.75
C THR IB 36 26.10 8.11 -56.83
N TRP IB 37 25.66 9.26 -56.34
CA TRP IB 37 26.54 10.15 -55.58
C TRP IB 37 25.69 11.15 -54.81
N VAL IB 38 25.71 11.07 -53.49
CA VAL IB 38 25.04 12.06 -52.65
C VAL IB 38 26.01 13.20 -52.39
N ARG IB 39 25.54 14.44 -52.56
CA ARG IB 39 26.42 15.60 -52.52
C ARG IB 39 25.70 16.77 -51.87
N ALA IB 40 26.49 17.71 -51.37
CA ALA IB 40 26.01 19.03 -50.98
C ALA IB 40 26.65 20.04 -51.93
N ILE IB 41 25.84 20.62 -52.80
CA ILE IB 41 26.32 21.47 -53.88
C ILE IB 41 26.21 22.93 -53.44
N PRO IB 42 27.32 23.64 -53.33
CA PRO IB 42 27.24 25.07 -53.00
C PRO IB 42 27.37 25.96 -54.23
N PHE IB 43 26.41 26.87 -54.42
CA PHE IB 43 26.47 27.83 -55.52
C PHE IB 43 25.68 29.07 -55.10
N GLU IB 44 25.70 30.09 -55.95
CA GLU IB 44 25.08 31.37 -55.65
C GLU IB 44 24.16 31.80 -56.77
N VAL IB 45 23.16 32.61 -56.42
CA VAL IB 45 22.23 33.17 -57.38
C VAL IB 45 22.17 34.68 -57.15
N SER IB 46 21.82 35.42 -58.20
CA SER IB 46 21.65 36.87 -58.12
C SER IB 46 20.17 37.19 -57.99
N VAL IB 47 19.84 38.01 -57.01
CA VAL IB 47 18.45 38.31 -56.65
C VAL IB 47 18.21 39.80 -56.78
N GLN IB 48 17.02 40.16 -57.27
CA GLN IB 48 16.57 41.54 -57.31
C GLN IB 48 15.64 41.81 -56.14
N SER IB 49 15.51 43.10 -55.79
CA SER IB 49 14.70 43.49 -54.64
CA SER IB 49 14.70 43.49 -54.64
CA SER IB 49 14.70 43.49 -54.64
C SER IB 49 13.22 43.31 -54.96
N GLY IB 50 12.49 42.72 -54.02
CA GLY IB 50 11.07 42.51 -54.17
C GLY IB 50 10.63 41.58 -55.29
N ILE IB 51 11.55 40.82 -55.88
CA ILE IB 51 11.23 39.91 -56.98
C ILE IB 51 11.73 38.53 -56.61
N ALA IB 52 10.85 37.53 -56.76
CA ALA IB 52 11.22 36.15 -56.44
C ALA IB 52 11.99 35.54 -57.61
N PHE IB 53 13.09 34.86 -57.29
CA PHE IB 53 13.93 34.20 -58.28
C PHE IB 53 13.77 32.69 -58.16
N LYS IB 54 13.45 32.05 -59.28
CA LYS IB 54 13.28 30.60 -59.32
CA LYS IB 54 13.28 30.60 -59.32
C LYS IB 54 14.61 29.93 -59.62
N VAL IB 55 15.09 29.13 -58.68
CA VAL IB 55 16.38 28.44 -58.83
C VAL IB 55 16.19 27.21 -59.69
N PRO IB 56 16.81 27.15 -60.87
N PRO IB 56 16.80 27.16 -60.87
CA PRO IB 56 16.63 25.98 -61.74
CA PRO IB 56 16.64 25.98 -61.73
C PRO IB 56 17.48 24.80 -61.29
C PRO IB 56 17.46 24.79 -61.24
N VAL IB 57 16.93 23.60 -61.49
CA VAL IB 57 17.66 22.38 -61.16
C VAL IB 57 18.89 22.21 -62.04
N GLY IB 58 18.89 22.79 -63.23
CA GLY IB 58 20.03 22.72 -64.13
C GLY IB 58 21.30 23.33 -63.57
N SER IB 59 21.22 24.09 -62.47
N SER IB 59 21.21 24.10 -62.47
CA SER IB 59 22.40 24.65 -61.84
CA SER IB 59 22.40 24.64 -61.84
C SER IB 59 23.23 23.58 -61.14
C SER IB 59 23.23 23.57 -61.16
N LEU IB 60 22.63 22.43 -60.81
CA LEU IB 60 23.35 21.37 -60.13
C LEU IB 60 24.18 20.51 -61.09
N PHE IB 61 23.93 20.61 -62.39
CA PHE IB 61 24.67 19.84 -63.39
C PHE IB 61 25.73 20.77 -64.00
N SER IB 62 26.97 20.64 -63.52
CA SER IB 62 28.06 21.46 -63.99
C SER IB 62 29.37 20.72 -63.76
N ALA IB 63 30.33 20.92 -64.67
CA ALA IB 63 31.64 20.33 -64.50
C ALA IB 63 32.35 20.87 -63.26
N ASN IB 64 31.90 22.01 -62.74
CA ASN IB 64 32.47 22.57 -61.51
C ASN IB 64 32.07 21.79 -60.27
N PHE IB 65 31.15 20.83 -60.38
CA PHE IB 65 30.73 19.99 -59.27
C PHE IB 65 31.03 18.52 -59.50
N ARG IB 66 31.76 18.19 -60.57
CA ARG IB 66 31.95 16.80 -61.00
C ARG IB 66 30.62 16.09 -61.25
N THR IB 67 29.61 16.84 -61.69
CA THR IB 67 28.26 16.30 -61.88
C THR IB 67 27.73 16.52 -63.29
N ASP IB 68 28.58 16.91 -64.24
CA ASP IB 68 28.12 17.15 -65.61
C ASP IB 68 27.69 15.87 -66.32
N SER IB 69 27.95 14.71 -65.73
CA SER IB 69 27.57 13.43 -66.33
C SER IB 69 26.17 12.99 -65.94
N PHE IB 70 25.51 13.68 -65.01
CA PHE IB 70 24.19 13.32 -64.55
C PHE IB 70 23.11 14.11 -65.29
N THR IB 71 21.95 13.48 -65.47
CA THR IB 71 20.80 14.13 -66.07
C THR IB 71 19.62 14.25 -65.13
N SER IB 72 19.66 13.60 -63.98
CA SER IB 72 18.58 13.67 -63.00
C SER IB 72 19.20 13.70 -61.61
N VAL IB 73 18.41 14.20 -60.65
CA VAL IB 73 18.89 14.36 -59.28
C VAL IB 73 17.69 14.36 -58.35
N THR IB 74 17.90 13.86 -57.13
CA THR IB 74 16.86 13.79 -56.11
C THR IB 74 17.27 14.71 -54.96
N VAL IB 75 16.58 15.84 -54.84
CA VAL IB 75 16.89 16.83 -53.81
C VAL IB 75 16.32 16.38 -52.48
N MET IB 76 17.12 16.50 -51.42
CA MET IB 76 16.71 16.13 -50.07
C MET IB 76 16.47 17.32 -49.16
N SER IB 77 17.34 18.31 -49.18
CA SER IB 77 17.16 19.51 -48.36
C SER IB 77 17.85 20.68 -49.02
N VAL IB 78 17.39 21.88 -48.68
CA VAL IB 78 17.90 23.12 -49.27
C VAL IB 78 18.16 24.12 -48.15
N ARG IB 79 19.36 24.69 -48.14
CA ARG IB 79 19.72 25.72 -47.18
CA ARG IB 79 19.75 25.71 -47.17
C ARG IB 79 20.24 26.94 -47.92
N ALA IB 80 19.91 28.12 -47.38
CA ALA IB 80 20.27 29.39 -48.02
C ALA IB 80 20.94 30.31 -47.03
N TRP IB 81 21.88 31.12 -47.54
CA TRP IB 81 22.53 32.17 -46.80
C TRP IB 81 22.59 33.43 -47.65
N THR IB 82 22.49 34.58 -46.99
CA THR IB 82 22.66 35.85 -47.70
C THR IB 82 24.14 36.06 -47.99
N GLN IB 83 24.46 36.34 -49.26
CA GLN IB 83 25.85 36.39 -49.69
C GLN IB 83 26.44 37.79 -49.65
N LEU IB 84 25.61 38.82 -49.80
CA LEU IB 84 26.06 40.20 -49.78
C LEU IB 84 25.45 40.93 -48.60
N THR IB 85 25.94 42.16 -48.37
CA THR IB 85 25.44 42.94 -47.25
C THR IB 85 24.06 43.50 -47.58
N PRO IB 86 23.22 43.67 -46.56
CA PRO IB 86 21.87 44.20 -46.79
C PRO IB 86 21.91 45.70 -47.07
N PRO IB 87 20.79 46.29 -47.48
CA PRO IB 87 20.75 47.75 -47.63
C PRO IB 87 21.02 48.44 -46.31
N VAL IB 88 21.23 49.76 -46.41
CA VAL IB 88 21.54 50.55 -45.23
C VAL IB 88 20.38 50.47 -44.24
N ASN IB 89 20.71 50.42 -42.95
CA ASN IB 89 19.80 50.42 -41.81
C ASN IB 89 19.04 49.11 -41.64
N GLU IB 90 19.20 48.15 -42.54
CA GLU IB 90 18.41 46.93 -42.52
C GLU IB 90 19.25 45.72 -42.10
N TYR IB 91 18.55 44.71 -41.60
CA TYR IB 91 19.12 43.40 -41.31
C TYR IB 91 18.84 42.46 -42.47
N SER IB 92 19.73 41.49 -42.67
CA SER IB 92 19.59 40.56 -43.78
C SER IB 92 18.44 39.60 -43.53
N PHE IB 93 17.74 39.23 -44.61
CA PHE IB 93 16.69 38.22 -44.53
C PHE IB 93 16.68 37.42 -45.82
N VAL IB 94 16.02 36.27 -45.78
CA VAL IB 94 15.92 35.38 -46.94
C VAL IB 94 14.68 34.51 -46.75
N ARG IB 95 13.93 34.33 -47.85
CA ARG IB 95 12.72 33.51 -47.86
C ARG IB 95 12.86 32.39 -48.88
N LEU IB 96 12.33 31.23 -48.54
CA LEU IB 96 12.37 30.06 -49.40
C LEU IB 96 10.97 29.48 -49.56
N LYS IB 97 10.58 29.22 -50.80
CA LYS IB 97 9.27 28.62 -51.10
CA LYS IB 97 9.27 28.64 -51.11
C LYS IB 97 9.47 27.36 -51.92
N PRO IB 98 9.22 26.19 -51.35
CA PRO IB 98 9.46 24.94 -52.09
C PRO IB 98 8.58 24.82 -53.33
N LEU IB 99 9.16 24.27 -54.39
CA LEU IB 99 8.47 24.04 -55.65
C LEU IB 99 8.55 22.57 -56.02
N PHE IB 100 7.46 22.04 -56.58
CA PHE IB 100 7.39 20.65 -56.98
C PHE IB 100 6.59 20.53 -58.27
N LYS IB 101 6.93 19.50 -59.06
CA LYS IB 101 6.21 19.28 -60.31
CA LYS IB 101 6.21 19.27 -60.32
CA LYS IB 101 6.21 19.27 -60.32
C LYS IB 101 4.77 18.85 -60.07
N THR IB 102 4.52 18.12 -58.98
CA THR IB 102 3.15 17.70 -58.68
C THR IB 102 2.32 18.81 -58.06
N GLY IB 103 2.95 19.88 -57.57
CA GLY IB 103 2.24 20.98 -56.97
C GLY IB 103 3.12 21.83 -56.08
N ASP IB 104 3.20 23.13 -56.39
CA ASP IB 104 4.03 24.04 -55.60
C ASP IB 104 3.41 24.28 -54.23
N SER IB 105 4.28 24.56 -53.26
CA SER IB 105 3.87 24.88 -51.90
CA SER IB 105 3.86 24.87 -51.90
C SER IB 105 3.81 26.38 -51.69
N THR IB 106 3.11 26.79 -50.64
CA THR IB 106 2.97 28.20 -50.30
C THR IB 106 3.67 28.56 -49.00
N GLU IB 107 4.48 27.67 -48.45
CA GLU IB 107 5.22 27.97 -47.24
C GLU IB 107 6.37 28.93 -47.55
N GLU IB 108 6.47 30.00 -46.77
CA GLU IB 108 7.53 30.99 -46.92
C GLU IB 108 8.46 30.94 -45.71
N PHE IB 109 9.28 29.89 -45.66
CA PHE IB 109 10.28 29.78 -44.61
C PHE IB 109 11.25 30.95 -44.68
N GLU IB 110 11.39 31.68 -43.57
CA GLU IB 110 12.15 32.91 -43.54
C GLU IB 110 13.12 32.90 -42.37
N GLY IB 111 14.33 33.42 -42.61
CA GLY IB 111 15.32 33.60 -41.57
C GLY IB 111 15.92 34.99 -41.61
N ARG IB 112 15.96 35.67 -40.46
CA ARG IB 112 16.47 37.02 -40.38
C ARG IB 112 17.70 37.06 -39.49
N ALA IB 113 18.70 37.82 -39.91
CA ALA IB 113 19.89 38.00 -39.10
C ALA IB 113 19.58 38.89 -37.90
N SER IB 114 20.31 38.66 -36.81
CA SER IB 114 20.19 39.50 -35.62
C SER IB 114 21.31 40.52 -35.52
N ASN IB 115 22.27 40.50 -36.43
CA ASN IB 115 23.35 41.47 -36.51
C ASN IB 115 23.46 41.93 -37.95
N ILE IB 116 23.50 43.25 -38.16
CA ILE IB 116 23.49 43.79 -39.52
C ILE IB 116 24.67 43.29 -40.31
N ASN IB 117 25.77 42.94 -39.64
CA ASN IB 117 26.98 42.48 -40.29
C ASN IB 117 27.04 40.96 -40.43
N THR IB 118 25.95 40.26 -40.11
CA THR IB 118 25.90 38.81 -40.16
CA THR IB 118 25.92 38.81 -40.18
C THR IB 118 24.91 38.35 -41.22
N ARG IB 119 25.19 37.18 -41.80
CA ARG IB 119 24.31 36.59 -42.80
C ARG IB 119 22.97 36.21 -42.19
N ALA IB 120 21.97 36.06 -43.06
CA ALA IB 120 20.70 35.47 -42.70
C ALA IB 120 20.59 34.09 -43.34
N SER IB 121 20.04 33.14 -42.59
CA SER IB 121 20.02 31.75 -43.05
C SER IB 121 18.68 31.11 -42.71
N VAL IB 122 18.28 30.16 -43.56
CA VAL IB 122 17.08 29.37 -43.34
C VAL IB 122 17.15 28.15 -44.26
N GLY IB 123 16.32 27.16 -44.00
CA GLY IB 123 16.31 25.97 -44.83
C GLY IB 123 15.09 25.12 -44.57
N TYR IB 124 14.88 24.15 -45.47
CA TYR IB 124 13.76 23.23 -45.34
C TYR IB 124 14.18 21.85 -45.83
N ARG IB 125 13.45 20.84 -45.37
CA ARG IB 125 13.68 19.45 -45.70
C ARG IB 125 12.56 18.94 -46.60
N ILE IB 126 12.91 18.12 -47.58
CA ILE IB 126 11.93 17.51 -48.47
C ILE IB 126 11.58 16.13 -47.92
N PRO IB 127 10.30 15.84 -47.67
CA PRO IB 127 9.94 14.53 -47.11
C PRO IB 127 10.16 13.41 -48.13
N THR IB 128 10.10 12.18 -47.62
CA THR IB 128 10.37 11.02 -48.46
CA THR IB 128 10.38 11.02 -48.46
C THR IB 128 9.36 10.88 -49.58
N ASN IB 129 8.09 11.18 -49.30
CA ASN IB 129 7.05 11.03 -50.31
C ASN IB 129 7.20 11.98 -51.48
N LEU IB 130 7.98 13.05 -51.33
CA LEU IB 130 8.17 14.03 -52.39
C LEU IB 130 9.56 13.95 -53.02
N ARG IB 131 10.35 12.94 -52.68
CA ARG IB 131 11.72 12.83 -53.18
C ARG IB 131 11.73 12.03 -54.49
N GLN IB 132 11.25 12.68 -55.54
CA GLN IB 132 11.35 12.16 -56.89
C GLN IB 132 12.45 12.89 -57.65
N ASN IB 133 12.75 12.39 -58.85
CA ASN IB 133 13.80 13.00 -59.64
C ASN IB 133 13.35 14.33 -60.23
N THR IB 134 14.33 15.18 -60.53
CA THR IB 134 14.12 16.44 -61.22
C THR IB 134 15.18 16.62 -62.28
N VAL IB 135 14.80 17.20 -63.42
CA VAL IB 135 15.72 17.39 -64.53
C VAL IB 135 16.10 18.85 -64.63
N ALA IB 136 16.94 19.19 -65.62
CA ALA IB 136 17.49 20.54 -65.72
C ALA IB 136 16.40 21.58 -65.93
N ALA IB 137 15.29 21.21 -66.57
CA ALA IB 137 14.24 22.18 -66.83
C ALA IB 137 13.43 22.51 -65.60
N ASP IB 138 13.46 21.67 -64.57
CA ASP IB 138 12.65 21.87 -63.38
C ASP IB 138 13.27 22.95 -62.48
N ASN IB 139 12.49 23.35 -61.47
CA ASN IB 139 12.92 24.34 -60.49
C ASN IB 139 12.90 23.72 -59.09
N VAL IB 140 13.75 24.26 -58.22
CA VAL IB 140 13.86 23.77 -56.85
C VAL IB 140 12.95 24.58 -55.94
N CYS IB 141 13.18 25.89 -55.89
CA CYS IB 141 12.46 26.75 -54.97
C CYS IB 141 12.58 28.20 -55.42
N GLU IB 142 11.81 29.07 -54.78
CA GLU IB 142 11.90 30.50 -54.97
C GLU IB 142 12.69 31.12 -53.83
N VAL IB 143 13.45 32.17 -54.14
CA VAL IB 143 14.29 32.86 -53.18
CA VAL IB 143 14.28 32.86 -53.17
C VAL IB 143 13.96 34.35 -53.22
N ARG IB 144 13.73 34.95 -52.06
CA ARG IB 144 13.49 36.38 -51.91
C ARG IB 144 14.43 36.92 -50.84
N SER IB 145 15.02 38.08 -51.10
CA SER IB 145 15.98 38.64 -50.16
C SER IB 145 16.19 40.12 -50.46
N ASN IB 146 16.55 40.87 -49.42
CA ASN IB 146 16.99 42.24 -49.61
C ASN IB 146 18.45 42.33 -50.03
N CYS IB 147 19.20 41.24 -49.89
CA CYS IB 147 20.57 41.16 -50.38
C CYS IB 147 20.58 40.75 -51.84
N ARG IB 148 21.55 41.27 -52.59
CA ARG IB 148 21.60 41.06 -54.03
C ARG IB 148 22.06 39.67 -54.43
N GLN IB 149 22.66 38.90 -53.52
CA GLN IB 149 23.10 37.55 -53.80
CA GLN IB 149 23.11 37.55 -53.80
C GLN IB 149 22.73 36.64 -52.64
N VAL IB 150 22.49 35.37 -52.96
CA VAL IB 150 22.12 34.36 -51.97
C VAL IB 150 22.95 33.11 -52.23
N ALA IB 151 23.58 32.60 -51.17
CA ALA IB 151 24.39 31.40 -51.28
C ALA IB 151 23.54 30.20 -50.91
N LEU IB 152 23.48 29.21 -51.80
CA LEU IB 152 22.71 28.00 -51.58
CA LEU IB 152 22.70 27.99 -51.59
C LEU IB 152 23.63 26.80 -51.39
N VAL IB 153 23.17 25.85 -50.58
CA VAL IB 153 23.87 24.59 -50.36
C VAL IB 153 22.80 23.50 -50.36
N ILE IB 154 22.73 22.73 -51.43
CA ILE IB 154 21.64 21.79 -51.66
C ILE IB 154 22.16 20.38 -51.46
N SER IB 155 21.51 19.63 -50.57
CA SER IB 155 21.85 18.23 -50.32
CA SER IB 155 21.85 18.23 -50.33
C SER IB 155 20.99 17.35 -51.21
N CYS IB 156 21.62 16.56 -52.08
CA CYS IB 156 20.89 15.79 -53.07
C CYS IB 156 21.64 14.51 -53.40
N CYS IB 157 20.99 13.66 -54.20
N CYS IB 157 21.01 13.66 -54.21
CA CYS IB 157 21.56 12.40 -54.68
CA CYS IB 157 21.61 12.42 -54.67
C CYS IB 157 21.52 12.43 -56.21
C CYS IB 157 21.52 12.38 -56.19
N PHE IB 158 22.68 12.43 -56.83
CA PHE IB 158 22.74 12.41 -58.30
C PHE IB 158 22.64 10.98 -58.80
N ASN IB 159 21.78 10.77 -59.80
CA ASN IB 159 21.64 9.46 -60.42
C ASN IB 159 21.30 9.59 -61.90
N ASN JB 16 62.56 19.71 -2.79
CA ASN JB 16 63.43 19.31 -3.89
C ASN JB 16 64.86 19.78 -3.65
N SER JB 17 65.78 19.36 -4.51
CA SER JB 17 67.21 19.62 -4.28
C SER JB 17 67.50 21.11 -4.33
N ASN JB 18 68.41 21.55 -3.47
N ASN JB 18 68.42 21.55 -3.45
CA ASN JB 18 68.81 22.96 -3.42
CA ASN JB 18 68.83 22.94 -3.39
C ASN JB 18 70.23 23.20 -3.90
C ASN JB 18 70.22 23.19 -3.94
N VAL JB 19 71.04 22.16 -4.10
CA VAL JB 19 72.40 22.29 -4.56
C VAL JB 19 72.65 21.28 -5.68
N VAL JB 20 73.85 21.35 -6.25
CA VAL JB 20 74.23 20.43 -7.31
C VAL JB 20 74.41 19.02 -6.74
N THR JB 21 73.96 18.02 -7.48
CA THR JB 21 74.10 16.63 -7.08
C THR JB 21 74.77 15.85 -8.19
N MET JB 22 75.54 14.84 -7.81
CA MET JB 22 76.33 14.08 -8.76
CA MET JB 22 76.34 14.07 -8.75
C MET JB 22 75.46 13.09 -9.53
N ILE JB 23 75.71 13.01 -10.84
CA ILE JB 23 75.04 12.07 -11.73
C ILE JB 23 75.99 10.92 -12.00
N ARG JB 24 75.56 9.71 -11.68
CA ARG JB 24 76.39 8.52 -11.93
C ARG JB 24 76.19 8.09 -13.38
N ALA JB 25 76.88 8.79 -14.28
CA ALA JB 25 76.78 8.52 -15.70
C ALA JB 25 77.56 7.25 -16.06
N GLY JB 26 77.18 6.64 -17.18
CA GLY JB 26 77.83 5.44 -17.65
C GLY JB 26 78.55 5.62 -18.97
N SER JB 27 78.33 4.70 -19.90
CA SER JB 27 78.97 4.76 -21.19
CA SER JB 27 78.98 4.77 -21.19
C SER JB 27 78.47 5.96 -21.99
N TYR JB 28 79.18 6.29 -23.05
CA TYR JB 28 78.78 7.39 -23.90
C TYR JB 28 77.53 7.02 -24.68
N PRO JB 29 76.50 7.86 -24.67
CA PRO JB 29 75.23 7.50 -25.31
C PRO JB 29 75.22 7.83 -26.79
N LYS JB 30 74.14 7.42 -27.45
CA LYS JB 30 73.91 7.76 -28.85
C LYS JB 30 73.38 9.18 -28.93
N VAL JB 31 74.06 10.03 -29.69
CA VAL JB 31 73.75 11.45 -29.72
C VAL JB 31 73.36 11.87 -31.13
N ASN JB 32 72.74 13.04 -31.21
CA ASN JB 32 72.36 13.65 -32.49
C ASN JB 32 72.33 15.16 -32.33
N PRO JB 33 73.28 15.89 -32.93
CA PRO JB 33 73.30 17.36 -32.78
C PRO JB 33 72.25 18.07 -33.61
N THR JB 34 71.76 17.45 -34.69
CA THR JB 34 70.78 18.06 -35.57
C THR JB 34 69.54 17.17 -35.60
N PRO JB 35 68.65 17.31 -34.64
CA PRO JB 35 67.48 16.42 -34.58
C PRO JB 35 66.30 16.95 -35.36
N THR JB 36 65.20 16.21 -35.30
CA THR JB 36 63.99 16.65 -35.97
C THR JB 36 63.21 17.59 -35.07
N TRP JB 37 62.08 18.08 -35.59
CA TRP JB 37 61.30 19.09 -34.87
C TRP JB 37 59.91 19.23 -35.46
N VAL JB 38 58.89 18.83 -34.71
CA VAL JB 38 57.51 19.06 -35.13
C VAL JB 38 57.12 20.49 -34.77
N ARG JB 39 56.58 21.22 -35.74
CA ARG JB 39 56.29 22.64 -35.54
C ARG JB 39 54.98 23.01 -36.20
N ALA JB 40 54.51 24.21 -35.90
CA ALA JB 40 53.43 24.86 -36.63
C ALA JB 40 53.92 26.24 -37.03
N ILE JB 41 54.12 26.45 -38.33
CA ILE JB 41 54.80 27.62 -38.85
C ILE JB 41 53.74 28.63 -39.31
N PRO JB 42 53.66 29.81 -38.70
CA PRO JB 42 52.75 30.85 -39.22
C PRO JB 42 53.45 31.84 -40.13
N PHE JB 43 52.85 32.14 -41.27
CA PHE JB 43 53.40 33.13 -42.19
C PHE JB 43 52.27 33.60 -43.10
N GLU JB 44 52.50 34.73 -43.76
CA GLU JB 44 51.49 35.37 -44.59
C GLU JB 44 51.95 35.43 -46.04
N VAL JB 45 50.98 35.40 -46.96
CA VAL JB 45 51.23 35.50 -48.38
C VAL JB 45 50.31 36.57 -48.96
N SER JB 46 50.72 37.11 -50.10
CA SER JB 46 49.96 38.13 -50.81
C SER JB 46 49.19 37.47 -51.97
N VAL JB 47 47.90 37.78 -52.07
CA VAL JB 47 47.01 37.15 -53.04
C VAL JB 47 46.35 38.23 -53.88
N GLN JB 48 46.18 37.96 -55.17
CA GLN JB 48 45.44 38.83 -56.06
C GLN JB 48 44.03 38.28 -56.28
N SER JB 49 43.14 39.16 -56.72
CA SER JB 49 41.75 38.77 -56.96
CA SER JB 49 41.75 38.77 -56.96
C SER JB 49 41.65 37.92 -58.22
N GLY JB 50 40.98 36.77 -58.09
CA GLY JB 50 40.78 35.89 -59.22
C GLY JB 50 42.02 35.20 -59.74
N ILE JB 51 43.13 35.25 -59.00
CA ILE JB 51 44.39 34.62 -59.40
C ILE JB 51 44.83 33.68 -58.29
N ALA JB 52 45.06 32.42 -58.63
CA ALA JB 52 45.55 31.47 -57.65
C ALA JB 52 47.04 31.70 -57.39
N PHE JB 53 47.44 31.55 -56.13
CA PHE JB 53 48.83 31.71 -55.72
C PHE JB 53 49.36 30.38 -55.21
N LYS JB 54 50.50 29.96 -55.75
CA LYS JB 54 51.12 28.70 -55.36
C LYS JB 54 52.02 28.94 -54.15
N VAL JB 55 51.71 28.28 -53.04
CA VAL JB 55 52.48 28.44 -51.81
C VAL JB 55 53.75 27.61 -51.92
N PRO JB 56 54.93 28.23 -51.95
CA PRO JB 56 56.17 27.46 -52.02
C PRO JB 56 56.59 26.95 -50.64
N VAL JB 57 57.11 25.72 -50.63
CA VAL JB 57 57.58 25.13 -49.38
C VAL JB 57 58.74 25.95 -48.80
N GLY JB 58 59.48 26.64 -49.66
CA GLY JB 58 60.62 27.44 -49.22
C GLY JB 58 60.29 28.50 -48.19
N SER JB 59 59.02 28.86 -48.06
N SER JB 59 59.01 28.86 -48.06
CA SER JB 59 58.62 29.84 -47.05
CA SER JB 59 58.61 29.83 -47.06
C SER JB 59 58.77 29.31 -45.63
C SER JB 59 58.79 29.31 -45.64
N LEU JB 60 58.84 27.99 -45.46
CA LEU JB 60 58.98 27.41 -44.12
C LEU JB 60 60.43 27.47 -43.64
N PHE JB 61 61.40 27.43 -44.55
CA PHE JB 61 62.81 27.45 -44.17
C PHE JB 61 63.24 28.91 -44.03
N SER JB 62 63.33 29.37 -42.79
CA SER JB 62 63.71 30.76 -42.53
C SER JB 62 64.25 30.86 -41.11
N ALA JB 63 65.19 31.79 -40.91
CA ALA JB 63 65.70 32.04 -39.56
C ALA JB 63 64.65 32.65 -38.66
N ASN JB 64 63.58 33.23 -39.22
CA ASN JB 64 62.50 33.76 -38.41
C ASN JB 64 61.74 32.66 -37.69
N PHE JB 65 61.94 31.40 -38.09
CA PHE JB 65 61.27 30.27 -37.47
C PHE JB 65 62.24 29.31 -36.80
N ARG JB 66 63.52 29.66 -36.74
CA ARG JB 66 64.59 28.77 -36.25
C ARG JB 66 64.71 27.51 -37.12
N THR JB 67 64.31 27.59 -38.39
CA THR JB 67 64.31 26.43 -39.26
C THR JB 67 65.21 26.58 -40.48
N ASP JB 68 66.14 27.54 -40.46
CA ASP JB 68 67.04 27.72 -41.58
C ASP JB 68 68.00 26.55 -41.74
N SER JB 69 68.19 25.74 -40.70
CA SER JB 69 69.10 24.62 -40.75
C SER JB 69 68.54 23.40 -41.47
N PHE JB 70 67.25 23.39 -41.79
CA PHE JB 70 66.61 22.25 -42.42
C PHE JB 70 66.52 22.44 -43.93
N THR JB 71 66.56 21.32 -44.64
CA THR JB 71 66.44 21.32 -46.10
C THR JB 71 65.22 20.58 -46.61
N SER JB 72 64.59 19.72 -45.79
CA SER JB 72 63.36 19.02 -46.17
C SER JB 72 62.38 19.11 -45.01
N VAL JB 73 61.11 18.83 -45.31
CA VAL JB 73 60.06 18.92 -44.31
C VAL JB 73 58.90 18.06 -44.76
N THR JB 74 58.20 17.46 -43.80
CA THR JB 74 57.02 16.62 -44.05
C THR JB 74 55.81 17.35 -43.49
N VAL JB 75 54.93 17.79 -44.38
CA VAL JB 75 53.75 18.56 -43.99
C VAL JB 75 52.65 17.62 -43.55
N MET JB 76 51.95 17.98 -42.47
CA MET JB 76 50.86 17.17 -41.93
CA MET JB 76 50.86 17.17 -41.95
C MET JB 76 49.49 17.78 -42.17
N SER JB 77 49.33 19.09 -41.92
CA SER JB 77 48.04 19.74 -42.10
C SER JB 77 48.27 21.23 -42.40
N VAL JB 78 47.36 21.80 -43.19
CA VAL JB 78 47.46 23.18 -43.63
C VAL JB 78 46.18 23.91 -43.27
N ARG JB 79 46.30 25.00 -42.53
CA ARG JB 79 45.17 25.84 -42.15
CA ARG JB 79 45.16 25.84 -42.16
C ARG JB 79 45.41 27.27 -42.62
N ALA JB 80 44.31 27.95 -42.98
CA ALA JB 80 44.42 29.30 -43.53
C ALA JB 80 43.36 30.20 -42.94
N TRP JB 81 43.70 31.49 -42.85
CA TRP JB 81 42.78 32.54 -42.40
C TRP JB 81 42.94 33.75 -43.29
N THR JB 82 41.84 34.46 -43.55
CA THR JB 82 41.93 35.73 -44.25
C THR JB 82 42.60 36.77 -43.35
N GLN JB 83 43.64 37.41 -43.88
CA GLN JB 83 44.45 38.32 -43.07
C GLN JB 83 43.98 39.77 -43.14
N LEU JB 84 43.28 40.15 -44.19
CA LEU JB 84 42.79 41.51 -44.35
C LEU JB 84 41.27 41.50 -44.51
N THR JB 85 40.69 42.69 -44.66
CA THR JB 85 39.26 42.82 -44.80
C THR JB 85 38.82 42.51 -46.23
N PRO JB 86 37.62 41.95 -46.40
CA PRO JB 86 37.13 41.64 -47.74
C PRO JB 86 36.68 42.90 -48.45
N PRO JB 87 36.41 42.82 -49.76
CA PRO JB 87 35.88 44.00 -50.47
C PRO JB 87 34.55 44.44 -49.87
N VAL JB 88 34.15 45.66 -50.23
CA VAL JB 88 32.92 46.22 -49.70
C VAL JB 88 31.73 45.38 -50.14
N ASN JB 89 30.80 45.14 -49.21
CA ASN JB 89 29.56 44.40 -49.36
C ASN JB 89 29.78 42.89 -49.41
N GLU JB 90 31.00 42.39 -49.32
CA GLU JB 90 31.28 40.97 -49.44
C GLU JB 90 31.71 40.39 -48.11
N TYR JB 91 31.55 39.07 -48.00
CA TYR JB 91 32.07 38.29 -46.88
C TYR JB 91 33.37 37.62 -47.29
N SER JB 92 34.27 37.46 -46.32
CA SER JB 92 35.57 36.85 -46.60
C SER JB 92 35.40 35.37 -46.95
N PHE JB 93 36.23 34.89 -47.87
CA PHE JB 93 36.28 33.46 -48.18
C PHE JB 93 37.70 33.09 -48.55
N VAL JB 94 38.03 31.82 -48.37
CA VAL JB 94 39.36 31.31 -48.70
C VAL JB 94 39.22 29.89 -49.23
N ARG JB 95 39.98 29.58 -50.27
CA ARG JB 95 39.96 28.26 -50.89
C ARG JB 95 41.36 27.66 -50.87
N LEU JB 96 41.42 26.34 -50.76
CA LEU JB 96 42.68 25.60 -50.73
C LEU JB 96 42.62 24.42 -51.68
N LYS JB 97 43.59 24.32 -52.58
CA LYS JB 97 43.75 23.15 -53.44
C LYS JB 97 45.07 22.46 -53.13
N PRO JB 98 45.08 21.30 -52.48
CA PRO JB 98 46.34 20.63 -52.17
C PRO JB 98 47.09 20.23 -53.43
N LEU JB 99 48.42 20.31 -53.35
CA LEU JB 99 49.31 19.94 -54.43
C LEU JB 99 50.31 18.90 -53.94
N PHE JB 100 50.69 17.98 -54.84
CA PHE JB 100 51.65 16.94 -54.52
C PHE JB 100 52.55 16.69 -55.71
N LYS JB 101 53.78 16.29 -55.43
CA LYS JB 101 54.73 16.01 -56.51
CA LYS JB 101 54.74 16.01 -56.50
C LYS JB 101 54.28 14.83 -57.35
N THR JB 102 53.68 13.82 -56.71
CA THR JB 102 53.19 12.65 -57.43
C THR JB 102 51.91 12.94 -58.20
N GLY JB 103 51.30 14.10 -58.01
CA GLY JB 103 50.06 14.44 -58.67
C GLY JB 103 49.21 15.40 -57.86
N ASP JB 104 48.80 16.51 -58.47
CA ASP JB 104 48.05 17.52 -57.75
C ASP JB 104 46.59 17.11 -57.63
N SER JB 105 45.93 17.62 -56.58
CA SER JB 105 44.53 17.35 -56.34
CA SER JB 105 44.54 17.34 -56.34
C SER JB 105 43.65 18.41 -56.98
N THR JB 106 42.36 18.11 -57.07
CA THR JB 106 41.39 19.03 -57.64
C THR JB 106 40.35 19.50 -56.63
N GLU JB 107 40.54 19.18 -55.35
CA GLU JB 107 39.63 19.65 -54.31
C GLU JB 107 39.80 21.15 -54.09
N GLU JB 108 38.68 21.80 -53.75
CA GLU JB 108 38.67 23.22 -53.44
C GLU JB 108 37.96 23.41 -52.09
N PHE JB 109 38.65 23.03 -51.02
CA PHE JB 109 38.11 23.24 -49.67
C PHE JB 109 37.95 24.73 -49.42
N GLU JB 110 36.71 25.16 -49.19
CA GLU JB 110 36.37 26.57 -49.14
C GLU JB 110 35.64 26.87 -47.84
N GLY JB 111 36.09 27.92 -47.15
CA GLY JB 111 35.41 28.40 -45.95
C GLY JB 111 35.08 29.87 -46.03
N ARG JB 112 33.85 30.23 -45.67
CA ARG JB 112 33.39 31.61 -45.74
C ARG JB 112 33.02 32.11 -44.35
N ALA JB 113 33.25 33.40 -44.13
CA ALA JB 113 32.87 34.02 -42.87
C ALA JB 113 31.39 34.38 -42.91
N SER JB 114 30.73 34.24 -41.76
CA SER JB 114 29.32 34.61 -41.65
C SER JB 114 29.14 36.03 -41.11
N ASN JB 115 30.22 36.70 -40.74
CA ASN JB 115 30.21 38.12 -40.40
C ASN JB 115 31.25 38.81 -41.27
N ILE JB 116 30.89 39.98 -41.79
CA ILE JB 116 31.81 40.69 -42.69
C ILE JB 116 33.08 41.07 -41.96
N ASN JB 117 33.01 41.32 -40.66
CA ASN JB 117 34.16 41.76 -39.88
C ASN JB 117 34.98 40.60 -39.32
N THR JB 118 34.63 39.36 -39.64
CA THR JB 118 35.30 38.18 -39.12
CA THR JB 118 35.32 38.19 -39.12
C THR JB 118 36.07 37.47 -40.23
N ARG JB 119 37.17 36.83 -39.84
CA ARG JB 119 37.98 36.07 -40.78
C ARG JB 119 37.21 34.86 -41.30
N ALA JB 120 37.63 34.40 -42.48
CA ALA JB 120 37.18 33.12 -43.03
C ALA JB 120 38.30 32.11 -42.89
N SER JB 121 37.95 30.88 -42.53
CA SER JB 121 38.94 29.87 -42.22
C SER JB 121 38.54 28.52 -42.78
N VAL JB 122 39.55 27.72 -43.11
CA VAL JB 122 39.35 26.36 -43.59
C VAL JB 122 40.71 25.67 -43.58
N GLY JB 123 40.71 24.34 -43.63
CA GLY JB 123 41.96 23.61 -43.62
C GLY JB 123 41.79 22.22 -44.18
N TYR JB 124 42.93 21.55 -44.37
CA TYR JB 124 42.90 20.18 -44.85
C TYR JB 124 44.06 19.40 -44.25
N ARG JB 125 43.84 18.10 -44.09
CA ARG JB 125 44.82 17.17 -43.52
C ARG JB 125 45.39 16.28 -44.61
N ILE JB 126 46.70 16.09 -44.59
CA ILE JB 126 47.38 15.21 -45.53
C ILE JB 126 47.40 13.80 -44.95
N PRO JB 127 46.89 12.80 -45.65
CA PRO JB 127 46.91 11.43 -45.11
C PRO JB 127 48.32 10.90 -45.01
N THR JB 128 48.45 9.79 -44.27
CA THR JB 128 49.78 9.22 -44.03
CA THR JB 128 49.78 9.23 -44.03
C THR JB 128 50.43 8.74 -45.32
N ASN JB 129 49.64 8.29 -46.29
CA ASN JB 129 50.21 7.77 -47.53
C ASN JB 129 50.82 8.86 -48.41
N LEU JB 130 50.55 10.14 -48.14
CA LEU JB 130 51.12 11.23 -48.91
C LEU JB 130 52.06 12.10 -48.09
N ARG JB 131 52.51 11.61 -46.93
CA ARG JB 131 53.40 12.41 -46.07
C ARG JB 131 54.86 12.04 -46.36
N GLN JB 132 55.30 12.45 -47.54
CA GLN JB 132 56.71 12.37 -47.93
C GLN JB 132 57.37 13.73 -47.74
N ASN JB 133 58.69 13.75 -47.88
CA ASN JB 133 59.43 14.99 -47.72
C ASN JB 133 59.25 15.89 -48.93
N THR JB 134 59.36 17.20 -48.69
CA THR JB 134 59.33 18.20 -49.73
C THR JB 134 60.45 19.20 -49.52
N VAL JB 135 60.97 19.74 -50.63
CA VAL JB 135 62.08 20.69 -50.58
C VAL JB 135 61.57 22.08 -50.90
N ALA JB 136 62.47 23.07 -50.87
CA ALA JB 136 62.06 24.46 -51.05
C ALA JB 136 61.45 24.69 -52.42
N ALA JB 137 61.89 23.94 -53.44
CA ALA JB 137 61.39 24.13 -54.80
C ALA JB 137 59.98 23.58 -54.99
N ASP JB 138 59.41 22.89 -54.02
CA ASP JB 138 58.09 22.32 -54.14
C ASP JB 138 57.02 23.34 -53.73
N ASN JB 139 55.76 22.97 -53.94
CA ASN JB 139 54.62 23.80 -53.60
C ASN JB 139 53.67 23.03 -52.71
N VAL JB 140 53.08 23.73 -51.74
CA VAL JB 140 52.17 23.10 -50.78
C VAL JB 140 50.75 23.03 -51.33
N CYS JB 141 50.21 24.15 -51.78
CA CYS JB 141 48.83 24.23 -52.23
C CYS JB 141 48.63 25.56 -52.93
N GLU JB 142 47.46 25.70 -53.57
CA GLU JB 142 47.02 26.96 -54.14
C GLU JB 142 46.01 27.63 -53.22
N VAL JB 143 46.03 28.96 -53.19
CA VAL JB 143 45.16 29.75 -52.33
C VAL JB 143 44.38 30.73 -53.20
N ARG JB 144 43.07 30.80 -52.99
CA ARG JB 144 42.22 31.76 -53.66
C ARG JB 144 41.39 32.48 -52.61
N SER JB 145 41.22 33.79 -52.79
CA SER JB 145 40.49 34.59 -51.81
C SER JB 145 40.15 35.94 -52.43
N ASN JB 146 39.15 36.59 -51.84
CA ASN JB 146 38.83 37.98 -52.17
C ASN JB 146 39.59 38.96 -51.30
N CYS JB 147 40.39 38.48 -50.36
CA CYS JB 147 41.24 39.32 -49.53
C CYS JB 147 42.67 39.27 -50.05
N ARG JB 148 43.38 40.39 -49.86
CA ARG JB 148 44.70 40.53 -50.46
C ARG JB 148 45.81 39.84 -49.67
N GLN JB 149 45.51 39.28 -48.50
CA GLN JB 149 46.50 38.55 -47.71
CA GLN JB 149 46.50 38.55 -47.71
C GLN JB 149 45.82 37.37 -47.03
N VAL JB 150 46.56 36.26 -46.94
CA VAL JB 150 46.06 35.05 -46.29
C VAL JB 150 47.14 34.55 -45.35
N ALA JB 151 46.79 34.38 -44.07
CA ALA JB 151 47.72 33.89 -43.07
C ALA JB 151 47.59 32.38 -42.96
N LEU JB 152 48.72 31.68 -43.07
CA LEU JB 152 48.75 30.23 -43.03
CA LEU JB 152 48.78 30.23 -43.03
C LEU JB 152 49.41 29.75 -41.73
N VAL JB 153 49.00 28.56 -41.30
CA VAL JB 153 49.58 27.89 -40.14
C VAL JB 153 49.74 26.42 -40.51
N ILE JB 154 50.97 26.02 -40.83
CA ILE JB 154 51.25 24.70 -41.40
C ILE JB 154 51.88 23.82 -40.33
N SER JB 155 51.19 22.75 -39.97
CA SER JB 155 51.72 21.76 -39.04
CA SER JB 155 51.72 21.76 -39.04
C SER JB 155 52.59 20.78 -39.82
N CYS JB 156 53.90 20.78 -39.53
CA CYS JB 156 54.84 19.96 -40.29
C CYS JB 156 55.93 19.46 -39.36
N CYS JB 157 56.77 18.57 -39.90
N CYS JB 157 56.75 18.55 -39.88
CA CYS JB 157 57.89 17.98 -39.19
CA CYS JB 157 57.90 18.05 -39.13
C CYS JB 157 59.16 18.22 -40.00
C CYS JB 157 59.15 18.23 -39.98
N PHE JB 158 60.03 19.10 -39.53
CA PHE JB 158 61.29 19.36 -40.20
C PHE JB 158 62.27 18.22 -39.94
N ASN JB 159 63.02 17.84 -40.98
CA ASN JB 159 64.03 16.81 -40.84
C ASN JB 159 65.16 17.01 -41.85
N ASN KB 16 24.22 36.31 15.18
CA ASN KB 16 25.60 36.54 15.62
C ASN KB 16 25.65 37.62 16.69
N SER KB 17 26.86 37.95 17.15
CA SER KB 17 27.01 38.90 18.24
C SER KB 17 26.52 40.29 17.82
N ASN KB 18 25.91 41.00 18.76
N ASN KB 18 25.90 40.99 18.76
CA ASN KB 18 25.40 42.34 18.49
CA ASN KB 18 25.37 42.32 18.53
C ASN KB 18 26.12 43.42 19.28
C ASN KB 18 26.15 43.42 19.23
N VAL KB 19 27.03 43.07 20.17
CA VAL KB 19 27.82 44.03 20.93
C VAL KB 19 29.26 43.56 20.99
N VAL KB 20 30.11 44.42 21.56
CA VAL KB 20 31.52 44.10 21.69
C VAL KB 20 31.71 42.97 22.70
N THR KB 21 32.65 42.09 22.44
CA THR KB 21 32.96 40.96 23.31
C THR KB 21 34.46 40.93 23.58
N MET KB 22 34.82 40.54 24.80
CA MET KB 22 36.22 40.58 25.21
CA MET KB 22 36.21 40.57 25.22
C MET KB 22 37.02 39.47 24.54
N ILE KB 23 38.23 39.81 24.12
CA ILE KB 23 39.18 38.86 23.55
C ILE KB 23 40.26 38.59 24.59
N ARG KB 24 40.51 37.32 24.88
CA ARG KB 24 41.53 36.94 25.85
C ARG KB 24 42.86 36.80 25.14
N ALA KB 25 43.52 37.95 24.96
CA ALA KB 25 44.79 37.99 24.26
C ALA KB 25 45.93 37.57 25.17
N GLY KB 26 46.96 36.97 24.56
CA GLY KB 26 48.10 36.50 25.32
C GLY KB 26 49.35 37.32 25.10
N SER KB 27 50.47 36.64 24.83
CA SER KB 27 51.73 37.32 24.61
CA SER KB 27 51.72 37.33 24.61
C SER KB 27 51.68 38.15 23.33
N TYR KB 28 52.61 39.09 23.22
CA TYR KB 28 52.67 39.93 22.03
C TYR KB 28 53.09 39.07 20.83
N PRO KB 29 52.36 39.14 19.72
CA PRO KB 29 52.61 38.22 18.61
C PRO KB 29 53.72 38.73 17.71
N LYS KB 30 54.07 37.92 16.71
CA LYS KB 30 55.02 38.33 15.70
C LYS KB 30 54.31 39.21 14.68
N VAL KB 31 54.78 40.44 14.52
CA VAL KB 31 54.11 41.44 13.68
C VAL KB 31 54.99 41.78 12.50
N ASN KB 32 54.39 42.50 11.54
CA ASN KB 32 55.06 42.97 10.34
C ASN KB 32 54.28 44.14 9.76
N PRO KB 33 54.75 45.38 9.96
CA PRO KB 33 53.97 46.53 9.48
C PRO KB 33 53.98 46.70 7.97
N THR KB 34 54.91 46.06 7.26
CA THR KB 34 55.05 46.19 5.81
C THR KB 34 55.08 44.79 5.20
N PRO KB 35 53.94 44.15 5.04
N PRO KB 35 53.93 44.15 5.04
CA PRO KB 35 53.89 42.79 4.51
CA PRO KB 35 53.89 42.79 4.51
C PRO KB 35 53.91 42.78 2.99
C PRO KB 35 53.96 42.78 2.99
N THR KB 36 53.88 41.58 2.43
CA THR KB 36 53.86 41.40 0.98
C THR KB 36 52.43 41.58 0.45
N TRP KB 37 52.28 41.41 -0.86
CA TRP KB 37 50.98 41.60 -1.51
C TRP KB 37 50.96 40.97 -2.90
N VAL KB 38 50.05 40.03 -3.13
CA VAL KB 38 49.84 39.47 -4.46
C VAL KB 38 48.82 40.32 -5.20
N ARG KB 39 49.19 40.81 -6.37
CA ARG KB 39 48.37 41.76 -7.10
C ARG KB 39 48.40 41.45 -8.60
N ALA KB 40 47.41 41.99 -9.30
CA ALA KB 40 47.44 42.09 -10.76
C ALA KB 40 47.30 43.57 -11.10
N ILE KB 41 48.31 44.11 -11.77
CA ILE KB 41 48.39 45.55 -12.01
C ILE KB 41 47.97 45.82 -13.46
N PRO KB 42 46.86 46.54 -13.69
CA PRO KB 42 46.54 46.95 -15.06
C PRO KB 42 47.09 48.33 -15.39
N PHE KB 43 47.80 48.43 -16.52
CA PHE KB 43 48.32 49.71 -16.97
C PHE KB 43 48.55 49.63 -18.47
N GLU KB 44 48.73 50.79 -19.09
CA GLU KB 44 48.82 50.90 -20.54
C GLU KB 44 50.17 51.47 -20.95
N VAL KB 45 50.58 51.13 -22.18
CA VAL KB 45 51.79 51.65 -22.80
C VAL KB 45 51.47 52.06 -24.23
N SER KB 46 52.17 53.08 -24.71
CA SER KB 46 52.02 53.55 -26.08
C SER KB 46 53.11 52.93 -26.94
N VAL KB 47 52.70 52.36 -28.07
N VAL KB 47 52.71 52.35 -28.07
CA VAL KB 47 53.59 51.62 -28.96
CA VAL KB 47 53.65 51.66 -28.94
C VAL KB 47 53.54 52.27 -30.34
C VAL KB 47 53.55 52.23 -30.34
N GLN KB 48 54.68 52.27 -31.03
CA GLN KB 48 54.78 52.75 -32.40
C GLN KB 48 54.80 51.56 -33.35
N SER KB 49 54.41 51.81 -34.59
CA SER KB 49 54.37 50.76 -35.59
CA SER KB 49 54.37 50.76 -35.59
C SER KB 49 55.79 50.30 -35.95
N GLY KB 50 55.98 48.97 -35.98
CA GLY KB 50 57.23 48.38 -36.38
C GLY KB 50 58.38 48.61 -35.42
N ILE KB 51 58.06 49.12 -34.23
CA ILE KB 51 59.04 49.43 -33.21
C ILE KB 51 58.69 48.68 -31.94
N ALA KB 52 59.66 47.97 -31.37
CA ALA KB 52 59.47 47.27 -30.11
C ALA KB 52 59.61 48.23 -28.94
N PHE KB 53 58.73 48.09 -27.95
CA PHE KB 53 58.75 48.92 -26.76
C PHE KB 53 59.08 48.05 -25.56
N LYS KB 54 60.15 48.41 -24.85
CA LYS KB 54 60.51 47.72 -23.61
C LYS KB 54 59.68 48.30 -22.47
N VAL KB 55 58.99 47.42 -21.75
CA VAL KB 55 58.10 47.82 -20.65
C VAL KB 55 58.91 47.81 -19.36
N PRO KB 56 59.09 48.94 -18.68
CA PRO KB 56 59.91 48.95 -17.48
C PRO KB 56 59.18 48.42 -16.27
N VAL KB 57 59.95 47.87 -15.33
CA VAL KB 57 59.39 47.40 -14.07
C VAL KB 57 58.93 48.57 -13.22
N GLY KB 58 59.53 49.75 -13.42
CA GLY KB 58 59.14 50.92 -12.66
C GLY KB 58 57.69 51.33 -12.85
N SER KB 59 57.03 50.85 -13.90
N SER KB 59 57.04 50.85 -13.91
CA SER KB 59 55.63 51.18 -14.12
CA SER KB 59 55.64 51.17 -14.12
C SER KB 59 54.72 50.53 -13.08
C SER KB 59 54.74 50.56 -13.05
N LEU KB 60 55.19 49.51 -12.38
CA LEU KB 60 54.36 48.84 -11.37
C LEU KB 60 54.34 49.58 -10.04
N PHE KB 61 55.34 50.41 -9.76
CA PHE KB 61 55.42 51.14 -8.49
C PHE KB 61 54.80 52.52 -8.70
N SER KB 62 53.58 52.71 -8.19
CA SER KB 62 52.92 53.99 -8.28
C SER KB 62 51.81 54.06 -7.24
N ALA KB 63 51.50 55.29 -6.82
CA ALA KB 63 50.41 55.50 -5.87
C ALA KB 63 49.04 55.21 -6.46
N ASN KB 64 48.95 55.03 -7.78
CA ASN KB 64 47.68 54.65 -8.39
C ASN KB 64 47.37 53.18 -8.16
N PHE KB 65 48.35 52.40 -7.72
CA PHE KB 65 48.18 50.98 -7.45
C PHE KB 65 48.39 50.64 -5.99
N ARG KB 66 48.55 51.64 -5.12
CA ARG KB 66 48.90 51.45 -3.72
C ARG KB 66 50.24 50.73 -3.57
N THR KB 67 51.15 50.91 -4.53
CA THR KB 67 52.42 50.19 -4.55
C THR KB 67 53.63 51.12 -4.53
N ASP KB 68 53.45 52.37 -4.11
CA ASP KB 68 54.57 53.31 -4.04
C ASP KB 68 55.48 53.05 -2.85
N SER KB 69 55.17 52.07 -2.01
CA SER KB 69 56.00 51.71 -0.86
C SER KB 69 56.92 50.54 -1.13
N PHE KB 70 56.76 49.85 -2.26
CA PHE KB 70 57.61 48.72 -2.61
C PHE KB 70 58.76 49.17 -3.51
N THR KB 71 59.87 48.43 -3.44
CA THR KB 71 61.02 48.67 -4.30
C THR KB 71 61.42 47.47 -5.13
N SER KB 72 60.88 46.28 -4.83
CA SER KB 72 61.13 45.08 -5.61
C SER KB 72 59.82 44.36 -5.84
N VAL KB 73 59.79 43.51 -6.87
CA VAL KB 73 58.57 42.81 -7.25
C VAL KB 73 58.96 41.54 -7.99
N THR KB 74 58.17 40.48 -7.77
CA THR KB 74 58.39 39.18 -8.40
C THR KB 74 57.24 38.93 -9.38
N VAL KB 75 57.56 38.96 -10.67
CA VAL KB 75 56.55 38.83 -11.72
C VAL KB 75 56.26 37.36 -11.96
N MET KB 76 54.98 37.01 -12.04
CA MET KB 76 54.55 35.64 -12.29
CA MET KB 76 54.56 35.64 -12.29
C MET KB 76 54.09 35.43 -13.73
N SER KB 77 53.15 36.25 -14.20
CA SER KB 77 52.64 36.12 -15.56
C SER KB 77 52.32 37.50 -16.10
N VAL KB 78 52.32 37.60 -17.44
CA VAL KB 78 52.06 38.85 -18.14
C VAL KB 78 51.05 38.59 -19.24
N ARG KB 79 49.98 39.38 -19.26
CA ARG KB 79 48.94 39.30 -20.27
CA ARG KB 79 48.93 39.30 -20.27
C ARG KB 79 48.77 40.66 -20.95
N ALA KB 80 48.55 40.64 -22.26
CA ALA KB 80 48.47 41.85 -23.06
C ALA KB 80 47.21 41.87 -23.90
N TRP KB 81 46.68 43.08 -24.11
CA TRP KB 81 45.55 43.32 -25.00
C TRP KB 81 45.83 44.57 -25.83
N THR KB 82 45.30 44.58 -27.04
CA THR KB 82 45.35 45.79 -27.86
C THR KB 82 44.30 46.78 -27.37
N GLN KB 83 44.71 48.02 -27.15
CA GLN KB 83 43.86 49.00 -26.48
C GLN KB 83 43.09 49.89 -27.45
N LEU KB 84 43.62 50.13 -28.64
CA LEU KB 84 42.98 50.99 -29.63
C LEU KB 84 42.62 50.17 -30.87
N THR KB 85 42.00 50.84 -31.84
CA THR KB 85 41.60 50.15 -33.05
C THR KB 85 42.79 49.96 -33.99
N PRO KB 86 42.85 48.85 -34.71
CA PRO KB 86 43.98 48.59 -35.61
C PRO KB 86 43.90 49.49 -36.83
N PRO KB 87 44.96 49.55 -37.63
CA PRO KB 87 44.89 50.33 -38.88
C PRO KB 87 43.79 49.80 -39.79
N VAL KB 88 43.41 50.64 -40.76
CA VAL KB 88 42.34 50.29 -41.68
C VAL KB 88 42.71 49.01 -42.44
N ASN KB 89 41.71 48.13 -42.62
CA ASN KB 89 41.78 46.87 -43.34
C ASN KB 89 42.51 45.77 -42.58
N GLU KB 90 43.05 46.05 -41.39
CA GLU KB 90 43.86 45.08 -40.67
C GLU KB 90 43.13 44.55 -39.44
N TYR KB 91 43.55 43.37 -39.01
CA TYR KB 91 43.15 42.79 -37.73
C TYR KB 91 44.22 43.11 -36.69
N SER KB 92 43.79 43.18 -35.43
CA SER KB 92 44.72 43.51 -34.35
C SER KB 92 45.68 42.37 -34.09
N PHE KB 93 46.87 42.72 -33.60
CA PHE KB 93 47.84 41.72 -33.14
C PHE KB 93 48.74 42.36 -32.11
N VAL KB 94 49.38 41.52 -31.30
CA VAL KB 94 50.28 41.96 -30.24
C VAL KB 94 51.25 40.83 -29.92
N ARG KB 95 52.54 41.15 -29.89
CA ARG KB 95 53.59 40.19 -29.60
C ARG KB 95 54.27 40.55 -28.28
N LEU KB 96 54.75 39.52 -27.57
CA LEU KB 96 55.46 39.69 -26.32
C LEU KB 96 56.76 38.90 -26.36
N LYS KB 97 57.87 39.55 -26.04
CA LYS KB 97 59.16 38.88 -25.91
C LYS KB 97 59.64 39.00 -24.48
N PRO KB 98 59.65 37.90 -23.70
CA PRO KB 98 60.08 38.00 -22.31
C PRO KB 98 61.52 38.47 -22.18
N LEU KB 99 61.78 39.26 -21.14
CA LEU KB 99 63.11 39.77 -20.83
C LEU KB 99 63.50 39.33 -19.43
N PHE KB 100 64.79 39.03 -19.25
CA PHE KB 100 65.31 38.59 -17.96
C PHE KB 100 66.70 39.16 -17.76
N LYS KB 101 67.06 39.37 -16.49
CA LYS KB 101 68.38 39.91 -16.18
CA LYS KB 101 68.38 39.90 -16.17
C LYS KB 101 69.48 38.87 -16.44
N THR KB 102 69.17 37.59 -16.29
CA THR KB 102 70.15 36.54 -16.55
C THR KB 102 70.28 36.20 -18.03
N GLY KB 103 69.36 36.67 -18.86
CA GLY KB 103 69.41 36.38 -20.28
C GLY KB 103 68.05 36.49 -20.94
N ASP KB 104 67.93 37.40 -21.91
CA ASP KB 104 66.66 37.61 -22.58
C ASP KB 104 66.29 36.42 -23.45
N SER KB 105 64.99 36.28 -23.71
CA SER KB 105 64.46 35.21 -24.54
CA SER KB 105 64.47 35.21 -24.54
C SER KB 105 64.17 35.71 -25.94
N THR KB 106 64.05 34.77 -26.87
CA THR KB 106 63.76 35.07 -28.26
C THR KB 106 62.38 34.59 -28.69
N GLU KB 107 61.52 34.21 -27.74
CA GLU KB 107 60.15 33.86 -28.08
C GLU KB 107 59.35 35.11 -28.41
N GLU KB 108 58.43 34.98 -29.37
CA GLU KB 108 57.53 36.07 -29.76
C GLU KB 108 56.10 35.55 -29.67
N PHE KB 109 55.58 35.45 -28.44
CA PHE KB 109 54.21 35.01 -28.22
C PHE KB 109 53.23 35.99 -28.85
N GLU KB 110 52.51 35.56 -29.88
CA GLU KB 110 51.67 36.44 -30.68
C GLU KB 110 50.22 36.00 -30.61
N GLY KB 111 49.33 36.97 -30.54
CA GLY KB 111 47.90 36.71 -30.61
C GLY KB 111 47.22 37.68 -31.55
N ARG KB 112 46.34 37.14 -32.39
CA ARG KB 112 45.64 37.94 -33.38
C ARG KB 112 44.14 37.88 -33.15
N ALA KB 113 43.46 38.97 -33.51
CA ALA KB 113 42.01 39.03 -33.40
C ALA KB 113 41.37 38.45 -34.64
N SER KB 114 40.24 37.76 -34.46
CA SER KB 114 39.49 37.21 -35.56
C SER KB 114 38.37 38.12 -36.03
N ASN KB 115 38.16 39.25 -35.34
CA ASN KB 115 37.21 40.28 -35.75
C ASN KB 115 37.91 41.62 -35.66
N ILE KB 116 37.74 42.45 -36.70
CA ILE KB 116 38.45 43.72 -36.75
C ILE KB 116 38.06 44.63 -35.57
N ASN KB 117 36.85 44.46 -35.06
CA ASN KB 117 36.34 45.28 -33.97
C ASN KB 117 36.68 44.71 -32.60
N THR KB 118 37.48 43.64 -32.54
CA THR KB 118 37.80 42.96 -31.30
CA THR KB 118 37.80 42.98 -31.29
C THR KB 118 39.28 43.09 -30.99
N ARG KB 119 39.62 43.10 -29.70
CA ARG KB 119 41.00 43.16 -29.26
C ARG KB 119 41.73 41.86 -29.61
N ALA KB 120 43.05 41.97 -29.67
CA ALA KB 120 43.94 40.81 -29.76
C ALA KB 120 44.64 40.63 -28.42
N SER KB 121 44.76 39.38 -27.98
CA SER KB 121 45.27 39.11 -26.64
C SER KB 121 46.22 37.92 -26.68
N VAL KB 122 47.21 37.97 -25.80
CA VAL KB 122 48.14 36.85 -25.62
C VAL KB 122 48.87 37.06 -24.30
N GLY KB 123 49.41 35.98 -23.75
CA GLY KB 123 50.16 36.10 -22.51
C GLY KB 123 51.15 34.97 -22.37
N TYR KB 124 52.03 35.10 -21.39
CA TYR KB 124 53.03 34.08 -21.11
C TYR KB 124 53.24 33.96 -19.61
N ARG KB 125 53.72 32.79 -19.20
CA ARG KB 125 53.96 32.47 -17.80
C ARG KB 125 55.46 32.35 -17.55
N ILE KB 126 55.92 32.94 -16.45
CA ILE KB 126 57.33 32.88 -16.05
C ILE KB 126 57.50 31.70 -15.10
N PRO KB 127 58.36 30.74 -15.42
CA PRO KB 127 58.51 29.56 -14.55
C PRO KB 127 59.14 29.92 -13.21
N THR KB 128 59.08 28.95 -12.30
CA THR KB 128 59.54 29.19 -10.93
C THR KB 128 61.04 29.45 -10.87
N ASN KB 129 61.82 28.80 -11.74
CA ASN KB 129 63.27 28.98 -11.70
C ASN KB 129 63.69 30.40 -12.09
N LEU KB 130 62.83 31.15 -12.77
CA LEU KB 130 63.16 32.50 -13.22
C LEU KB 130 62.38 33.57 -12.47
N ARG KB 131 61.75 33.22 -11.34
CA ARG KB 131 60.96 34.19 -10.59
C ARG KB 131 61.81 34.81 -9.48
N GLN KB 132 62.71 35.69 -9.90
CA GLN KB 132 63.49 36.50 -8.98
C GLN KB 132 62.93 37.91 -8.90
N ASN KB 133 63.58 38.76 -8.12
CA ASN KB 133 63.14 40.14 -7.98
C ASN KB 133 63.64 41.00 -9.14
N THR KB 134 62.86 42.03 -9.45
CA THR KB 134 63.23 43.04 -10.43
C THR KB 134 62.94 44.42 -9.86
N VAL KB 135 63.86 45.34 -10.08
CA VAL KB 135 63.72 46.70 -9.55
C VAL KB 135 63.25 47.63 -10.66
N ALA KB 136 63.03 48.90 -10.33
CA ALA KB 136 62.43 49.84 -11.26
C ALA KB 136 63.26 50.04 -12.52
N ALA KB 137 64.57 49.75 -12.49
CA ALA KB 137 65.38 49.94 -13.67
C ALA KB 137 65.21 48.81 -14.67
N ASP KB 138 64.81 47.63 -14.22
CA ASP KB 138 64.71 46.48 -15.10
C ASP KB 138 63.49 46.61 -16.01
N ASN KB 139 63.44 45.73 -17.00
CA ASN KB 139 62.32 45.66 -17.94
C ASN KB 139 61.65 44.29 -17.83
N VAL KB 140 60.37 44.25 -18.19
CA VAL KB 140 59.61 43.00 -18.12
C VAL KB 140 59.62 42.26 -19.45
N CYS KB 141 59.30 42.95 -20.53
CA CYS KB 141 59.17 42.32 -21.84
C CYS KB 141 59.13 43.40 -22.90
N GLU KB 142 59.26 42.99 -24.16
CA GLU KB 142 59.04 43.86 -25.30
C GLU KB 142 57.65 43.61 -25.88
N VAL KB 143 57.05 44.66 -26.42
CA VAL KB 143 55.70 44.61 -26.98
CA VAL KB 143 55.71 44.60 -26.99
C VAL KB 143 55.75 45.15 -28.41
N ARG KB 144 55.14 44.41 -29.34
CA ARG KB 144 55.04 44.81 -30.73
C ARG KB 144 53.59 44.68 -31.18
N SER KB 145 53.05 45.73 -31.77
CA SER KB 145 51.65 45.73 -32.16
C SER KB 145 51.41 46.75 -33.28
N ASN KB 146 50.37 46.51 -34.05
CA ASN KB 146 49.92 47.46 -35.06
C ASN KB 146 48.94 48.48 -34.51
N CYS KB 147 48.41 48.25 -33.31
CA CYS KB 147 47.63 49.25 -32.59
C CYS KB 147 48.56 50.15 -31.78
N ARG KB 148 48.15 51.39 -31.58
CA ARG KB 148 49.03 52.38 -30.98
C ARG KB 148 49.14 52.27 -29.46
N GLN KB 149 48.22 51.58 -28.81
N GLN KB 149 48.23 51.55 -28.81
CA GLN KB 149 48.26 51.39 -27.36
CA GLN KB 149 48.25 51.40 -27.37
C GLN KB 149 48.00 49.93 -27.03
C GLN KB 149 47.95 49.96 -27.00
N VAL KB 150 48.62 49.46 -25.96
CA VAL KB 150 48.49 48.09 -25.49
C VAL KB 150 48.27 48.11 -23.98
N ALA KB 151 47.25 47.39 -23.53
CA ALA KB 151 46.93 47.31 -22.10
C ALA KB 151 47.53 46.04 -21.52
N LEU KB 152 48.24 46.17 -20.40
CA LEU KB 152 48.89 45.05 -19.75
CA LEU KB 152 48.91 45.07 -19.74
C LEU KB 152 48.27 44.78 -18.39
N VAL KB 153 48.24 43.51 -18.02
CA VAL KB 153 47.74 43.06 -16.72
C VAL KB 153 48.76 42.06 -16.20
N ILE KB 154 49.63 42.50 -15.29
CA ILE KB 154 50.75 41.71 -14.82
C ILE KB 154 50.44 41.17 -13.43
N SER KB 155 50.42 39.85 -13.31
CA SER KB 155 50.21 39.20 -12.02
CA SER KB 155 50.21 39.20 -12.02
C SER KB 155 51.56 39.04 -11.33
N CYS KB 156 51.70 39.65 -10.16
CA CYS KB 156 52.99 39.66 -9.48
C CYS KB 156 52.77 39.68 -7.97
N CYS KB 157 53.89 39.53 -7.24
N CYS KB 157 53.87 39.52 -7.23
CA CYS KB 157 53.90 39.55 -5.78
CA CYS KB 157 53.86 39.57 -5.78
C CYS KB 157 54.91 40.61 -5.34
C CYS KB 157 54.89 40.59 -5.32
N PHE KB 158 54.41 41.72 -4.81
CA PHE KB 158 55.30 42.78 -4.34
C PHE KB 158 55.90 42.39 -3.00
N ASN KB 159 57.14 42.83 -2.78
CA ASN KB 159 57.83 42.57 -1.53
C ASN KB 159 58.96 43.57 -1.31
N ASN LB 16 -10.09 23.47 -11.64
CA ASN LB 16 -10.03 24.36 -10.48
C ASN LB 16 -11.39 25.03 -10.26
N SER LB 17 -11.48 25.87 -9.24
CA SER LB 17 -12.75 26.49 -8.88
C SER LB 17 -13.29 27.33 -10.02
N ASN LB 18 -14.61 27.24 -10.23
N ASN LB 18 -14.61 27.23 -10.24
CA ASN LB 18 -15.26 27.97 -11.31
CA ASN LB 18 -15.28 27.95 -11.31
C ASN LB 18 -16.16 29.10 -10.84
C ASN LB 18 -16.10 29.13 -10.83
N VAL LB 19 -16.47 29.17 -9.54
CA VAL LB 19 -17.25 30.26 -8.97
C VAL LB 19 -16.64 30.64 -7.62
N VAL LB 20 -17.19 31.71 -7.03
CA VAL LB 20 -16.67 32.22 -5.77
C VAL LB 20 -16.95 31.22 -4.65
N THR LB 21 -16.08 31.23 -3.64
CA THR LB 21 -16.20 30.36 -2.49
C THR LB 21 -15.98 31.17 -1.21
N MET LB 22 -16.51 30.64 -0.12
CA MET LB 22 -16.49 31.37 1.15
CA MET LB 22 -16.49 31.36 1.16
C MET LB 22 -15.17 31.14 1.89
N ILE LB 23 -14.63 32.23 2.44
CA ILE LB 23 -13.43 32.19 3.26
C ILE LB 23 -13.85 32.31 4.71
N ARG LB 24 -13.48 31.32 5.53
CA ARG LB 24 -13.79 31.35 6.95
C ARG LB 24 -12.69 32.13 7.67
N ALA LB 25 -12.75 33.45 7.53
CA ALA LB 25 -11.76 34.31 8.16
C ALA LB 25 -12.03 34.42 9.65
N GLY LB 26 -10.96 34.68 10.40
CA GLY LB 26 -11.07 34.79 11.85
C GLY LB 26 -10.91 36.22 12.34
N SER LB 27 -10.03 36.42 13.31
CA SER LB 27 -9.81 37.75 13.86
CA SER LB 27 -9.80 37.74 13.86
C SER LB 27 -9.16 38.65 12.82
N TYR LB 28 -9.22 39.95 13.08
CA TYR LB 28 -8.62 40.92 12.17
C TYR LB 28 -7.10 40.77 12.21
N PRO LB 29 -6.44 40.65 11.07
CA PRO LB 29 -5.01 40.34 11.06
C PRO LB 29 -4.15 41.60 11.23
N LYS LB 30 -2.86 41.36 11.40
CA LYS LB 30 -1.89 42.44 11.41
C LYS LB 30 -1.66 42.92 9.99
N VAL LB 31 -1.85 44.21 9.75
CA VAL LB 31 -1.79 44.77 8.41
C VAL LB 31 -0.71 45.84 8.35
N ASN LB 32 -0.36 46.20 7.13
CA ASN LB 32 0.60 47.27 6.85
C ASN LB 32 0.28 47.90 5.50
N PRO LB 33 -0.24 49.13 5.48
CA PRO LB 33 -0.63 49.73 4.20
C PRO LB 33 0.55 50.16 3.35
N THR LB 34 1.74 50.31 3.93
CA THR LB 34 2.93 50.78 3.23
C THR LB 34 4.08 49.83 3.52
N PRO LB 35 4.16 48.71 2.81
N PRO LB 35 4.16 48.71 2.83
CA PRO LB 35 5.21 47.72 3.09
CA PRO LB 35 5.20 47.71 3.09
C PRO LB 35 6.51 48.09 2.38
C PRO LB 35 6.49 48.08 2.37
N THR LB 36 7.50 47.22 2.55
CA THR LB 36 8.78 47.38 1.88
C THR LB 36 8.69 46.83 0.45
N TRP LB 37 9.79 46.92 -0.28
CA TRP LB 37 9.80 46.48 -1.67
C TRP LB 37 11.24 46.34 -2.14
N VAL LB 38 11.68 45.10 -2.37
CA VAL LB 38 12.97 44.86 -3.00
C VAL LB 38 12.83 45.10 -4.49
N ARG LB 39 13.73 45.89 -5.06
CA ARG LB 39 13.61 46.32 -6.44
C ARG LB 39 14.98 46.36 -7.11
N ALA LB 40 14.95 46.30 -8.44
CA ALA LB 40 16.11 46.61 -9.28
C ALA LB 40 15.70 47.79 -10.15
N ILE LB 41 16.35 48.92 -9.96
CA ILE LB 41 15.92 50.18 -10.55
C ILE LB 41 16.85 50.53 -11.70
N PRO LB 42 16.36 50.68 -12.92
CA PRO LB 42 17.21 51.14 -14.03
C PRO LB 42 17.04 52.62 -14.33
N PHE LB 43 18.15 53.32 -14.54
CA PHE LB 43 18.13 54.72 -14.93
C PHE LB 43 19.48 55.07 -15.54
N GLU LB 44 19.54 56.22 -16.18
CA GLU LB 44 20.72 56.64 -16.94
C GLU LB 44 21.21 58.00 -16.45
N VAL LB 45 22.53 58.21 -16.59
CA VAL LB 45 23.18 59.45 -16.18
C VAL LB 45 24.07 59.94 -17.31
N SER LB 46 24.29 61.25 -17.35
CA SER LB 46 25.17 61.87 -18.33
C SER LB 46 26.54 62.12 -17.70
N VAL LB 47 27.59 61.65 -18.36
N VAL LB 47 27.58 61.65 -18.35
CA VAL LB 47 28.95 61.72 -17.87
CA VAL LB 47 28.94 61.75 -17.82
C VAL LB 47 29.81 62.47 -18.88
C VAL LB 47 29.84 62.42 -18.86
N GLN LB 48 30.74 63.27 -18.39
CA GLN LB 48 31.71 63.95 -19.23
C GLN LB 48 33.04 63.20 -19.20
N SER LB 49 33.85 63.42 -20.22
CA SER LB 49 35.12 62.72 -20.32
CA SER LB 49 35.13 62.72 -20.34
C SER LB 49 36.08 63.16 -19.23
N GLY LB 50 36.71 62.18 -18.59
CA GLY LB 50 37.72 62.46 -17.57
C GLY LB 50 37.22 63.20 -16.35
N ILE LB 51 35.91 63.13 -16.09
CA ILE LB 51 35.31 63.83 -14.96
C ILE LB 51 34.41 62.86 -14.22
N ALA LB 52 34.62 62.74 -12.90
CA ALA LB 52 33.82 61.83 -12.09
C ALA LB 52 32.46 62.44 -11.79
N PHE LB 53 31.43 61.59 -11.85
CA PHE LB 53 30.05 62.00 -11.66
C PHE LB 53 29.48 61.28 -10.45
N LYS LB 54 29.01 62.04 -9.47
CA LYS LB 54 28.43 61.47 -8.25
C LYS LB 54 26.96 61.18 -8.49
N VAL LB 55 26.55 59.94 -8.25
CA VAL LB 55 25.18 59.50 -8.50
C VAL LB 55 24.40 59.64 -7.20
N PRO LB 56 23.38 60.49 -7.14
N PRO LB 56 23.38 60.50 -7.14
CA PRO LB 56 22.63 60.67 -5.90
CA PRO LB 56 22.63 60.67 -5.90
C PRO LB 56 21.60 59.56 -5.68
C PRO LB 56 21.65 59.52 -5.67
N VAL LB 57 21.29 59.35 -4.40
CA VAL LB 57 20.31 58.32 -4.04
C VAL LB 57 18.90 58.76 -4.45
N GLY LB 58 18.67 60.07 -4.53
CA GLY LB 58 17.35 60.58 -4.89
C GLY LB 58 16.88 60.15 -6.26
N SER LB 59 17.78 59.67 -7.12
N SER LB 59 17.78 59.69 -7.12
CA SER LB 59 17.37 59.20 -8.44
CA SER LB 59 17.38 59.19 -8.43
C SER LB 59 16.50 57.96 -8.32
C SER LB 59 16.52 57.94 -8.33
N LEU LB 60 16.65 57.19 -7.24
CA LEU LB 60 15.84 55.98 -7.05
C LEU LB 60 14.42 56.30 -6.63
N PHE LB 61 14.17 57.50 -6.10
CA PHE LB 61 12.81 57.92 -5.73
C PHE LB 61 12.21 58.67 -6.90
N SER LB 62 11.18 58.07 -7.52
CA SER LB 62 10.53 58.68 -8.67
C SER LB 62 9.21 57.97 -8.92
N ALA LB 63 8.28 58.71 -9.54
CA ALA LB 63 7.02 58.09 -9.96
C ALA LB 63 7.21 57.18 -11.18
N ASN LB 64 8.34 57.30 -11.88
CA ASN LB 64 8.64 56.39 -12.97
C ASN LB 64 9.04 55.01 -12.48
N PHE LB 65 9.24 54.83 -11.19
CA PHE LB 65 9.61 53.54 -10.60
C PHE LB 65 8.63 53.07 -9.54
N ARG LB 66 7.49 53.76 -9.39
CA ARG LB 66 6.51 53.50 -8.35
C ARG LB 66 7.11 53.64 -6.95
N THR LB 67 8.17 54.44 -6.80
CA THR LB 67 8.89 54.57 -5.53
C THR LB 67 8.92 56.01 -5.04
N ASP LB 68 8.02 56.86 -5.50
CA ASP LB 68 7.97 58.23 -5.00
C ASP LB 68 7.41 58.31 -3.60
N SER LB 69 6.87 57.22 -3.06
CA SER LB 69 6.31 57.20 -1.72
C SER LB 69 7.33 56.88 -0.63
N PHE LB 70 8.53 56.45 -1.01
CA PHE LB 70 9.56 56.10 -0.05
C PHE LB 70 10.46 57.31 0.24
N THR LB 71 11.11 57.26 1.40
CA THR LB 71 12.10 58.27 1.77
C THR LB 71 13.47 57.68 2.04
N SER LB 72 13.58 56.37 2.20
CA SER LB 72 14.86 55.71 2.46
C SER LB 72 14.93 54.43 1.64
N VAL LB 73 16.15 53.96 1.43
CA VAL LB 73 16.37 52.76 0.64
C VAL LB 73 17.71 52.17 1.06
N THR LB 74 17.79 50.85 1.08
CA THR LB 74 19.00 50.12 1.46
C THR LB 74 19.62 49.51 0.21
N VAL LB 75 20.73 50.07 -0.23
CA VAL LB 75 21.39 49.62 -1.45
C VAL LB 75 22.11 48.31 -1.17
N MET LB 76 21.98 47.35 -2.08
CA MET LB 76 22.61 46.04 -1.94
C MET LB 76 23.72 45.81 -2.96
N SER LB 77 23.46 46.07 -4.24
CA SER LB 77 24.48 45.92 -5.27
C SER LB 77 24.19 46.90 -6.40
N VAL LB 78 25.26 47.31 -7.08
CA VAL LB 78 25.18 48.31 -8.15
C VAL LB 78 25.93 47.77 -9.36
N ARG LB 79 25.30 47.86 -10.54
CA ARG LB 79 25.90 47.42 -11.79
CA ARG LB 79 25.89 47.41 -11.79
C ARG LB 79 25.80 48.54 -12.81
N ALA LB 80 26.85 48.70 -13.62
CA ALA LB 80 26.92 49.79 -14.58
C ALA LB 80 27.22 49.26 -15.99
N TRP LB 81 26.68 49.96 -16.97
CA TRP LB 81 26.93 49.70 -18.39
C TRP LB 81 27.10 51.03 -19.12
N THR LB 82 27.91 51.02 -20.17
CA THR LB 82 28.05 52.19 -21.02
C THR LB 82 26.85 52.27 -21.98
N GLN LB 83 26.26 53.46 -22.07
CA GLN LB 83 25.01 53.64 -22.80
C GLN LB 83 25.18 54.14 -24.23
N LEU LB 84 26.26 54.88 -24.51
CA LEU LB 84 26.52 55.42 -25.84
C LEU LB 84 27.82 54.81 -26.39
N THR LB 85 28.15 55.20 -27.62
CA THR LB 85 29.35 54.67 -28.25
C THR LB 85 30.60 55.37 -27.72
N PRO LB 86 31.74 54.68 -27.69
CA PRO LB 86 32.97 55.29 -27.19
C PRO LB 86 33.54 56.27 -28.20
N PRO LB 87 34.54 57.06 -27.82
CA PRO LB 87 35.23 57.90 -28.80
C PRO LB 87 35.86 57.05 -29.89
N VAL LB 88 36.17 57.71 -31.02
CA VAL LB 88 36.74 57.01 -32.15
C VAL LB 88 38.08 56.40 -31.76
N ASN LB 89 38.30 55.15 -32.19
CA ASN LB 89 39.48 54.34 -32.02
C ASN LB 89 39.57 53.71 -30.62
N GLU LB 90 38.68 54.06 -29.70
CA GLU LB 90 38.75 53.56 -28.33
C GLU LB 90 37.70 52.50 -28.08
N TYR LB 91 37.93 51.72 -27.03
CA TYR LB 91 36.93 50.79 -26.50
C TYR LB 91 36.24 51.43 -25.30
N SER LB 92 35.02 50.97 -25.04
CA SER LB 92 34.25 51.50 -23.92
C SER LB 92 34.84 51.01 -22.59
N PHE LB 93 34.80 51.87 -21.58
CA PHE LB 93 35.17 51.48 -20.23
C PHE LB 93 34.29 52.23 -19.24
N VAL LB 94 34.28 51.76 -18.01
CA VAL LB 94 33.49 52.39 -16.94
C VAL LB 94 34.12 52.02 -15.60
N ARG LB 95 34.20 53.00 -14.71
CA ARG LB 95 34.76 52.82 -13.38
C ARG LB 95 33.69 53.16 -12.34
N LEU LB 96 33.78 52.49 -11.19
CA LEU LB 96 32.86 52.70 -10.08
C LEU LB 96 33.66 52.81 -8.78
N LYS LB 97 33.42 53.88 -8.04
CA LYS LB 97 34.01 54.06 -6.71
C LYS LB 97 32.91 54.12 -5.66
N PRO LB 98 32.80 53.13 -4.78
CA PRO LB 98 31.75 53.17 -3.76
C PRO LB 98 31.89 54.36 -2.82
N LEU LB 99 30.75 54.89 -2.40
CA LEU LB 99 30.67 56.01 -1.47
C LEU LB 99 29.78 55.63 -0.30
N PHE LB 100 30.21 56.01 0.92
CA PHE LB 100 29.45 55.71 2.12
C PHE LB 100 29.46 56.93 3.04
N LYS LB 101 28.39 57.08 3.82
CA LYS LB 101 28.32 58.20 4.75
CA LYS LB 101 28.30 58.20 4.75
CA LYS LB 101 28.31 58.20 4.75
CA LYS LB 101 28.31 58.20 4.75
C LYS LB 101 29.35 58.10 5.85
N THR LB 102 29.70 56.89 6.26
CA THR LB 102 30.70 56.71 7.30
C THR LB 102 32.13 56.77 6.77
N GLY LB 103 32.30 56.79 5.45
CA GLY LB 103 33.62 56.84 4.86
C GLY LB 103 33.67 56.35 3.44
N ASP LB 104 34.07 57.21 2.51
CA ASP LB 104 34.19 56.82 1.12
C ASP LB 104 35.33 55.83 0.94
N SER LB 105 35.21 55.00 -0.09
CA SER LB 105 36.22 54.03 -0.45
CA SER LB 105 36.23 54.03 -0.44
C SER LB 105 37.14 54.59 -1.53
N THR LB 106 38.21 53.85 -1.81
CA THR LB 106 39.15 54.24 -2.86
C THR LB 106 39.26 53.18 -3.95
N GLU LB 107 38.37 52.19 -3.96
CA GLU LB 107 38.38 51.18 -5.01
C GLU LB 107 37.81 51.74 -6.30
N GLU LB 108 38.43 51.37 -7.41
CA GLU LB 108 37.99 51.76 -8.76
C GLU LB 108 37.74 50.49 -9.57
N PHE LB 109 36.62 49.83 -9.30
CA PHE LB 109 36.24 48.66 -10.08
C PHE LB 109 36.00 49.05 -11.53
N GLU LB 110 36.84 48.55 -12.43
CA GLU LB 110 36.84 48.96 -13.82
C GLU LB 110 36.49 47.80 -14.73
N GLY LB 111 35.68 48.07 -15.74
CA GLY LB 111 35.37 47.09 -16.77
C GLY LB 111 35.48 47.70 -18.14
N ARG LB 112 36.09 46.94 -19.05
CA ARG LB 112 36.31 47.39 -20.43
C ARG LB 112 35.70 46.41 -21.41
N ALA LB 113 35.21 46.94 -22.52
CA ALA LB 113 34.68 46.10 -23.59
C ALA LB 113 35.81 45.57 -24.46
N SER LB 114 35.68 44.32 -24.87
CA SER LB 114 36.64 43.72 -25.79
C SER LB 114 36.25 43.91 -27.25
N ASN LB 115 35.10 44.53 -27.51
CA ASN LB 115 34.67 44.90 -28.85
C ASN LB 115 34.25 46.36 -28.83
N ILE LB 116 34.68 47.12 -29.84
CA ILE LB 116 34.37 48.55 -29.88
C ILE LB 116 32.88 48.81 -30.00
N ASN LB 117 32.11 47.86 -30.51
CA ASN LB 117 30.67 48.02 -30.66
C ASN LB 117 29.88 47.49 -29.47
N THR LB 118 30.54 47.01 -28.43
CA THR LB 118 29.89 46.39 -27.29
CA THR LB 118 29.89 46.39 -27.29
C THR LB 118 30.05 47.26 -26.04
N ARG LB 119 29.11 47.11 -25.12
CA ARG LB 119 29.15 47.86 -23.86
C ARG LB 119 30.24 47.32 -22.95
N ALA LB 120 30.73 48.19 -22.06
CA ALA LB 120 31.60 47.81 -20.97
C ALA LB 120 30.78 47.79 -19.68
N SER LB 121 30.99 46.76 -18.86
CA SER LB 121 30.18 46.56 -17.67
C SER LB 121 31.06 46.23 -16.47
N VAL LB 122 30.60 46.67 -15.30
CA VAL LB 122 31.26 46.35 -14.03
C VAL LB 122 30.26 46.60 -12.93
N GLY LB 123 30.46 45.94 -11.79
CA GLY LB 123 29.56 46.12 -10.66
C GLY LB 123 30.24 45.74 -9.36
N TYR LB 124 29.58 46.10 -8.25
CA TYR LB 124 30.11 45.78 -6.94
C TYR LB 124 28.97 45.53 -5.96
N ARG LB 125 29.26 44.72 -4.95
CA ARG LB 125 28.30 44.34 -3.92
C ARG LB 125 28.63 45.05 -2.61
N ILE LB 126 27.60 45.53 -1.93
CA ILE LB 126 27.76 46.18 -0.64
C ILE LB 126 27.59 45.14 0.46
N PRO LB 127 28.54 45.01 1.38
CA PRO LB 127 28.40 44.01 2.44
C PRO LB 127 27.28 44.37 3.41
N THR LB 128 26.86 43.36 4.18
CA THR LB 128 25.74 43.55 5.10
C THR LB 128 26.07 44.58 6.17
N ASN LB 129 27.32 44.65 6.61
CA ASN LB 129 27.71 45.61 7.64
C ASN LB 129 27.68 47.06 7.14
N LEU LB 130 27.55 47.27 5.83
CA LEU LB 130 27.44 48.61 5.27
C LEU LB 130 26.07 48.86 4.64
N ARG LB 131 25.08 48.04 4.96
CA ARG LB 131 23.73 48.17 4.39
C ARG LB 131 22.83 48.89 5.38
N GLN LB 132 23.07 50.18 5.52
CA GLN LB 132 22.17 51.06 6.25
C GLN LB 132 21.27 51.79 5.25
N ASN LB 133 20.44 52.69 5.76
CA ASN LB 133 19.55 53.45 4.90
C ASN LB 133 20.26 54.68 4.35
N THR LB 134 19.84 55.09 3.16
CA THR LB 134 20.32 56.31 2.52
C THR LB 134 19.12 57.12 2.05
N VAL LB 135 19.23 58.45 2.17
CA VAL LB 135 18.14 59.33 1.75
C VAL LB 135 18.54 60.04 0.46
N ALA LB 136 17.66 60.92 -0.03
CA ALA LB 136 17.86 61.52 -1.35
C ALA LB 136 19.09 62.40 -1.42
N ALA LB 137 19.58 62.90 -0.29
CA ALA LB 137 20.74 63.78 -0.29
C ALA LB 137 22.06 63.04 -0.41
N ASP LB 138 22.06 61.72 -0.24
CA ASP LB 138 23.28 60.94 -0.26
C ASP LB 138 23.67 60.57 -1.69
N ASN LB 139 24.91 60.10 -1.83
CA ASN LB 139 25.43 59.60 -3.10
C ASN LB 139 25.77 58.11 -2.96
N VAL LB 140 25.54 57.37 -4.03
N VAL LB 140 25.57 57.37 -4.04
CA VAL LB 140 25.82 55.94 -4.07
CA VAL LB 140 25.82 55.93 -4.02
C VAL LB 140 27.27 55.67 -4.44
C VAL LB 140 27.25 55.61 -4.48
N CYS LB 141 27.74 56.26 -5.54
CA CYS LB 141 29.07 55.98 -6.05
C CYS LB 141 29.48 57.08 -7.02
N GLU LB 142 30.71 57.00 -7.49
CA GLU LB 142 31.21 57.84 -8.57
C GLU LB 142 31.36 57.00 -9.83
N VAL LB 143 31.06 57.60 -10.99
CA VAL LB 143 31.11 56.92 -12.28
CA VAL LB 143 31.12 56.92 -12.27
C VAL LB 143 32.04 57.69 -13.20
N ARG LB 144 32.97 56.97 -13.84
CA ARG LB 144 33.89 57.54 -14.82
C ARG LB 144 33.81 56.68 -16.08
N SER LB 145 33.72 57.32 -17.23
CA SER LB 145 33.62 56.59 -18.49
C SER LB 145 34.02 57.49 -19.64
N ASN LB 146 34.53 56.87 -20.70
CA ASN LB 146 34.82 57.59 -21.94
C ASN LB 146 33.57 57.80 -22.79
N CYS LB 147 32.49 57.08 -22.50
CA CYS LB 147 31.21 57.31 -23.14
C CYS LB 147 30.45 58.39 -22.39
N ARG LB 148 29.53 59.04 -23.10
CA ARG LB 148 28.84 60.20 -22.55
C ARG LB 148 27.63 59.85 -21.70
N GLN LB 149 27.20 58.59 -21.68
CA GLN LB 149 26.07 58.17 -20.85
CA GLN LB 149 26.06 58.17 -20.86
C GLN LB 149 26.34 56.78 -20.30
N VAL LB 150 25.93 56.56 -19.04
CA VAL LB 150 26.15 55.30 -18.35
C VAL LB 150 24.84 54.84 -17.74
N ALA LB 151 24.49 53.58 -17.99
CA ALA LB 151 23.25 52.99 -17.46
C ALA LB 151 23.54 52.25 -16.16
N LEU LB 152 22.64 52.40 -15.19
CA LEU LB 152 22.78 51.80 -13.87
CA LEU LB 152 22.77 51.81 -13.87
C LEU LB 152 21.59 50.91 -13.57
N VAL LB 153 21.86 49.82 -12.85
CA VAL LB 153 20.84 48.90 -12.38
C VAL LB 153 21.16 48.57 -10.92
N ILE LB 154 20.49 49.24 -10.00
CA ILE LB 154 20.83 49.20 -8.58
C ILE LB 154 19.85 48.28 -7.86
N SER LB 155 20.36 47.19 -7.29
CA SER LB 155 19.55 46.30 -6.47
CA SER LB 155 19.55 46.30 -6.47
C SER LB 155 19.46 46.86 -5.06
N CYS LB 156 18.23 47.09 -4.60
CA CYS LB 156 18.03 47.74 -3.31
C CYS LB 156 16.65 47.39 -2.77
N CYS LB 157 16.46 47.68 -1.48
N CYS LB 157 16.45 47.68 -1.49
CA CYS LB 157 15.20 47.47 -0.78
CA CYS LB 157 15.17 47.46 -0.82
C CYS LB 157 14.66 48.82 -0.34
C CYS LB 157 14.64 48.79 -0.31
N PHE LB 158 13.46 49.18 -0.80
CA PHE LB 158 12.83 50.41 -0.39
C PHE LB 158 12.07 50.18 0.91
N ASN LB 159 12.27 51.08 1.87
CA ASN LB 159 11.59 51.00 3.16
C ASN LB 159 11.38 52.38 3.76
N ASN MB 16 7.01 -0.78 -45.62
CA ASN MB 16 5.66 -0.25 -45.45
C ASN MB 16 4.83 -0.51 -46.70
N SER MB 17 3.53 -0.20 -46.63
CA SER MB 17 2.62 -0.48 -47.73
C SER MB 17 3.01 0.31 -48.97
N ASN MB 18 2.80 -0.31 -50.14
CA ASN MB 18 3.15 0.32 -51.41
C ASN MB 18 1.95 0.56 -52.32
N VAL MB 19 0.74 0.16 -51.91
CA VAL MB 19 -0.46 0.37 -52.69
C VAL MB 19 -1.60 0.78 -51.76
N VAL MB 20 -2.77 0.99 -52.34
CA VAL MB 20 -3.94 1.42 -51.57
C VAL MB 20 -4.51 0.25 -50.81
N THR MB 21 -4.89 0.50 -49.56
CA THR MB 21 -5.51 -0.51 -48.70
C THR MB 21 -6.87 0.00 -48.25
N MET MB 22 -7.79 -0.94 -47.98
CA MET MB 22 -9.14 -0.58 -47.60
CA MET MB 22 -9.15 -0.59 -47.59
C MET MB 22 -9.22 -0.23 -46.11
N ILE MB 23 -9.99 0.81 -45.81
CA ILE MB 23 -10.25 1.25 -44.45
C ILE MB 23 -11.67 0.82 -44.09
N ARG MB 24 -11.80 0.06 -43.00
CA ARG MB 24 -13.12 -0.39 -42.55
C ARG MB 24 -13.75 0.70 -41.70
N ALA MB 25 -14.29 1.70 -42.38
CA ALA MB 25 -14.90 2.85 -41.72
C ALA MB 25 -16.27 2.49 -41.17
N GLY MB 26 -16.67 3.21 -40.12
CA GLY MB 26 -17.94 2.94 -39.47
C GLY MB 26 -18.95 4.05 -39.65
N SER MB 27 -19.58 4.48 -38.56
CA SER MB 27 -20.58 5.52 -38.61
CA SER MB 27 -20.59 5.51 -38.62
C SER MB 27 -19.94 6.86 -38.97
N TYR MB 28 -20.78 7.81 -39.37
CA TYR MB 28 -20.30 9.13 -39.72
C TYR MB 28 -19.83 9.86 -38.47
N PRO MB 29 -18.60 10.38 -38.45
CA PRO MB 29 -18.04 10.96 -37.23
C PRO MB 29 -18.43 12.41 -37.04
N LYS MB 30 -18.04 12.95 -35.89
CA LYS MB 30 -18.23 14.37 -35.59
C LYS MB 30 -17.19 15.18 -36.36
N VAL MB 31 -17.67 16.11 -37.18
CA VAL MB 31 -16.82 16.88 -38.07
C VAL MB 31 -16.84 18.35 -37.66
N ASN MB 32 -15.90 19.11 -38.21
CA ASN MB 32 -15.79 20.55 -38.01
C ASN MB 32 -15.03 21.17 -39.18
N PRO MB 33 -15.72 21.86 -40.09
CA PRO MB 33 -15.03 22.40 -41.27
C PRO MB 33 -14.11 23.58 -40.97
N THR MB 34 -14.33 24.28 -39.86
CA THR MB 34 -13.58 25.50 -39.51
C THR MB 34 -13.01 25.33 -38.11
N PRO MB 35 -11.87 24.65 -37.98
CA PRO MB 35 -11.30 24.36 -36.67
C PRO MB 35 -10.43 25.50 -36.16
N THR MB 36 -9.90 25.31 -34.95
CA THR MB 36 -8.99 26.26 -34.35
C THR MB 36 -7.57 26.06 -34.86
N TRP MB 37 -6.67 26.97 -34.45
CA TRP MB 37 -5.30 26.96 -34.97
C TRP MB 37 -4.43 27.81 -34.06
N VAL MB 38 -3.42 27.20 -33.45
CA VAL MB 38 -2.41 27.93 -32.69
C VAL MB 38 -1.29 28.31 -33.65
N ARG MB 39 -0.85 29.57 -33.57
CA ARG MB 39 0.10 30.11 -34.52
C ARG MB 39 1.06 31.07 -33.83
N ALA MB 40 2.16 31.36 -34.52
CA ALA MB 40 3.05 32.47 -34.17
C ALA MB 40 3.10 33.38 -35.39
N ILE MB 41 2.58 34.59 -35.25
CA ILE MB 41 2.39 35.51 -36.37
C ILE MB 41 3.57 36.47 -36.41
N PRO MB 42 4.34 36.51 -37.49
CA PRO MB 42 5.40 37.53 -37.61
C PRO MB 42 4.98 38.70 -38.51
N PHE MB 43 5.06 39.91 -37.98
CA PHE MB 43 4.74 41.10 -38.74
C PHE MB 43 5.50 42.29 -38.15
N GLU MB 44 5.48 43.40 -38.87
CA GLU MB 44 6.24 44.58 -38.51
C GLU MB 44 5.31 45.78 -38.34
N VAL MB 45 5.76 46.75 -37.54
CA VAL MB 45 5.02 47.99 -37.31
C VAL MB 45 6.00 49.15 -37.36
N SER MB 46 5.51 50.30 -37.81
CA SER MB 46 6.30 51.53 -37.86
C SER MB 46 6.07 52.32 -36.59
N VAL MB 47 7.17 52.76 -35.96
N VAL MB 47 7.16 52.74 -35.95
CA VAL MB 47 7.14 53.46 -34.69
CA VAL MB 47 7.08 53.48 -34.70
C VAL MB 47 7.91 54.77 -34.83
C VAL MB 47 7.89 54.76 -34.84
N GLN MB 48 7.38 55.83 -34.22
CA GLN MB 48 8.04 57.13 -34.21
C GLN MB 48 8.77 57.32 -32.88
N SER MB 49 9.82 58.13 -32.92
CA SER MB 49 10.61 58.37 -31.72
CA SER MB 49 10.60 58.38 -31.72
C SER MB 49 9.78 59.09 -30.66
N GLY MB 50 9.85 58.59 -29.43
CA GLY MB 50 9.18 59.22 -28.31
C GLY MB 50 7.67 59.16 -28.34
N ILE MB 51 7.10 58.38 -29.25
CA ILE MB 51 5.65 58.26 -29.39
C ILE MB 51 5.27 56.79 -29.31
N ALA MB 52 4.30 56.48 -28.47
CA ALA MB 52 3.82 55.11 -28.32
C ALA MB 52 2.92 54.73 -29.49
N PHE MB 53 3.03 53.48 -29.93
CA PHE MB 53 2.24 52.95 -31.04
C PHE MB 53 1.41 51.79 -30.53
N LYS MB 54 0.09 51.90 -30.64
CA LYS MB 54 -0.81 50.82 -30.27
C LYS MB 54 -0.90 49.82 -31.42
N VAL MB 55 -0.54 48.57 -31.16
CA VAL MB 55 -0.55 47.52 -32.17
C VAL MB 55 -1.95 46.93 -32.22
N PRO MB 56 -2.68 47.07 -33.33
N PRO MB 56 -2.69 47.08 -33.32
CA PRO MB 56 -4.04 46.53 -33.38
CA PRO MB 56 -4.05 46.53 -33.38
C PRO MB 56 -4.04 45.01 -33.54
C PRO MB 56 -4.04 45.02 -33.53
N VAL MB 57 -5.11 44.40 -33.03
CA VAL MB 57 -5.25 42.94 -33.15
C VAL MB 57 -5.57 42.55 -34.59
N GLY MB 58 -6.20 43.46 -35.33
CA GLY MB 58 -6.53 43.20 -36.73
C GLY MB 58 -5.34 42.88 -37.61
N SER MB 59 -4.13 43.27 -37.17
N SER MB 59 -4.13 43.27 -37.17
CA SER MB 59 -2.93 42.92 -37.92
CA SER MB 59 -2.93 42.92 -37.92
C SER MB 59 -2.68 41.42 -37.96
C SER MB 59 -2.72 41.42 -37.99
N LEU MB 60 -3.30 40.66 -37.06
CA LEU MB 60 -3.15 39.22 -37.05
C LEU MB 60 -4.07 38.53 -38.06
N PHE MB 61 -5.17 39.18 -38.44
CA PHE MB 61 -6.10 38.62 -39.41
C PHE MB 61 -5.72 39.12 -40.79
N SER MB 62 -5.16 38.23 -41.61
CA SER MB 62 -4.77 38.58 -42.97
C SER MB 62 -4.64 37.31 -43.79
N ALA MB 63 -4.86 37.44 -45.10
CA ALA MB 63 -4.62 36.32 -45.99
C ALA MB 63 -3.15 35.95 -46.05
N ASN MB 64 -2.26 36.92 -45.78
CA ASN MB 64 -0.84 36.65 -45.74
C ASN MB 64 -0.45 35.71 -44.61
N PHE MB 65 -1.38 35.40 -43.71
CA PHE MB 65 -1.14 34.45 -42.63
C PHE MB 65 -2.09 33.26 -42.68
N ARG MB 66 -2.89 33.14 -43.75
CA ARG MB 66 -3.95 32.13 -43.85
C ARG MB 66 -4.99 32.29 -42.74
N THR MB 67 -5.14 33.50 -42.21
CA THR MB 67 -6.02 33.74 -41.06
C THR MB 67 -7.09 34.78 -41.35
N ASP MB 68 -7.39 35.04 -42.63
CA ASP MB 68 -8.46 35.97 -42.96
C ASP MB 68 -9.84 35.41 -42.65
N SER MB 69 -9.96 34.12 -42.39
CA SER MB 69 -11.24 33.51 -42.09
C SER MB 69 -11.62 33.58 -40.63
N PHE MB 70 -10.70 33.98 -39.75
CA PHE MB 70 -10.98 34.10 -38.33
C PHE MB 70 -11.46 35.50 -37.98
N THR MB 71 -12.27 35.59 -36.93
CA THR MB 71 -12.74 36.87 -36.42
C THR MB 71 -12.30 37.17 -35.00
N SER MB 72 -11.91 36.17 -34.23
CA SER MB 72 -11.41 36.35 -32.87
C SER MB 72 -10.11 35.58 -32.70
N VAL MB 73 -9.34 35.96 -31.68
CA VAL MB 73 -8.05 35.32 -31.42
C VAL MB 73 -7.73 35.48 -29.94
N THR MB 74 -7.10 34.45 -29.37
CA THR MB 74 -6.70 34.44 -27.97
C THR MB 74 -5.18 34.49 -27.90
N VAL MB 75 -4.65 35.63 -27.47
CA VAL MB 75 -3.20 35.86 -27.47
C VAL MB 75 -2.59 35.24 -26.22
N MET MB 76 -1.48 34.52 -26.40
CA MET MB 76 -0.79 33.86 -25.30
C MET MB 76 0.49 34.56 -24.88
N SER MB 77 1.32 35.00 -25.83
CA SER MB 77 2.57 35.66 -25.50
C SER MB 77 2.99 36.53 -26.67
N VAL MB 78 3.68 37.62 -26.35
CA VAL MB 78 4.12 38.61 -27.33
C VAL MB 78 5.63 38.78 -27.21
N ARG MB 79 6.32 38.77 -28.34
CA ARG MB 79 7.75 39.01 -28.40
CA ARG MB 79 7.75 38.99 -28.42
C ARG MB 79 8.04 40.02 -29.50
N ALA MB 80 8.98 40.93 -29.23
CA ALA MB 80 9.29 42.00 -30.16
C ALA MB 80 10.80 42.17 -30.33
N TRP MB 81 11.21 42.49 -31.55
CA TRP MB 81 12.60 42.81 -31.88
C TRP MB 81 12.63 44.12 -32.65
N THR MB 82 13.73 44.85 -32.50
CA THR MB 82 13.93 46.05 -33.30
C THR MB 82 14.34 45.65 -34.72
N GLN MB 83 13.65 46.24 -35.72
CA GLN MB 83 13.80 45.79 -37.09
C GLN MB 83 14.84 46.59 -37.88
N LEU MB 84 15.13 47.81 -37.48
CA LEU MB 84 16.09 48.65 -38.17
C LEU MB 84 17.24 49.03 -37.22
N THR MB 85 18.22 49.74 -37.75
CA THR MB 85 19.38 50.14 -36.96
C THR MB 85 19.03 51.31 -36.03
N PRO MB 86 19.67 51.38 -34.88
CA PRO MB 86 19.37 52.46 -33.93
C PRO MB 86 19.98 53.77 -34.40
N PRO MB 87 19.65 54.88 -33.76
CA PRO MB 87 20.30 56.16 -34.10
C PRO MB 87 21.81 56.11 -33.88
N VAL MB 88 22.50 57.11 -34.43
CA VAL MB 88 23.94 57.17 -34.29
C VAL MB 88 24.31 57.37 -32.83
N ASN MB 89 25.31 56.61 -32.37
CA ASN MB 89 25.88 56.58 -31.03
C ASN MB 89 25.02 55.82 -30.04
N GLU MB 90 23.86 55.30 -30.44
CA GLU MB 90 22.94 54.66 -29.52
C GLU MB 90 22.87 53.16 -29.76
N TYR MB 91 22.44 52.45 -28.73
CA TYR MB 91 22.08 51.04 -28.82
C TYR MB 91 20.57 50.91 -28.92
N SER MB 92 20.11 49.86 -29.59
CA SER MB 92 18.68 49.67 -29.80
C SER MB 92 17.98 49.33 -28.48
N PHE MB 93 16.72 49.75 -28.37
CA PHE MB 93 15.90 49.36 -27.24
C PHE MB 93 14.45 49.27 -27.69
N VAL MB 94 13.65 48.52 -26.94
CA VAL MB 94 12.23 48.34 -27.24
C VAL MB 94 11.49 48.12 -25.93
N ARG MB 95 10.35 48.80 -25.76
CA ARG MB 95 9.50 48.66 -24.59
C ARG MB 95 8.15 48.10 -25.00
N LEU MB 96 7.54 47.34 -24.10
CA LEU MB 96 6.24 46.73 -24.33
C LEU MB 96 5.34 46.98 -23.14
N LYS MB 97 4.19 47.60 -23.38
CA LYS MB 97 3.18 47.82 -22.36
C LYS MB 97 1.92 47.04 -22.70
N PRO MB 98 1.58 45.98 -21.95
CA PRO MB 98 0.40 45.19 -22.29
C PRO MB 98 -0.89 45.99 -22.13
N LEU MB 99 -1.82 45.74 -23.03
CA LEU MB 99 -3.13 46.38 -23.03
C LEU MB 99 -4.21 45.31 -22.90
N PHE MB 100 -5.28 45.62 -22.18
CA PHE MB 100 -6.37 44.69 -21.96
C PHE MB 100 -7.69 45.44 -21.96
N LYS MB 101 -8.75 44.75 -22.41
CA LYS MB 101 -10.07 45.39 -22.44
CA LYS MB 101 -10.07 45.38 -22.45
C LYS MB 101 -10.59 45.66 -21.04
N THR MB 102 -10.38 44.72 -20.11
CA THR MB 102 -10.84 44.91 -18.74
C THR MB 102 -9.97 45.86 -17.95
N GLY MB 103 -8.78 46.22 -18.46
CA GLY MB 103 -7.91 47.13 -17.76
C GLY MB 103 -6.47 47.07 -18.23
N ASP MB 104 -5.95 48.18 -18.73
CA ASP MB 104 -4.58 48.22 -19.23
C ASP MB 104 -3.59 48.18 -18.07
N SER MB 105 -2.39 47.68 -18.38
CA SER MB 105 -1.31 47.58 -17.41
CA SER MB 105 -1.32 47.59 -17.39
C SER MB 105 -0.37 48.77 -17.54
N THR MB 106 0.49 48.93 -16.53
CA THR MB 106 1.50 49.98 -16.54
C THR MB 106 2.92 49.43 -16.56
N GLU MB 107 3.08 48.12 -16.79
CA GLU MB 107 4.41 47.55 -16.92
C GLU MB 107 5.06 47.97 -18.23
N GLU MB 108 6.35 48.27 -18.17
CA GLU MB 108 7.14 48.61 -19.36
C GLU MB 108 8.30 47.63 -19.43
N PHE MB 109 8.02 46.42 -19.93
CA PHE MB 109 9.08 45.44 -20.17
C PHE MB 109 10.00 45.95 -21.25
N GLU MB 110 11.26 46.18 -20.90
CA GLU MB 110 12.22 46.82 -21.78
C GLU MB 110 13.43 45.93 -22.00
N GLY MB 111 13.93 45.97 -23.22
CA GLY MB 111 15.16 45.26 -23.56
C GLY MB 111 16.06 46.12 -24.42
N ARG MB 112 17.35 46.07 -24.12
CA ARG MB 112 18.35 46.86 -24.83
C ARG MB 112 19.40 45.93 -25.42
N ALA MB 113 19.96 46.36 -26.55
CA ALA MB 113 21.04 45.62 -27.18
C ALA MB 113 22.37 45.97 -26.53
N SER MB 114 23.26 44.99 -26.43
CA SER MB 114 24.59 45.21 -25.91
C SER MB 114 25.62 45.50 -27.00
N ASN MB 115 25.24 45.33 -28.26
CA ASN MB 115 26.07 45.66 -29.40
C ASN MB 115 25.27 46.58 -30.32
N ILE MB 116 25.94 47.64 -30.82
CA ILE MB 116 25.22 48.63 -31.62
C ILE MB 116 24.64 48.00 -32.88
N ASN MB 117 25.23 46.92 -33.35
CA ASN MB 117 24.80 46.28 -34.59
C ASN MB 117 23.82 45.14 -34.36
N THR MB 118 23.40 44.88 -33.12
CA THR MB 118 22.51 43.79 -32.78
CA THR MB 118 22.51 43.79 -32.80
C THR MB 118 21.14 44.32 -32.40
N ARG MB 119 20.12 43.49 -32.60
CA ARG MB 119 18.75 43.85 -32.23
C ARG MB 119 18.59 43.86 -30.71
N ALA MB 120 17.53 44.52 -30.26
CA ALA MB 120 17.10 44.47 -28.87
C ALA MB 120 15.74 43.78 -28.81
N SER MB 121 15.55 42.92 -27.80
CA SER MB 121 14.38 42.08 -27.73
C SER MB 121 13.84 42.02 -26.31
N VAL MB 122 12.52 41.87 -26.21
CA VAL MB 122 11.84 41.67 -24.93
C VAL MB 122 10.47 41.09 -25.23
N GLY MB 123 9.87 40.45 -24.23
CA GLY MB 123 8.57 39.84 -24.41
C GLY MB 123 7.91 39.57 -23.08
N TYR MB 124 6.60 39.39 -23.12
CA TYR MB 124 5.83 39.11 -21.91
C TYR MB 124 4.81 38.01 -22.21
N ARG MB 125 4.44 37.29 -21.15
CA ARG MB 125 3.48 36.20 -21.20
C ARG MB 125 2.17 36.63 -20.58
N ILE MB 126 1.06 36.31 -21.24
CA ILE MB 126 -0.27 36.64 -20.74
C ILE MB 126 -0.77 35.51 -19.85
N PRO MB 127 -1.17 35.78 -18.61
CA PRO MB 127 -1.63 34.70 -17.73
C PRO MB 127 -2.95 34.11 -18.22
N THR MB 128 -3.27 32.94 -17.66
CA THR MB 128 -4.47 32.22 -18.08
CA THR MB 128 -4.47 32.22 -18.09
C THR MB 128 -5.74 33.01 -17.76
N ASN MB 129 -5.75 33.71 -16.63
CA ASN MB 129 -6.93 34.46 -16.22
C ASN MB 129 -7.24 35.64 -17.12
N LEU MB 130 -6.33 36.01 -18.02
CA LEU MB 130 -6.54 37.13 -18.93
C LEU MB 130 -6.55 36.69 -20.39
N ARG MB 131 -6.66 35.38 -20.65
CA ARG MB 131 -6.65 34.87 -22.02
C ARG MB 131 -8.09 34.75 -22.55
N GLN MB 132 -8.70 35.92 -22.72
CA GLN MB 132 -10.00 36.01 -23.36
C GLN MB 132 -9.83 36.29 -24.85
N ASN MB 133 -10.95 36.41 -25.57
CA ASN MB 133 -10.90 36.68 -27.00
C ASN MB 133 -10.75 38.17 -27.27
N THR MB 134 -10.19 38.48 -28.44
CA THR MB 134 -10.04 39.84 -28.90
C THR MB 134 -10.34 39.89 -30.40
N VAL MB 135 -10.93 40.98 -30.84
CA VAL MB 135 -11.27 41.15 -32.25
C VAL MB 135 -10.37 42.21 -32.87
N ALA MB 136 -10.60 42.52 -34.15
CA ALA MB 136 -9.69 43.38 -34.89
C ALA MB 136 -9.61 44.79 -34.31
N ALA MB 137 -10.71 45.27 -33.71
CA ALA MB 137 -10.72 46.64 -33.22
C ALA MB 137 -9.83 46.82 -31.99
N ASP MB 138 -9.60 45.75 -31.24
CA ASP MB 138 -8.85 45.85 -30.00
C ASP MB 138 -7.36 46.06 -30.29
N ASN MB 139 -6.59 46.25 -29.22
CA ASN MB 139 -5.15 46.38 -29.29
C ASN MB 139 -4.51 45.32 -28.40
N VAL MB 140 -3.24 45.03 -28.70
N VAL MB 140 -3.23 45.03 -28.66
CA VAL MB 140 -2.46 44.04 -27.96
CA VAL MB 140 -2.49 44.02 -27.91
C VAL MB 140 -1.55 44.71 -26.94
C VAL MB 140 -1.51 44.66 -26.94
N CYS MB 141 -0.75 45.68 -27.38
CA CYS MB 141 0.21 46.33 -26.51
C CYS MB 141 0.65 47.65 -27.13
N GLU MB 142 1.26 48.49 -26.30
CA GLU MB 142 1.96 49.69 -26.75
C GLU MB 142 3.43 49.37 -26.93
N VAL MB 143 4.05 49.97 -27.96
CA VAL MB 143 5.44 49.73 -28.31
CA VAL MB 143 5.44 49.72 -28.29
C VAL MB 143 6.16 51.07 -28.39
N ARG MB 144 7.35 51.13 -27.79
CA ARG MB 144 8.22 52.30 -27.86
C ARG MB 144 9.61 51.83 -28.23
N SER MB 145 10.32 52.63 -29.01
CA SER MB 145 11.67 52.25 -29.45
C SER MB 145 12.37 53.46 -30.04
N ASN MB 146 13.69 53.37 -30.14
CA ASN MB 146 14.50 54.35 -30.84
C ASN MB 146 14.75 53.96 -32.30
N CYS MB 147 14.47 52.70 -32.66
CA CYS MB 147 14.49 52.27 -34.05
C CYS MB 147 13.11 52.51 -34.67
N ARG MB 148 13.10 52.76 -35.98
CA ARG MB 148 11.87 53.19 -36.64
C ARG MB 148 10.94 52.05 -37.02
N GLN MB 149 11.34 50.80 -36.80
N GLN MB 149 11.33 50.80 -36.77
CA GLN MB 149 10.49 49.65 -37.08
CA GLN MB 149 10.47 49.67 -37.09
C GLN MB 149 10.72 48.58 -36.03
C GLN MB 149 10.73 48.56 -36.07
N VAL MB 150 9.65 47.90 -35.65
CA VAL MB 150 9.70 46.83 -34.66
C VAL MB 150 9.06 45.58 -35.26
N ALA MB 151 9.78 44.47 -35.20
CA ALA MB 151 9.24 43.18 -35.63
C ALA MB 151 8.59 42.48 -34.45
N LEU MB 152 7.45 41.85 -34.69
CA LEU MB 152 6.66 41.22 -33.64
C LEU MB 152 6.40 39.76 -33.98
N VAL MB 153 6.42 38.92 -32.95
CA VAL MB 153 6.04 37.51 -33.06
C VAL MB 153 5.09 37.23 -31.92
N ILE MB 154 3.82 36.98 -32.24
CA ILE MB 154 2.75 36.83 -31.25
C ILE MB 154 2.24 35.39 -31.31
N SER MB 155 2.40 34.67 -30.21
CA SER MB 155 1.87 33.31 -30.09
CA SER MB 155 1.87 33.31 -30.09
C SER MB 155 0.41 33.39 -29.64
N CYS MB 156 -0.49 32.83 -30.43
CA CYS MB 156 -1.91 32.95 -30.13
C CYS MB 156 -2.64 31.73 -30.68
N CYS MB 157 -3.92 31.65 -30.32
CA CYS MB 157 -4.81 30.58 -30.77
C CYS MB 157 -6.00 31.21 -31.49
N PHE MB 158 -6.04 31.05 -32.81
CA PHE MB 158 -7.16 31.57 -33.59
C PHE MB 158 -8.39 30.70 -33.39
N ASN MB 159 -9.55 31.35 -33.29
CA ASN MB 159 -10.81 30.63 -33.09
C ASN MB 159 -12.00 31.45 -33.57
N ASN NB 16 -1.20 29.00 -10.39
CA ASN NB 16 -0.46 29.44 -11.56
C ASN NB 16 -0.35 30.96 -11.59
N SER NB 17 0.33 31.50 -12.60
CA SER NB 17 0.54 32.93 -12.68
C SER NB 17 -0.78 33.67 -12.90
N ASN NB 18 -0.93 34.81 -12.23
N ASN NB 18 -0.92 34.81 -12.22
CA ASN NB 18 -2.13 35.62 -12.35
CA ASN NB 18 -2.11 35.63 -12.32
C ASN NB 18 -1.91 36.94 -13.06
C ASN NB 18 -1.90 36.93 -13.08
N VAL NB 19 -0.65 37.33 -13.33
CA VAL NB 19 -0.34 38.56 -14.03
C VAL NB 19 0.72 38.28 -15.08
N VAL NB 20 0.98 39.30 -15.91
CA VAL NB 20 1.96 39.16 -16.98
C VAL NB 20 3.35 39.03 -16.39
N THR NB 21 4.17 38.18 -17.01
CA THR NB 21 5.55 37.98 -16.61
C THR NB 21 6.46 38.21 -17.81
N MET NB 22 7.67 38.68 -17.53
CA MET NB 22 8.60 38.99 -18.60
CA MET NB 22 8.62 38.99 -18.58
C MET NB 22 9.17 37.72 -19.21
N ILE NB 23 9.29 37.73 -20.53
CA ILE NB 23 9.90 36.64 -21.28
C ILE NB 23 11.25 37.13 -21.77
N ARG NB 24 12.32 36.42 -21.38
CA ARG NB 24 13.68 36.82 -21.75
C ARG NB 24 13.98 36.28 -23.15
N ALA NB 25 13.47 36.99 -24.16
CA ALA NB 25 13.69 36.59 -25.54
C ALA NB 25 15.12 36.88 -25.97
N GLY NB 26 15.57 36.14 -26.98
CA GLY NB 26 16.92 36.29 -27.49
C GLY NB 26 16.97 36.76 -28.93
N SER NB 27 17.67 36.02 -29.78
CA SER NB 27 17.78 36.38 -31.18
CA SER NB 27 17.78 36.39 -31.18
C SER NB 27 16.47 36.15 -31.90
N TYR NB 28 16.34 36.75 -33.08
CA TYR NB 28 15.12 36.60 -33.87
C TYR NB 28 15.04 35.18 -34.43
N PRO NB 29 13.92 34.50 -34.27
CA PRO NB 29 13.83 33.09 -34.66
C PRO NB 29 13.43 32.93 -36.13
N LYS NB 30 13.58 31.70 -36.61
CA LYS NB 30 13.11 31.34 -37.93
C LYS NB 30 11.59 31.31 -37.92
N VAL NB 31 10.97 32.09 -38.81
CA VAL NB 31 9.52 32.25 -38.81
C VAL NB 31 8.95 31.80 -40.16
N ASN NB 32 7.64 31.57 -40.16
CA ASN NB 32 6.92 31.20 -41.38
C ASN NB 32 5.48 31.68 -41.28
N PRO NB 33 5.07 32.65 -42.10
CA PRO NB 33 3.70 33.17 -42.00
C PRO NB 33 2.66 32.26 -42.60
N THR NB 34 3.04 31.31 -43.44
CA THR NB 34 2.10 30.44 -44.15
C THR NB 34 2.53 28.99 -43.97
N PRO NB 35 2.17 28.38 -42.84
CA PRO NB 35 2.63 27.02 -42.55
C PRO NB 35 1.67 25.96 -43.09
N THR NB 36 2.11 24.71 -42.98
CA THR NB 36 1.29 23.58 -43.39
C THR NB 36 0.15 23.36 -42.40
N TRP NB 37 -0.74 22.41 -42.73
CA TRP NB 37 -1.92 22.17 -41.92
C TRP NB 37 -2.51 20.81 -42.29
N VAL NB 38 -2.46 19.86 -41.36
CA VAL NB 38 -3.14 18.58 -41.53
C VAL NB 38 -4.60 18.75 -41.13
N ARG NB 39 -5.50 18.24 -41.97
CA ARG NB 39 -6.93 18.49 -41.80
C ARG NB 39 -7.72 17.24 -42.19
N ALA NB 40 -9.01 17.27 -41.87
CA ALA NB 40 -9.99 16.36 -42.43
C ALA NB 40 -11.14 17.22 -42.95
N ILE NB 41 -11.41 17.13 -44.24
CA ILE NB 41 -12.28 18.06 -44.94
C ILE NB 41 -13.62 17.38 -45.18
N PRO NB 42 -14.70 17.82 -44.52
CA PRO NB 42 -16.03 17.26 -44.82
C PRO NB 42 -16.75 18.02 -45.92
N PHE NB 43 -17.20 17.29 -46.94
CA PHE NB 43 -17.94 17.90 -48.04
C PHE NB 43 -18.77 16.82 -48.71
N GLU NB 44 -19.78 17.24 -49.48
CA GLU NB 44 -20.70 16.34 -50.13
C GLU NB 44 -20.64 16.51 -51.64
N VAL NB 45 -20.98 15.45 -52.35
CA VAL NB 45 -21.06 15.46 -53.81
C VAL NB 45 -22.37 14.80 -54.24
N SER NB 46 -22.90 15.26 -55.36
CA SER NB 46 -24.11 14.68 -55.93
C SER NB 46 -23.73 13.64 -56.97
N VAL NB 47 -24.35 12.45 -56.87
N VAL NB 47 -24.34 12.45 -56.87
CA VAL NB 47 -24.04 11.31 -57.73
CA VAL NB 47 -24.03 11.33 -57.75
C VAL NB 47 -25.33 10.82 -58.37
C VAL NB 47 -25.32 10.82 -58.37
N GLN NB 48 -25.25 10.41 -59.62
CA GLN NB 48 -26.38 9.85 -60.35
C GLN NB 48 -26.31 8.33 -60.32
N SER NB 49 -27.45 7.70 -60.60
CA SER NB 49 -27.54 6.25 -60.56
CA SER NB 49 -27.54 6.25 -60.56
C SER NB 49 -26.76 5.64 -61.72
N GLY NB 50 -25.92 4.66 -61.42
CA GLY NB 50 -25.15 3.96 -62.44
C GLY NB 50 -24.11 4.78 -63.17
N ILE NB 51 -23.75 5.96 -62.65
CA ILE NB 51 -22.79 6.84 -63.30
C ILE NB 51 -21.71 7.21 -62.29
N ALA NB 52 -20.45 7.01 -62.66
CA ALA NB 52 -19.33 7.34 -61.80
C ALA NB 52 -19.08 8.84 -61.80
N PHE NB 53 -18.81 9.38 -60.61
CA PHE NB 53 -18.53 10.80 -60.44
C PHE NB 53 -17.09 10.97 -59.99
N LYS NB 54 -16.34 11.82 -60.70
CA LYS NB 54 -14.96 12.11 -60.35
C LYS NB 54 -14.92 13.26 -59.36
N VAL NB 55 -14.31 13.03 -58.19
CA VAL NB 55 -14.25 14.02 -57.12
C VAL NB 55 -13.04 14.91 -57.38
N PRO NB 56 -13.21 16.18 -57.71
N PRO NB 56 -13.21 16.18 -57.71
CA PRO NB 56 -12.06 17.04 -57.97
CA PRO NB 56 -12.05 17.04 -57.98
C PRO NB 56 -11.31 17.40 -56.70
C PRO NB 56 -11.32 17.41 -56.70
N VAL NB 57 -10.01 17.66 -56.85
CA VAL NB 57 -9.20 18.07 -55.70
C VAL NB 57 -9.53 19.50 -55.32
N GLY NB 58 -9.97 20.32 -56.28
CA GLY NB 58 -10.31 21.71 -56.01
C GLY NB 58 -11.40 21.89 -54.96
N SER NB 59 -12.17 20.83 -54.67
N SER NB 59 -12.17 20.83 -54.67
CA SER NB 59 -13.18 20.91 -53.64
CA SER NB 59 -13.18 20.92 -53.64
C SER NB 59 -12.58 21.11 -52.25
C SER NB 59 -12.58 21.13 -52.25
N LEU NB 60 -11.29 20.82 -52.08
CA LEU NB 60 -10.64 20.97 -50.80
C LEU NB 60 -10.19 22.40 -50.51
N PHE NB 61 -10.04 23.23 -51.54
CA PHE NB 61 -9.62 24.62 -51.38
C PHE NB 61 -10.86 25.50 -51.35
N SER NB 62 -11.16 26.07 -50.18
CA SER NB 62 -12.32 26.93 -50.02
C SER NB 62 -12.21 27.67 -48.70
N ALA NB 63 -12.82 28.86 -48.65
CA ALA NB 63 -12.86 29.61 -47.40
C ALA NB 63 -13.80 28.97 -46.38
N ASN NB 64 -14.68 28.06 -46.82
CA ASN NB 64 -15.51 27.31 -45.89
C ASN NB 64 -14.68 26.34 -45.06
N PHE NB 65 -13.47 26.02 -45.50
CA PHE NB 65 -12.56 25.15 -44.76
C PHE NB 65 -11.29 25.89 -44.34
N ARG NB 66 -11.27 27.22 -44.46
CA ARG NB 66 -10.09 28.03 -44.17
C ARG NB 66 -8.89 27.60 -45.02
N THR NB 67 -9.15 27.10 -46.23
CA THR NB 67 -8.10 26.56 -47.10
C THR NB 67 -8.04 27.28 -48.45
N ASP NB 68 -8.63 28.45 -48.57
CA ASP NB 68 -8.55 29.19 -49.82
C ASP NB 68 -7.16 29.76 -50.07
N SER NB 69 -6.29 29.76 -49.07
CA SER NB 69 -4.93 30.26 -49.23
C SER NB 69 -3.98 29.22 -49.80
N PHE NB 70 -4.39 27.96 -49.88
CA PHE NB 70 -3.52 26.90 -50.36
C PHE NB 70 -3.72 26.66 -51.85
N THR NB 71 -2.71 26.08 -52.47
CA THR NB 71 -2.77 25.67 -53.87
C THR NB 71 -2.43 24.21 -54.09
N SER NB 72 -1.78 23.55 -53.14
CA SER NB 72 -1.48 22.14 -53.23
C SER NB 72 -1.97 21.43 -51.98
N VAL NB 73 -2.00 20.10 -52.04
CA VAL NB 73 -2.44 19.28 -50.92
C VAL NB 73 -1.96 17.86 -51.16
N THR NB 74 -1.65 17.17 -50.07
CA THR NB 74 -1.23 15.77 -50.11
C THR NB 74 -2.31 14.93 -49.42
N VAL NB 75 -3.09 14.20 -50.21
CA VAL NB 75 -4.17 13.38 -49.68
C VAL NB 75 -3.58 12.12 -49.06
N MET NB 76 -4.01 11.80 -47.84
CA MET NB 76 -3.55 10.62 -47.11
C MET NB 76 -4.57 9.49 -47.10
N SER NB 77 -5.83 9.80 -46.77
CA SER NB 77 -6.88 8.79 -46.75
C SER NB 77 -8.20 9.44 -47.12
N VAL NB 78 -9.08 8.67 -47.75
CA VAL NB 78 -10.37 9.16 -48.22
C VAL NB 78 -11.46 8.22 -47.72
N ARG NB 79 -12.51 8.78 -47.13
CA ARG NB 79 -13.64 8.02 -46.64
CA ARG NB 79 -13.65 8.02 -46.63
C ARG NB 79 -14.92 8.59 -47.24
N ALA NB 80 -15.95 7.73 -47.37
CA ALA NB 80 -17.20 8.14 -47.98
C ALA NB 80 -18.39 7.51 -47.28
N TRP NB 81 -19.47 8.28 -47.16
CA TRP NB 81 -20.73 7.83 -46.59
C TRP NB 81 -21.88 8.18 -47.51
N THR NB 82 -22.91 7.33 -47.52
CA THR NB 82 -24.14 7.66 -48.23
C THR NB 82 -24.89 8.74 -47.48
N GLN NB 83 -25.16 9.86 -48.14
CA GLN NB 83 -25.74 11.03 -47.48
C GLN NB 83 -27.26 11.04 -47.53
N LEU NB 84 -27.86 10.39 -48.51
CA LEU NB 84 -29.31 10.33 -48.64
C LEU NB 84 -29.77 8.88 -48.52
N THR NB 85 -31.09 8.69 -48.55
CA THR NB 85 -31.66 7.36 -48.45
C THR NB 85 -31.55 6.63 -49.78
N PRO NB 86 -31.36 5.32 -49.75
CA PRO NB 86 -31.28 4.55 -51.00
C PRO NB 86 -32.65 4.41 -51.63
N PRO NB 87 -32.73 3.92 -52.86
CA PRO NB 87 -34.04 3.66 -53.48
C PRO NB 87 -34.85 2.65 -52.67
N VAL NB 88 -36.12 2.53 -53.06
CA VAL NB 88 -37.02 1.63 -52.35
C VAL NB 88 -36.60 0.19 -52.57
N ASN NB 89 -36.63 -0.59 -51.49
CA ASN NB 89 -36.35 -2.03 -51.41
C ASN NB 89 -34.85 -2.34 -51.41
N GLU NB 90 -33.98 -1.34 -51.50
CA GLU NB 90 -32.55 -1.57 -51.58
C GLU NB 90 -31.85 -1.17 -50.27
N TYR NB 91 -30.63 -1.66 -50.11
CA TYR NB 91 -29.71 -1.21 -49.08
C TYR NB 91 -28.70 -0.25 -49.70
N SER NB 92 -28.23 0.70 -48.89
CA SER NB 92 -27.26 1.67 -49.37
C SER NB 92 -25.94 0.99 -49.71
N PHE NB 93 -25.26 1.53 -50.72
CA PHE NB 93 -23.91 1.10 -51.05
C PHE NB 93 -23.15 2.26 -51.66
N VAL NB 94 -21.83 2.18 -51.59
CA VAL NB 94 -20.96 3.22 -52.14
C VAL NB 94 -19.63 2.58 -52.53
N ARG NB 95 -19.15 2.91 -53.73
CA ARG NB 95 -17.90 2.40 -54.24
C ARG NB 95 -16.90 3.55 -54.40
N LEU NB 96 -15.61 3.22 -54.25
CA LEU NB 96 -14.54 4.19 -54.39
C LEU NB 96 -13.43 3.60 -55.27
N LYS NB 97 -12.97 4.37 -56.24
CA LYS NB 97 -11.88 3.97 -57.13
C LYS NB 97 -10.76 5.00 -57.07
N PRO NB 98 -9.61 4.69 -56.48
CA PRO NB 98 -8.54 5.70 -56.37
C PRO NB 98 -8.01 6.11 -57.74
N LEU NB 99 -7.78 7.41 -57.88
CA LEU NB 99 -7.21 7.99 -59.09
C LEU NB 99 -5.86 8.62 -58.77
N PHE NB 100 -4.92 8.53 -59.70
CA PHE NB 100 -3.61 9.12 -59.54
C PHE NB 100 -3.12 9.65 -60.88
N LYS NB 101 -2.33 10.74 -60.83
CA LYS NB 101 -1.81 11.31 -62.06
CA LYS NB 101 -1.79 11.32 -62.05
CA LYS NB 101 -1.79 11.32 -62.05
C LYS NB 101 -0.85 10.35 -62.76
N THR NB 102 -0.03 9.64 -61.98
CA THR NB 102 0.91 8.68 -62.56
C THR NB 102 0.25 7.41 -63.07
N GLY NB 103 -1.01 7.18 -62.72
CA GLY NB 103 -1.72 6.00 -63.16
C GLY NB 103 -2.91 5.66 -62.29
N ASP NB 104 -4.10 5.65 -62.89
CA ASP NB 104 -5.31 5.35 -62.15
C ASP NB 104 -5.34 3.88 -61.74
N SER NB 105 -6.03 3.60 -60.65
CA SER NB 105 -6.21 2.25 -60.15
CA SER NB 105 -6.19 2.24 -60.17
C SER NB 105 -7.51 1.65 -60.68
N THR NB 106 -7.68 0.35 -60.44
CA THR NB 106 -8.89 -0.35 -60.84
C THR NB 106 -9.61 -0.98 -59.66
N GLU NB 107 -9.23 -0.63 -58.42
CA GLU NB 107 -9.89 -1.17 -57.25
C GLU NB 107 -11.23 -0.48 -57.03
N GLU NB 108 -12.22 -1.25 -56.57
CA GLU NB 108 -13.57 -0.74 -56.27
C GLU NB 108 -13.90 -1.10 -54.83
N PHE NB 109 -13.31 -0.37 -53.89
CA PHE NB 109 -13.62 -0.56 -52.47
C PHE NB 109 -15.07 -0.18 -52.20
N GLU NB 110 -15.86 -1.17 -51.78
CA GLU NB 110 -17.30 -1.01 -51.68
C GLU NB 110 -17.75 -1.35 -50.26
N GLY NB 111 -18.65 -0.53 -49.74
CA GLY NB 111 -19.26 -0.79 -48.44
C GLY NB 111 -20.77 -0.74 -48.55
N ARG NB 112 -21.43 -1.71 -47.93
CA ARG NB 112 -22.88 -1.84 -48.00
C ARG NB 112 -23.46 -1.80 -46.59
N ALA NB 113 -24.62 -1.19 -46.48
CA ALA NB 113 -25.34 -1.13 -45.21
C ALA NB 113 -26.12 -2.41 -44.98
N SER NB 114 -26.12 -2.88 -43.74
CA SER NB 114 -26.92 -4.05 -43.37
C SER NB 114 -28.28 -3.66 -42.82
N ASN NB 115 -28.55 -2.37 -42.66
CA ASN NB 115 -29.87 -1.85 -42.30
C ASN NB 115 -30.25 -0.77 -43.30
N ILE NB 116 -31.47 -0.87 -43.84
CA ILE NB 116 -31.87 0.05 -44.91
C ILE NB 116 -31.85 1.49 -44.44
N ASN NB 117 -32.11 1.73 -43.16
CA ASN NB 117 -32.13 3.07 -42.62
C ASN NB 117 -30.77 3.55 -42.14
N THR NB 118 -29.71 2.81 -42.42
CA THR NB 118 -28.36 3.14 -41.99
CA THR NB 118 -28.36 3.16 -41.99
C THR NB 118 -27.48 3.47 -43.20
N ARG NB 119 -26.53 4.37 -42.99
CA ARG NB 119 -25.58 4.74 -44.04
C ARG NB 119 -24.71 3.54 -44.41
N ALA NB 120 -24.17 3.60 -45.63
CA ALA NB 120 -23.12 2.68 -46.06
C ALA NB 120 -21.82 3.44 -46.19
N SER NB 121 -20.73 2.84 -45.72
CA SER NB 121 -19.46 3.54 -45.63
C SER NB 121 -18.33 2.65 -46.14
N VAL NB 122 -17.28 3.30 -46.62
CA VAL NB 122 -16.06 2.61 -47.04
C VAL NB 122 -14.96 3.65 -47.16
N GLY NB 123 -13.71 3.21 -47.09
CA GLY NB 123 -12.58 4.12 -47.21
C GLY NB 123 -11.33 3.40 -47.63
N TYR NB 124 -10.32 4.18 -48.02
CA TYR NB 124 -9.06 3.61 -48.43
C TYR NB 124 -7.92 4.54 -48.04
N ARG NB 125 -6.74 3.95 -47.85
CA ARG NB 125 -5.53 4.67 -47.45
C ARG NB 125 -4.57 4.74 -48.63
N ILE NB 126 -4.00 5.91 -48.84
CA ILE NB 126 -3.02 6.14 -49.91
C ILE NB 126 -1.63 5.88 -49.32
N PRO NB 127 -0.85 4.97 -49.91
CA PRO NB 127 0.46 4.66 -49.33
C PRO NB 127 1.42 5.84 -49.47
N THR NB 128 2.54 5.73 -48.75
CA THR NB 128 3.52 6.82 -48.71
C THR NB 128 4.09 7.10 -50.10
N ASN NB 129 4.35 6.04 -50.88
CA ASN NB 129 4.95 6.20 -52.19
C ASN NB 129 4.07 6.92 -53.20
N LEU NB 130 2.79 7.10 -52.88
CA LEU NB 130 1.87 7.82 -53.76
C LEU NB 130 1.35 9.11 -53.13
N ARG NB 131 2.00 9.57 -52.06
CA ARG NB 131 1.59 10.80 -51.38
C ARG NB 131 2.37 11.99 -51.91
N GLN NB 132 2.13 12.29 -53.19
CA GLN NB 132 2.64 13.51 -53.79
C GLN NB 132 1.58 14.60 -53.72
N ASN NB 133 1.98 15.82 -54.06
CA ASN NB 133 1.03 16.92 -54.06
C ASN NB 133 0.05 16.78 -55.22
N THR NB 134 -1.13 17.37 -55.04
CA THR NB 134 -2.15 17.46 -56.08
C THR NB 134 -2.72 18.86 -56.08
N VAL NB 135 -3.15 19.32 -57.25
CA VAL NB 135 -3.69 20.67 -57.40
C VAL NB 135 -5.18 20.61 -57.73
N ALA NB 136 -5.79 21.77 -57.93
CA ALA NB 136 -7.24 21.83 -58.02
C ALA NB 136 -7.76 21.12 -59.27
N ALA NB 137 -6.92 20.99 -60.31
CA ALA NB 137 -7.36 20.40 -61.56
C ALA NB 137 -7.37 18.87 -61.54
N ASP NB 138 -6.70 18.26 -60.57
CA ASP NB 138 -6.62 16.80 -60.51
C ASP NB 138 -7.90 16.22 -59.92
N ASN NB 139 -7.96 14.89 -59.88
CA ASN NB 139 -9.08 14.17 -59.30
C ASN NB 139 -8.58 13.23 -58.21
N VAL NB 140 -9.40 13.07 -57.17
CA VAL NB 140 -9.07 12.18 -56.07
C VAL NB 140 -9.49 10.74 -56.36
N CYS NB 141 -10.76 10.53 -56.72
CA CYS NB 141 -11.29 9.19 -56.89
C CYS NB 141 -12.57 9.27 -57.70
N GLU NB 142 -13.15 8.11 -57.99
CA GLU NB 142 -14.48 7.99 -58.56
C GLU NB 142 -15.42 7.42 -57.50
N VAL NB 143 -16.67 7.88 -57.50
CA VAL NB 143 -17.66 7.47 -56.50
CA VAL NB 143 -17.65 7.45 -56.51
C VAL NB 143 -18.88 6.94 -57.23
N ARG NB 144 -19.38 5.78 -56.79
CA ARG NB 144 -20.60 5.19 -57.31
C ARG NB 144 -21.52 4.87 -56.14
N SER NB 145 -22.82 5.12 -56.32
CA SER NB 145 -23.78 4.86 -55.26
C SER NB 145 -25.19 4.86 -55.82
N ASN NB 146 -26.07 4.14 -55.13
CA ASN NB 146 -27.50 4.22 -55.43
C ASN NB 146 -28.17 5.38 -54.72
N CYS NB 147 -27.48 6.01 -53.77
CA CYS NB 147 -27.98 7.22 -53.13
C CYS NB 147 -27.60 8.43 -53.97
N ARG NB 148 -28.40 9.49 -53.85
CA ARG NB 148 -28.21 10.67 -54.69
C ARG NB 148 -27.12 11.61 -54.18
N GLN NB 149 -26.63 11.42 -52.95
N GLN NB 149 -26.61 11.39 -52.97
CA GLN NB 149 -25.56 12.23 -52.41
CA GLN NB 149 -25.56 12.25 -52.43
C GLN NB 149 -24.62 11.36 -51.59
C GLN NB 149 -24.65 11.42 -51.53
N VAL NB 150 -23.37 11.78 -51.52
CA VAL NB 150 -22.34 11.07 -50.77
C VAL NB 150 -21.56 12.09 -49.93
N ALA NB 151 -21.39 11.81 -48.65
CA ALA NB 151 -20.58 12.66 -47.78
C ALA NB 151 -19.16 12.11 -47.70
N LEU NB 152 -18.19 13.02 -47.77
CA LEU NB 152 -16.78 12.65 -47.82
C LEU NB 152 -16.02 13.32 -46.68
N VAL NB 153 -15.03 12.61 -46.15
CA VAL NB 153 -14.11 13.11 -45.14
C VAL NB 153 -12.71 12.72 -45.58
N ILE NB 154 -11.96 13.70 -46.09
CA ILE NB 154 -10.67 13.45 -46.73
C ILE NB 154 -9.57 13.95 -45.81
N SER NB 155 -8.77 13.00 -45.30
CA SER NB 155 -7.62 13.35 -44.46
CA SER NB 155 -7.63 13.35 -44.46
C SER NB 155 -6.44 13.69 -45.35
N CYS NB 156 -5.88 14.89 -45.18
CA CYS NB 156 -4.83 15.37 -46.05
C CYS NB 156 -3.99 16.41 -45.32
N CYS NB 157 -2.91 16.83 -45.97
N CYS NB 157 -2.91 16.84 -45.96
CA CYS NB 157 -2.02 17.87 -45.46
CA CYS NB 157 -2.05 17.88 -45.40
C CYS NB 157 -1.96 18.97 -46.51
C CYS NB 157 -1.89 18.99 -46.45
N PHE NB 158 -2.37 20.18 -46.12
CA PHE NB 158 -2.27 21.31 -47.03
C PHE NB 158 -0.89 21.94 -46.92
N ASN NB 159 -0.32 22.26 -48.08
CA ASN NB 159 1.00 22.88 -48.11
C ASN NB 159 1.16 23.77 -49.34
N ASN OB 16 -28.56 1.74 12.96
CA ASN OB 16 -28.21 3.12 13.24
C ASN OB 16 -29.13 3.69 14.33
N SER OB 17 -28.93 4.96 14.68
CA SER OB 17 -29.68 5.57 15.77
C SER OB 17 -31.17 5.54 15.45
N ASN OB 18 -31.98 5.35 16.49
N ASN OB 18 -31.97 5.35 16.50
CA ASN OB 18 -33.43 5.23 16.32
CA ASN OB 18 -33.42 5.21 16.36
C ASN OB 18 -34.21 6.38 16.95
C ASN OB 18 -34.19 6.41 16.90
N VAL OB 19 -33.54 7.31 17.64
CA VAL OB 19 -34.20 8.47 18.22
C VAL OB 19 -33.29 9.69 18.07
N VAL OB 20 -33.80 10.84 18.49
CA VAL OB 20 -33.04 12.08 18.37
C VAL OB 20 -31.89 12.07 19.36
N THR OB 21 -30.78 12.69 18.96
CA THR OB 21 -29.58 12.82 19.78
C THR OB 21 -29.15 14.27 19.81
N MET OB 22 -28.55 14.67 20.92
CA MET OB 22 -28.13 16.06 21.10
CA MET OB 22 -28.12 16.05 21.11
C MET OB 22 -26.89 16.35 20.27
N ILE OB 23 -26.85 17.55 19.69
CA ILE OB 23 -25.71 18.05 18.94
C ILE OB 23 -25.08 19.17 19.74
N ARG OB 24 -23.81 19.00 20.11
CA ARG OB 24 -23.09 19.99 20.90
C ARG OB 24 -22.47 21.04 19.97
N ALA OB 25 -23.34 21.88 19.43
CA ALA OB 25 -22.90 22.97 18.57
C ALA OB 25 -22.20 24.04 19.40
N GLY OB 26 -21.36 24.83 18.73
CA GLY OB 26 -20.60 25.85 19.40
C GLY OB 26 -20.95 27.27 18.98
N SER OB 27 -20.02 27.94 18.31
CA SER OB 27 -20.25 29.30 17.87
CA SER OB 27 -20.25 29.30 17.87
C SER OB 27 -21.12 29.32 16.61
N TYR OB 28 -21.58 30.51 16.25
CA TYR OB 28 -22.41 30.63 15.06
C TYR OB 28 -21.52 30.52 13.82
N PRO OB 29 -21.87 29.68 12.85
CA PRO OB 29 -20.99 29.45 11.71
C PRO OB 29 -21.21 30.47 10.59
N LYS OB 30 -20.26 30.47 9.65
CA LYS OB 30 -20.42 31.26 8.44
C LYS OB 30 -21.53 30.66 7.59
N VAL OB 31 -22.51 31.48 7.22
CA VAL OB 31 -23.70 31.01 6.53
C VAL OB 31 -23.83 31.74 5.20
N ASN OB 32 -24.71 31.20 4.35
CA ASN OB 32 -25.01 31.79 3.06
C ASN OB 32 -26.40 31.33 2.63
N PRO OB 33 -27.39 32.23 2.61
CA PRO OB 33 -28.75 31.82 2.24
C PRO OB 33 -28.95 31.61 0.75
N THR OB 34 -28.07 32.15 -0.08
CA THR OB 34 -28.21 32.09 -1.53
C THR OB 34 -26.90 31.55 -2.12
N PRO OB 35 -26.70 30.24 -2.06
CA PRO OB 35 -25.44 29.66 -2.53
C PRO OB 35 -25.44 29.44 -4.04
N THR OB 36 -24.32 28.92 -4.53
CA THR OB 36 -24.16 28.59 -5.94
C THR OB 36 -24.76 27.21 -6.21
N TRP OB 37 -24.71 26.78 -7.47
CA TRP OB 37 -25.34 25.52 -7.87
C TRP OB 37 -24.82 25.12 -9.23
N VAL OB 38 -24.19 23.96 -9.32
CA VAL OB 38 -23.79 23.38 -10.59
C VAL OB 38 -24.93 22.54 -11.13
N ARG OB 39 -25.30 22.76 -12.39
CA ARG OB 39 -26.48 22.15 -12.97
C ARG OB 39 -26.24 21.80 -14.44
N ALA OB 40 -27.11 20.93 -14.95
CA ALA OB 40 -27.27 20.69 -16.38
C ALA OB 40 -28.73 20.96 -16.71
N ILE OB 41 -28.97 21.94 -17.58
CA ILE OB 41 -30.31 22.44 -17.85
C ILE OB 41 -30.77 21.87 -19.19
N PRO OB 42 -31.80 21.03 -19.21
CA PRO OB 42 -32.35 20.58 -20.50
C PRO OB 42 -33.50 21.45 -20.98
N PHE OB 43 -33.41 21.94 -22.21
CA PHE OB 43 -34.50 22.72 -22.80
C PHE OB 43 -34.42 22.59 -24.31
N GLU OB 44 -35.44 23.13 -24.98
CA GLU OB 44 -35.58 23.00 -26.42
C GLU OB 44 -35.72 24.37 -27.06
N VAL OB 45 -35.27 24.48 -28.30
CA VAL OB 45 -35.38 25.70 -29.09
C VAL OB 45 -35.93 25.34 -30.45
N SER OB 46 -36.64 26.29 -31.06
CA SER OB 46 -37.21 26.12 -32.39
C SER OB 46 -36.25 26.72 -33.42
N VAL OB 47 -35.93 25.94 -34.45
N VAL OB 47 -35.92 25.95 -34.44
CA VAL OB 47 -34.97 26.32 -35.48
CA VAL OB 47 -34.97 26.37 -35.47
C VAL OB 47 -35.62 26.20 -36.85
C VAL OB 47 -35.61 26.20 -36.84
N GLN OB 48 -35.24 27.09 -37.76
CA GLN OB 48 -35.71 27.05 -39.13
C GLN OB 48 -34.62 26.53 -40.05
N SER OB 49 -35.04 26.02 -41.21
CA SER OB 49 -34.10 25.45 -42.16
CA SER OB 49 -34.10 25.45 -42.15
C SER OB 49 -33.26 26.55 -42.79
N GLY OB 50 -31.95 26.35 -42.82
CA GLY OB 50 -31.03 27.32 -43.40
C GLY OB 50 -30.85 28.61 -42.63
N ILE OB 51 -31.40 28.72 -41.43
CA ILE OB 51 -31.28 29.91 -40.59
C ILE OB 51 -30.68 29.52 -39.26
N ALA OB 52 -29.60 30.20 -38.87
CA ALA OB 52 -28.99 29.96 -37.57
C ALA OB 52 -29.78 30.65 -36.48
N PHE OB 53 -29.88 30.01 -35.32
CA PHE OB 53 -30.64 30.53 -34.19
C PHE OB 53 -29.69 30.77 -33.02
N LYS OB 54 -29.63 32.02 -32.56
CA LYS OB 54 -28.81 32.36 -31.41
C LYS OB 54 -29.54 31.94 -30.14
N VAL OB 55 -28.90 31.11 -29.33
CA VAL OB 55 -29.47 30.63 -28.08
C VAL OB 55 -29.19 31.66 -26.99
N PRO OB 56 -30.20 32.31 -26.43
CA PRO OB 56 -29.95 33.30 -25.38
C PRO OB 56 -29.69 32.64 -24.04
N VAL OB 57 -28.82 33.30 -23.26
CA VAL OB 57 -28.52 32.81 -21.92
C VAL OB 57 -29.74 32.88 -21.01
N GLY OB 58 -30.69 33.79 -21.30
CA GLY OB 58 -31.86 33.94 -20.46
C GLY OB 58 -32.75 32.71 -20.41
N SER OB 59 -32.56 31.76 -21.32
N SER OB 59 -32.58 31.77 -21.32
CA SER OB 59 -33.37 30.54 -21.29
CA SER OB 59 -33.37 30.54 -21.29
C SER OB 59 -33.02 29.65 -20.11
C SER OB 59 -33.05 29.70 -20.06
N LEU OB 60 -31.87 29.88 -19.47
CA LEU OB 60 -31.48 29.10 -18.29
C LEU OB 60 -32.16 29.60 -17.02
N PHE OB 61 -32.58 30.86 -16.98
CA PHE OB 61 -33.22 31.43 -15.80
C PHE OB 61 -34.73 31.24 -15.91
N SER OB 62 -35.27 30.32 -15.13
CA SER OB 62 -36.71 30.08 -15.12
C SER OB 62 -37.07 29.30 -13.87
N ALA OB 63 -38.35 29.43 -13.47
CA ALA OB 63 -38.85 28.65 -12.35
C ALA OB 63 -39.02 27.18 -12.70
N ASN OB 64 -39.05 26.84 -14.00
CA ASN OB 64 -39.13 25.46 -14.43
C ASN OB 64 -37.85 24.69 -14.14
N PHE OB 65 -36.76 25.39 -13.81
CA PHE OB 65 -35.48 24.76 -13.49
C PHE OB 65 -35.03 25.10 -12.06
N ARG OB 66 -35.88 25.74 -11.26
CA ARG OB 66 -35.53 26.21 -9.93
C ARG OB 66 -34.40 27.24 -9.98
N THR OB 67 -34.27 27.96 -11.10
CA THR OB 67 -33.17 28.90 -11.29
C THR OB 67 -33.66 30.34 -11.50
N ASP OB 68 -34.88 30.65 -11.09
CA ASP OB 68 -35.41 31.99 -11.30
C ASP OB 68 -34.81 33.02 -10.35
N SER OB 69 -34.03 32.60 -9.36
CA SER OB 69 -33.44 33.51 -8.39
C SER OB 69 -32.03 33.94 -8.76
N PHE OB 70 -31.49 33.47 -9.87
CA PHE OB 70 -30.14 33.80 -10.30
C PHE OB 70 -30.17 34.91 -11.34
N THR OB 71 -29.06 35.65 -11.42
CA THR OB 71 -28.89 36.72 -12.38
C THR OB 71 -27.70 36.52 -13.31
N SER OB 72 -26.76 35.64 -12.96
CA SER OB 72 -25.61 35.36 -13.80
C SER OB 72 -25.34 33.86 -13.78
N VAL OB 73 -24.57 33.39 -14.76
CA VAL OB 73 -24.26 31.97 -14.89
C VAL OB 73 -22.97 31.82 -15.67
N THR OB 74 -22.21 30.78 -15.33
CA THR OB 74 -20.93 30.47 -15.96
C THR OB 74 -21.07 29.17 -16.72
N VAL OB 75 -21.16 29.26 -18.05
CA VAL OB 75 -21.38 28.09 -18.89
C VAL OB 75 -20.07 27.32 -19.02
N MET OB 76 -20.16 25.99 -18.89
CA MET OB 76 -19.00 25.12 -19.00
C MET OB 76 -18.98 24.26 -20.24
N SER OB 77 -20.11 23.66 -20.62
CA SER OB 77 -20.17 22.87 -21.83
C SER OB 77 -21.61 22.83 -22.33
N VAL OB 78 -21.76 22.79 -23.66
CA VAL OB 78 -23.06 22.81 -24.31
C VAL OB 78 -23.16 21.58 -25.20
N ARG OB 79 -24.31 20.89 -25.14
CA ARG OB 79 -24.57 19.73 -25.96
CA ARG OB 79 -24.58 19.73 -25.96
C ARG OB 79 -25.90 19.90 -26.69
N ALA OB 80 -25.97 19.38 -27.90
CA ALA OB 80 -27.15 19.51 -28.74
C ALA OB 80 -27.59 18.16 -29.29
N TRP OB 81 -28.91 17.95 -29.31
CA TRP OB 81 -29.53 16.80 -29.95
C TRP OB 81 -30.68 17.29 -30.81
N THR OB 82 -30.85 16.69 -31.98
CA THR OB 82 -32.01 16.97 -32.81
C THR OB 82 -33.24 16.40 -32.14
N GLN OB 83 -34.28 17.22 -32.00
CA GLN OB 83 -35.46 16.84 -31.25
C GLN OB 83 -36.59 16.27 -32.12
N LEU OB 84 -36.60 16.58 -33.41
CA LEU OB 84 -37.63 16.09 -34.32
C LEU OB 84 -36.98 15.34 -35.48
N THR OB 85 -37.83 14.78 -36.33
CA THR OB 85 -37.35 13.98 -37.45
C THR OB 85 -36.80 14.89 -38.55
N PRO OB 86 -35.81 14.43 -39.31
CA PRO OB 86 -35.26 15.24 -40.40
C PRO OB 86 -36.20 15.24 -41.59
N PRO OB 87 -35.94 16.09 -42.58
CA PRO OB 87 -36.72 16.03 -43.82
C PRO OB 87 -36.60 14.68 -44.50
N VAL OB 88 -37.54 14.40 -45.41
CA VAL OB 88 -37.54 13.13 -46.11
C VAL OB 88 -36.26 12.97 -46.91
N ASN OB 89 -35.70 11.75 -46.88
CA ASN OB 89 -34.49 11.29 -47.56
C ASN OB 89 -33.21 11.77 -46.87
N GLU OB 90 -33.29 12.65 -45.89
CA GLU OB 90 -32.10 13.22 -45.27
C GLU OB 90 -31.82 12.57 -43.91
N TYR OB 91 -30.55 12.68 -43.49
CA TYR OB 91 -30.14 12.31 -42.15
C TYR OB 91 -30.04 13.57 -41.29
N SER OB 92 -30.30 13.41 -40.00
CA SER OB 92 -30.27 14.54 -39.08
C SER OB 92 -28.85 15.05 -38.91
N PHE OB 93 -28.73 16.37 -38.75
CA PHE OB 93 -27.46 16.99 -38.42
C PHE OB 93 -27.71 18.23 -37.58
N VAL OB 94 -26.74 18.56 -36.74
CA VAL OB 94 -26.81 19.74 -35.89
C VAL OB 94 -25.43 20.40 -35.86
N ARG OB 95 -25.42 21.73 -35.92
CA ARG OB 95 -24.19 22.51 -35.87
C ARG OB 95 -24.23 23.48 -34.70
N LEU OB 96 -23.07 23.72 -34.10
CA LEU OB 96 -22.94 24.65 -32.99
C LEU OB 96 -21.81 25.63 -33.28
N LYS OB 97 -22.09 26.91 -33.18
CA LYS OB 97 -21.06 27.95 -33.26
C LYS OB 97 -20.97 28.66 -31.93
N PRO OB 98 -19.89 28.50 -31.17
CA PRO OB 98 -19.78 29.18 -29.87
C PRO OB 98 -19.79 30.69 -30.03
N LEU OB 99 -20.37 31.36 -29.04
CA LEU OB 99 -20.47 32.81 -29.00
C LEU OB 99 -20.01 33.32 -27.64
N PHE OB 100 -19.18 34.37 -27.66
CA PHE OB 100 -18.65 34.97 -26.44
C PHE OB 100 -18.76 36.48 -26.51
N LYS OB 101 -18.82 37.11 -25.34
CA LYS OB 101 -18.90 38.57 -25.30
CA LYS OB 101 -18.90 38.57 -25.28
C LYS OB 101 -17.60 39.21 -25.74
N THR OB 102 -16.46 38.60 -25.42
CA THR OB 102 -15.16 39.13 -25.83
C THR OB 102 -14.86 38.90 -27.31
N GLY OB 103 -15.62 38.03 -27.97
CA GLY OB 103 -15.39 37.74 -29.38
C GLY OB 103 -15.99 36.42 -29.82
N ASP OB 104 -16.86 36.46 -30.81
CA ASP OB 104 -17.50 35.24 -31.29
C ASP OB 104 -16.50 34.37 -32.05
N SER OB 105 -16.71 33.06 -31.98
CA SER OB 105 -15.86 32.10 -32.66
CA SER OB 105 -15.85 32.11 -32.67
C SER OB 105 -16.42 31.78 -34.05
N THR OB 106 -15.63 31.03 -34.81
CA THR OB 106 -16.02 30.60 -36.15
C THR OB 106 -16.06 29.08 -36.30
N GLU OB 107 -15.96 28.34 -35.20
CA GLU OB 107 -16.02 26.88 -35.25
C GLU OB 107 -17.47 26.43 -35.41
N GLU OB 108 -17.70 25.53 -36.35
CA GLU OB 108 -19.02 24.96 -36.60
C GLU OB 108 -18.99 23.47 -36.28
N PHE OB 109 -18.95 23.16 -34.99
CA PHE OB 109 -18.99 21.76 -34.55
C PHE OB 109 -20.28 21.11 -35.00
N GLU OB 110 -20.16 20.08 -35.83
CA GLU OB 110 -21.28 19.46 -36.51
C GLU OB 110 -21.30 17.96 -36.24
N GLY OB 111 -22.47 17.44 -35.90
CA GLY OB 111 -22.68 16.01 -35.77
C GLY OB 111 -23.82 15.58 -36.67
N ARG OB 112 -23.66 14.40 -37.28
CA ARG OB 112 -24.66 13.86 -38.19
C ARG OB 112 -25.08 12.47 -37.74
N ALA OB 113 -26.35 12.15 -37.95
CA ALA OB 113 -26.85 10.82 -37.61
C ALA OB 113 -26.53 9.84 -38.74
N SER OB 114 -26.19 8.62 -38.35
CA SER OB 114 -25.95 7.56 -39.33
C SER OB 114 -27.19 6.72 -39.61
N ASN OB 115 -28.23 6.87 -38.80
CA ASN OB 115 -29.53 6.25 -39.03
C ASN OB 115 -30.57 7.37 -39.12
N ILE OB 116 -31.46 7.27 -40.10
CA ILE OB 116 -32.44 8.34 -40.32
C ILE OB 116 -33.39 8.46 -39.14
N ASN OB 117 -33.56 7.40 -38.36
CA ASN OB 117 -34.49 7.37 -37.24
C ASN OB 117 -33.81 7.77 -35.92
N THR OB 118 -32.55 8.18 -35.95
CA THR OB 118 -31.78 8.47 -34.75
CA THR OB 118 -31.80 8.48 -34.74
C THR OB 118 -31.41 9.95 -34.72
N ARG OB 119 -31.17 10.46 -33.51
CA ARG OB 119 -30.76 11.84 -33.32
C ARG OB 119 -29.30 12.02 -33.73
N ALA OB 120 -28.98 13.23 -34.19
CA ALA OB 120 -27.61 13.64 -34.38
C ALA OB 120 -27.19 14.53 -33.21
N SER OB 121 -25.99 14.29 -32.70
CA SER OB 121 -25.53 14.97 -31.49
C SER OB 121 -24.13 15.51 -31.67
N VAL OB 122 -23.87 16.66 -31.03
CA VAL OB 122 -22.54 17.25 -31.00
C VAL OB 122 -22.51 18.27 -29.86
N GLY OB 123 -21.34 18.51 -29.30
CA GLY OB 123 -21.21 19.49 -28.23
C GLY OB 123 -19.83 20.11 -28.23
N TYR OB 124 -19.65 21.08 -27.34
CA TYR OB 124 -18.37 21.75 -27.22
C TYR OB 124 -18.12 22.16 -25.77
N ARG OB 125 -16.85 22.16 -25.40
CA ARG OB 125 -16.41 22.54 -24.06
C ARG OB 125 -15.80 23.94 -24.10
N ILE OB 126 -16.16 24.76 -23.11
CA ILE OB 126 -15.60 26.11 -23.00
C ILE OB 126 -14.38 26.04 -22.08
N PRO OB 127 -13.23 26.53 -22.51
CA PRO OB 127 -12.02 26.46 -21.68
C PRO OB 127 -12.14 27.34 -20.44
N THR OB 128 -11.22 27.12 -19.51
CA THR OB 128 -11.25 27.85 -18.24
CA THR OB 128 -11.26 27.85 -18.24
C THR OB 128 -11.05 29.34 -18.44
N ASN OB 129 -10.25 29.73 -19.44
CA ASN OB 129 -10.00 31.15 -19.68
C ASN OB 129 -11.20 31.88 -20.28
N LEU OB 130 -12.22 31.15 -20.74
CA LEU OB 130 -13.43 31.75 -21.29
C LEU OB 130 -14.65 31.51 -20.41
N ARG OB 131 -14.46 31.09 -19.17
CA ARG OB 131 -15.58 30.78 -18.28
C ARG OB 131 -15.84 31.94 -17.34
N GLN OB 132 -16.27 33.05 -17.94
CA GLN OB 132 -16.75 34.21 -17.21
C GLN OB 132 -18.28 34.16 -17.12
N ASN OB 133 -18.83 35.09 -16.35
CA ASN OB 133 -20.27 35.13 -16.19
C ASN OB 133 -20.96 35.67 -17.43
N THR OB 134 -22.19 35.24 -17.64
CA THR OB 134 -23.04 35.75 -18.71
C THR OB 134 -24.43 36.02 -18.13
N VAL OB 135 -25.07 37.08 -18.63
CA VAL OB 135 -26.39 37.44 -18.13
C VAL OB 135 -27.44 37.07 -19.17
N ALA OB 136 -28.71 37.29 -18.83
CA ALA OB 136 -29.80 36.82 -19.69
C ALA OB 136 -29.74 37.42 -21.09
N ALA OB 137 -29.24 38.65 -21.22
CA ALA OB 137 -29.20 39.30 -22.52
C ALA OB 137 -28.15 38.68 -23.44
N ASP OB 138 -27.19 37.95 -22.90
CA ASP OB 138 -26.13 37.38 -23.71
C ASP OB 138 -26.63 36.14 -24.45
N ASN OB 139 -25.82 35.69 -25.41
CA ASN OB 139 -26.12 34.51 -26.21
C ASN OB 139 -25.09 33.42 -25.94
N VAL OB 140 -25.54 32.16 -26.00
CA VAL OB 140 -24.68 31.02 -25.73
C VAL OB 140 -23.96 30.60 -27.00
N CYS OB 141 -24.72 30.29 -28.05
CA CYS OB 141 -24.16 29.78 -29.29
C CYS OB 141 -25.21 29.84 -30.38
N GLU OB 142 -24.77 29.63 -31.62
CA GLU OB 142 -25.65 29.53 -32.77
C GLU OB 142 -25.88 28.06 -33.10
N VAL OB 143 -27.11 27.71 -33.45
CA VAL OB 143 -27.51 26.34 -33.75
CA VAL OB 143 -27.49 26.34 -33.75
C VAL OB 143 -28.08 26.29 -35.15
N ARG OB 144 -27.61 25.34 -35.96
CA ARG OB 144 -28.11 25.08 -37.29
C ARG OB 144 -28.48 23.62 -37.40
N SER OB 145 -29.61 23.33 -38.04
CA SER OB 145 -30.07 21.95 -38.13
C SER OB 145 -31.13 21.85 -39.23
N ASN OB 146 -31.23 20.66 -39.80
CA ASN OB 146 -32.30 20.38 -40.76
C ASN OB 146 -33.59 19.95 -40.08
N CYS OB 147 -33.56 19.67 -38.78
CA CYS OB 147 -34.75 19.40 -38.01
C CYS OB 147 -35.34 20.72 -37.48
N ARG OB 148 -36.59 20.66 -37.06
CA ARG OB 148 -37.30 21.87 -36.64
C ARG OB 148 -37.13 22.20 -35.17
N GLN OB 149 -36.60 21.28 -34.36
N GLN OB 149 -36.57 21.29 -34.37
CA GLN OB 149 -36.37 21.52 -32.95
CA GLN OB 149 -36.37 21.54 -32.94
C GLN OB 149 -35.04 20.90 -32.53
C GLN OB 149 -35.07 20.88 -32.50
N VAL OB 150 -34.34 21.59 -31.64
CA VAL OB 150 -33.05 21.13 -31.12
C VAL OB 150 -33.11 21.17 -29.60
N ALA OB 151 -32.72 20.08 -28.96
CA ALA OB 151 -32.66 20.00 -27.51
C ALA OB 151 -31.24 20.29 -27.03
N LEU OB 152 -31.14 21.05 -25.94
CA LEU OB 152 -29.85 21.47 -25.40
C LEU OB 152 -29.73 21.02 -23.95
N VAL OB 153 -28.53 20.59 -23.58
CA VAL OB 153 -28.19 20.27 -22.20
C VAL OB 153 -26.91 21.05 -21.89
N ILE OB 154 -27.05 22.16 -21.19
CA ILE OB 154 -25.95 23.09 -20.95
C ILE OB 154 -25.45 22.89 -19.53
N SER OB 155 -24.21 22.42 -19.40
CA SER OB 155 -23.58 22.29 -18.10
CA SER OB 155 -23.58 22.29 -18.10
C SER OB 155 -23.04 23.66 -17.67
N CYS OB 156 -23.51 24.15 -16.53
CA CYS OB 156 -23.14 25.49 -16.09
C CYS OB 156 -23.25 25.59 -14.59
N CYS OB 157 -22.63 26.63 -14.03
N CYS OB 157 -22.64 26.62 -14.02
CA CYS OB 157 -22.64 26.92 -12.60
CA CYS OB 157 -22.67 26.89 -12.59
C CYS OB 157 -23.36 28.25 -12.40
C CYS OB 157 -23.34 28.23 -12.36
N PHE OB 158 -24.50 28.22 -11.73
CA PHE OB 158 -25.23 29.43 -11.42
C PHE OB 158 -24.59 30.12 -10.21
N ASN OB 159 -24.55 31.45 -10.25
CA ASN OB 159 -24.02 32.22 -9.14
C ASN OB 159 -24.62 33.63 -9.12
N ASN PB 16 -27.65 -39.13 -6.32
CA ASN PB 16 -28.46 -38.63 -5.23
C ASN PB 16 -29.49 -39.67 -4.82
N SER PB 17 -30.34 -39.33 -3.86
CA SER PB 17 -31.34 -40.27 -3.35
C SER PB 17 -32.38 -40.56 -4.43
N ASN PB 18 -32.76 -41.84 -4.52
N ASN PB 18 -32.75 -41.84 -4.52
CA ASN PB 18 -33.78 -42.26 -5.47
CA ASN PB 18 -33.77 -42.28 -5.46
C ASN PB 18 -35.10 -42.65 -4.80
C ASN PB 18 -35.09 -42.64 -4.81
N VAL PB 19 -35.13 -42.77 -3.48
CA VAL PB 19 -36.34 -43.15 -2.76
C VAL PB 19 -36.52 -42.21 -1.57
N VAL PB 20 -37.68 -42.33 -0.94
CA VAL PB 20 -38.01 -41.50 0.21
C VAL PB 20 -37.09 -41.82 1.37
N THR PB 21 -36.67 -40.78 2.09
CA THR PB 21 -35.83 -40.92 3.27
C THR PB 21 -36.56 -40.30 4.46
N MET PB 22 -36.20 -40.78 5.66
CA MET PB 22 -36.85 -40.32 6.88
CA MET PB 22 -36.84 -40.32 6.88
C MET PB 22 -36.20 -39.03 7.38
N ILE PB 23 -37.04 -38.09 7.80
CA ILE PB 23 -36.62 -36.84 8.41
C ILE PB 23 -36.85 -36.94 9.90
N ARG PB 24 -35.78 -36.80 10.70
CA ARG PB 24 -35.89 -36.86 12.15
C ARG PB 24 -36.29 -35.49 12.68
N ALA PB 25 -37.57 -35.20 12.57
CA ALA PB 25 -38.10 -33.92 13.01
C ALA PB 25 -38.13 -33.84 14.54
N GLY PB 26 -38.18 -32.61 15.04
CA GLY PB 26 -38.20 -32.39 16.47
C GLY PB 26 -39.44 -31.68 16.94
N SER PB 27 -39.27 -30.55 17.63
CA SER PB 27 -40.40 -29.79 18.13
CA SER PB 27 -40.41 -29.80 18.14
C SER PB 27 -41.10 -29.07 16.98
N TYR PB 28 -42.30 -28.56 17.29
CA TYR PB 28 -43.06 -27.82 16.29
C TYR PB 28 -42.44 -26.45 16.08
N PRO PB 29 -42.07 -26.08 14.86
CA PRO PB 29 -41.33 -24.85 14.62
C PRO PB 29 -42.24 -23.64 14.57
N LYS PB 30 -41.63 -22.47 14.41
CA LYS PB 30 -42.36 -21.23 14.23
C LYS PB 30 -42.81 -21.13 12.77
N VAL PB 31 -44.10 -20.87 12.57
CA VAL PB 31 -44.69 -20.91 11.24
C VAL PB 31 -45.39 -19.59 10.94
N ASN PB 32 -45.65 -19.37 9.65
CA ASN PB 32 -46.37 -18.20 9.16
C ASN PB 32 -47.08 -18.58 7.86
N PRO PB 33 -48.41 -18.68 7.88
CA PRO PB 33 -49.14 -19.07 6.66
C PRO PB 33 -49.26 -17.95 5.64
N THR PB 34 -48.96 -16.71 5.99
CA THR PB 34 -49.07 -15.57 5.10
C THR PB 34 -47.79 -14.75 5.18
N PRO PB 35 -46.79 -15.11 4.41
CA PRO PB 35 -45.49 -14.43 4.48
C PRO PB 35 -45.39 -13.27 3.50
N THR PB 36 -44.28 -12.54 3.61
CA THR PB 36 -44.00 -11.43 2.70
C THR PB 36 -43.53 -11.97 1.36
N TRP PB 37 -43.29 -11.06 0.42
CA TRP PB 37 -42.94 -11.46 -0.94
C TRP PB 37 -42.31 -10.28 -1.66
N VAL PB 38 -41.04 -10.41 -2.05
CA VAL PB 38 -40.40 -9.40 -2.86
C VAL PB 38 -40.79 -9.63 -4.32
N ARG PB 39 -41.28 -8.57 -4.98
CA ARG PB 39 -41.88 -8.70 -6.30
CA ARG PB 39 -41.87 -8.71 -6.30
C ARG PB 39 -41.65 -7.42 -7.08
N ALA PB 40 -41.66 -7.54 -8.41
CA ALA PB 40 -41.63 -6.41 -9.33
C ALA PB 40 -42.84 -6.53 -10.25
N ILE PB 41 -43.84 -5.69 -10.02
CA ILE PB 41 -45.14 -5.82 -10.65
C ILE PB 41 -45.09 -5.13 -12.01
N PRO PB 42 -45.36 -5.84 -13.13
CA PRO PB 42 -45.50 -5.15 -14.42
C PRO PB 42 -46.96 -4.85 -14.76
N PHE PB 43 -47.26 -3.62 -15.14
CA PHE PB 43 -48.60 -3.24 -15.56
C PHE PB 43 -48.49 -1.95 -16.36
N GLU PB 44 -49.59 -1.61 -17.05
CA GLU PB 44 -49.63 -0.45 -17.92
C GLU PB 44 -50.72 0.51 -17.46
N VAL PB 45 -50.50 1.79 -17.75
CA VAL PB 45 -51.46 2.85 -17.45
C VAL PB 45 -51.69 3.66 -18.73
N SER PB 46 -52.92 4.12 -18.92
CA SER PB 46 -53.26 4.98 -20.05
C SER PB 46 -53.01 6.44 -19.67
N VAL PB 47 -52.38 7.17 -20.58
N VAL PB 47 -52.36 7.18 -20.56
CA VAL PB 47 -51.97 8.56 -20.36
CA VAL PB 47 -52.03 8.57 -20.30
C VAL PB 47 -52.49 9.41 -21.52
C VAL PB 47 -52.45 9.42 -21.50
N GLN PB 48 -52.86 10.65 -21.20
CA GLN PB 48 -53.30 11.61 -22.20
C GLN PB 48 -52.21 12.67 -22.39
N SER PB 49 -52.26 13.32 -23.56
CA SER PB 49 -51.24 14.31 -23.89
CA SER PB 49 -51.24 14.31 -23.89
C SER PB 49 -51.38 15.54 -23.00
N GLY PB 50 -50.25 15.98 -22.43
CA GLY PB 50 -50.21 17.16 -21.59
C GLY PB 50 -50.88 17.04 -20.24
N ILE PB 51 -51.30 15.85 -19.85
CA ILE PB 51 -52.02 15.64 -18.59
C ILE PB 51 -51.27 14.60 -17.77
N ALA PB 52 -50.88 14.98 -16.56
CA ALA PB 52 -50.20 14.06 -15.67
C ALA PB 52 -51.18 13.05 -15.10
N PHE PB 53 -50.76 11.78 -15.02
CA PHE PB 53 -51.59 10.69 -14.52
C PHE PB 53 -51.03 10.21 -13.19
N LYS PB 54 -51.86 10.22 -12.15
CA LYS PB 54 -51.48 9.68 -10.86
C LYS PB 54 -51.71 8.17 -10.88
N VAL PB 55 -50.63 7.40 -10.68
CA VAL PB 55 -50.71 5.94 -10.68
C VAL PB 55 -51.07 5.50 -9.26
N PRO PB 56 -52.15 4.76 -9.07
CA PRO PB 56 -52.54 4.37 -7.71
C PRO PB 56 -51.81 3.12 -7.25
N VAL PB 57 -51.67 3.01 -5.93
CA VAL PB 57 -51.07 1.82 -5.34
C VAL PB 57 -52.01 0.63 -5.47
N GLY PB 58 -53.31 0.88 -5.57
CA GLY PB 58 -54.29 -0.19 -5.71
C GLY PB 58 -54.10 -1.05 -6.95
N SER PB 59 -53.32 -0.56 -7.92
N SER PB 59 -53.33 -0.56 -7.93
CA SER PB 59 -53.05 -1.35 -9.12
CA SER PB 59 -53.05 -1.35 -9.12
C SER PB 59 -52.14 -2.53 -8.83
C SER PB 59 -52.15 -2.54 -8.82
N LEU PB 60 -51.42 -2.51 -7.70
CA LEU PB 60 -50.50 -3.60 -7.37
C LEU PB 60 -51.19 -4.80 -6.74
N PHE PB 61 -52.40 -4.63 -6.22
CA PHE PB 61 -53.15 -5.72 -5.59
C PHE PB 61 -54.12 -6.28 -6.62
N SER PB 62 -53.85 -7.50 -7.08
CA SER PB 62 -54.69 -8.12 -8.09
C SER PB 62 -54.41 -9.61 -8.14
N ALA PB 63 -55.42 -10.38 -8.54
CA ALA PB 63 -55.24 -11.81 -8.74
C ALA PB 63 -54.35 -12.11 -9.94
N ASN PB 64 -54.16 -11.14 -10.84
CA ASN PB 64 -53.24 -11.30 -11.95
C ASN PB 64 -51.78 -11.32 -11.51
N PHE PB 65 -51.48 -10.89 -10.28
CA PHE PB 65 -50.13 -10.86 -9.76
C PHE PB 65 -49.96 -11.76 -8.55
N ARG PB 66 -50.97 -12.55 -8.20
CA ARG PB 66 -51.00 -13.37 -6.98
C ARG PB 66 -50.89 -12.50 -5.73
N THR PB 67 -51.33 -11.24 -5.81
CA THR PB 67 -51.18 -10.29 -4.71
C THR PB 67 -52.49 -9.75 -4.19
N ASP PB 68 -53.62 -10.33 -4.59
CA ASP PB 68 -54.91 -9.85 -4.08
C ASP PB 68 -55.11 -10.15 -2.61
N SER PB 69 -54.20 -10.90 -1.99
CA SER PB 69 -54.31 -11.21 -0.57
C SER PB 69 -53.63 -10.17 0.32
N PHE PB 70 -52.81 -9.30 -0.25
CA PHE PB 70 -52.12 -8.26 0.51
C PHE PB 70 -52.97 -7.00 0.60
N THR PB 71 -52.74 -6.23 1.66
CA THR PB 71 -53.38 -4.93 1.83
C THR PB 71 -52.40 -3.77 1.92
N SER PB 72 -51.12 -4.02 2.18
CA SER PB 72 -50.10 -2.99 2.22
C SER PB 72 -48.90 -3.45 1.39
N VAL PB 73 -48.04 -2.49 1.04
CA VAL PB 73 -46.88 -2.78 0.21
C VAL PB 73 -45.87 -1.66 0.40
N THR PB 74 -44.59 -2.02 0.33
CA THR PB 74 -43.48 -1.08 0.48
C THR PB 74 -42.76 -0.97 -0.85
N VAL PB 75 -42.95 0.16 -1.54
CA VAL PB 75 -42.34 0.37 -2.84
C VAL PB 75 -40.88 0.76 -2.66
N MET PB 76 -39.99 0.11 -3.42
CA MET PB 76 -38.57 0.39 -3.38
CA MET PB 76 -38.56 0.39 -3.38
C MET PB 76 -38.07 1.18 -4.58
N SER PB 77 -38.52 0.83 -5.79
CA SER PB 77 -38.09 1.54 -6.98
C SER PB 77 -39.17 1.45 -8.04
N VAL PB 78 -39.21 2.45 -8.92
CA VAL PB 78 -40.18 2.55 -10.01
C VAL PB 78 -39.42 2.68 -11.32
N ARG PB 79 -39.92 2.01 -12.36
CA ARG PB 79 -39.35 2.08 -13.69
CA ARG PB 79 -39.35 2.05 -13.69
C ARG PB 79 -40.47 2.16 -14.71
N ALA PB 80 -40.30 3.03 -15.69
CA ALA PB 80 -41.33 3.28 -16.69
C ALA PB 80 -40.76 3.13 -18.10
N TRP PB 81 -41.61 2.65 -19.00
CA TRP PB 81 -41.33 2.60 -20.43
C TRP PB 81 -42.56 3.05 -21.19
N THR PB 82 -42.33 3.74 -22.31
CA THR PB 82 -43.44 4.04 -23.20
C THR PB 82 -43.94 2.76 -23.86
N GLN PB 83 -45.26 2.61 -23.92
CA GLN PB 83 -45.88 1.39 -24.42
C GLN PB 83 -46.36 1.47 -25.85
N LEU PB 84 -46.71 2.65 -26.34
CA LEU PB 84 -47.13 2.86 -27.71
C LEU PB 84 -46.16 3.79 -28.43
N THR PB 85 -46.39 3.99 -29.73
CA THR PB 85 -45.53 4.86 -30.51
C THR PB 85 -45.83 6.32 -30.22
N PRO PB 86 -44.81 7.18 -30.30
CA PRO PB 86 -45.03 8.61 -30.06
C PRO PB 86 -45.76 9.24 -31.23
N PRO PB 87 -46.18 10.51 -31.10
CA PRO PB 87 -46.78 11.19 -32.25
C PRO PB 87 -45.82 11.29 -33.42
N VAL PB 88 -46.36 11.70 -34.57
CA VAL PB 88 -45.54 11.83 -35.77
C VAL PB 88 -44.54 12.97 -35.58
N ASN PB 89 -43.31 12.76 -36.05
CA ASN PB 89 -42.17 13.67 -36.02
C ASN PB 89 -41.51 13.76 -34.64
N GLU PB 90 -42.02 13.06 -33.63
CA GLU PB 90 -41.53 13.22 -32.27
C GLU PB 90 -40.85 11.95 -31.76
N TYR PB 91 -39.93 12.13 -30.82
CA TYR PB 91 -39.32 11.02 -30.09
C TYR PB 91 -40.10 10.78 -28.80
N SER PB 92 -40.07 9.54 -28.33
CA SER PB 92 -40.78 9.18 -27.11
C SER PB 92 -40.10 9.79 -25.88
N PHE PB 93 -40.91 10.20 -24.92
CA PHE PB 93 -40.41 10.65 -23.62
C PHE PB 93 -41.39 10.24 -22.53
N VAL PB 94 -40.89 10.16 -21.31
CA VAL PB 94 -41.70 9.78 -20.16
C VAL PB 94 -41.14 10.45 -18.92
N ARG PB 95 -42.01 11.08 -18.13
CA ARG PB 95 -41.62 11.78 -16.92
C ARG PB 95 -42.24 11.09 -15.71
N LEU PB 96 -41.50 11.06 -14.61
CA LEU PB 96 -41.97 10.47 -13.36
C LEU PB 96 -41.80 11.49 -12.24
N LYS PB 97 -42.87 11.72 -11.49
CA LYS PB 97 -42.84 12.60 -10.33
C LYS PB 97 -43.19 11.81 -9.08
N PRO PB 98 -42.24 11.51 -8.20
CA PRO PB 98 -42.55 10.70 -7.02
C PRO PB 98 -43.55 11.39 -6.10
N LEU PB 99 -44.46 10.60 -5.56
CA LEU PB 99 -45.49 11.08 -4.64
C LEU PB 99 -45.39 10.34 -3.32
N PHE PB 100 -45.64 11.05 -2.23
CA PHE PB 100 -45.55 10.48 -0.89
C PHE PB 100 -46.68 11.04 -0.02
N LYS PB 101 -47.04 10.28 1.01
CA LYS PB 101 -48.09 10.72 1.92
CA LYS PB 101 -48.08 10.72 1.93
C LYS PB 101 -47.61 11.83 2.83
N THR PB 102 -46.32 11.82 3.21
CA THR PB 102 -45.76 12.85 4.07
C THR PB 102 -45.44 14.13 3.32
N GLY PB 103 -45.44 14.10 2.00
CA GLY PB 103 -45.10 15.27 1.20
C GLY PB 103 -44.60 14.89 -0.17
N ASP PB 104 -45.30 15.35 -1.21
CA ASP PB 104 -44.93 15.00 -2.57
C ASP PB 104 -43.67 15.73 -3.01
N SER PB 105 -42.91 15.11 -3.90
CA SER PB 105 -41.70 15.69 -4.45
CA SER PB 105 -41.71 15.71 -4.45
C SER PB 105 -42.02 16.39 -5.77
N THR PB 106 -41.13 17.32 -6.15
CA THR PB 106 -41.28 18.07 -7.39
C THR PB 106 -40.27 17.66 -8.45
N GLU PB 107 -39.55 16.56 -8.24
CA GLU PB 107 -38.66 16.07 -9.27
C GLU PB 107 -39.45 15.47 -10.43
N GLU PB 108 -38.99 15.73 -11.65
CA GLU PB 108 -39.60 15.20 -12.86
C GLU PB 108 -38.55 14.40 -13.62
N PHE PB 109 -38.23 13.20 -13.11
CA PHE PB 109 -37.25 12.34 -13.76
C PHE PB 109 -37.73 11.99 -15.16
N GLU PB 110 -36.91 12.32 -16.16
CA GLU PB 110 -37.31 12.22 -17.55
C GLU PB 110 -36.28 11.44 -18.35
N GLY PB 111 -36.79 10.56 -19.20
CA GLY PB 111 -35.95 9.88 -20.18
C GLY PB 111 -36.56 10.03 -21.56
N ARG PB 112 -35.70 10.16 -22.56
CA ARG PB 112 -36.13 10.32 -23.94
C ARG PB 112 -35.50 9.23 -24.81
N ALA PB 113 -36.22 8.85 -25.86
CA ALA PB 113 -35.73 7.87 -26.80
C ALA PB 113 -34.85 8.55 -27.84
N SER PB 114 -33.75 7.89 -28.20
CA SER PB 114 -32.87 8.40 -29.25
C SER PB 114 -33.19 7.81 -30.62
N ASN PB 115 -34.11 6.84 -30.69
CA ASN PB 115 -34.63 6.33 -31.93
C ASN PB 115 -36.15 6.43 -31.89
N ILE PB 116 -36.75 6.92 -32.98
CA ILE PB 116 -38.19 7.15 -32.98
C ILE PB 116 -38.96 5.85 -32.76
N ASN PB 117 -38.38 4.72 -33.17
CA ASN PB 117 -39.04 3.42 -33.06
C ASN PB 117 -38.72 2.71 -31.75
N THR PB 118 -38.00 3.37 -30.84
CA THR PB 118 -37.59 2.77 -29.57
CA THR PB 118 -37.61 2.77 -29.58
C THR PB 118 -38.31 3.45 -28.41
N ARG PB 119 -38.54 2.69 -27.36
CA ARG PB 119 -39.19 3.21 -26.16
C ARG PB 119 -38.27 4.18 -25.42
N ALA PB 120 -38.89 5.11 -24.71
CA ALA PB 120 -38.18 5.94 -23.74
C ALA PB 120 -38.34 5.34 -22.36
N SER PB 121 -37.27 5.40 -21.57
CA SER PB 121 -37.28 4.76 -20.26
C SER PB 121 -36.65 5.69 -19.22
N VAL PB 122 -37.15 5.56 -17.99
CA VAL PB 122 -36.60 6.28 -16.85
C VAL PB 122 -37.12 5.62 -15.57
N GLY PB 123 -36.49 5.93 -14.45
CA GLY PB 123 -36.93 5.39 -13.18
C GLY PB 123 -36.38 6.22 -12.03
N TYR PB 124 -36.74 5.80 -10.82
CA TYR PB 124 -36.22 6.46 -9.62
C TYR PB 124 -36.26 5.48 -8.46
N ARG PB 125 -35.38 5.73 -7.49
CA ARG PB 125 -35.22 4.88 -6.32
C ARG PB 125 -35.74 5.60 -5.08
N ILE PB 126 -36.49 4.89 -4.25
CA ILE PB 126 -37.02 5.45 -3.01
C ILE PB 126 -36.04 5.14 -1.89
N PRO PB 127 -35.55 6.15 -1.17
CA PRO PB 127 -34.58 5.89 -0.10
C PRO PB 127 -35.22 5.11 1.04
N THR PB 128 -34.35 4.60 1.92
CA THR PB 128 -34.81 3.77 3.04
CA THR PB 128 -34.82 3.78 3.03
C THR PB 128 -35.69 4.58 4.00
N ASN PB 129 -35.37 5.86 4.21
CA ASN PB 129 -36.15 6.66 5.14
C ASN PB 129 -37.56 6.98 4.64
N LEU PB 130 -37.84 6.75 3.36
CA LEU PB 130 -39.17 6.97 2.81
C LEU PB 130 -39.87 5.68 2.45
N ARG PB 131 -39.39 4.54 2.94
CA ARG PB 131 -39.98 3.24 2.61
C ARG PB 131 -40.94 2.79 3.72
N GLN PB 132 -42.08 3.47 3.77
CA GLN PB 132 -43.19 3.05 4.64
C GLN PB 132 -44.22 2.30 3.82
N ASN PB 133 -45.25 1.80 4.49
CA ASN PB 133 -46.30 1.08 3.80
C ASN PB 133 -47.24 2.04 3.09
N THR PB 134 -47.79 1.57 1.96
CA THR PB 134 -48.78 2.32 1.20
C THR PB 134 -49.98 1.41 0.93
N VAL PB 135 -51.17 2.00 0.98
CA VAL PB 135 -52.40 1.24 0.77
C VAL PB 135 -52.99 1.58 -0.60
N ALA PB 136 -54.12 0.96 -0.93
CA ALA PB 136 -54.68 1.07 -2.28
C ALA PB 136 -55.05 2.51 -2.61
N ALA PB 137 -55.48 3.30 -1.63
CA ALA PB 137 -55.92 4.67 -1.90
C ALA PB 137 -54.76 5.62 -2.16
N ASP PB 138 -53.53 5.20 -1.91
CA ASP PB 138 -52.38 6.08 -2.10
C ASP PB 138 -51.95 6.09 -3.57
N ASN PB 139 -51.10 7.05 -3.89
CA ASN PB 139 -50.53 7.20 -5.23
C ASN PB 139 -49.02 7.02 -5.16
N VAL PB 140 -48.46 6.38 -6.18
N VAL PB 140 -48.45 6.39 -6.18
CA VAL PB 140 -47.03 6.13 -6.26
CA VAL PB 140 -47.00 6.15 -6.19
C VAL PB 140 -46.29 7.31 -6.87
C VAL PB 140 -46.25 7.27 -6.90
N CYS PB 141 -46.72 7.74 -8.05
CA CYS PB 141 -46.05 8.81 -8.77
C CYS PB 141 -46.99 9.37 -9.83
N GLU PB 142 -46.59 10.50 -10.41
CA GLU PB 142 -47.23 11.06 -11.59
C GLU PB 142 -46.43 10.70 -12.83
N VAL PB 143 -47.12 10.35 -13.91
CA VAL PB 143 -46.50 9.94 -15.16
CA VAL PB 143 -46.49 9.95 -15.16
C VAL PB 143 -46.98 10.89 -16.26
N ARG PB 144 -46.04 11.38 -17.07
CA ARG PB 144 -46.34 12.22 -18.22
C ARG PB 144 -45.60 11.64 -19.43
N SER PB 145 -46.27 11.61 -20.57
CA SER PB 145 -45.66 11.05 -21.77
C SER PB 145 -46.41 11.54 -23.00
N ASN PB 146 -45.69 11.60 -24.12
CA ASN PB 146 -46.32 11.88 -25.40
C ASN PB 146 -47.00 10.66 -25.99
N CYS PB 147 -46.65 9.46 -25.52
CA CYS PB 147 -47.34 8.25 -25.92
C CYS PB 147 -48.60 8.08 -25.07
N ARG PB 148 -49.54 7.29 -25.60
CA ARG PB 148 -50.83 7.14 -24.92
C ARG PB 148 -50.82 6.10 -23.81
N GLN PB 149 -49.82 5.23 -23.78
N GLN PB 149 -49.80 5.25 -23.76
CA GLN PB 149 -49.71 4.20 -22.75
CA GLN PB 149 -49.73 4.20 -22.74
C GLN PB 149 -48.29 4.16 -22.21
C GLN PB 149 -48.31 4.09 -22.23
N VAL PB 150 -48.17 3.84 -20.93
CA VAL PB 150 -46.88 3.73 -20.25
C VAL PB 150 -46.84 2.41 -19.49
N ALA PB 151 -45.77 1.65 -19.68
CA ALA PB 151 -45.59 0.39 -18.98
C ALA PB 151 -44.72 0.62 -17.74
N LEU PB 152 -45.16 0.07 -16.61
CA LEU PB 152 -44.47 0.25 -15.34
CA LEU PB 152 -44.48 0.24 -15.34
C LEU PB 152 -43.98 -1.10 -14.82
N VAL PB 153 -42.86 -1.06 -14.09
CA VAL PB 153 -42.31 -2.22 -13.41
C VAL PB 153 -41.90 -1.75 -12.02
N ILE PB 154 -42.68 -2.09 -11.01
CA ILE PB 154 -42.55 -1.53 -9.68
C ILE PB 154 -41.99 -2.58 -8.75
N SER PB 155 -40.73 -2.42 -8.34
CA SER PB 155 -40.10 -3.31 -7.38
CA SER PB 155 -40.11 -3.31 -7.38
C SER PB 155 -40.55 -2.94 -5.97
N CYS PB 156 -41.16 -3.89 -5.27
CA CYS PB 156 -41.72 -3.61 -3.95
C CYS PB 156 -41.73 -4.88 -3.12
N CYS PB 157 -42.06 -4.71 -1.84
N CYS PB 157 -42.07 -4.72 -1.85
CA CYS PB 157 -42.16 -5.80 -0.88
CA CYS PB 157 -42.15 -5.84 -0.91
C CYS PB 157 -43.59 -5.83 -0.35
C CYS PB 157 -43.55 -5.86 -0.32
N PHE PB 158 -44.31 -6.91 -0.63
CA PHE PB 158 -45.68 -7.04 -0.14
C PHE PB 158 -45.70 -7.58 1.28
N ASN PB 159 -46.53 -6.98 2.12
CA ASN PB 159 -46.67 -7.44 3.49
C ASN PB 159 -48.10 -7.16 4.00
N ASN QB 16 -0.87 -36.65 -42.81
CA ASN QB 16 -1.70 -37.75 -42.35
C ASN QB 16 -1.76 -38.84 -43.42
N SER QB 17 -2.42 -39.96 -43.09
CA SER QB 17 -2.45 -41.11 -43.97
C SER QB 17 -3.06 -40.76 -45.32
N ASN QB 18 -2.45 -41.25 -46.39
N ASN QB 18 -2.45 -41.25 -46.39
CA ASN QB 18 -2.91 -40.98 -47.74
CA ASN QB 18 -2.89 -40.98 -47.74
C ASN QB 18 -3.58 -42.18 -48.40
C ASN QB 18 -3.63 -42.17 -48.37
N VAL QB 19 -3.61 -43.34 -47.74
CA VAL QB 19 -4.25 -44.54 -48.28
C VAL QB 19 -4.98 -45.26 -47.16
N VAL QB 20 -5.71 -46.31 -47.54
CA VAL QB 20 -6.46 -47.10 -46.58
C VAL QB 20 -5.50 -47.86 -45.68
N THR QB 21 -5.85 -47.96 -44.40
CA THR QB 21 -5.05 -48.66 -43.41
C THR QB 21 -5.92 -49.67 -42.68
N MET QB 22 -5.33 -50.82 -42.38
CA MET QB 22 -6.08 -51.89 -41.75
CA MET QB 22 -6.06 -51.91 -41.75
C MET QB 22 -6.40 -51.57 -40.30
N ILE QB 23 -7.63 -51.85 -39.91
CA ILE QB 23 -8.08 -51.73 -38.52
C ILE QB 23 -8.09 -53.13 -37.93
N ARG QB 24 -7.37 -53.31 -36.83
CA ARG QB 24 -7.34 -54.61 -36.15
C ARG QB 24 -8.54 -54.70 -35.22
N ALA QB 25 -9.65 -55.21 -35.76
CA ALA QB 25 -10.89 -55.31 -35.03
C ALA QB 25 -10.92 -56.55 -34.15
N GLY QB 26 -11.71 -56.48 -33.08
CA GLY QB 26 -11.82 -57.60 -32.16
C GLY QB 26 -13.20 -58.23 -32.17
N SER QB 27 -13.75 -58.47 -30.99
CA SER QB 27 -15.06 -59.08 -30.88
CA SER QB 27 -15.06 -59.08 -30.89
C SER QB 27 -16.14 -58.13 -31.42
N TYR QB 28 -17.30 -58.69 -31.69
CA TYR QB 28 -18.41 -57.89 -32.19
C TYR QB 28 -18.91 -56.98 -31.06
N PRO QB 29 -19.00 -55.68 -31.29
CA PRO QB 29 -19.31 -54.74 -30.21
C PRO QB 29 -20.80 -54.67 -29.93
N LYS QB 30 -21.16 -53.88 -28.92
CA LYS QB 30 -22.55 -53.59 -28.64
C LYS QB 30 -23.04 -52.51 -29.58
N VAL QB 31 -24.13 -52.78 -30.29
CA VAL QB 31 -24.62 -51.88 -31.33
C VAL QB 31 -26.04 -51.45 -31.01
N ASN QB 32 -26.49 -50.41 -31.70
CA ASN QB 32 -27.83 -49.86 -31.58
C ASN QB 32 -28.18 -49.13 -32.86
N PRO QB 33 -29.15 -49.62 -33.64
CA PRO QB 33 -29.45 -48.99 -34.93
C PRO QB 33 -30.31 -47.74 -34.83
N THR QB 34 -30.99 -47.52 -33.71
CA THR QB 34 -31.87 -46.37 -33.52
C THR QB 34 -31.49 -45.65 -32.23
N PRO QB 35 -30.44 -44.85 -32.27
CA PRO QB 35 -29.97 -44.18 -31.05
C PRO QB 35 -30.77 -42.90 -30.78
N THR QB 36 -30.46 -42.28 -29.65
CA THR QB 36 -31.08 -41.01 -29.28
C THR QB 36 -30.44 -39.87 -30.07
N TRP QB 37 -30.95 -38.66 -29.86
CA TRP QB 37 -30.48 -37.50 -30.61
C TRP QB 37 -30.94 -36.23 -29.89
N VAL QB 38 -29.99 -35.39 -29.49
CA VAL QB 38 -30.30 -34.08 -28.94
C VAL QB 38 -30.35 -33.08 -30.08
N ARG QB 39 -31.42 -32.30 -30.13
CA ARG QB 39 -31.69 -31.42 -31.27
C ARG QB 39 -32.18 -30.07 -30.77
N ALA QB 40 -32.19 -29.10 -31.69
CA ALA QB 40 -32.82 -27.81 -31.49
C ALA QB 40 -33.78 -27.61 -32.66
N ILE QB 41 -35.06 -27.80 -32.41
CA ILE QB 41 -36.07 -27.88 -33.47
C ILE QB 41 -36.65 -26.50 -33.69
N PRO QB 42 -36.56 -25.94 -34.90
CA PRO QB 42 -37.24 -24.67 -35.17
C PRO QB 42 -38.53 -24.87 -35.96
N PHE QB 43 -39.61 -24.24 -35.51
CA PHE QB 43 -40.87 -24.27 -36.24
C PHE QB 43 -41.72 -23.09 -35.79
N GLU QB 44 -42.80 -22.84 -36.52
CA GLU QB 44 -43.66 -21.69 -36.29
C GLU QB 44 -45.11 -22.14 -36.08
N VAL QB 45 -45.85 -21.33 -35.33
CA VAL QB 45 -47.27 -21.58 -35.07
C VAL QB 45 -48.04 -20.29 -35.32
N SER QB 46 -49.30 -20.44 -35.71
CA SER QB 46 -50.18 -19.30 -35.95
C SER QB 46 -50.99 -19.00 -34.69
N VAL QB 47 -51.01 -17.72 -34.31
CA VAL QB 47 -51.64 -17.28 -33.07
C VAL QB 47 -52.68 -16.21 -33.39
N GLN QB 48 -53.81 -16.26 -32.71
CA GLN QB 48 -54.85 -15.25 -32.81
C GLN QB 48 -54.72 -14.25 -31.67
N SER QB 49 -55.26 -13.05 -31.90
CA SER QB 49 -55.17 -11.98 -30.92
CA SER QB 49 -55.17 -11.98 -30.92
CA SER QB 49 -55.17 -11.98 -30.92
C SER QB 49 -56.00 -12.32 -29.69
N GLY QB 50 -55.39 -12.22 -28.51
CA GLY QB 50 -56.07 -12.47 -27.26
C GLY QB 50 -56.36 -13.91 -26.94
N ILE QB 51 -55.99 -14.85 -27.81
CA ILE QB 51 -56.28 -16.27 -27.63
C ILE QB 51 -54.97 -17.01 -27.44
N ALA QB 52 -54.91 -17.86 -26.42
CA ALA QB 52 -53.73 -18.69 -26.21
C ALA QB 52 -53.76 -19.90 -27.12
N PHE QB 53 -52.59 -20.34 -27.54
CA PHE QB 53 -52.45 -21.50 -28.43
C PHE QB 53 -51.61 -22.56 -27.75
N LYS QB 54 -52.12 -23.79 -27.73
CA LYS QB 54 -51.43 -24.91 -27.12
C LYS QB 54 -50.53 -25.56 -28.17
N VAL QB 55 -49.22 -25.55 -27.92
CA VAL QB 55 -48.25 -26.10 -28.85
C VAL QB 55 -48.22 -27.62 -28.69
N PRO QB 56 -48.54 -28.38 -29.74
CA PRO QB 56 -48.53 -29.85 -29.62
C PRO QB 56 -47.13 -30.40 -29.78
N VAL QB 57 -46.82 -31.41 -28.95
CA VAL QB 57 -45.55 -32.12 -29.06
C VAL QB 57 -45.46 -32.85 -30.40
N GLY QB 58 -46.61 -33.18 -31.00
CA GLY QB 58 -46.60 -33.82 -32.32
C GLY QB 58 -45.96 -32.98 -33.40
N SER QB 59 -45.75 -31.69 -33.16
N SER QB 59 -45.76 -31.69 -33.16
CA SER QB 59 -45.07 -30.84 -34.13
CA SER QB 59 -45.07 -30.85 -34.13
C SER QB 59 -43.59 -31.16 -34.23
C SER QB 59 -43.60 -31.20 -34.25
N LEU QB 60 -43.02 -31.82 -33.23
CA LEU QB 60 -41.60 -32.16 -33.24
C LEU QB 60 -41.29 -33.42 -34.03
N PHE QB 61 -42.28 -34.23 -34.34
CA PHE QB 61 -42.07 -35.48 -35.09
C PHE QB 61 -42.47 -35.22 -36.54
N SER QB 62 -41.47 -35.08 -37.40
CA SER QB 62 -41.71 -34.81 -38.81
C SER QB 62 -40.48 -35.19 -39.62
N ALA QB 63 -40.71 -35.58 -40.88
CA ALA QB 63 -39.59 -35.88 -41.77
C ALA QB 63 -38.83 -34.61 -42.14
N ASN QB 64 -39.43 -33.43 -41.95
CA ASN QB 64 -38.71 -32.18 -42.16
C ASN QB 64 -37.63 -31.94 -41.11
N PHE QB 65 -37.64 -32.70 -40.02
CA PHE QB 65 -36.63 -32.58 -38.98
C PHE QB 65 -35.82 -33.86 -38.81
N ARG QB 66 -35.95 -34.81 -39.72
CA ARG QB 66 -35.33 -36.13 -39.62
C ARG QB 66 -35.75 -36.85 -38.34
N THR QB 67 -36.95 -36.58 -37.85
CA THR QB 67 -37.38 -37.12 -36.56
C THR QB 67 -38.71 -37.86 -36.62
N ASP QB 68 -39.20 -38.20 -37.82
CA ASP QB 68 -40.45 -38.93 -37.93
C ASP QB 68 -40.36 -40.35 -37.38
N SER QB 69 -39.15 -40.86 -37.16
CA SER QB 69 -38.96 -42.19 -36.62
C SER QB 69 -39.06 -42.24 -35.10
N PHE QB 70 -39.27 -41.10 -34.45
CA PHE QB 70 -39.39 -41.04 -33.00
C PHE QB 70 -40.85 -40.94 -32.59
N THR QB 71 -41.15 -41.49 -31.42
CA THR QB 71 -42.49 -41.39 -30.84
C THR QB 71 -42.51 -40.73 -29.48
N SER QB 72 -41.34 -40.49 -28.87
CA SER QB 72 -41.25 -39.80 -27.59
C SER QB 72 -40.09 -38.83 -27.64
N VAL QB 73 -40.12 -37.85 -26.75
CA VAL QB 73 -39.09 -36.81 -26.73
C VAL QB 73 -39.10 -36.15 -25.36
N THR QB 74 -37.91 -35.79 -24.88
CA THR QB 74 -37.74 -35.12 -23.60
C THR QB 74 -37.39 -33.66 -23.86
N VAL QB 75 -38.31 -32.77 -23.54
CA VAL QB 75 -38.10 -31.34 -23.75
C VAL QB 75 -37.30 -30.77 -22.58
N MET QB 76 -36.25 -30.02 -22.89
CA MET QB 76 -35.39 -29.42 -21.88
C MET QB 76 -35.64 -27.92 -21.71
N SER QB 77 -35.74 -27.18 -22.83
CA SER QB 77 -35.99 -25.75 -22.76
C SER QB 77 -36.75 -25.33 -24.01
N VAL QB 78 -37.48 -24.21 -23.89
CA VAL QB 78 -38.30 -23.67 -24.97
C VAL QB 78 -37.99 -22.19 -25.10
N ARG QB 79 -37.81 -21.73 -26.34
CA ARG QB 79 -37.57 -20.33 -26.64
CA ARG QB 79 -37.57 -20.33 -26.64
C ARG QB 79 -38.51 -19.89 -27.76
N ALA QB 80 -39.01 -18.66 -27.67
CA ALA QB 80 -39.98 -18.15 -28.62
C ALA QB 80 -39.61 -16.76 -29.10
N TRP QB 81 -39.94 -16.49 -30.36
CA TRP QB 81 -39.79 -15.17 -30.97
C TRP QB 81 -41.04 -14.83 -31.76
N THR QB 82 -41.36 -13.55 -31.82
CA THR QB 82 -42.42 -13.09 -32.70
C THR QB 82 -41.96 -13.17 -34.14
N GLN QB 83 -42.79 -13.75 -35.00
CA GLN QB 83 -42.40 -14.01 -36.38
C GLN QB 83 -42.86 -12.95 -37.37
N LEU QB 84 -43.98 -12.28 -37.09
CA LEU QB 84 -44.50 -11.24 -37.97
C LEU QB 84 -44.45 -9.89 -37.25
N THR QB 85 -44.93 -8.85 -37.92
CA THR QB 85 -44.94 -7.53 -37.36
C THR QB 85 -46.11 -7.34 -36.41
N PRO QB 86 -45.94 -6.53 -35.37
CA PRO QB 86 -47.04 -6.25 -34.44
C PRO QB 86 -48.07 -5.34 -35.09
N PRO QB 87 -49.23 -5.15 -34.45
CA PRO QB 87 -50.19 -4.17 -34.96
C PRO QB 87 -49.60 -2.76 -34.89
N VAL QB 88 -50.30 -1.83 -35.54
CA VAL QB 88 -49.80 -0.45 -35.62
C VAL QB 88 -49.77 0.15 -34.22
N ASN QB 89 -48.75 0.97 -33.97
CA ASN QB 89 -48.58 1.69 -32.70
C ASN QB 89 -48.06 0.79 -31.58
N GLU QB 90 -48.06 -0.53 -31.79
CA GLU QB 90 -47.73 -1.47 -30.73
C GLU QB 90 -46.33 -2.03 -30.91
N TYR QB 91 -45.75 -2.47 -29.81
CA TYR QB 91 -44.53 -3.26 -29.80
C TYR QB 91 -44.87 -4.74 -29.69
N SER QB 92 -43.99 -5.58 -30.22
CA SER QB 92 -44.22 -7.02 -30.16
C SER QB 92 -44.02 -7.55 -28.75
N PHE QB 93 -44.83 -8.53 -28.38
CA PHE QB 93 -44.65 -9.24 -27.12
C PHE QB 93 -45.06 -10.70 -27.33
N VAL QB 94 -44.60 -11.56 -26.42
CA VAL QB 94 -44.91 -12.99 -26.48
C VAL QB 94 -44.83 -13.56 -25.08
N ARG QB 95 -45.83 -14.34 -24.71
CA ARG QB 95 -45.91 -14.96 -23.39
C ARG QB 95 -45.85 -16.48 -23.51
N LEU QB 96 -45.23 -17.12 -22.53
CA LEU QB 96 -45.13 -18.57 -22.47
C LEU QB 96 -45.65 -19.07 -21.14
N LYS QB 97 -46.55 -20.04 -21.18
CA LYS QB 97 -47.05 -20.71 -19.98
C LYS QB 97 -46.72 -22.19 -20.08
N PRO QB 98 -45.73 -22.68 -19.34
CA PRO QB 98 -45.35 -24.10 -19.45
C PRO QB 98 -46.50 -25.03 -19.12
N LEU QB 99 -46.54 -26.16 -19.82
CA LEU QB 99 -47.55 -27.19 -19.60
C LEU QB 99 -46.87 -28.52 -19.29
N PHE QB 100 -47.51 -29.30 -18.42
CA PHE QB 100 -46.97 -30.59 -18.01
C PHE QB 100 -48.13 -31.57 -17.80
N LYS QB 101 -47.84 -32.85 -18.04
CA LYS QB 101 -48.86 -33.88 -17.82
C LYS QB 101 -49.18 -34.05 -16.34
N THR QB 102 -48.18 -33.86 -15.47
CA THR QB 102 -48.39 -33.99 -14.03
C THR QB 102 -49.08 -32.78 -13.41
N GLY QB 103 -49.22 -31.68 -14.15
CA GLY QB 103 -49.83 -30.48 -13.63
C GLY QB 103 -49.36 -29.23 -14.33
N ASP QB 104 -50.29 -28.50 -14.96
CA ASP QB 104 -49.91 -27.31 -15.70
C ASP QB 104 -49.46 -26.21 -14.76
N SER QB 105 -48.62 -25.32 -15.28
CA SER QB 105 -48.12 -24.17 -14.54
CA SER QB 105 -48.13 -24.17 -14.52
C SER QB 105 -48.94 -22.94 -14.86
N THR QB 106 -48.88 -21.96 -13.96
CA THR QB 106 -49.56 -20.68 -14.15
C THR QB 106 -48.60 -19.54 -14.40
N GLU QB 107 -47.32 -19.83 -14.62
CA GLU QB 107 -46.35 -18.79 -14.94
C GLU QB 107 -46.61 -18.26 -16.34
N GLU QB 108 -46.41 -16.94 -16.51
CA GLU QB 108 -46.56 -16.28 -17.80
C GLU QB 108 -45.27 -15.51 -18.12
N PHE QB 109 -44.23 -16.26 -18.49
CA PHE QB 109 -42.98 -15.64 -18.89
C PHE QB 109 -43.18 -14.80 -20.14
N GLU QB 110 -42.90 -13.51 -20.04
CA GLU QB 110 -43.23 -12.55 -21.09
C GLU QB 110 -42.01 -11.72 -21.44
N GLY QB 111 -41.82 -11.51 -22.74
CA GLY QB 111 -40.78 -10.62 -23.22
C GLY QB 111 -41.35 -9.67 -24.25
N ARG QB 112 -40.95 -8.40 -24.15
CA ARG QB 112 -41.46 -7.36 -25.03
C ARG QB 112 -40.34 -6.74 -25.84
N ALA QB 113 -40.70 -6.23 -27.01
CA ALA QB 113 -39.74 -5.57 -27.88
C ALA QB 113 -39.57 -4.11 -27.46
N SER QB 114 -38.33 -3.64 -27.49
CA SER QB 114 -38.05 -2.24 -27.24
C SER QB 114 -38.03 -1.41 -28.52
N ASN QB 115 -38.00 -2.05 -29.68
CA ASN QB 115 -38.13 -1.38 -30.97
C ASN QB 115 -39.28 -2.03 -31.73
N ILE QB 116 -40.14 -1.21 -32.33
CA ILE QB 116 -41.32 -1.72 -33.01
C ILE QB 116 -40.96 -2.61 -34.20
N ASN QB 117 -39.75 -2.47 -34.73
CA ASN QB 117 -39.31 -3.26 -35.86
C ASN QB 117 -38.51 -4.49 -35.47
N THR QB 118 -38.37 -4.76 -34.17
CA THR QB 118 -37.56 -5.86 -33.68
CA THR QB 118 -37.57 -5.87 -33.69
C THR QB 118 -38.46 -6.92 -33.03
N ARG QB 119 -38.00 -8.17 -33.08
CA ARG QB 119 -38.72 -9.27 -32.47
C ARG QB 119 -38.69 -9.19 -30.95
N ALA QB 120 -39.74 -9.72 -30.33
CA ALA QB 120 -39.76 -9.94 -28.88
C ALA QB 120 -39.47 -11.41 -28.61
N SER QB 121 -38.69 -11.67 -27.57
CA SER QB 121 -38.25 -13.02 -27.27
C SER QB 121 -38.37 -13.31 -25.78
N VAL QB 122 -38.60 -14.58 -25.47
CA VAL QB 122 -38.62 -15.06 -24.09
C VAL QB 122 -38.55 -16.58 -24.13
N GLY QB 123 -38.17 -17.17 -23.00
CA GLY QB 123 -38.09 -18.62 -22.93
C GLY QB 123 -38.02 -19.08 -21.48
N TYR QB 124 -38.06 -20.40 -21.31
CA TYR QB 124 -37.99 -20.97 -19.98
C TYR QB 124 -37.27 -22.31 -20.03
N ARG QB 125 -36.76 -22.73 -18.88
CA ARG QB 125 -36.04 -23.98 -18.72
C ARG QB 125 -36.89 -24.97 -17.92
N ILE QB 126 -36.93 -26.22 -18.38
CA ILE QB 126 -37.64 -27.29 -17.68
C ILE QB 126 -36.65 -27.97 -16.74
N PRO QB 127 -36.89 -27.98 -15.43
CA PRO QB 127 -35.94 -28.58 -14.50
C PRO QB 127 -35.82 -30.08 -14.71
N THR QB 128 -34.79 -30.66 -14.09
CA THR QB 128 -34.54 -32.09 -14.26
CA THR QB 128 -34.54 -32.08 -14.27
C THR QB 128 -35.68 -32.93 -13.72
N ASN QB 129 -36.33 -32.47 -12.65
CA ASN QB 129 -37.41 -33.25 -12.04
C ASN QB 129 -38.66 -33.30 -12.91
N LEU QB 130 -38.77 -32.47 -13.94
CA LEU QB 130 -39.92 -32.45 -14.82
C LEU QB 130 -39.60 -32.89 -16.24
N ARG QB 131 -38.44 -33.51 -16.46
CA ARG QB 131 -38.00 -33.91 -17.79
C ARG QB 131 -38.36 -35.37 -18.01
N GLN QB 132 -39.65 -35.61 -18.24
CA GLN QB 132 -40.12 -36.93 -18.62
C GLN QB 132 -40.40 -36.94 -20.13
N ASN QB 133 -40.82 -38.11 -20.63
CA ASN QB 133 -41.15 -38.20 -22.04
C ASN QB 133 -42.52 -37.58 -22.31
N THR QB 134 -42.71 -37.18 -23.57
CA THR QB 134 -43.99 -36.70 -24.06
C THR QB 134 -44.22 -37.26 -25.46
N VAL QB 135 -45.48 -37.54 -25.78
CA VAL QB 135 -45.83 -38.09 -27.07
C VAL QB 135 -46.55 -37.03 -27.89
N ALA QB 136 -47.02 -37.40 -29.09
CA ALA QB 136 -47.60 -36.43 -30.00
C ALA QB 136 -48.86 -35.79 -29.43
N ALA QB 137 -49.62 -36.53 -28.62
CA ALA QB 137 -50.87 -36.01 -28.10
C ALA QB 137 -50.67 -34.93 -27.06
N ASP QB 138 -49.51 -34.89 -26.39
CA ASP QB 138 -49.29 -33.95 -25.31
C ASP QB 138 -49.00 -32.55 -25.85
N ASN QB 139 -49.04 -31.58 -24.95
CA ASN QB 139 -48.77 -30.18 -25.28
C ASN QB 139 -47.54 -29.70 -24.53
N VAL QB 140 -46.88 -28.70 -25.11
CA VAL QB 140 -45.64 -28.15 -24.55
C VAL QB 140 -45.95 -26.97 -23.65
N CYS QB 141 -46.63 -25.97 -24.19
CA CYS QB 141 -46.91 -24.74 -23.45
C CYS QB 141 -48.00 -23.98 -24.18
N GLU QB 142 -48.44 -22.89 -23.57
CA GLU QB 142 -49.34 -21.93 -24.20
C GLU QB 142 -48.55 -20.71 -24.65
N VAL QB 143 -48.97 -20.13 -25.77
CA VAL QB 143 -48.30 -18.99 -26.38
CA VAL QB 143 -48.30 -18.99 -26.37
C VAL QB 143 -49.33 -17.89 -26.62
N ARG QB 144 -49.00 -16.67 -26.18
CA ARG QB 144 -49.85 -15.50 -26.37
C ARG QB 144 -49.00 -14.39 -26.97
N SER QB 145 -49.49 -13.74 -28.03
CA SER QB 145 -48.73 -12.69 -28.68
C SER QB 145 -49.67 -11.78 -29.45
N ASN QB 146 -49.24 -10.54 -29.64
CA ASN QB 146 -49.96 -9.61 -30.49
C ASN QB 146 -49.61 -9.76 -31.96
N CYS QB 147 -48.58 -10.53 -32.27
CA CYS QB 147 -48.22 -10.87 -33.64
C CYS QB 147 -48.92 -12.15 -34.05
N ARG QB 148 -49.22 -12.26 -35.34
CA ARG QB 148 -50.03 -13.37 -35.83
C ARG QB 148 -49.25 -14.69 -35.92
N GLN QB 149 -47.94 -14.67 -35.75
CA GLN QB 149 -47.12 -15.88 -35.84
CA GLN QB 149 -47.12 -15.87 -35.84
C GLN QB 149 -46.02 -15.81 -34.80
N VAL QB 150 -45.61 -16.98 -34.32
CA VAL QB 150 -44.57 -17.10 -33.30
C VAL QB 150 -43.58 -18.18 -33.74
N ALA QB 151 -42.29 -17.85 -33.71
CA ALA QB 151 -41.25 -18.81 -34.05
C ALA QB 151 -40.73 -19.46 -32.78
N LEU QB 152 -40.70 -20.79 -32.76
CA LEU QB 152 -40.27 -21.56 -31.61
C LEU QB 152 -38.97 -22.29 -31.92
N VAL QB 153 -38.09 -22.36 -30.93
CA VAL QB 153 -36.87 -23.15 -31.00
C VAL QB 153 -36.80 -23.97 -29.71
N ILE QB 154 -37.03 -25.27 -29.82
CA ILE QB 154 -37.20 -26.15 -28.67
C ILE QB 154 -35.97 -27.04 -28.57
N SER QB 155 -35.30 -27.01 -27.42
CA SER QB 155 -34.18 -27.88 -27.13
CA SER QB 155 -34.18 -27.88 -27.13
C SER QB 155 -34.70 -29.16 -26.47
N CYS QB 156 -34.50 -30.29 -27.13
CA CYS QB 156 -35.06 -31.55 -26.62
C CYS QB 156 -34.17 -32.70 -27.03
N CYS QB 157 -34.45 -33.87 -26.44
N CYS QB 157 -34.45 -33.87 -26.45
CA CYS QB 157 -33.75 -35.11 -26.72
CA CYS QB 157 -33.72 -35.10 -26.75
C CYS QB 157 -34.74 -36.12 -27.27
C CYS QB 157 -34.71 -36.14 -27.25
N PHE QB 158 -34.54 -36.55 -28.51
CA PHE QB 158 -35.43 -37.54 -29.11
C PHE QB 158 -34.99 -38.95 -28.70
N ASN QB 159 -35.94 -39.76 -28.27
CA ASN QB 159 -35.65 -41.14 -27.89
C ASN QB 159 -36.81 -42.06 -28.22
N ASN RB 16 15.45 5.63 -45.29
CA ASN RB 16 15.60 4.53 -46.24
C ASN RB 16 16.29 5.04 -47.52
N SER RB 17 16.65 4.11 -48.40
CA SER RB 17 17.40 4.45 -49.61
C SER RB 17 16.60 5.41 -50.48
N ASN RB 18 17.32 6.31 -51.16
CA ASN RB 18 16.71 7.35 -51.97
C ASN RB 18 17.03 7.23 -53.46
N VAL RB 19 17.79 6.22 -53.86
CA VAL RB 19 18.06 5.95 -55.28
C VAL RB 19 18.07 4.44 -55.50
N VAL RB 20 18.20 4.07 -56.77
CA VAL RB 20 18.27 2.66 -57.14
C VAL RB 20 19.58 2.06 -56.65
N THR RB 21 19.54 0.78 -56.32
CA THR RB 21 20.72 0.06 -55.86
C THR RB 21 20.82 -1.27 -56.58
N MET RB 22 22.05 -1.73 -56.77
CA MET RB 22 22.29 -2.93 -57.55
CA MET RB 22 22.31 -2.93 -57.54
C MET RB 22 21.90 -4.18 -56.77
N ILE RB 23 21.29 -5.13 -57.47
CA ILE RB 23 20.91 -6.42 -56.91
C ILE RB 23 21.83 -7.48 -57.52
N ARG RB 24 22.50 -8.25 -56.66
CA ARG RB 24 23.45 -9.26 -57.11
C ARG RB 24 22.70 -10.57 -57.31
N ALA RB 25 21.95 -10.64 -58.42
CA ALA RB 25 21.19 -11.82 -58.74
C ALA RB 25 22.09 -12.92 -59.30
N GLY RB 26 21.71 -14.17 -59.05
CA GLY RB 26 22.50 -15.30 -59.47
C GLY RB 26 21.89 -16.09 -60.60
N SER RB 27 21.57 -17.36 -60.34
CA SER RB 27 20.99 -18.21 -61.37
CA SER RB 27 20.99 -18.21 -61.37
C SER RB 27 19.53 -17.86 -61.59
N TYR RB 28 19.01 -18.30 -62.74
CA TYR RB 28 17.62 -18.03 -63.08
C TYR RB 28 16.71 -18.87 -62.19
N PRO RB 29 15.71 -18.26 -61.56
CA PRO RB 29 14.88 -19.00 -60.59
C PRO RB 29 13.72 -19.75 -61.22
N LYS RB 30 12.99 -20.50 -60.40
CA LYS RB 30 11.78 -21.17 -60.84
C LYS RB 30 10.64 -20.17 -60.92
N VAL RB 31 9.96 -20.13 -62.07
CA VAL RB 31 8.97 -19.10 -62.35
C VAL RB 31 7.61 -19.76 -62.59
N ASN RB 32 6.58 -18.91 -62.57
CA ASN RB 32 5.20 -19.32 -62.85
C ASN RB 32 4.41 -18.10 -63.28
N PRO RB 33 4.11 -17.95 -64.57
CA PRO RB 33 3.40 -16.76 -65.04
C PRO RB 33 1.91 -16.75 -64.70
N THR RB 34 1.34 -17.87 -64.30
CA THR RB 34 -0.09 -18.00 -64.03
C THR RB 34 -0.29 -18.69 -62.69
N PRO RB 35 -0.07 -17.98 -61.58
CA PRO RB 35 -0.12 -18.64 -60.27
C PRO RB 35 -1.52 -18.71 -59.68
N THR RB 36 -1.61 -19.19 -58.44
CA THR RB 36 -2.88 -19.35 -57.75
C THR RB 36 -3.26 -18.04 -57.05
N TRP RB 37 -4.44 -18.05 -56.41
CA TRP RB 37 -4.99 -16.83 -55.83
C TRP RB 37 -6.16 -17.13 -54.91
N VAL RB 38 -6.01 -16.85 -53.61
CA VAL RB 38 -7.10 -16.98 -52.66
C VAL RB 38 -7.90 -15.68 -52.66
N ARG RB 39 -9.21 -15.79 -52.80
CA ARG RB 39 -10.07 -14.62 -52.98
C ARG RB 39 -11.41 -14.84 -52.29
N ALA RB 40 -12.11 -13.74 -52.06
CA ALA RB 40 -13.52 -13.75 -51.69
C ALA RB 40 -14.28 -12.96 -52.73
N ILE RB 41 -15.21 -13.62 -53.41
CA ILE RB 41 -15.87 -13.06 -54.59
C ILE RB 41 -17.27 -12.61 -54.18
N PRO RB 42 -17.58 -11.32 -54.23
CA PRO RB 42 -18.96 -10.88 -53.93
C PRO RB 42 -19.80 -10.74 -55.19
N PHE RB 43 -20.97 -11.36 -55.20
CA PHE RB 43 -21.90 -11.24 -56.31
C PHE RB 43 -23.30 -11.54 -55.82
N GLU RB 44 -24.29 -11.18 -56.63
CA GLU RB 44 -25.69 -11.34 -56.29
C GLU RB 44 -26.38 -12.29 -57.26
N VAL RB 45 -27.39 -12.99 -56.75
CA VAL RB 45 -28.22 -13.86 -57.58
C VAL RB 45 -29.67 -13.46 -57.38
N SER RB 46 -30.48 -13.70 -58.42
CA SER RB 46 -31.91 -13.42 -58.36
C SER RB 46 -32.65 -14.69 -57.97
N VAL RB 47 -33.49 -14.59 -56.94
N VAL RB 47 -33.48 -14.59 -56.93
CA VAL RB 47 -34.21 -15.72 -56.39
CA VAL RB 47 -34.22 -15.74 -56.43
C VAL RB 47 -35.70 -15.41 -56.39
C VAL RB 47 -35.70 -15.41 -56.43
N GLN RB 48 -36.52 -16.44 -56.59
CA GLN RB 48 -37.97 -16.33 -56.58
C GLN RB 48 -38.52 -16.87 -55.28
N SER RB 49 -39.76 -16.49 -54.97
CA SER RB 49 -40.41 -16.92 -53.75
CA SER RB 49 -40.41 -16.92 -53.75
CA SER RB 49 -40.41 -16.92 -53.75
C SER RB 49 -40.74 -18.40 -53.82
N GLY RB 50 -40.22 -19.18 -52.86
CA GLY RB 50 -40.49 -20.59 -52.77
C GLY RB 50 -39.73 -21.48 -53.75
N ILE RB 51 -38.85 -20.91 -54.58
CA ILE RB 51 -38.11 -21.66 -55.58
C ILE RB 51 -36.63 -21.58 -55.23
N ALA RB 52 -36.01 -22.74 -55.05
CA ALA RB 52 -34.59 -22.80 -54.77
C ALA RB 52 -33.78 -22.51 -56.03
N PHE RB 53 -32.79 -21.64 -55.90
CA PHE RB 53 -31.94 -21.23 -57.02
C PHE RB 53 -30.59 -21.91 -56.89
N LYS RB 54 -30.19 -22.64 -57.93
CA LYS RB 54 -28.89 -23.31 -57.95
C LYS RB 54 -27.84 -22.30 -58.42
N VAL RB 55 -26.92 -21.96 -57.52
CA VAL RB 55 -25.87 -21.00 -57.82
C VAL RB 55 -24.75 -21.69 -58.60
N PRO RB 56 -24.48 -21.28 -59.84
N PRO RB 56 -24.49 -21.30 -59.84
CA PRO RB 56 -23.45 -21.96 -60.62
CA PRO RB 56 -23.45 -21.96 -60.62
C PRO RB 56 -22.05 -21.50 -60.25
C PRO RB 56 -22.05 -21.51 -60.22
N VAL RB 57 -21.09 -22.40 -60.43
CA VAL RB 57 -19.69 -22.08 -60.15
C VAL RB 57 -19.16 -21.11 -61.20
N GLY RB 58 -19.72 -21.13 -62.40
CA GLY RB 58 -19.33 -20.22 -63.47
C GLY RB 58 -19.48 -18.75 -63.12
N SER RB 59 -20.21 -18.43 -62.05
N SER RB 59 -20.21 -18.43 -62.05
CA SER RB 59 -20.34 -17.04 -61.63
CA SER RB 59 -20.33 -17.04 -61.63
C SER RB 59 -19.03 -16.48 -61.07
C SER RB 59 -19.03 -16.48 -61.09
N LEU RB 60 -18.10 -17.35 -60.70
CA LEU RB 60 -16.82 -16.92 -60.12
C LEU RB 60 -15.77 -16.59 -61.16
N PHE RB 61 -15.94 -17.03 -62.41
CA PHE RB 61 -14.97 -16.75 -63.47
C PHE RB 61 -15.50 -15.59 -64.29
N SER RB 62 -14.87 -14.42 -64.14
CA SER RB 62 -15.32 -13.22 -64.85
C SER RB 62 -14.20 -12.19 -64.83
N ALA RB 63 -14.28 -11.28 -65.80
CA ALA RB 63 -13.35 -10.14 -65.82
C ALA RB 63 -13.68 -9.13 -64.74
N ASN RB 64 -14.91 -9.16 -64.19
CA ASN RB 64 -15.26 -8.26 -63.10
C ASN RB 64 -14.53 -8.60 -61.82
N PHE RB 65 -13.95 -9.80 -61.73
CA PHE RB 65 -13.22 -10.24 -60.54
C PHE RB 65 -11.74 -10.47 -60.82
N ARG RB 66 -11.26 -10.11 -62.01
CA ARG RB 66 -9.90 -10.45 -62.45
C ARG RB 66 -9.67 -11.97 -62.45
N THR RB 67 -10.73 -12.74 -62.72
CA THR RB 67 -10.66 -14.20 -62.64
C THR RB 67 -11.05 -14.88 -63.95
N ASP RB 68 -11.05 -14.14 -65.06
CA ASP RB 68 -11.44 -14.71 -66.33
C ASP RB 68 -10.38 -15.66 -66.90
N SER RB 69 -9.22 -15.76 -66.25
CA SER RB 69 -8.15 -16.63 -66.73
C SER RB 69 -8.18 -18.02 -66.13
N PHE RB 70 -9.00 -18.25 -65.11
CA PHE RB 70 -9.05 -19.55 -64.45
C PHE RB 70 -10.17 -20.41 -65.02
N THR RB 71 -9.95 -21.73 -64.97
CA THR RB 71 -10.96 -22.70 -65.37
C THR RB 71 -11.43 -23.59 -64.24
N SER RB 72 -10.80 -23.51 -63.07
CA SER RB 72 -11.21 -24.28 -61.90
C SER RB 72 -11.04 -23.44 -60.66
N VAL RB 73 -11.72 -23.83 -59.58
CA VAL RB 73 -11.67 -23.07 -58.34
C VAL RB 73 -12.01 -24.03 -57.19
N THR RB 74 -11.43 -23.76 -56.02
CA THR RB 74 -11.64 -24.56 -54.83
C THR RB 74 -12.34 -23.71 -53.79
N VAL RB 75 -13.62 -24.01 -53.54
CA VAL RB 75 -14.43 -23.24 -52.59
C VAL RB 75 -14.09 -23.67 -51.18
N MET RB 76 -13.98 -22.71 -50.27
CA MET RB 76 -13.68 -22.95 -48.87
C MET RB 76 -14.82 -22.61 -47.92
N SER RB 77 -15.56 -21.54 -48.20
CA SER RB 77 -16.70 -21.17 -47.37
C SER RB 77 -17.64 -20.30 -48.19
N VAL RB 78 -18.93 -20.39 -47.88
CA VAL RB 78 -19.96 -19.66 -48.59
C VAL RB 78 -20.82 -18.92 -47.57
N ARG RB 79 -20.89 -17.60 -47.68
CA ARG RB 79 -21.71 -16.76 -46.82
CA ARG RB 79 -21.70 -16.75 -46.82
C ARG RB 79 -22.74 -16.03 -47.66
N ALA RB 80 -23.95 -15.89 -47.11
CA ALA RB 80 -25.05 -15.27 -47.83
C ALA RB 80 -25.64 -14.12 -47.02
N TRP RB 81 -26.23 -13.16 -47.74
CA TRP RB 81 -26.97 -12.05 -47.17
C TRP RB 81 -28.16 -11.74 -48.05
N THR RB 82 -29.28 -11.41 -47.43
CA THR RB 82 -30.43 -10.92 -48.20
C THR RB 82 -30.12 -9.51 -48.72
N GLN RB 83 -30.33 -9.32 -50.03
CA GLN RB 83 -29.94 -8.08 -50.69
C GLN RB 83 -31.06 -7.07 -50.80
N LEU RB 84 -32.31 -7.51 -50.84
CA LEU RB 84 -33.46 -6.63 -50.91
C LEU RB 84 -34.33 -6.79 -49.67
N THR RB 85 -35.35 -5.95 -49.58
CA THR RB 85 -36.24 -5.97 -48.42
C THR RB 85 -37.22 -7.12 -48.51
N PRO RB 86 -37.60 -7.70 -47.37
CA PRO RB 86 -38.55 -8.82 -47.38
C PRO RB 86 -39.95 -8.32 -47.68
N PRO RB 87 -40.91 -9.22 -47.88
CA PRO RB 87 -42.30 -8.78 -48.06
C PRO RB 87 -42.83 -8.10 -46.81
N VAL RB 88 -44.01 -7.47 -46.98
CA VAL RB 88 -44.61 -6.74 -45.87
C VAL RB 88 -44.95 -7.70 -44.75
N ASN RB 89 -44.76 -7.25 -43.50
CA ASN RB 89 -45.06 -7.94 -42.25
C ASN RB 89 -44.10 -9.07 -41.95
N GLU RB 90 -43.04 -9.27 -42.73
CA GLU RB 90 -42.14 -10.40 -42.54
C GLU RB 90 -40.72 -9.93 -42.28
N TYR RB 91 -39.95 -10.80 -41.63
CA TYR RB 91 -38.52 -10.60 -41.43
C TYR RB 91 -37.75 -11.37 -42.51
N SER RB 92 -36.55 -10.88 -42.82
CA SER RB 92 -35.73 -11.50 -43.85
C SER RB 92 -35.22 -12.86 -43.39
N PHE RB 93 -35.03 -13.77 -44.35
CA PHE RB 93 -34.39 -15.05 -44.08
C PHE RB 93 -33.71 -15.54 -45.34
N VAL RB 94 -32.75 -16.45 -45.17
CA VAL RB 94 -32.02 -17.03 -46.28
C VAL RB 94 -31.54 -18.42 -45.85
N ARG RB 95 -31.68 -19.39 -46.75
CA ARG RB 95 -31.23 -20.76 -46.51
C ARG RB 95 -30.18 -21.16 -47.54
N LEU RB 96 -29.23 -21.98 -47.12
CA LEU RB 96 -28.12 -22.42 -47.97
C LEU RB 96 -28.00 -23.93 -47.89
N LYS RB 97 -28.26 -24.61 -49.00
CA LYS RB 97 -28.12 -26.06 -49.09
C LYS RB 97 -26.90 -26.40 -49.93
N PRO RB 98 -25.81 -26.89 -49.34
CA PRO RB 98 -24.61 -27.18 -50.12
C PRO RB 98 -24.85 -28.26 -51.15
N LEU RB 99 -24.13 -28.13 -52.28
CA LEU RB 99 -24.17 -29.11 -53.35
C LEU RB 99 -22.75 -29.58 -53.67
N PHE RB 100 -22.61 -30.87 -53.99
CA PHE RB 100 -21.31 -31.45 -54.31
C PHE RB 100 -21.47 -32.43 -55.46
N LYS RB 101 -20.39 -32.60 -56.22
CA LYS RB 101 -20.43 -33.53 -57.36
CA LYS RB 101 -20.42 -33.53 -57.35
C LYS RB 101 -20.52 -34.98 -56.88
N THR RB 102 -19.82 -35.32 -55.80
CA THR RB 102 -19.88 -36.67 -55.27
C THR RB 102 -21.18 -36.96 -54.54
N GLY RB 103 -22.04 -35.96 -54.33
CA GLY RB 103 -23.28 -36.15 -53.63
C GLY RB 103 -23.74 -34.90 -52.91
N ASP RB 104 -24.95 -34.44 -53.22
CA ASP RB 104 -25.49 -33.25 -52.59
C ASP RB 104 -25.86 -33.52 -51.14
N SER RB 105 -25.89 -32.46 -50.35
CA SER RB 105 -26.27 -32.54 -48.95
CA SER RB 105 -26.28 -32.55 -48.95
C SER RB 105 -27.75 -32.22 -48.77
N THR RB 106 -28.24 -32.44 -47.55
CA THR RB 106 -29.62 -32.14 -47.20
C THR RB 106 -29.73 -31.12 -46.07
N GLU RB 107 -28.62 -30.51 -45.67
CA GLU RB 107 -28.67 -29.47 -44.65
C GLU RB 107 -29.26 -28.19 -45.22
N GLU RB 108 -30.01 -27.48 -44.39
CA GLU RB 108 -30.60 -26.20 -44.76
C GLU RB 108 -30.18 -25.16 -43.74
N PHE RB 109 -28.92 -24.73 -43.82
CA PHE RB 109 -28.43 -23.70 -42.91
C PHE RB 109 -29.20 -22.41 -43.12
N GLU RB 110 -29.89 -21.97 -42.08
CA GLU RB 110 -30.85 -20.86 -42.19
C GLU RB 110 -30.53 -19.78 -41.17
N GLY RB 111 -30.55 -18.54 -41.62
CA GLY RB 111 -30.44 -17.40 -40.73
C GLY RB 111 -31.56 -16.42 -40.98
N ARG RB 112 -32.06 -15.84 -39.91
CA ARG RB 112 -33.18 -14.90 -39.98
C ARG RB 112 -32.80 -13.58 -39.33
N ALA RB 113 -33.35 -12.50 -39.86
CA ALA RB 113 -33.14 -11.18 -39.28
C ALA RB 113 -34.08 -10.95 -38.11
N SER RB 114 -33.56 -10.31 -37.07
CA SER RB 114 -34.38 -9.96 -35.91
C SER RB 114 -34.96 -8.56 -36.02
N ASN RB 115 -34.58 -7.79 -37.02
CA ASN RB 115 -35.15 -6.50 -37.32
C ASN RB 115 -35.58 -6.51 -38.78
N ILE RB 116 -36.83 -6.08 -39.03
CA ILE RB 116 -37.37 -6.10 -40.39
C ILE RB 116 -36.53 -5.29 -41.36
N ASN RB 117 -35.80 -4.30 -40.87
CA ASN RB 117 -34.99 -3.44 -41.72
C ASN RB 117 -33.54 -3.89 -41.83
N THR RB 118 -33.21 -5.07 -41.31
CA THR RB 118 -31.84 -5.57 -41.29
CA THR RB 118 -31.84 -5.57 -41.30
C THR RB 118 -31.72 -6.82 -42.16
N ARG RB 119 -30.52 -7.04 -42.67
CA ARG RB 119 -30.23 -8.20 -43.50
C ARG RB 119 -30.25 -9.49 -42.67
N ALA RB 120 -30.65 -10.58 -43.32
CA ALA RB 120 -30.54 -11.92 -42.77
C ALA RB 120 -29.34 -12.61 -43.41
N SER RB 121 -28.50 -13.22 -42.59
CA SER RB 121 -27.26 -13.80 -43.06
C SER RB 121 -27.08 -15.20 -42.50
N VAL RB 122 -26.36 -16.03 -43.26
CA VAL RB 122 -25.99 -17.37 -42.81
C VAL RB 122 -24.87 -17.84 -43.71
N GLY RB 123 -24.11 -18.83 -43.24
CA GLY RB 123 -23.02 -19.37 -44.04
C GLY RB 123 -22.66 -20.78 -43.61
N TYR RB 124 -21.81 -21.40 -44.42
CA TYR RB 124 -21.32 -22.73 -44.10
C TYR RB 124 -19.89 -22.88 -44.60
N ARG RB 125 -19.14 -23.75 -43.94
CA ARG RB 125 -17.75 -24.03 -44.28
C ARG RB 125 -17.65 -25.42 -44.88
N ILE RB 126 -16.83 -25.56 -45.92
CA ILE RB 126 -16.59 -26.84 -46.57
C ILE RB 126 -15.37 -27.49 -45.93
N PRO RB 127 -15.46 -28.72 -45.44
CA PRO RB 127 -14.31 -29.35 -44.80
C PRO RB 127 -13.24 -29.72 -45.80
N THR RB 128 -12.07 -30.11 -45.26
CA THR RB 128 -10.92 -30.37 -46.10
C THR RB 128 -11.17 -31.55 -47.04
N ASN RB 129 -11.88 -32.56 -46.57
CA ASN RB 129 -12.12 -33.76 -47.37
C ASN RB 129 -13.04 -33.53 -48.56
N LEU RB 130 -13.65 -32.35 -48.67
CA LEU RB 130 -14.54 -32.04 -49.79
C LEU RB 130 -14.06 -30.85 -50.60
N ARG RB 131 -12.82 -30.39 -50.39
CA ARG RB 131 -12.31 -29.21 -51.09
C ARG RB 131 -11.59 -29.62 -52.36
N GLN RB 132 -12.37 -30.13 -53.31
CA GLN RB 132 -11.87 -30.42 -54.65
C GLN RB 132 -12.17 -29.25 -55.57
N ASN RB 133 -11.75 -29.38 -56.83
CA ASN RB 133 -12.01 -28.34 -57.81
C ASN RB 133 -13.43 -28.44 -58.34
N THR RB 134 -13.96 -27.30 -58.78
CA THR RB 134 -15.27 -27.22 -59.42
C THR RB 134 -15.14 -26.34 -60.66
N VAL RB 135 -15.70 -26.81 -61.78
CA VAL RB 135 -15.63 -26.08 -63.03
C VAL RB 135 -16.89 -25.24 -63.18
N ALA RB 136 -17.00 -24.51 -64.29
CA ALA RB 136 -18.09 -23.55 -64.46
C ALA RB 136 -19.45 -24.24 -64.53
N ALA RB 137 -19.50 -25.48 -65.02
CA ALA RB 137 -20.78 -26.18 -65.16
C ALA RB 137 -21.36 -26.62 -63.82
N ASP RB 138 -20.54 -26.69 -62.78
CA ASP RB 138 -20.99 -27.19 -61.49
C ASP RB 138 -21.84 -26.16 -60.76
N ASN RB 139 -22.33 -26.55 -59.58
CA ASN RB 139 -23.09 -25.67 -58.71
C ASN RB 139 -22.49 -25.73 -57.31
N VAL RB 140 -22.59 -24.62 -56.59
N VAL RB 140 -22.59 -24.63 -56.58
CA VAL RB 140 -22.06 -24.50 -55.24
CA VAL RB 140 -22.04 -24.54 -55.23
C VAL RB 140 -23.11 -24.86 -54.20
C VAL RB 140 -23.09 -24.83 -54.17
N CYS RB 141 -24.28 -24.24 -54.29
CA CYS RB 141 -25.34 -24.46 -53.32
C CYS RB 141 -26.66 -23.97 -53.89
N GLU RB 142 -27.75 -24.39 -53.24
CA GLU RB 142 -29.06 -23.81 -53.46
C GLU RB 142 -29.31 -22.70 -52.44
N VAL RB 143 -30.08 -21.70 -52.86
CA VAL RB 143 -30.40 -20.56 -52.01
CA VAL RB 143 -30.40 -20.57 -52.00
C VAL RB 143 -31.92 -20.37 -52.00
N ARG RB 144 -32.48 -20.22 -50.81
CA ARG RB 144 -33.90 -19.93 -50.63
C ARG RB 144 -34.03 -18.69 -49.76
N SER RB 145 -35.00 -17.84 -50.09
CA SER RB 145 -35.18 -16.60 -49.36
C SER RB 145 -36.54 -16.01 -49.72
N ASN RB 146 -37.04 -15.15 -48.84
CA ASN RB 146 -38.23 -14.37 -49.14
C ASN RB 146 -37.92 -13.05 -49.83
N CYS RB 147 -36.66 -12.62 -49.79
CA CYS RB 147 -36.24 -11.45 -50.54
C CYS RB 147 -35.90 -11.85 -51.96
N ARG RB 148 -36.02 -10.91 -52.89
CA ARG RB 148 -35.86 -11.21 -54.31
C ARG RB 148 -34.41 -11.31 -54.75
N GLN RB 149 -33.46 -10.89 -53.92
CA GLN RB 149 -32.05 -10.95 -54.26
CA GLN RB 149 -32.05 -10.93 -54.26
C GLN RB 149 -31.24 -11.35 -53.03
N VAL RB 150 -30.14 -12.05 -53.28
CA VAL RB 150 -29.26 -12.52 -52.22
C VAL RB 150 -27.81 -12.26 -52.62
N ALA RB 151 -27.06 -11.58 -51.75
CA ALA RB 151 -25.66 -11.32 -51.98
C ALA RB 151 -24.83 -12.44 -51.36
N LEU RB 152 -23.88 -12.96 -52.14
CA LEU RB 152 -23.00 -14.04 -51.69
CA LEU RB 152 -23.00 -14.04 -51.71
C LEU RB 152 -21.56 -13.57 -51.66
N VAL RB 153 -20.82 -14.04 -50.67
CA VAL RB 153 -19.40 -13.77 -50.53
C VAL RB 153 -18.73 -15.11 -50.31
N ILE RB 154 -18.09 -15.64 -51.35
CA ILE RB 154 -17.57 -17.01 -51.35
C ILE RB 154 -16.05 -16.95 -51.26
N SER RB 155 -15.51 -17.49 -50.17
CA SER RB 155 -14.06 -17.59 -50.00
CA SER RB 155 -14.06 -17.59 -50.00
C SER RB 155 -13.55 -18.82 -50.73
N CYS RB 156 -12.67 -18.60 -51.71
CA CYS RB 156 -12.19 -19.70 -52.54
C CYS RB 156 -10.79 -19.40 -53.03
N CYS RB 157 -10.15 -20.43 -53.58
N CYS RB 157 -10.15 -20.43 -53.59
CA CYS RB 157 -8.81 -20.36 -54.15
CA CYS RB 157 -8.80 -20.29 -54.15
C CYS RB 157 -8.91 -20.66 -55.64
C CYS RB 157 -8.84 -20.67 -55.62
N PHE RB 158 -8.40 -19.75 -56.48
CA PHE RB 158 -8.41 -19.95 -57.91
C PHE RB 158 -7.12 -20.65 -58.35
N ASN RB 159 -7.25 -21.64 -59.21
CA ASN RB 159 -6.09 -22.37 -59.72
C ASN RB 159 -6.35 -22.87 -61.13
N ASN SB 16 -9.96 -33.44 -37.81
CA ASN SB 16 -10.63 -32.24 -38.30
C ASN SB 16 -12.06 -32.57 -38.73
N SER SB 17 -12.82 -31.54 -39.10
CA SER SB 17 -14.22 -31.73 -39.49
C SER SB 17 -14.30 -32.51 -40.79
N ASN SB 18 -15.34 -33.35 -40.90
N ASN SB 18 -15.34 -33.36 -40.88
CA ASN SB 18 -15.56 -34.18 -42.07
CA ASN SB 18 -15.57 -34.19 -42.06
C ASN SB 18 -16.82 -33.80 -42.84
C ASN SB 18 -16.79 -33.76 -42.86
N VAL SB 19 -17.63 -32.88 -42.31
CA VAL SB 19 -18.84 -32.43 -42.99
C VAL SB 19 -18.94 -30.91 -42.89
N VAL SB 20 -19.90 -30.36 -43.62
CA VAL SB 20 -20.12 -28.92 -43.61
C VAL SB 20 -20.59 -28.50 -42.23
N THR SB 21 -20.20 -27.29 -41.83
CA THR SB 21 -20.61 -26.71 -40.56
C THR SB 21 -21.10 -25.29 -40.78
N MET SB 22 -22.03 -24.87 -39.93
CA MET SB 22 -22.66 -23.57 -40.08
CA MET SB 22 -22.67 -23.57 -40.07
C MET SB 22 -21.73 -22.45 -39.63
N ILE SB 23 -21.70 -21.37 -40.41
CA ILE SB 23 -20.94 -20.16 -40.09
C ILE SB 23 -21.93 -19.10 -39.64
N ARG SB 24 -21.77 -18.64 -38.40
CA ARG SB 24 -22.67 -17.63 -37.84
C ARG SB 24 -22.23 -16.26 -38.35
N ALA SB 25 -22.58 -15.99 -39.60
CA ALA SB 25 -22.23 -14.72 -40.22
C ALA SB 25 -23.03 -13.59 -39.58
N GLY SB 26 -22.47 -12.38 -39.66
CA GLY SB 26 -23.12 -11.22 -39.11
C GLY SB 26 -23.50 -10.20 -40.17
N SER SB 27 -23.08 -8.96 -39.98
CA SER SB 27 -23.38 -7.91 -40.93
CA SER SB 27 -23.38 -7.91 -40.93
C SER SB 27 -22.61 -8.12 -42.23
N TYR SB 28 -23.12 -7.52 -43.30
CA TYR SB 28 -22.45 -7.61 -44.59
C TYR SB 28 -21.11 -6.90 -44.51
N PRO SB 29 -20.02 -7.53 -44.97
CA PRO SB 29 -18.69 -6.96 -44.77
C PRO SB 29 -18.30 -6.02 -45.92
N LYS SB 30 -17.19 -5.33 -45.71
CA LYS SB 30 -16.62 -4.48 -46.75
C LYS SB 30 -15.93 -5.35 -47.79
N VAL SB 31 -16.32 -5.22 -49.05
CA VAL SB 31 -15.88 -6.12 -50.11
C VAL SB 31 -15.15 -5.31 -51.18
N ASN SB 32 -14.47 -6.04 -52.06
CA ASN SB 32 -13.75 -5.46 -53.20
C ASN SB 32 -13.58 -6.52 -54.29
N PRO SB 33 -14.26 -6.36 -55.43
CA PRO SB 33 -14.16 -7.39 -56.48
C PRO SB 33 -12.87 -7.33 -57.28
N THR SB 34 -12.14 -6.21 -57.26
CA THR SB 34 -10.92 -6.04 -58.05
C THR SB 34 -9.79 -5.64 -57.10
N PRO SB 35 -9.20 -6.60 -56.40
N PRO SB 35 -9.22 -6.58 -56.38
CA PRO SB 35 -8.16 -6.28 -55.42
CA PRO SB 35 -8.16 -6.27 -55.41
C PRO SB 35 -6.80 -6.12 -56.10
C PRO SB 35 -6.82 -6.10 -56.09
N THR SB 36 -5.82 -5.74 -55.29
CA THR SB 36 -4.46 -5.60 -55.76
C THR SB 36 -3.79 -6.97 -55.83
N TRP SB 37 -2.55 -6.99 -56.34
CA TRP SB 37 -1.85 -8.27 -56.52
C TRP SB 37 -0.36 -7.98 -56.65
N VAL SB 38 0.43 -8.53 -55.73
CA VAL SB 38 1.89 -8.47 -55.84
C VAL SB 38 2.37 -9.69 -56.61
N ARG SB 39 3.22 -9.47 -57.61
CA ARG SB 39 3.59 -10.50 -58.55
C ARG SB 39 5.07 -10.38 -58.90
N ALA SB 40 5.58 -11.43 -59.54
CA ALA SB 40 6.87 -11.39 -60.22
C ALA SB 40 6.64 -11.93 -61.62
N ILE SB 41 6.70 -11.05 -62.61
CA ILE SB 41 6.28 -11.36 -63.97
C ILE SB 41 7.49 -11.75 -64.79
N PRO SB 42 7.55 -12.97 -65.32
CA PRO SB 42 8.63 -13.32 -66.24
C PRO SB 42 8.27 -13.06 -67.70
N PHE SB 43 9.18 -12.46 -68.45
CA PHE SB 43 8.97 -12.25 -69.88
C PHE SB 43 10.32 -11.99 -70.53
N GLU SB 44 10.37 -12.16 -71.85
CA GLU SB 44 11.60 -12.01 -72.62
C GLU SB 44 11.43 -10.94 -73.69
N VAL SB 45 12.54 -10.31 -74.04
CA VAL SB 45 12.56 -9.27 -75.07
C VAL SB 45 13.70 -9.58 -76.04
N SER SB 46 13.53 -9.11 -77.28
CA SER SB 46 14.56 -9.25 -78.30
C SER SB 46 15.43 -8.00 -78.33
N VAL SB 47 16.75 -8.20 -78.29
N VAL SB 47 16.75 -8.19 -78.28
CA VAL SB 47 17.72 -7.11 -78.25
CA VAL SB 47 17.69 -7.09 -78.27
C VAL SB 47 18.72 -7.30 -79.38
C VAL SB 47 18.70 -7.29 -79.40
N GLN SB 48 19.17 -6.18 -79.95
CA GLN SB 48 20.20 -6.17 -80.97
C GLN SB 48 21.55 -5.83 -80.35
N SER SB 49 22.62 -6.20 -81.05
CA SER SB 49 23.97 -5.93 -80.56
CA SER SB 49 23.96 -5.94 -80.56
C SER SB 49 24.27 -4.45 -80.64
N GLY SB 50 24.77 -3.89 -79.55
CA GLY SB 50 25.12 -2.48 -79.50
C GLY SB 50 23.96 -1.52 -79.57
N ILE SB 51 22.72 -2.00 -79.42
CA ILE SB 51 21.53 -1.17 -79.49
C ILE SB 51 20.76 -1.34 -78.18
N ALA SB 52 20.42 -0.21 -77.55
CA ALA SB 52 19.66 -0.23 -76.31
C ALA SB 52 18.19 -0.49 -76.59
N PHE SB 53 17.60 -1.39 -75.81
CA PHE SB 53 16.19 -1.73 -75.94
C PHE SB 53 15.43 -1.19 -74.73
N LYS SB 54 14.46 -0.34 -74.97
CA LYS SB 54 13.61 0.18 -73.90
C LYS SB 54 12.48 -0.80 -73.63
N VAL SB 55 12.34 -1.20 -72.38
CA VAL SB 55 11.33 -2.18 -71.98
C VAL SB 55 10.06 -1.43 -71.59
N PRO SB 56 8.95 -1.61 -72.30
N PRO SB 56 8.96 -1.60 -72.32
CA PRO SB 56 7.72 -0.89 -71.97
CA PRO SB 56 7.72 -0.89 -71.97
C PRO SB 56 6.97 -1.53 -70.81
C PRO SB 56 7.02 -1.52 -70.78
N VAL SB 57 6.21 -0.70 -70.10
CA VAL SB 57 5.43 -1.19 -68.99
C VAL SB 57 4.25 -2.02 -69.48
N GLY SB 58 3.78 -1.76 -70.71
CA GLY SB 58 2.67 -2.51 -71.26
C GLY SB 58 2.90 -4.00 -71.40
N SER SB 59 4.18 -4.43 -71.34
N SER SB 59 4.18 -4.43 -71.34
CA SER SB 59 4.47 -5.86 -71.41
CA SER SB 59 4.48 -5.85 -71.40
C SER SB 59 4.00 -6.60 -70.17
C SER SB 59 3.94 -6.59 -70.19
N LEU SB 60 3.76 -5.90 -69.07
CA LEU SB 60 3.26 -6.53 -67.85
C LEU SB 60 1.77 -6.78 -67.88
N PHE SB 61 1.02 -6.02 -68.67
CA PHE SB 61 -0.44 -6.17 -68.76
C PHE SB 61 -0.74 -7.13 -69.90
N SER SB 62 -1.06 -8.37 -69.55
CA SER SB 62 -1.36 -9.39 -70.56
C SER SB 62 -2.16 -10.50 -69.91
N ALA SB 63 -2.94 -11.21 -70.74
CA ALA SB 63 -3.70 -12.35 -70.25
C ALA SB 63 -2.82 -13.55 -69.95
N ASN SB 64 -1.60 -13.58 -70.49
CA ASN SB 64 -0.66 -14.65 -70.16
C ASN SB 64 -0.17 -14.58 -68.73
N PHE SB 65 -0.37 -13.44 -68.06
CA PHE SB 65 -0.01 -13.26 -66.67
C PHE SB 65 -1.22 -13.04 -65.77
N ARG SB 66 -2.43 -13.19 -66.33
CA ARG SB 66 -3.68 -12.88 -65.61
C ARG SB 66 -3.74 -11.42 -65.20
N THR SB 67 -3.07 -10.54 -65.94
CA THR SB 67 -2.95 -9.13 -65.57
C THR SB 67 -3.51 -8.19 -66.63
N ASP SB 68 -4.41 -8.68 -67.49
CA ASP SB 68 -5.00 -7.82 -68.51
C ASP SB 68 -6.09 -6.91 -67.97
N SER SB 69 -6.51 -7.10 -66.72
CA SER SB 69 -7.53 -6.27 -66.11
C SER SB 69 -6.95 -5.07 -65.38
N PHE SB 70 -5.63 -4.94 -65.31
CA PHE SB 70 -4.97 -3.82 -64.67
C PHE SB 70 -4.57 -2.77 -65.71
N THR SB 71 -4.55 -1.51 -65.28
CA THR SB 71 -4.06 -0.42 -66.11
C THR SB 71 -2.83 0.26 -65.56
N SER SB 72 -2.53 0.10 -64.27
CA SER SB 72 -1.33 0.68 -63.66
C SER SB 72 -0.63 -0.39 -62.85
N VAL SB 73 0.65 -0.15 -62.55
CA VAL SB 73 1.45 -1.09 -61.79
C VAL SB 73 2.62 -0.34 -61.17
N THR SB 74 2.99 -0.74 -59.96
CA THR SB 74 4.11 -0.15 -59.23
C THR SB 74 5.26 -1.15 -59.25
N VAL SB 75 6.34 -0.78 -59.92
CA VAL SB 75 7.50 -1.65 -60.08
C VAL SB 75 8.42 -1.47 -58.87
N MET SB 76 8.75 -2.58 -58.21
CA MET SB 76 9.61 -2.57 -57.04
CA MET SB 76 9.61 -2.56 -57.04
C MET SB 76 11.05 -2.94 -57.36
N SER SB 77 11.28 -3.97 -58.18
CA SER SB 77 12.63 -4.38 -58.50
C SER SB 77 12.66 -5.04 -59.87
N VAL SB 78 13.79 -4.93 -60.55
CA VAL SB 78 13.99 -5.46 -61.90
C VAL SB 78 15.19 -6.39 -61.88
N ARG SB 79 15.05 -7.54 -62.52
CA ARG SB 79 16.14 -8.51 -62.67
CA ARG SB 79 16.14 -8.49 -62.67
C ARG SB 79 16.18 -9.00 -64.10
N ALA SB 80 17.38 -9.19 -64.63
CA ALA SB 80 17.55 -9.62 -66.01
C ALA SB 80 18.58 -10.74 -66.11
N TRP SB 81 18.32 -11.67 -67.02
CA TRP SB 81 19.25 -12.74 -67.36
C TRP SB 81 19.41 -12.79 -68.87
N THR SB 82 20.60 -13.20 -69.31
CA THR SB 82 20.80 -13.47 -70.73
C THR SB 82 20.08 -14.76 -71.10
N GLN SB 83 19.29 -14.71 -72.18
CA GLN SB 83 18.45 -15.83 -72.57
C GLN SB 83 19.07 -16.71 -73.64
N LEU SB 84 19.87 -16.15 -74.54
CA LEU SB 84 20.54 -16.93 -75.57
C LEU SB 84 22.04 -16.98 -75.29
N THR SB 85 22.75 -17.71 -76.14
CA THR SB 85 24.18 -17.84 -76.00
C THR SB 85 24.89 -16.58 -76.50
N PRO SB 86 26.02 -16.22 -75.90
CA PRO SB 86 26.76 -15.03 -76.36
C PRO SB 86 27.50 -15.32 -77.65
N PRO SB 87 28.03 -14.29 -78.31
CA PRO SB 87 28.81 -14.53 -79.53
C PRO SB 87 30.03 -15.40 -79.24
N VAL SB 88 30.63 -15.90 -80.33
CA VAL SB 88 31.79 -16.76 -80.21
C VAL SB 88 32.93 -15.99 -79.54
N ASN SB 89 33.64 -16.68 -78.64
CA ASN SB 89 34.80 -16.22 -77.88
C ASN SB 89 34.43 -15.27 -76.74
N GLU SB 90 33.17 -14.88 -76.60
CA GLU SB 90 32.78 -13.89 -75.60
C GLU SB 90 32.04 -14.54 -74.44
N TYR SB 91 31.97 -13.79 -73.34
CA TYR SB 91 31.14 -14.13 -72.20
C TYR SB 91 29.90 -13.24 -72.19
N SER SB 92 28.80 -13.77 -71.67
CA SER SB 92 27.54 -13.03 -71.65
C SER SB 92 27.61 -11.86 -70.69
N PHE SB 93 26.90 -10.78 -71.05
CA PHE SB 93 26.77 -9.63 -70.16
C PHE SB 93 25.44 -8.94 -70.46
N VAL SB 94 24.88 -8.30 -69.44
CA VAL SB 94 23.63 -7.56 -69.57
C VAL SB 94 23.73 -6.29 -68.73
N ARG SB 95 23.29 -5.17 -69.29
CA ARG SB 95 23.31 -3.88 -68.61
C ARG SB 95 21.89 -3.35 -68.47
N LEU SB 96 21.62 -2.72 -67.32
CA LEU SB 96 20.32 -2.15 -67.03
C LEU SB 96 20.48 -0.66 -66.72
N LYS SB 97 19.68 0.17 -67.38
CA LYS SB 97 19.61 1.59 -67.06
C LYS SB 97 18.20 1.94 -66.62
N PRO SB 98 17.97 2.21 -65.34
CA PRO SB 98 16.63 2.55 -64.87
C PRO SB 98 16.09 3.82 -65.53
N LEU SB 99 14.81 3.79 -65.87
CA LEU SB 99 14.12 4.92 -66.49
C LEU SB 99 12.97 5.35 -65.58
N PHE SB 100 12.76 6.66 -65.48
CA PHE SB 100 11.70 7.21 -64.64
C PHE SB 100 10.97 8.30 -65.40
N LYS SB 101 9.69 8.49 -65.06
CA LYS SB 101 8.92 9.58 -65.64
C LYS SB 101 9.35 10.94 -65.10
N THR SB 102 9.94 10.99 -63.91
CA THR SB 102 10.41 12.24 -63.33
C THR SB 102 11.88 12.53 -63.67
N GLY SB 103 12.57 11.58 -64.30
CA GLY SB 103 13.96 11.79 -64.66
C GLY SB 103 14.73 10.49 -64.84
N ASP SB 104 15.24 10.26 -66.05
CA ASP SB 104 15.97 9.04 -66.32
C ASP SB 104 17.31 9.03 -65.57
N SER SB 105 17.77 7.82 -65.23
CA SER SB 105 19.02 7.63 -64.54
CA SER SB 105 19.03 7.64 -64.53
C SER SB 105 20.14 7.31 -65.52
N THR SB 106 21.37 7.52 -65.08
CA THR SB 106 22.55 7.25 -65.90
C THR SB 106 23.35 6.06 -65.40
N GLU SB 107 22.83 5.32 -64.42
CA GLU SB 107 23.50 4.13 -63.93
C GLU SB 107 23.42 3.02 -64.97
N GLU SB 108 24.48 2.23 -65.07
CA GLU SB 108 24.55 1.10 -65.99
C GLU SB 108 24.92 -0.15 -65.19
N PHE SB 109 23.96 -0.65 -64.40
CA PHE SB 109 24.16 -1.87 -63.63
C PHE SB 109 24.44 -3.03 -64.58
N GLU SB 110 25.65 -3.58 -64.52
CA GLU SB 110 26.12 -4.56 -65.49
C GLU SB 110 26.60 -5.80 -64.76
N GLY SB 111 26.21 -6.96 -65.27
CA GLY SB 111 26.69 -8.23 -64.75
C GLY SB 111 27.19 -9.09 -65.87
N ARG SB 112 28.32 -9.75 -65.64
CA ARG SB 112 28.95 -10.58 -66.65
C ARG SB 112 29.05 -12.02 -66.16
N ALA SB 113 29.03 -12.94 -67.12
CA ALA SB 113 29.14 -14.36 -66.82
C ALA SB 113 30.59 -14.75 -66.66
N SER SB 114 30.85 -15.66 -65.72
CA SER SB 114 32.18 -16.20 -65.50
C SER SB 114 32.42 -17.50 -66.26
N ASN SB 115 31.38 -18.06 -66.88
CA ASN SB 115 31.50 -19.25 -67.70
C ASN SB 115 30.73 -18.99 -68.99
N ILE SB 116 31.32 -19.34 -70.14
CA ILE SB 116 30.72 -19.00 -71.42
C ILE SB 116 29.37 -19.69 -71.59
N ASN SB 117 29.18 -20.83 -70.94
CA ASN SB 117 27.93 -21.57 -71.06
C ASN SB 117 26.90 -21.14 -70.03
N THR SB 118 27.21 -20.15 -69.19
CA THR SB 118 26.32 -19.71 -68.12
CA THR SB 118 26.31 -19.72 -68.14
C THR SB 118 25.76 -18.33 -68.44
N ARG SB 119 24.53 -18.09 -67.99
CA ARG SB 119 23.91 -16.79 -68.16
C ARG SB 119 24.63 -15.73 -67.34
N ALA SB 120 24.42 -14.48 -67.72
CA ALA SB 120 24.83 -13.33 -66.94
C ALA SB 120 23.60 -12.67 -66.34
N SER SB 121 23.72 -12.18 -65.11
CA SER SB 121 22.58 -11.65 -64.38
C SER SB 121 22.95 -10.37 -63.66
N VAL SB 122 21.96 -9.49 -63.52
CA VAL SB 122 22.12 -8.24 -62.77
C VAL SB 122 20.72 -7.71 -62.48
N GLY SB 123 20.63 -6.81 -61.51
CA GLY SB 123 19.34 -6.25 -61.16
C GLY SB 123 19.48 -4.99 -60.33
N TYR SB 124 18.34 -4.31 -60.15
CA TYR SB 124 18.31 -3.09 -59.34
C TYR SB 124 16.95 -2.96 -58.66
N ARG SB 125 16.95 -2.28 -57.52
CA ARG SB 125 15.76 -2.06 -56.71
C ARG SB 125 15.36 -0.59 -56.77
N ILE SB 126 14.07 -0.34 -56.93
CA ILE SB 126 13.53 1.02 -56.96
C ILE SB 126 13.20 1.44 -55.54
N PRO SB 127 13.73 2.55 -55.04
CA PRO SB 127 13.45 2.95 -53.65
C PRO SB 127 12.00 3.36 -53.47
N THR SB 128 11.62 3.54 -52.20
CA THR SB 128 10.24 3.85 -51.87
CA THR SB 128 10.23 3.84 -51.89
C THR SB 128 9.81 5.20 -52.45
N ASN SB 129 10.71 6.18 -52.43
CA ASN SB 129 10.37 7.51 -52.92
C ASN SB 129 10.15 7.57 -54.42
N LEU SB 130 10.46 6.50 -55.15
CA LEU SB 130 10.26 6.45 -56.59
C LEU SB 130 9.24 5.41 -57.01
N ARG SB 131 8.47 4.86 -56.08
CA ARG SB 131 7.52 3.79 -56.39
C ARG SB 131 6.13 4.37 -56.66
N GLN SB 132 6.02 5.07 -57.79
CA GLN SB 132 4.75 5.55 -58.29
C GLN SB 132 4.21 4.61 -59.36
N ASN SB 133 2.96 4.85 -59.75
CA ASN SB 133 2.33 4.03 -60.78
C ASN SB 133 2.91 4.34 -62.16
N THR SB 134 2.95 3.32 -63.00
CA THR SB 134 3.32 3.47 -64.40
C THR SB 134 2.29 2.77 -65.26
N VAL SB 135 1.87 3.43 -66.34
CA VAL SB 135 0.89 2.86 -67.26
C VAL SB 135 1.61 2.21 -68.42
N ALA SB 136 0.84 1.62 -69.35
CA ALA SB 136 1.43 0.85 -70.43
C ALA SB 136 2.39 1.67 -71.29
N ALA SB 137 2.12 2.97 -71.45
CA ALA SB 137 2.94 3.80 -72.33
C ALA SB 137 4.32 4.07 -71.77
N ASP SB 138 4.52 3.86 -70.46
CA ASP SB 138 5.81 4.16 -69.85
C ASP SB 138 6.82 3.06 -70.13
N ASN SB 139 8.08 3.34 -69.81
CA ASN SB 139 9.17 2.39 -69.94
C ASN SB 139 9.76 2.10 -68.57
N VAL SB 140 10.30 0.89 -68.41
CA VAL SB 140 10.89 0.46 -67.14
C VAL SB 140 12.38 0.75 -67.10
N CYS SB 141 13.12 0.30 -68.12
CA CYS SB 141 14.57 0.46 -68.13
C CYS SB 141 15.07 0.17 -69.53
N GLU SB 142 16.33 0.54 -69.78
CA GLU SB 142 17.02 0.18 -71.01
C GLU SB 142 17.83 -1.09 -70.77
N VAL SB 143 17.96 -1.90 -71.82
CA VAL SB 143 18.65 -3.18 -71.76
C VAL SB 143 19.70 -3.24 -72.86
N ARG SB 144 20.93 -3.59 -72.49
CA ARG SB 144 22.00 -3.83 -73.43
C ARG SB 144 22.57 -5.22 -73.18
N SER SB 145 22.98 -5.90 -74.25
CA SER SB 145 23.52 -7.24 -74.11
C SER SB 145 24.19 -7.65 -75.42
N ASN SB 146 25.20 -8.52 -75.30
CA ASN SB 146 25.77 -9.15 -76.48
C ASN SB 146 24.96 -10.35 -76.94
N CYS SB 147 24.06 -10.85 -76.10
CA CYS SB 147 23.15 -11.91 -76.48
C CYS SB 147 21.93 -11.32 -77.19
N ARG SB 148 21.25 -12.17 -77.96
CA ARG SB 148 20.14 -11.70 -78.79
C ARG SB 148 18.82 -11.64 -78.04
N GLN SB 149 18.71 -12.31 -76.89
CA GLN SB 149 17.49 -12.31 -76.10
CA GLN SB 149 17.48 -12.32 -76.11
C GLN SB 149 17.83 -12.15 -74.64
N VAL SB 150 16.98 -11.43 -73.91
CA VAL SB 150 17.17 -11.18 -72.48
C VAL SB 150 15.89 -11.53 -71.75
N ALA SB 151 16.01 -12.30 -70.67
CA ALA SB 151 14.88 -12.67 -69.84
C ALA SB 151 14.82 -11.76 -68.63
N LEU SB 152 13.61 -11.31 -68.29
CA LEU SB 152 13.40 -10.40 -67.18
C LEU SB 152 12.34 -10.95 -66.22
N VAL SB 153 12.59 -10.76 -64.93
CA VAL SB 153 11.65 -11.10 -63.87
C VAL SB 153 11.46 -9.83 -63.04
N ILE SB 154 10.31 -9.19 -63.18
CA ILE SB 154 10.05 -7.89 -62.58
C ILE SB 154 9.09 -8.07 -61.42
N SER SB 155 9.56 -7.74 -60.21
CA SER SB 155 8.69 -7.76 -59.03
CA SER SB 155 8.69 -7.76 -59.03
C SER SB 155 7.89 -6.46 -58.97
N CYS SB 156 6.58 -6.59 -58.87
CA CYS SB 156 5.72 -5.41 -58.93
C CYS SB 156 4.41 -5.68 -58.21
N CYS SB 157 3.65 -4.61 -58.00
N CYS SB 157 3.63 -4.62 -58.02
CA CYS SB 157 2.31 -4.66 -57.42
CA CYS SB 157 2.31 -4.72 -57.42
C CYS SB 157 1.33 -4.09 -58.44
C CYS SB 157 1.30 -4.09 -58.37
N PHE SB 158 0.39 -4.91 -58.89
CA PHE SB 158 -0.64 -4.45 -59.80
C PHE SB 158 -1.78 -3.82 -59.02
N ASN SB 159 -2.27 -2.70 -59.52
CA ASN SB 159 -3.41 -2.03 -58.90
C ASN SB 159 -4.19 -1.22 -59.93
N ASN TB 16 25.13 -61.08 -31.38
CA ASN TB 16 23.74 -61.47 -31.58
C ASN TB 16 23.63 -62.98 -31.80
N SER TB 17 22.40 -63.47 -31.93
CA SER TB 17 22.18 -64.91 -32.02
C SER TB 17 22.83 -65.48 -33.27
N ASN TB 18 23.40 -66.68 -33.13
N ASN TB 18 23.41 -66.68 -33.13
CA ASN TB 18 24.10 -67.34 -34.23
CA ASN TB 18 24.10 -67.36 -34.22
C ASN TB 18 23.35 -68.56 -34.75
C ASN TB 18 23.33 -68.54 -34.77
N VAL TB 19 22.22 -68.94 -34.14
CA VAL TB 19 21.42 -70.07 -34.59
C VAL TB 19 19.94 -69.70 -34.50
N VAL TB 20 19.10 -70.61 -35.00
CA VAL TB 20 17.67 -70.38 -35.02
C VAL TB 20 17.12 -70.37 -33.60
N THR TB 21 16.19 -69.45 -33.34
CA THR TB 21 15.53 -69.35 -32.05
C THR TB 21 14.03 -69.51 -32.25
N MET TB 22 13.36 -69.98 -31.21
CA MET TB 22 11.93 -70.23 -31.28
CA MET TB 22 11.92 -70.23 -31.27
C MET TB 22 11.14 -68.96 -31.00
N ILE TB 23 10.12 -68.71 -31.82
CA ILE TB 23 9.22 -67.58 -31.65
C ILE TB 23 7.93 -68.10 -31.02
N ARG TB 24 7.57 -67.53 -29.88
CA ARG TB 24 6.36 -67.96 -29.17
C ARG TB 24 5.16 -67.22 -29.76
N ALA TB 25 4.68 -67.73 -30.88
CA ALA TB 25 3.56 -67.14 -31.59
C ALA TB 25 2.24 -67.52 -30.92
N GLY TB 26 1.21 -66.73 -31.21
CA GLY TB 26 -0.09 -66.96 -30.61
C GLY TB 26 -1.21 -67.14 -31.62
N SER TB 27 -2.28 -66.35 -31.47
CA SER TB 27 -3.40 -66.45 -32.38
CA SER TB 27 -3.40 -66.45 -32.38
C SER TB 27 -3.01 -65.97 -33.77
N TYR TB 28 -3.81 -66.38 -34.76
CA TYR TB 28 -3.54 -65.97 -36.13
C TYR TB 28 -3.79 -64.48 -36.29
N PRO TB 29 -2.89 -63.75 -36.93
CA PRO TB 29 -3.02 -62.29 -37.01
C PRO TB 29 -3.80 -61.83 -38.23
N LYS TB 30 -4.07 -60.53 -38.28
CA LYS TB 30 -4.67 -59.92 -39.44
C LYS TB 30 -3.63 -59.80 -40.55
N VAL TB 31 -4.01 -60.19 -41.77
CA VAL TB 31 -3.06 -60.28 -42.87
C VAL TB 31 -3.61 -59.53 -44.08
N ASN TB 32 -2.72 -59.24 -45.02
CA ASN TB 32 -3.05 -58.62 -46.29
C ASN TB 32 -1.99 -59.00 -47.33
N PRO TB 33 -2.33 -59.84 -48.31
CA PRO TB 33 -1.32 -60.26 -49.29
C PRO TB 33 -1.00 -59.21 -50.33
N THR TB 34 -1.85 -58.20 -50.51
CA THR TB 34 -1.67 -57.16 -51.51
C THR TB 34 -1.65 -55.80 -50.81
N PRO TB 35 -0.51 -55.39 -50.27
CA PRO TB 35 -0.47 -54.16 -49.48
C PRO TB 35 -0.23 -52.92 -50.32
N THR TB 36 -0.22 -51.75 -49.68
CA THR TB 36 0.08 -50.50 -50.35
C THR TB 36 1.60 -50.32 -50.48
N TRP TB 37 2.00 -49.25 -51.15
CA TRP TB 37 3.41 -49.03 -51.45
C TRP TB 37 3.67 -47.61 -51.90
N VAL TB 38 4.41 -46.84 -51.10
CA VAL TB 38 4.81 -45.49 -51.51
C VAL TB 38 6.05 -45.60 -52.40
N ARG TB 39 5.99 -44.99 -53.58
CA ARG TB 39 7.03 -45.15 -54.58
C ARG TB 39 7.29 -43.84 -55.29
N ALA TB 40 8.52 -43.68 -55.75
CA ALA TB 40 8.89 -42.63 -56.70
C ALA TB 40 9.26 -43.32 -58.01
N ILE TB 41 8.48 -43.06 -59.05
CA ILE TB 41 8.57 -43.80 -60.31
C ILE TB 41 9.34 -42.93 -61.31
N PRO TB 42 10.53 -43.32 -61.73
CA PRO TB 42 11.22 -42.58 -62.79
C PRO TB 42 10.88 -43.11 -64.18
N PHE TB 43 10.49 -42.22 -65.09
CA PHE TB 43 10.22 -42.60 -66.47
C PHE TB 43 10.30 -41.36 -67.34
N GLU TB 44 10.46 -41.57 -68.64
CA GLU TB 44 10.67 -40.50 -69.59
C GLU TB 44 9.54 -40.47 -70.62
N VAL TB 45 9.26 -39.28 -71.14
CA VAL TB 45 8.26 -39.08 -72.18
C VAL TB 45 8.87 -38.26 -73.30
N SER TB 46 8.38 -38.49 -74.52
CA SER TB 46 8.87 -37.78 -75.69
C SER TB 46 7.96 -36.58 -75.96
N VAL TB 47 8.57 -35.42 -76.16
CA VAL TB 47 7.85 -34.16 -76.30
C VAL TB 47 8.23 -33.51 -77.62
N GLN TB 48 7.24 -32.92 -78.29
CA GLN TB 48 7.47 -32.13 -79.49
C GLN TB 48 7.59 -30.66 -79.11
N SER TB 49 8.28 -29.90 -79.97
CA SER TB 49 8.48 -28.48 -79.72
CA SER TB 49 8.48 -28.48 -79.72
C SER TB 49 7.16 -27.73 -79.83
N GLY TB 50 6.84 -26.95 -78.79
CA GLY TB 50 5.64 -26.13 -78.81
C GLY TB 50 4.34 -26.88 -78.67
N ILE TB 51 4.36 -28.17 -78.32
CA ILE TB 51 3.16 -28.98 -78.19
C ILE TB 51 3.09 -29.50 -76.78
N ALA TB 52 1.91 -29.33 -76.15
CA ALA TB 52 1.71 -29.82 -74.80
C ALA TB 52 1.41 -31.31 -74.82
N PHE TB 53 2.15 -32.08 -74.02
CA PHE TB 53 1.99 -33.53 -73.94
C PHE TB 53 1.34 -33.87 -72.60
N LYS TB 54 0.22 -34.57 -72.67
CA LYS TB 54 -0.47 -35.02 -71.45
C LYS TB 54 0.13 -36.33 -70.97
N VAL TB 55 0.60 -36.35 -69.73
CA VAL TB 55 1.23 -37.54 -69.15
C VAL TB 55 0.15 -38.46 -68.60
N PRO TB 56 0.03 -39.68 -69.11
CA PRO TB 56 -1.00 -40.60 -68.61
C PRO TB 56 -0.60 -41.25 -67.30
N VAL TB 57 -1.62 -41.56 -66.48
CA VAL TB 57 -1.38 -42.23 -65.22
C VAL TB 57 -0.96 -43.68 -65.46
N GLY TB 58 -1.43 -44.29 -66.55
CA GLY TB 58 -1.09 -45.67 -66.85
C GLY TB 58 0.40 -45.93 -66.99
N SER TB 59 1.20 -44.88 -67.15
N SER TB 59 1.20 -44.88 -67.15
CA SER TB 59 2.65 -45.04 -67.21
CA SER TB 59 2.65 -45.04 -67.21
C SER TB 59 3.24 -45.54 -65.89
C SER TB 59 3.23 -45.55 -65.90
N LEU TB 60 2.52 -45.38 -64.79
CA LEU TB 60 3.00 -45.84 -63.49
C LEU TB 60 2.77 -47.33 -63.27
N PHE TB 61 1.79 -47.92 -63.95
CA PHE TB 61 1.48 -49.34 -63.81
C PHE TB 61 2.27 -50.13 -64.86
N SER TB 62 3.27 -50.86 -64.41
CA SER TB 62 4.12 -51.64 -65.31
C SER TB 62 4.93 -52.63 -64.49
N ALA TB 63 5.29 -53.75 -65.14
CA ALA TB 63 6.18 -54.72 -64.51
C ALA TB 63 7.59 -54.17 -64.34
N ASN TB 64 7.95 -53.12 -65.08
CA ASN TB 64 9.26 -52.50 -64.93
C ASN TB 64 9.39 -51.78 -63.60
N PHE TB 65 8.28 -51.50 -62.91
CA PHE TB 65 8.29 -50.83 -61.63
C PHE TB 65 7.75 -51.70 -60.50
N ARG TB 66 7.52 -52.99 -60.75
CA ARG TB 66 6.85 -53.88 -59.82
C ARG TB 66 5.45 -53.38 -59.47
N THR TB 67 4.84 -52.61 -60.37
CA THR TB 67 3.55 -51.98 -60.11
C THR TB 67 2.48 -52.39 -61.13
N ASP TB 68 2.65 -53.53 -61.79
CA ASP TB 68 1.63 -54.01 -62.71
C ASP TB 68 0.42 -54.62 -61.99
N SER TB 69 0.52 -54.84 -60.68
CA SER TB 69 -0.57 -55.42 -59.91
C SER TB 69 -1.54 -54.38 -59.37
N PHE TB 70 -1.22 -53.09 -59.49
CA PHE TB 70 -2.07 -52.04 -58.99
C PHE TB 70 -2.99 -51.50 -60.09
N THR TB 71 -4.17 -51.06 -59.68
CA THR TB 71 -5.10 -50.41 -60.58
C THR TB 71 -5.38 -48.95 -60.24
N SER TB 72 -5.00 -48.51 -59.05
CA SER TB 72 -5.19 -47.13 -58.62
C SER TB 72 -3.90 -46.63 -57.97
N VAL TB 73 -3.73 -45.31 -57.99
CA VAL TB 73 -2.54 -44.69 -57.40
C VAL TB 73 -2.90 -43.27 -56.99
N THR TB 74 -2.33 -42.83 -55.87
CA THR TB 74 -2.55 -41.49 -55.34
C THR TB 74 -1.25 -40.70 -55.48
N VAL TB 75 -1.26 -39.72 -56.37
CA VAL TB 75 -0.08 -38.92 -56.64
C VAL TB 75 0.10 -37.88 -55.54
N MET TB 76 1.33 -37.69 -55.09
CA MET TB 76 1.66 -36.70 -54.08
CA MET TB 76 1.65 -36.69 -54.08
C MET TB 76 2.45 -35.52 -54.62
N SER TB 77 3.42 -35.76 -55.51
CA SER TB 77 4.22 -34.69 -56.08
C SER TB 77 4.82 -35.18 -57.39
N VAL TB 78 5.12 -34.23 -58.27
CA VAL TB 78 5.66 -34.50 -59.60
C VAL TB 78 6.86 -33.60 -59.83
N ARG TB 79 7.95 -34.18 -60.33
CA ARG TB 79 9.15 -33.44 -60.69
CA ARG TB 79 9.15 -33.43 -60.69
C ARG TB 79 9.61 -33.84 -62.08
N ALA TB 80 10.02 -32.84 -62.87
CA ALA TB 80 10.41 -33.09 -64.25
C ALA TB 80 11.79 -32.51 -64.53
N TRP TB 81 12.57 -33.24 -65.33
CA TRP TB 81 13.89 -32.81 -65.80
C TRP TB 81 13.95 -32.95 -67.30
N THR TB 82 14.63 -32.02 -67.97
CA THR TB 82 14.89 -32.16 -69.39
C THR TB 82 15.91 -33.27 -69.62
N GLN TB 83 15.55 -34.24 -70.47
CA GLN TB 83 16.39 -35.42 -70.64
C GLN TB 83 17.42 -35.27 -71.75
N LEU TB 84 17.13 -34.46 -72.76
CA LEU TB 84 18.04 -34.26 -73.88
C LEU TB 84 18.54 -32.82 -73.90
N THR TB 85 19.49 -32.56 -74.80
CA THR TB 85 20.04 -31.23 -74.92
C THR TB 85 19.03 -30.30 -75.60
N PRO TB 86 19.05 -29.02 -75.24
CA PRO TB 86 18.16 -28.05 -75.89
C PRO TB 86 18.61 -27.77 -77.31
N PRO TB 87 17.83 -27.03 -78.09
CA PRO TB 87 18.28 -26.63 -79.43
C PRO TB 87 19.52 -25.75 -79.37
N VAL TB 88 20.08 -25.49 -80.54
CA VAL TB 88 21.28 -24.67 -80.62
C VAL TB 88 20.95 -23.25 -80.17
N ASN TB 89 21.86 -22.66 -79.40
CA ASN TB 89 21.80 -21.31 -78.85
C ASN TB 89 20.77 -21.16 -77.73
N GLU TB 90 20.10 -22.23 -77.31
CA GLU TB 90 19.03 -22.15 -76.33
C GLU TB 90 19.43 -22.83 -75.03
N TYR TB 91 18.87 -22.33 -73.93
CA TYR TB 91 18.95 -23.01 -72.64
C TYR TB 91 17.72 -23.88 -72.44
N SER TB 92 17.87 -24.93 -71.64
CA SER TB 92 16.77 -25.85 -71.40
C SER TB 92 15.69 -25.19 -70.55
N PHE TB 93 14.43 -25.56 -70.82
CA PHE TB 93 13.33 -25.18 -69.95
C PHE TB 93 12.30 -26.30 -69.96
N VAL TB 94 11.41 -26.26 -68.97
CA VAL TB 94 10.35 -27.25 -68.84
C VAL TB 94 9.19 -26.62 -68.10
N ARG TB 95 7.97 -26.91 -68.55
CA ARG TB 95 6.76 -26.40 -67.92
C ARG TB 95 5.87 -27.55 -67.49
N LEU TB 96 5.16 -27.36 -66.38
CA LEU TB 96 4.23 -28.34 -65.84
C LEU TB 96 2.90 -27.66 -65.57
N LYS TB 97 1.83 -28.22 -66.13
CA LYS TB 97 0.47 -27.76 -65.84
C LYS TB 97 -0.29 -28.90 -65.17
N PRO TB 98 -0.55 -28.83 -63.87
CA PRO TB 98 -1.27 -29.92 -63.21
C PRO TB 98 -2.64 -30.14 -63.81
N LEU TB 99 -3.06 -31.41 -63.81
CA LEU TB 99 -4.35 -31.82 -64.35
C LEU TB 99 -5.08 -32.66 -63.31
N PHE TB 100 -6.38 -32.43 -63.17
CA PHE TB 100 -7.19 -33.15 -62.20
C PHE TB 100 -8.54 -33.49 -62.81
N LYS TB 101 -9.15 -34.56 -62.29
CA LYS TB 101 -10.46 -34.97 -62.80
CA LYS TB 101 -10.46 -34.98 -62.80
C LYS TB 101 -11.55 -33.97 -62.42
N THR TB 102 -11.50 -33.45 -61.19
CA THR TB 102 -12.50 -32.47 -60.76
C THR TB 102 -12.34 -31.14 -61.47
N GLY TB 103 -11.18 -30.88 -62.09
CA GLY TB 103 -10.95 -29.63 -62.78
C GLY TB 103 -9.48 -29.36 -62.98
N ASP TB 104 -9.07 -29.14 -64.23
CA ASP TB 104 -7.67 -28.89 -64.51
C ASP TB 104 -7.24 -27.52 -64.01
N SER TB 105 -5.94 -27.37 -63.78
CA SER TB 105 -5.35 -26.12 -63.35
CA SER TB 105 -5.36 -26.11 -63.35
C SER TB 105 -4.74 -25.37 -64.53
N THR TB 106 -4.55 -24.07 -64.35
CA THR TB 106 -3.94 -23.23 -65.38
C THR TB 106 -2.56 -22.73 -64.98
N GLU TB 107 -2.00 -23.25 -63.89
CA GLU TB 107 -0.63 -22.91 -63.52
C GLU TB 107 0.36 -23.51 -64.51
N GLU TB 108 1.45 -22.80 -64.74
CA GLU TB 108 2.53 -23.27 -65.61
C GLU TB 108 3.85 -23.14 -64.86
N PHE TB 109 4.07 -24.05 -63.92
CA PHE TB 109 5.32 -24.09 -63.18
C PHE TB 109 6.47 -24.37 -64.14
N GLU TB 110 7.43 -23.45 -64.20
CA GLU TB 110 8.48 -23.48 -65.20
C GLU TB 110 9.84 -23.37 -64.54
N GLY TB 111 10.79 -24.15 -65.02
CA GLY TB 111 12.16 -24.06 -64.57
C GLY TB 111 13.11 -24.05 -65.75
N ARG TB 112 14.09 -23.17 -65.69
CA ARG TB 112 15.05 -23.00 -66.77
C ARG TB 112 16.45 -23.27 -66.26
N ALA TB 113 17.30 -23.78 -67.15
CA ALA TB 113 18.69 -24.03 -66.80
C ALA TB 113 19.50 -22.75 -66.96
N SER TB 114 20.48 -22.58 -66.07
CA SER TB 114 21.39 -21.44 -66.18
C SER TB 114 22.66 -21.79 -66.94
N ASN TB 115 22.86 -23.05 -67.30
CA ASN TB 115 23.98 -23.49 -68.12
C ASN TB 115 23.40 -24.33 -69.25
N ILE TB 116 23.86 -24.07 -70.49
CA ILE TB 116 23.31 -24.76 -71.64
C ILE TB 116 23.56 -26.26 -71.57
N ASN TB 117 24.58 -26.69 -70.82
CA ASN TB 117 24.90 -28.10 -70.68
C ASN TB 117 24.22 -28.75 -69.48
N THR TB 118 23.32 -28.04 -68.80
CA THR TB 118 22.67 -28.54 -67.60
CA THR TB 118 22.67 -28.55 -67.61
C THR TB 118 21.17 -28.69 -67.84
N ARG TB 119 20.57 -29.65 -67.14
CA ARG TB 119 19.14 -29.88 -67.24
C ARG TB 119 18.36 -28.73 -66.61
N ALA TB 120 17.14 -28.53 -67.09
CA ALA TB 120 16.18 -27.64 -66.45
C ALA TB 120 15.17 -28.46 -65.68
N SER TB 121 14.84 -28.02 -64.47
CA SER TB 121 14.00 -28.79 -63.58
C SER TB 121 12.92 -27.91 -62.96
N VAL TB 122 11.83 -28.57 -62.57
CA VAL TB 122 10.72 -27.92 -61.87
C VAL TB 122 9.83 -29.00 -61.28
N GLY TB 123 8.96 -28.62 -60.37
CA GLY TB 123 8.05 -29.58 -59.76
C GLY TB 123 6.92 -28.88 -59.03
N TYR TB 124 5.92 -29.66 -58.67
CA TYR TB 124 4.77 -29.12 -57.93
C TYR TB 124 4.25 -30.18 -56.97
N ARG TB 125 3.64 -29.72 -55.88
CA ARG TB 125 3.06 -30.56 -54.84
C ARG TB 125 1.55 -30.55 -54.94
N ILE TB 126 0.94 -31.72 -54.80
CA ILE TB 126 -0.52 -31.82 -54.82
C ILE TB 126 -1.01 -31.79 -53.38
N PRO TB 127 -1.94 -30.89 -53.03
CA PRO TB 127 -2.39 -30.80 -51.64
C PRO TB 127 -3.21 -32.01 -51.23
N THR TB 128 -3.43 -32.12 -49.92
CA THR TB 128 -4.16 -33.27 -49.38
CA THR TB 128 -4.15 -33.28 -49.39
C THR TB 128 -5.60 -33.32 -49.87
N ASN TB 129 -6.22 -32.16 -50.08
CA ASN TB 129 -7.61 -32.14 -50.52
C ASN TB 129 -7.80 -32.60 -51.96
N LEU TB 130 -6.72 -32.71 -52.73
CA LEU TB 130 -6.81 -33.16 -54.12
C LEU TB 130 -6.11 -34.49 -54.34
N ARG TB 131 -5.85 -35.24 -53.27
CA ARG TB 131 -5.13 -36.52 -53.38
C ARG TB 131 -6.12 -37.68 -53.37
N GLN TB 132 -6.91 -37.74 -54.44
CA GLN TB 132 -7.80 -38.87 -54.67
C GLN TB 132 -7.11 -39.90 -55.55
N ASN TB 133 -7.76 -41.03 -55.79
CA ASN TB 133 -7.19 -42.06 -56.65
C ASN TB 133 -7.29 -41.65 -58.11
N THR TB 134 -6.36 -42.17 -58.90
CA THR TB 134 -6.36 -41.99 -60.34
C THR TB 134 -6.08 -43.33 -61.02
N VAL TB 135 -6.84 -43.63 -62.07
CA VAL TB 135 -6.68 -44.87 -62.80
C VAL TB 135 -5.86 -44.62 -64.06
N ALA TB 136 -5.62 -45.67 -64.85
CA ALA TB 136 -4.73 -45.56 -65.99
C ALA TB 136 -5.25 -44.58 -67.03
N ALA TB 137 -6.57 -44.42 -67.14
CA ALA TB 137 -7.16 -43.56 -68.16
C ALA TB 137 -7.03 -42.08 -67.84
N ASP TB 138 -6.63 -41.71 -66.62
CA ASP TB 138 -6.49 -40.32 -66.25
C ASP TB 138 -5.14 -39.77 -66.72
N ASN TB 139 -5.00 -38.45 -66.64
CA ASN TB 139 -3.77 -37.77 -66.98
C ASN TB 139 -3.23 -37.05 -65.75
N VAL TB 140 -1.92 -37.04 -65.60
CA VAL TB 140 -1.32 -36.41 -64.42
C VAL TB 140 -1.14 -34.92 -64.65
N CYS TB 141 -0.49 -34.54 -65.74
CA CYS TB 141 -0.12 -33.16 -65.97
C CYS TB 141 0.24 -33.00 -67.44
N GLU TB 142 0.29 -31.74 -67.86
CA GLU TB 142 0.83 -31.36 -69.16
C GLU TB 142 2.30 -30.99 -69.01
N VAL TB 143 3.10 -31.31 -70.02
CA VAL TB 143 4.52 -31.02 -70.03
CA VAL TB 143 4.51 -31.02 -70.04
C VAL TB 143 4.85 -30.30 -71.34
N ARG TB 144 5.60 -29.21 -71.24
CA ARG TB 144 6.06 -28.45 -72.39
C ARG TB 144 7.55 -28.19 -72.22
N SER TB 145 8.29 -28.31 -73.31
CA SER TB 145 9.74 -28.16 -73.25
C SER TB 145 10.29 -27.96 -74.65
N ASN TB 146 11.44 -27.28 -74.73
CA ASN TB 146 12.18 -27.21 -75.98
C ASN TB 146 13.08 -28.42 -76.20
N CYS TB 147 13.22 -29.29 -75.20
CA CYS TB 147 13.95 -30.53 -75.35
C CYS TB 147 12.98 -31.65 -75.73
N ARG TB 148 13.46 -32.58 -76.55
CA ARG TB 148 12.60 -33.61 -77.13
C ARG TB 148 12.22 -34.70 -76.14
N GLN TB 149 12.87 -34.78 -74.98
N GLN TB 149 12.84 -34.76 -74.97
CA GLN TB 149 12.54 -35.78 -73.97
CA GLN TB 149 12.54 -35.79 -73.98
C GLN TB 149 12.61 -35.16 -72.59
C GLN TB 149 12.63 -35.18 -72.59
N VAL TB 150 11.67 -35.55 -71.73
CA VAL TB 150 11.60 -35.05 -70.36
C VAL TB 150 11.56 -36.24 -69.42
N ALA TB 151 12.39 -36.21 -68.38
CA ALA TB 151 12.42 -37.25 -67.36
C ALA TB 151 11.58 -36.83 -66.18
N LEU TB 152 10.74 -37.73 -65.70
CA LEU TB 152 9.80 -37.46 -64.62
C LEU TB 152 10.05 -38.40 -63.45
N VAL TB 153 9.85 -37.88 -62.24
CA VAL TB 153 9.91 -38.66 -61.01
C VAL TB 153 8.70 -38.28 -60.18
N ILE TB 154 7.73 -39.19 -60.08
CA ILE TB 154 6.43 -38.89 -59.49
C ILE TB 154 6.33 -39.64 -58.16
N SER TB 155 6.26 -38.89 -57.06
CA SER TB 155 6.06 -39.49 -55.75
CA SER TB 155 6.06 -39.49 -55.75
C SER TB 155 4.58 -39.80 -55.57
N CYS TB 156 4.26 -41.06 -55.33
CA CYS TB 156 2.87 -41.49 -55.26
C CYS TB 156 2.74 -42.66 -54.28
N CYS TB 157 1.50 -43.08 -54.07
N CYS TB 157 1.50 -43.10 -54.08
CA CYS TB 157 1.17 -44.21 -53.21
CA CYS TB 157 1.21 -44.23 -53.20
C CYS TB 157 0.28 -45.16 -54.00
C CYS TB 157 0.28 -45.19 -53.94
N PHE TB 158 0.78 -46.36 -54.27
CA PHE TB 158 0.00 -47.35 -55.00
C PHE TB 158 -0.91 -48.12 -54.06
N ASN TB 159 -2.16 -48.30 -54.46
CA ASN TB 159 -3.12 -49.05 -53.67
C ASN TB 159 -4.13 -49.75 -54.57
N ASN UB 16 62.76 -36.20 -30.44
CA ASN UB 16 62.59 -37.64 -30.33
C ASN UB 16 63.93 -38.36 -30.47
N SER UB 17 63.93 -39.67 -30.25
CA SER UB 17 65.16 -40.44 -30.22
C SER UB 17 65.94 -40.28 -31.53
N ASN UB 18 67.26 -40.14 -31.40
CA ASN UB 18 68.12 -39.90 -32.55
C ASN UB 18 68.94 -41.10 -32.98
N VAL UB 19 69.11 -42.11 -32.12
CA VAL UB 19 69.89 -43.29 -32.46
C VAL UB 19 69.07 -44.53 -32.14
N VAL UB 20 69.66 -45.69 -32.43
CA VAL UB 20 68.97 -46.95 -32.20
C VAL UB 20 68.91 -47.24 -30.70
N THR UB 21 67.73 -47.61 -30.23
CA THR UB 21 67.54 -48.04 -28.85
C THR UB 21 67.19 -49.52 -28.83
N MET UB 22 67.39 -50.14 -27.68
CA MET UB 22 67.20 -51.58 -27.54
CA MET UB 22 67.21 -51.58 -27.53
C MET UB 22 65.77 -51.90 -27.14
N ILE UB 23 65.22 -52.94 -27.77
CA ILE UB 23 63.89 -53.44 -27.46
C ILE UB 23 64.05 -54.74 -26.67
N ARG UB 24 63.43 -54.79 -25.49
CA ARG UB 24 63.55 -55.97 -24.61
C ARG UB 24 62.42 -56.94 -24.95
N ALA UB 25 62.63 -57.68 -26.03
CA ALA UB 25 61.65 -58.65 -26.50
C ALA UB 25 61.63 -59.88 -25.62
N GLY UB 26 60.49 -60.55 -25.59
CA GLY UB 26 60.31 -61.73 -24.76
C GLY UB 26 60.09 -63.00 -25.56
N SER UB 27 58.97 -63.67 -25.30
CA SER UB 27 58.67 -64.90 -26.01
CA SER UB 27 58.67 -64.91 -26.01
C SER UB 27 58.33 -64.62 -27.47
N TYR UB 28 58.43 -65.65 -28.29
CA TYR UB 28 58.11 -65.51 -29.72
C TYR UB 28 56.62 -65.29 -29.90
N PRO UB 29 56.20 -64.20 -30.53
CA PRO UB 29 54.77 -63.90 -30.62
C PRO UB 29 54.08 -64.70 -31.72
N LYS UB 30 52.76 -64.60 -31.74
CA LYS UB 30 51.97 -65.22 -32.79
C LYS UB 30 52.08 -64.40 -34.06
N VAL UB 31 52.45 -65.04 -35.17
CA VAL UB 31 52.76 -64.34 -36.41
C VAL UB 31 51.83 -64.84 -37.51
N ASN UB 32 51.83 -64.09 -38.63
CA ASN UB 32 51.08 -64.42 -39.83
C ASN UB 32 51.76 -63.80 -41.03
N PRO UB 33 52.30 -64.60 -41.94
CA PRO UB 33 53.02 -64.02 -43.09
C PRO UB 33 52.12 -63.52 -44.20
N THR UB 34 50.86 -63.97 -44.27
CA THR UB 34 49.95 -63.61 -45.35
C THR UB 34 48.64 -63.10 -44.76
N PRO UB 35 48.59 -61.85 -44.34
CA PRO UB 35 47.41 -61.32 -43.66
C PRO UB 35 46.37 -60.81 -44.65
N THR UB 36 45.29 -60.27 -44.10
CA THR UB 36 44.20 -59.70 -44.88
C THR UB 36 44.53 -58.26 -45.26
N TRP UB 37 43.62 -57.62 -46.00
CA TRP UB 37 43.88 -56.26 -46.49
C TRP UB 37 42.56 -55.63 -46.91
N VAL UB 38 42.16 -54.57 -46.23
CA VAL UB 38 41.00 -53.79 -46.64
C VAL UB 38 41.41 -52.83 -47.75
N ARG UB 39 40.71 -52.89 -48.88
CA ARG UB 39 41.12 -52.17 -50.06
C ARG UB 39 39.91 -51.59 -50.79
N ALA UB 40 40.17 -50.53 -51.58
CA ALA UB 40 39.23 -50.00 -52.55
C ALA UB 40 39.92 -50.04 -53.91
N ILE UB 41 39.50 -50.98 -54.74
CA ILE UB 41 40.21 -51.32 -55.97
C ILE UB 41 39.57 -50.55 -57.13
N PRO UB 42 40.32 -49.69 -57.83
CA PRO UB 42 39.77 -49.03 -59.02
C PRO UB 42 40.12 -49.76 -60.31
N PHE UB 43 39.12 -50.00 -61.16
CA PHE UB 43 39.36 -50.61 -62.46
C PHE UB 43 38.18 -50.27 -63.37
N GLU UB 44 38.41 -50.39 -64.67
CA GLU UB 44 37.42 -50.04 -65.67
C GLU UB 44 36.99 -51.28 -66.45
N VAL UB 45 35.79 -51.18 -67.05
CA VAL UB 45 35.25 -52.24 -67.88
C VAL UB 45 34.65 -51.61 -69.13
N SER UB 46 34.62 -52.39 -70.22
CA SER UB 46 34.05 -51.94 -71.47
C SER UB 46 32.59 -52.38 -71.56
N VAL UB 47 31.72 -51.46 -71.93
CA VAL UB 47 30.27 -51.69 -71.95
C VAL UB 47 29.73 -51.35 -73.33
N GLN UB 48 28.78 -52.16 -73.79
CA GLN UB 48 28.08 -51.91 -75.05
C GLN UB 48 26.70 -51.31 -74.78
N SER UB 49 26.17 -50.65 -75.80
CA SER UB 49 24.86 -50.01 -75.66
CA SER UB 49 24.86 -50.01 -75.67
C SER UB 49 23.76 -51.06 -75.57
N GLY UB 50 22.89 -50.91 -74.57
CA GLY UB 50 21.72 -51.77 -74.42
C GLY UB 50 22.04 -53.21 -74.06
N ILE UB 51 23.26 -53.46 -73.62
CA ILE UB 51 23.70 -54.80 -73.22
C ILE UB 51 24.32 -54.71 -71.83
N ALA UB 52 23.84 -55.55 -70.92
CA ALA UB 52 24.38 -55.61 -69.57
C ALA UB 52 25.68 -56.40 -69.56
N PHE UB 53 26.64 -55.95 -68.76
CA PHE UB 53 27.95 -56.57 -68.67
C PHE UB 53 28.18 -57.05 -67.24
N LYS UB 54 28.46 -58.35 -67.10
CA LYS UB 54 28.72 -58.93 -65.78
C LYS UB 54 30.16 -58.66 -65.39
N VAL UB 55 30.36 -58.00 -64.25
CA VAL UB 55 31.69 -57.69 -63.74
C VAL UB 55 32.21 -58.90 -62.98
N PRO UB 56 33.27 -59.55 -63.45
CA PRO UB 56 33.80 -60.72 -62.75
C PRO UB 56 34.60 -60.34 -61.51
N VAL UB 57 34.55 -61.21 -60.52
CA VAL UB 57 35.32 -61.01 -59.30
C VAL UB 57 36.81 -61.14 -59.59
N GLY UB 58 37.19 -61.94 -60.59
CA GLY UB 58 38.59 -62.14 -60.92
C GLY UB 58 39.33 -60.88 -61.32
N SER UB 59 38.60 -59.81 -61.65
N SER UB 59 38.60 -59.81 -61.65
CA SER UB 59 39.25 -58.55 -61.99
CA SER UB 59 39.26 -58.54 -61.98
C SER UB 59 39.97 -57.94 -60.79
C SER UB 59 39.99 -57.96 -60.79
N LEU UB 60 39.54 -58.26 -59.58
CA LEU UB 60 40.17 -57.72 -58.38
C LEU UB 60 41.49 -58.41 -58.05
N PHE UB 61 41.76 -59.58 -58.64
CA PHE UB 61 43.00 -60.31 -58.42
C PHE UB 61 43.97 -59.97 -59.54
N SER UB 62 44.98 -59.16 -59.25
CA SER UB 62 45.96 -58.74 -60.23
C SER UB 62 47.16 -58.14 -59.51
N ALA UB 63 48.34 -58.32 -60.12
CA ALA UB 63 49.55 -57.71 -59.58
C ALA UB 63 49.52 -56.19 -59.68
N ASN UB 64 48.67 -55.63 -60.54
CA ASN UB 64 48.52 -54.18 -60.61
C ASN UB 64 47.90 -53.61 -59.34
N PHE UB 65 47.25 -54.44 -58.53
CA PHE UB 65 46.65 -54.01 -57.28
C PHE UB 65 47.36 -54.61 -56.06
N ARG UB 66 48.50 -55.27 -56.27
CA ARG UB 66 49.18 -56.02 -55.23
C ARG UB 66 48.29 -57.10 -54.62
N THR UB 67 47.33 -57.61 -55.41
CA THR UB 67 46.36 -58.59 -54.93
C THR UB 67 46.42 -59.89 -55.71
N ASP UB 68 47.49 -60.12 -56.47
CA ASP UB 68 47.64 -61.38 -57.19
C ASP UB 68 47.93 -62.55 -56.26
N SER UB 69 48.15 -62.29 -54.96
CA SER UB 69 48.41 -63.34 -53.98
C SER UB 69 47.16 -63.84 -53.30
N PHE UB 70 46.01 -63.20 -53.52
CA PHE UB 70 44.76 -63.60 -52.90
C PHE UB 70 43.94 -64.48 -53.86
N THR UB 71 43.07 -65.30 -53.26
CA THR UB 71 42.15 -66.14 -54.03
C THR UB 71 40.69 -65.88 -53.72
N SER UB 72 40.37 -65.32 -52.56
CA SER UB 72 39.01 -64.97 -52.19
C SER UB 72 38.95 -63.51 -51.78
N VAL UB 73 37.74 -62.96 -51.76
CA VAL UB 73 37.55 -61.56 -51.39
C VAL UB 73 36.12 -61.38 -50.94
N THR UB 74 35.93 -60.51 -49.95
CA THR UB 74 34.62 -60.19 -49.40
C THR UB 74 34.26 -58.77 -49.83
N VAL UB 75 33.36 -58.68 -50.80
CA VAL UB 75 32.96 -57.37 -51.32
C VAL UB 75 32.07 -56.66 -50.30
N MET UB 76 32.39 -55.40 -50.01
CA MET UB 76 31.61 -54.59 -49.09
C MET UB 76 30.71 -53.60 -49.81
N SER UB 77 31.25 -52.81 -50.73
CA SER UB 77 30.46 -51.84 -51.47
C SER UB 77 31.03 -51.71 -52.88
N VAL UB 78 30.16 -51.26 -53.79
CA VAL UB 78 30.52 -51.10 -55.21
C VAL UB 78 30.04 -49.73 -55.67
N ARG UB 79 30.96 -48.94 -56.20
CA ARG UB 79 30.64 -47.62 -56.76
CA ARG UB 79 30.65 -47.61 -56.75
C ARG UB 79 31.09 -47.55 -58.21
N ALA UB 80 30.32 -46.84 -59.03
CA ALA UB 80 30.57 -46.77 -60.46
C ALA UB 80 30.52 -45.33 -60.94
N TRP UB 81 31.30 -45.05 -62.00
CA TRP UB 81 31.29 -43.77 -62.69
C TRP UB 81 31.38 -44.04 -64.18
N THR UB 82 30.78 -43.15 -64.97
CA THR UB 82 30.94 -43.19 -66.42
C THR UB 82 32.32 -42.67 -66.78
N GLN UB 83 33.06 -43.45 -67.57
CA GLN UB 83 34.45 -43.13 -67.89
C GLN UB 83 34.63 -42.34 -69.18
N LEU UB 84 33.73 -42.49 -70.15
CA LEU UB 84 33.80 -41.74 -71.40
C LEU UB 84 32.56 -40.86 -71.54
N THR UB 85 32.56 -40.05 -72.59
CA THR UB 85 31.46 -39.13 -72.82
C THR UB 85 30.23 -39.90 -73.34
N PRO UB 86 29.03 -39.40 -73.06
CA PRO UB 86 27.82 -40.04 -73.57
C PRO UB 86 27.63 -39.73 -75.05
N PRO UB 87 26.69 -40.38 -75.72
CA PRO UB 87 26.38 -40.04 -77.11
C PRO UB 87 25.89 -38.60 -77.23
N VAL UB 88 25.75 -38.16 -78.48
CA VAL UB 88 25.33 -36.79 -78.75
C VAL UB 88 23.89 -36.59 -78.27
N ASN UB 89 23.63 -35.44 -77.67
CA ASN UB 89 22.34 -34.96 -77.17
C ASN UB 89 21.92 -35.66 -75.88
N GLU UB 90 22.69 -36.60 -75.36
CA GLU UB 90 22.29 -37.37 -74.18
C GLU UB 90 23.18 -37.03 -72.99
N TYR UB 91 22.62 -37.26 -71.80
CA TYR UB 91 23.37 -37.19 -70.55
C TYR UB 91 23.83 -38.59 -70.16
N SER UB 92 24.89 -38.64 -69.37
CA SER UB 92 25.44 -39.92 -68.96
C SER UB 92 24.55 -40.58 -67.91
N PHE UB 93 24.51 -41.92 -67.95
CA PHE UB 93 23.82 -42.67 -66.92
C PHE UB 93 24.49 -44.03 -66.75
N VAL UB 94 24.32 -44.62 -65.57
CA VAL UB 94 24.91 -45.91 -65.25
C VAL UB 94 23.96 -46.67 -64.34
N ARG UB 95 23.81 -47.97 -64.57
CA ARG UB 95 22.97 -48.83 -63.75
C ARG UB 95 23.79 -49.97 -63.18
N LEU UB 96 23.44 -50.39 -61.96
CA LEU UB 96 24.10 -51.49 -61.28
C LEU UB 96 23.05 -52.48 -60.77
N LYS UB 97 23.24 -53.75 -61.08
CA LYS UB 97 22.36 -54.82 -60.60
C LYS UB 97 23.17 -55.79 -59.76
N PRO UB 98 22.95 -55.85 -58.45
CA PRO UB 98 23.75 -56.75 -57.61
C PRO UB 98 23.51 -58.22 -57.93
N LEU UB 99 24.61 -58.97 -58.03
CA LEU UB 99 24.57 -60.41 -58.25
C LEU UB 99 25.16 -61.13 -57.05
N PHE UB 100 24.59 -62.29 -56.73
CA PHE UB 100 25.07 -63.10 -55.61
C PHE UB 100 24.97 -64.58 -55.98
N LYS UB 101 25.81 -65.40 -55.34
CA LYS UB 101 25.79 -66.82 -55.63
CA LYS UB 101 25.79 -66.84 -55.63
C LYS UB 101 24.50 -67.48 -55.13
N THR UB 102 23.99 -67.01 -53.98
CA THR UB 102 22.77 -67.57 -53.42
C THR UB 102 21.51 -67.05 -54.10
N GLY UB 103 21.62 -66.01 -54.92
CA GLY UB 103 20.46 -65.46 -55.60
C GLY UB 103 20.67 -64.04 -56.08
N ASP UB 104 20.56 -63.82 -57.38
CA ASP UB 104 20.72 -62.49 -57.94
C ASP UB 104 19.53 -61.60 -57.54
N SER UB 105 19.80 -60.30 -57.47
CA SER UB 105 18.79 -59.30 -57.17
CA SER UB 105 18.78 -59.32 -57.17
C SER UB 105 18.26 -58.68 -58.46
N THR UB 106 17.13 -57.99 -58.34
CA THR UB 106 16.51 -57.32 -59.47
C THR UB 106 16.54 -55.81 -59.33
N GLU UB 107 17.22 -55.28 -58.30
CA GLU UB 107 17.36 -53.84 -58.15
C GLU UB 107 18.27 -53.28 -59.22
N GLU UB 108 17.89 -52.13 -59.78
CA GLU UB 108 18.67 -51.42 -60.79
C GLU UB 108 18.96 -50.02 -60.27
N PHE UB 109 19.94 -49.91 -59.37
CA PHE UB 109 20.35 -48.61 -58.87
C PHE UB 109 20.97 -47.79 -59.99
N GLU UB 110 20.40 -46.62 -60.27
CA GLU UB 110 20.78 -45.82 -61.43
C GLU UB 110 21.14 -44.41 -61.00
N GLY UB 111 22.19 -43.87 -61.59
CA GLY UB 111 22.55 -42.48 -61.39
C GLY UB 111 22.74 -41.79 -62.73
N ARG UB 112 22.20 -40.58 -62.83
CA ARG UB 112 22.29 -39.80 -64.06
C ARG UB 112 23.02 -38.49 -63.80
N ALA UB 113 23.69 -38.00 -64.82
CA ALA UB 113 24.38 -36.73 -64.74
C ALA UB 113 23.43 -35.60 -65.11
N SER UB 114 23.50 -34.50 -64.35
CA SER UB 114 22.72 -33.32 -64.67
C SER UB 114 23.43 -32.40 -65.66
N ASN UB 115 24.66 -32.72 -66.02
CA ASN UB 115 25.42 -31.96 -67.00
C ASN UB 115 26.02 -32.93 -68.00
N ILE UB 116 25.92 -32.60 -69.30
CA ILE UB 116 26.38 -33.51 -70.34
C ILE UB 116 27.89 -33.72 -70.30
N ASN UB 117 28.63 -32.82 -69.65
CA ASN UB 117 30.08 -32.94 -69.56
C ASN UB 117 30.54 -33.58 -68.25
N THR UB 118 29.60 -33.97 -67.39
CA THR UB 118 29.92 -34.54 -66.09
CA THR UB 118 29.93 -34.55 -66.09
C THR UB 118 29.59 -36.03 -66.06
N ARG UB 119 30.34 -36.77 -65.24
CA ARG UB 119 30.10 -38.20 -65.08
C ARG UB 119 28.76 -38.45 -64.41
N ALA UB 120 28.27 -39.68 -64.56
CA ALA UB 120 27.12 -40.18 -63.82
C ALA UB 120 27.58 -41.26 -62.88
N SER UB 121 27.14 -41.19 -61.62
CA SER UB 121 27.63 -42.08 -60.58
C SER UB 121 26.48 -42.65 -59.78
N VAL UB 122 26.71 -43.86 -59.26
CA VAL UB 122 25.75 -44.52 -58.38
C VAL UB 122 26.48 -45.66 -57.68
N GLY UB 123 25.95 -46.09 -56.54
CA GLY UB 123 26.56 -47.20 -55.83
C GLY UB 123 25.55 -47.90 -54.93
N TYR UB 124 25.96 -49.06 -54.45
CA TYR UB 124 25.12 -49.83 -53.52
C TYR UB 124 26.00 -50.52 -52.49
N ARG UB 125 25.44 -50.67 -51.29
CA ARG UB 125 26.11 -51.34 -50.18
C ARG UB 125 25.61 -52.77 -50.08
N ILE UB 126 26.52 -53.70 -49.79
CA ILE UB 126 26.19 -55.10 -49.57
C ILE UB 126 26.04 -55.31 -48.07
N PRO UB 127 24.88 -55.79 -47.60
CA PRO UB 127 24.68 -55.94 -46.16
C PRO UB 127 25.58 -57.01 -45.56
N THR UB 128 25.61 -57.02 -44.23
CA THR UB 128 26.47 -57.96 -43.50
CA THR UB 128 26.48 -57.95 -43.52
C THR UB 128 26.08 -59.41 -43.76
N ASN UB 129 24.78 -59.67 -43.94
CA ASN UB 129 24.32 -61.04 -44.13
C ASN UB 129 24.66 -61.60 -45.50
N LEU UB 130 25.12 -60.77 -46.43
CA LEU UB 130 25.49 -61.25 -47.76
C LEU UB 130 26.97 -61.04 -48.06
N ARG UB 131 27.79 -60.83 -47.02
CA ARG UB 131 29.22 -60.59 -47.19
C ARG UB 131 30.00 -61.90 -47.01
N GLN UB 132 29.79 -62.80 -47.95
CA GLN UB 132 30.56 -64.03 -48.03
C GLN UB 132 31.69 -63.86 -49.05
N ASN UB 133 32.58 -64.84 -49.08
CA ASN UB 133 33.68 -64.80 -50.02
C ASN UB 133 33.20 -65.08 -51.43
N THR UB 134 33.92 -64.49 -52.40
CA THR UB 134 33.69 -64.73 -53.81
C THR UB 134 35.02 -64.99 -54.49
N VAL UB 135 35.06 -66.02 -55.34
CA VAL UB 135 36.28 -66.39 -56.04
C VAL UB 135 36.26 -65.77 -57.43
N ALA UB 136 37.31 -66.02 -58.22
CA ALA UB 136 37.44 -65.35 -59.51
C ALA UB 136 36.34 -65.74 -60.48
N ALA UB 137 35.78 -66.95 -60.32
CA ALA UB 137 34.74 -67.41 -61.22
C ALA UB 137 33.41 -66.70 -61.00
N ASP UB 138 33.25 -66.03 -59.86
CA ASP UB 138 31.99 -65.38 -59.54
C ASP UB 138 31.91 -64.01 -60.22
N ASN UB 139 30.71 -63.44 -60.20
CA ASN UB 139 30.44 -62.12 -60.75
C ASN UB 139 29.94 -61.20 -59.66
N VAL UB 140 30.31 -59.93 -59.76
CA VAL UB 140 29.94 -58.93 -58.75
C VAL UB 140 28.58 -58.33 -59.04
N CYS UB 141 28.37 -57.86 -60.27
CA CYS UB 141 27.16 -57.14 -60.61
C CYS UB 141 27.07 -56.97 -62.12
N GLU UB 142 25.89 -56.60 -62.58
CA GLU UB 142 25.66 -56.21 -63.97
C GLU UB 142 25.73 -54.69 -64.09
N VAL UB 143 26.32 -54.21 -65.18
CA VAL UB 143 26.49 -52.78 -65.43
CA VAL UB 143 26.47 -52.78 -65.43
C VAL UB 143 25.84 -52.44 -66.77
N ARG UB 144 25.10 -51.34 -66.80
CA ARG UB 144 24.48 -50.81 -68.00
C ARG UB 144 24.78 -49.32 -68.10
N SER UB 145 25.11 -48.85 -69.29
CA SER UB 145 25.46 -47.46 -69.48
C SER UB 145 25.42 -47.12 -70.96
N ASN UB 146 25.13 -45.85 -71.25
CA ASN UB 146 25.21 -45.35 -72.61
C ASN UB 146 26.62 -44.92 -72.99
N CYS UB 147 27.53 -44.80 -72.02
CA CYS UB 147 28.94 -44.56 -72.29
C CYS UB 147 29.63 -45.90 -72.52
N ARG UB 148 30.75 -45.86 -73.25
CA ARG UB 148 31.41 -47.09 -73.65
C ARG UB 148 32.25 -47.71 -72.53
N GLN UB 149 32.67 -46.92 -71.54
CA GLN UB 149 33.44 -47.44 -70.42
CA GLN UB 149 33.45 -47.43 -70.42
C GLN UB 149 32.85 -46.94 -69.11
N VAL UB 150 33.04 -47.75 -68.06
CA VAL UB 150 32.55 -47.44 -66.73
C VAL UB 150 33.68 -47.71 -65.73
N ALA UB 151 33.96 -46.72 -64.87
CA ALA UB 151 34.99 -46.86 -63.85
C ALA UB 151 34.35 -47.33 -62.54
N LEU UB 152 34.91 -48.40 -61.98
CA LEU UB 152 34.41 -49.00 -60.75
C LEU UB 152 35.42 -48.80 -59.63
N VAL UB 153 34.89 -48.65 -58.41
CA VAL UB 153 35.69 -48.61 -57.18
C VAL UB 153 34.99 -49.52 -56.18
N ILE UB 154 35.58 -50.68 -55.91
CA ILE UB 154 34.94 -51.72 -55.12
C ILE UB 154 35.68 -51.82 -53.78
N SER UB 155 35.00 -51.42 -52.70
CA SER UB 155 35.56 -51.56 -51.36
CA SER UB 155 35.56 -51.56 -51.36
C SER UB 155 35.35 -52.99 -50.88
N CYS UB 156 36.43 -53.68 -50.55
CA CYS UB 156 36.35 -55.08 -50.17
C CYS UB 156 37.48 -55.43 -49.22
N CYS UB 157 37.48 -56.68 -48.75
N CYS UB 157 37.50 -56.68 -48.76
CA CYS UB 157 38.50 -57.21 -47.85
CA CYS UB 157 38.54 -57.17 -47.85
C CYS UB 157 39.07 -58.47 -48.48
C CYS UB 157 39.10 -58.46 -48.42
N PHE UB 158 40.34 -58.41 -48.91
CA PHE UB 158 40.99 -59.58 -49.46
C PHE UB 158 41.48 -60.50 -48.35
N ASN UB 159 41.29 -61.80 -48.53
CA ASN UB 159 41.73 -62.78 -47.55
C ASN UB 159 42.11 -64.10 -48.21
N ASN VB 16 51.21 7.37 -35.77
CA ASN VB 16 52.51 6.69 -35.86
C ASN VB 16 53.62 7.70 -36.12
N SER VB 17 54.85 7.22 -36.24
CA SER VB 17 55.99 8.11 -36.48
C SER VB 17 56.00 8.57 -37.93
N ASN VB 18 56.27 9.86 -38.12
N ASN VB 18 56.27 9.86 -38.11
CA ASN VB 18 56.30 10.44 -39.46
CA ASN VB 18 56.30 10.47 -39.43
C ASN VB 18 57.70 10.80 -39.93
C ASN VB 18 57.70 10.82 -39.91
N VAL VB 19 58.72 10.62 -39.09
CA VAL VB 19 60.09 10.98 -39.43
C VAL VB 19 61.03 9.89 -38.92
N VAL VB 20 62.25 9.90 -39.45
CA VAL VB 20 63.29 8.96 -39.04
C VAL VB 20 63.53 9.07 -37.54
N THR VB 21 63.73 7.93 -36.89
CA THR VB 21 64.02 7.84 -35.47
C THR VB 21 65.29 7.03 -35.27
N MET VB 22 66.04 7.37 -34.22
CA MET VB 22 67.31 6.71 -33.97
CA MET VB 22 67.31 6.71 -33.95
C MET VB 22 67.09 5.33 -33.35
N ILE VB 23 67.92 4.36 -33.75
CA ILE VB 23 67.91 3.02 -33.21
C ILE VB 23 69.19 2.81 -32.44
N ARG VB 24 69.08 2.46 -31.16
CA ARG VB 24 70.25 2.28 -30.29
C ARG VB 24 70.76 0.84 -30.41
N ALA VB 25 71.40 0.57 -31.53
CA ALA VB 25 71.98 -0.75 -31.76
C ALA VB 25 73.22 -0.93 -30.90
N GLY VB 26 73.53 -2.20 -30.61
CA GLY VB 26 74.66 -2.51 -29.75
C GLY VB 26 75.82 -3.17 -30.47
N SER VB 27 76.03 -4.46 -30.19
CA SER VB 27 77.12 -5.19 -30.80
CA SER VB 27 77.13 -5.19 -30.81
C SER VB 27 76.72 -5.69 -32.19
N TYR VB 28 77.73 -6.09 -32.97
CA TYR VB 28 77.48 -6.62 -34.29
C TYR VB 28 76.79 -7.97 -34.17
N PRO VB 29 75.60 -8.15 -34.75
CA PRO VB 29 74.85 -9.39 -34.55
C PRO VB 29 75.32 -10.49 -35.48
N LYS VB 30 74.80 -11.69 -35.22
CA LYS VB 30 75.03 -12.82 -36.13
C LYS VB 30 74.23 -12.60 -37.41
N VAL VB 31 74.92 -12.70 -38.55
CA VAL VB 31 74.31 -12.42 -39.84
C VAL VB 31 74.47 -13.63 -40.75
N ASN VB 32 73.74 -13.60 -41.86
CA ASN VB 32 73.82 -14.63 -42.89
C ASN VB 32 73.36 -14.02 -44.22
N PRO VB 33 74.26 -13.88 -45.19
CA PRO VB 33 73.86 -13.24 -46.46
C PRO VB 33 73.08 -14.15 -47.38
N THR VB 34 73.18 -15.47 -47.22
CA THR VB 34 72.53 -16.44 -48.10
C THR VB 34 71.64 -17.34 -47.26
N PRO VB 35 70.42 -16.91 -46.95
CA PRO VB 35 69.57 -17.68 -46.03
C PRO VB 35 68.70 -18.70 -46.74
N THR VB 36 67.90 -19.43 -45.95
CA THR VB 36 66.99 -20.44 -46.49
C THR VB 36 65.72 -19.77 -47.00
N TRP VB 37 64.82 -20.56 -47.58
CA TRP VB 37 63.61 -20.02 -48.18
C TRP VB 37 62.58 -21.12 -48.47
N VAL VB 38 61.42 -21.06 -47.81
CA VAL VB 38 60.35 -22.00 -48.11
C VAL VB 38 59.54 -21.45 -49.28
N ARG VB 39 59.34 -22.28 -50.30
CA ARG VB 39 58.77 -21.82 -51.56
C ARG VB 39 57.84 -22.87 -52.15
N ALA VB 40 56.90 -22.40 -52.97
CA ALA VB 40 56.07 -23.25 -53.81
C ALA VB 40 56.35 -22.88 -55.26
N ILE VB 41 57.04 -23.76 -55.98
CA ILE VB 41 57.54 -23.47 -57.32
C ILE VB 41 56.51 -23.97 -58.33
N PRO VB 42 55.87 -23.09 -59.11
CA PRO VB 42 55.00 -23.55 -60.19
C PRO VB 42 55.73 -23.67 -61.52
N PHE VB 43 55.66 -24.85 -62.14
CA PHE VB 43 56.26 -25.06 -63.45
C PHE VB 43 55.49 -26.17 -64.15
N GLU VB 44 55.77 -26.34 -65.44
CA GLU VB 44 55.07 -27.30 -66.27
C GLU VB 44 56.06 -28.25 -66.93
N VAL VB 45 55.57 -29.43 -67.29
CA VAL VB 45 56.35 -30.42 -68.03
C VAL VB 45 55.48 -31.01 -69.12
N SER VB 46 56.09 -31.33 -70.26
CA SER VB 46 55.38 -31.96 -71.36
C SER VB 46 55.48 -33.48 -71.23
N VAL VB 47 54.36 -34.16 -71.43
N VAL VB 47 54.36 -34.16 -71.39
CA VAL VB 47 54.25 -35.61 -71.28
CA VAL VB 47 54.34 -35.61 -71.29
C VAL VB 47 53.68 -36.19 -72.56
C VAL VB 47 53.72 -36.18 -72.56
N GLN VB 48 54.11 -37.40 -72.90
CA GLN VB 48 53.58 -38.15 -74.02
C GLN VB 48 52.59 -39.19 -73.51
N SER VB 49 51.71 -39.63 -74.40
CA SER VB 49 50.72 -40.64 -74.03
CA SER VB 49 50.73 -40.64 -74.03
C SER VB 49 51.40 -41.98 -73.74
N GLY VB 50 51.05 -42.57 -72.60
CA GLY VB 50 51.53 -43.90 -72.24
C GLY VB 50 53.01 -43.97 -71.93
N ILE VB 51 53.64 -42.81 -71.75
CA ILE VB 51 55.06 -42.71 -71.45
C ILE VB 51 55.24 -41.93 -70.15
N ALA VB 52 55.90 -42.56 -69.17
CA ALA VB 52 56.18 -41.91 -67.90
C ALA VB 52 57.28 -40.87 -68.05
N PHE VB 53 57.07 -39.70 -67.47
CA PHE VB 53 58.03 -38.62 -67.50
C PHE VB 53 58.65 -38.45 -66.12
N LYS VB 54 59.98 -38.40 -66.07
CA LYS VB 54 60.71 -38.18 -64.84
C LYS VB 54 60.98 -36.69 -64.67
N VAL VB 55 60.45 -36.10 -63.60
CA VAL VB 55 60.59 -34.68 -63.34
C VAL VB 55 61.91 -34.47 -62.59
N PRO VB 56 62.89 -33.78 -63.17
N PRO VB 56 62.90 -33.80 -63.17
CA PRO VB 56 64.16 -33.58 -62.47
CA PRO VB 56 64.16 -33.58 -62.47
C PRO VB 56 64.06 -32.48 -61.43
C PRO VB 56 64.03 -32.50 -61.41
N VAL VB 57 64.89 -32.60 -60.40
CA VAL VB 57 64.95 -31.57 -59.36
C VAL VB 57 65.57 -30.29 -59.90
N GLY VB 58 66.39 -30.38 -60.96
CA GLY VB 58 67.00 -29.21 -61.54
C GLY VB 58 66.02 -28.18 -62.06
N SER VB 59 64.76 -28.57 -62.29
N SER VB 59 64.76 -28.57 -62.29
CA SER VB 59 63.76 -27.61 -62.74
CA SER VB 59 63.75 -27.62 -62.73
C SER VB 59 63.39 -26.61 -61.65
C SER VB 59 63.45 -26.59 -61.66
N LEU VB 60 63.75 -26.89 -60.39
CA LEU VB 60 63.46 -25.97 -59.30
C LEU VB 60 64.49 -24.86 -59.17
N PHE VB 61 65.71 -25.07 -59.69
CA PHE VB 61 66.75 -24.06 -59.66
C PHE VB 61 66.72 -23.27 -60.95
N SER VB 62 66.24 -22.02 -60.88
CA SER VB 62 66.16 -21.18 -62.06
C SER VB 62 66.00 -19.73 -61.61
N ALA VB 63 66.48 -18.82 -62.44
CA ALA VB 63 66.33 -17.40 -62.15
C ALA VB 63 64.89 -16.93 -62.28
N ASN VB 64 64.04 -17.69 -62.97
CA ASN VB 64 62.63 -17.33 -63.06
C ASN VB 64 61.90 -17.53 -61.74
N PHE VB 65 62.51 -18.27 -60.80
CA PHE VB 65 61.94 -18.49 -59.49
C PHE VB 65 62.76 -17.85 -58.38
N ARG VB 66 63.76 -17.03 -58.74
CA ARG VB 66 64.69 -16.45 -57.79
C ARG VB 66 65.45 -17.51 -57.01
N THR VB 67 65.64 -18.69 -57.60
CA THR VB 67 66.30 -19.81 -56.93
C THR VB 67 67.52 -20.30 -57.69
N ASP VB 68 68.12 -19.45 -58.53
CA ASP VB 68 69.32 -19.84 -59.24
C ASP VB 68 70.56 -19.87 -58.35
N SER VB 69 70.46 -19.35 -57.12
CA SER VB 69 71.59 -19.31 -56.20
C SER VB 69 71.70 -20.57 -55.35
N PHE VB 70 70.66 -21.40 -55.30
CA PHE VB 70 70.66 -22.60 -54.48
C PHE VB 70 71.20 -23.79 -55.27
N THR VB 71 71.74 -24.77 -54.54
CA THR VB 71 72.19 -26.02 -55.14
C THR VB 71 71.46 -27.25 -54.59
N SER VB 72 70.86 -27.16 -53.41
CA SER VB 72 70.12 -28.26 -52.81
C SER VB 72 68.76 -27.76 -52.35
N VAL VB 73 67.83 -28.69 -52.18
CA VAL VB 73 66.47 -28.33 -51.79
C VAL VB 73 65.83 -29.53 -51.09
N THR VB 74 65.02 -29.23 -50.08
CA THR VB 74 64.28 -30.24 -49.32
C THR VB 74 62.83 -30.17 -49.74
N VAL VB 75 62.39 -31.15 -50.53
CA VAL VB 75 61.02 -31.18 -51.04
C VAL VB 75 60.08 -31.69 -49.95
N MET VB 76 58.96 -31.00 -49.76
CA MET VB 76 57.99 -31.38 -48.74
CA MET VB 76 57.98 -31.37 -48.73
C MET VB 76 56.73 -32.00 -49.32
N SER VB 77 56.17 -31.45 -50.39
CA SER VB 77 54.98 -32.00 -51.01
C SER VB 77 54.95 -31.62 -52.48
N VAL VB 78 54.29 -32.46 -53.29
CA VAL VB 78 54.20 -32.26 -54.73
C VAL VB 78 52.74 -32.34 -55.13
N ARG VB 79 52.32 -31.42 -56.00
CA ARG VB 79 50.96 -31.38 -56.51
CA ARG VB 79 50.95 -31.37 -56.51
C ARG VB 79 50.99 -31.19 -58.02
N ALA VB 80 50.12 -31.91 -58.72
CA ALA VB 80 50.09 -31.89 -60.18
C ALA VB 80 48.67 -31.70 -60.69
N TRP VB 81 48.53 -30.82 -61.69
CA TRP VB 81 47.29 -30.61 -62.41
C TRP VB 81 47.50 -30.88 -63.88
N THR VB 82 46.42 -31.22 -64.58
CA THR VB 82 46.46 -31.33 -66.03
C THR VB 82 46.44 -29.94 -66.64
N GLN VB 83 47.36 -29.70 -67.57
CA GLN VB 83 47.53 -28.36 -68.14
C GLN VB 83 46.83 -28.17 -69.48
N LEU VB 84 46.62 -29.24 -70.25
CA LEU VB 84 45.93 -29.16 -71.52
C LEU VB 84 44.70 -30.06 -71.51
N THR VB 85 43.91 -29.97 -72.58
CA THR VB 85 42.67 -30.72 -72.66
C THR VB 85 42.96 -32.20 -72.89
N PRO VB 86 42.07 -33.09 -72.43
CA PRO VB 86 42.27 -34.52 -72.64
C PRO VB 86 41.89 -34.91 -74.06
N PRO VB 87 42.19 -36.14 -74.47
CA PRO VB 87 41.71 -36.61 -75.78
C PRO VB 87 40.19 -36.61 -75.85
N VAL VB 88 39.68 -36.70 -77.08
CA VAL VB 88 38.24 -36.69 -77.29
C VAL VB 88 37.62 -37.89 -76.60
N ASN VB 89 36.48 -37.66 -75.96
CA ASN VB 89 35.65 -38.63 -75.24
C ASN VB 89 36.24 -39.01 -73.89
N GLU VB 90 37.43 -38.54 -73.53
CA GLU VB 90 38.09 -38.97 -72.31
C GLU VB 90 38.04 -37.88 -71.25
N TYR VB 91 38.06 -38.30 -69.99
CA TYR VB 91 38.26 -37.40 -68.87
C TYR VB 91 39.74 -37.34 -68.52
N SER VB 92 40.17 -36.17 -68.05
CA SER VB 92 41.58 -35.97 -67.71
C SER VB 92 41.97 -36.78 -66.49
N PHE VB 93 43.23 -37.21 -66.46
CA PHE VB 93 43.78 -37.91 -65.31
C PHE VB 93 45.28 -37.68 -65.26
N VAL VB 94 45.85 -37.88 -64.07
CA VAL VB 94 47.28 -37.71 -63.86
C VAL VB 94 47.72 -38.62 -62.71
N ARG VB 95 48.86 -39.28 -62.90
CA ARG VB 95 49.43 -40.17 -61.89
CA ARG VB 95 49.43 -40.17 -61.88
C ARG VB 95 50.80 -39.64 -61.46
N LEU VB 96 51.16 -39.96 -60.22
CA LEU VB 96 52.43 -39.52 -59.65
C LEU VB 96 53.08 -40.68 -58.91
N LYS VB 97 54.29 -41.05 -59.31
CA LYS VB 97 55.05 -42.07 -58.58
C LYS VB 97 56.23 -41.41 -57.89
N PRO VB 98 56.26 -41.39 -56.55
CA PRO VB 98 57.38 -40.76 -55.85
C PRO VB 98 58.69 -41.51 -56.08
N LEU VB 99 59.76 -40.75 -56.24
CA LEU VB 99 61.10 -41.29 -56.43
C LEU VB 99 62.03 -40.76 -55.35
N PHE VB 100 62.91 -41.64 -54.85
CA PHE VB 100 63.85 -41.27 -53.81
C PHE VB 100 65.22 -41.87 -54.12
N LYS VB 101 66.27 -41.22 -53.62
CA LYS VB 101 67.61 -41.73 -53.85
CA LYS VB 101 67.62 -41.72 -53.84
CA LYS VB 101 67.62 -41.71 -53.84
C LYS VB 101 67.87 -43.02 -53.08
N THR VB 102 67.23 -43.20 -51.93
CA THR VB 102 67.42 -44.41 -51.15
C THR VB 102 66.54 -45.56 -51.60
N GLY VB 103 65.54 -45.30 -52.44
CA GLY VB 103 64.67 -46.35 -52.91
C GLY VB 103 63.36 -45.84 -53.49
N ASP VB 104 63.14 -46.08 -54.77
CA ASP VB 104 61.93 -45.62 -55.43
C ASP VB 104 60.69 -46.33 -54.88
N SER VB 105 59.58 -45.63 -54.88
CA SER VB 105 58.31 -46.19 -54.45
CA SER VB 105 58.32 -46.20 -54.45
C SER VB 105 57.54 -46.72 -55.66
N THR VB 106 56.52 -47.52 -55.37
CA THR VB 106 55.67 -48.10 -56.40
C THR VB 106 54.23 -47.60 -56.31
N GLU VB 107 53.97 -46.59 -55.47
CA GLU VB 107 52.64 -46.01 -55.41
C GLU VB 107 52.34 -45.22 -56.68
N GLU VB 108 51.07 -45.19 -57.06
CA GLU VB 108 50.60 -44.44 -58.23
C GLU VB 108 49.38 -43.62 -57.81
N PHE VB 109 49.61 -42.55 -57.06
CA PHE VB 109 48.53 -41.66 -56.68
C PHE VB 109 47.90 -41.04 -57.93
N GLU VB 110 46.60 -41.27 -58.11
CA GLU VB 110 45.92 -40.89 -59.34
C GLU VB 110 44.66 -40.09 -59.02
N GLY VB 111 44.46 -39.02 -59.75
CA GLY VB 111 43.23 -38.24 -59.66
C GLY VB 111 42.65 -38.01 -61.04
N ARG VB 112 41.33 -38.14 -61.14
CA ARG VB 112 40.63 -38.00 -62.41
C ARG VB 112 39.63 -36.86 -62.35
N ALA VB 113 39.30 -36.35 -63.53
CA ALA VB 113 38.33 -35.28 -63.67
C ALA VB 113 36.92 -35.87 -63.78
N SER VB 114 35.98 -35.25 -63.07
CA SER VB 114 34.57 -35.62 -63.19
C SER VB 114 33.86 -34.83 -64.27
N ASN VB 115 34.46 -33.76 -64.76
CA ASN VB 115 33.94 -33.00 -65.90
C ASN VB 115 35.04 -32.96 -66.97
N ILE VB 116 34.65 -33.21 -68.22
CA ILE VB 116 35.61 -33.28 -69.31
C ILE VB 116 36.33 -31.95 -69.52
N ASN VB 117 35.74 -30.85 -69.05
CA ASN VB 117 36.32 -29.53 -69.22
C ASN VB 117 37.09 -29.06 -67.99
N THR VB 118 37.31 -29.93 -67.01
CA THR VB 118 37.95 -29.57 -65.75
CA THR VB 118 37.96 -29.56 -65.76
C THR VB 118 39.27 -30.32 -65.60
N ARG VB 119 40.20 -29.70 -64.88
CA ARG VB 119 41.50 -30.31 -64.61
C ARG VB 119 41.37 -31.50 -63.67
N ALA VB 120 42.27 -32.45 -63.83
CA ALA VB 120 42.46 -33.53 -62.86
C ALA VB 120 43.66 -33.21 -61.98
N SER VB 121 43.51 -33.45 -60.68
CA SER VB 121 44.53 -33.05 -59.72
C SER VB 121 44.78 -34.17 -58.72
N VAL VB 122 46.03 -34.23 -58.25
CA VAL VB 122 46.43 -35.18 -57.21
C VAL VB 122 47.74 -34.69 -56.64
N GLY VB 123 48.10 -35.19 -55.45
CA GLY VB 123 49.35 -34.80 -54.82
C GLY VB 123 49.76 -35.80 -53.77
N TYR VB 124 50.98 -35.60 -53.25
CA TYR VB 124 51.48 -36.47 -52.21
C TYR VB 124 52.46 -35.69 -51.33
N ARG VB 125 52.54 -36.10 -50.07
CA ARG VB 125 53.40 -35.48 -49.07
C ARG VB 125 54.56 -36.41 -48.73
N ILE VB 126 55.76 -35.86 -48.69
CA ILE VB 126 56.95 -36.62 -48.32
C ILE VB 126 57.10 -36.56 -46.79
N PRO VB 127 57.23 -37.70 -46.11
CA PRO VB 127 57.32 -37.68 -44.65
C PRO VB 127 58.64 -37.09 -44.18
N THR VB 128 58.69 -36.78 -42.88
CA THR VB 128 59.88 -36.15 -42.31
CA THR VB 128 59.88 -36.15 -42.32
C THR VB 128 61.11 -37.05 -42.41
N ASN VB 129 60.91 -38.37 -42.35
CA ASN VB 129 62.05 -39.28 -42.43
C ASN VB 129 62.62 -39.38 -43.84
N LEU VB 130 61.93 -38.83 -44.84
CA LEU VB 130 62.42 -38.85 -46.22
C LEU VB 130 62.68 -37.44 -46.75
N ARG VB 131 62.78 -36.45 -45.86
CA ARG VB 131 63.01 -35.07 -46.28
C ARG VB 131 64.49 -34.71 -46.16
N GLN VB 132 65.27 -35.32 -47.04
CA GLN VB 132 66.68 -34.98 -47.19
C GLN VB 132 66.83 -34.03 -48.38
N ASN VB 133 68.07 -33.62 -48.64
CA ASN VB 133 68.34 -32.72 -49.76
C ASN VB 133 68.40 -33.48 -51.07
N THR VB 134 68.03 -32.79 -52.14
CA THR VB 134 68.15 -33.31 -53.50
C THR VB 134 68.81 -32.25 -54.38
N VAL VB 135 69.60 -32.70 -55.34
CA VAL VB 135 70.31 -31.80 -56.23
C VAL VB 135 69.74 -31.92 -57.64
N ALA VB 136 70.29 -31.17 -58.58
CA ALA VB 136 69.70 -31.06 -59.93
C ALA VB 136 69.64 -32.40 -60.63
N ALA VB 137 70.62 -33.27 -60.41
CA ALA VB 137 70.65 -34.56 -61.10
C ALA VB 137 69.57 -35.51 -60.61
N ASP VB 138 69.06 -35.31 -59.40
CA ASP VB 138 68.07 -36.21 -58.83
C ASP VB 138 66.70 -35.96 -59.48
N ASN VB 139 65.80 -36.92 -59.27
CA ASN VB 139 64.43 -36.84 -59.77
C ASN VB 139 63.46 -36.76 -58.60
N VAL VB 140 62.39 -35.99 -58.78
CA VAL VB 140 61.35 -35.86 -57.75
C VAL VB 140 60.33 -36.98 -57.85
N CYS VB 141 59.80 -37.23 -59.04
CA CYS VB 141 58.69 -38.15 -59.21
C CYS VB 141 58.53 -38.46 -60.70
N GLU VB 142 57.67 -39.44 -60.98
CA GLU VB 142 57.24 -39.74 -62.33
C GLU VB 142 55.83 -39.21 -62.56
N VAL VB 143 55.54 -38.85 -63.80
CA VAL VB 143 54.24 -38.28 -64.16
C VAL VB 143 53.68 -39.05 -65.35
N ARG VB 144 52.42 -39.49 -65.22
CA ARG VB 144 51.68 -40.11 -66.30
C ARG VB 144 50.35 -39.38 -66.47
N SER VB 145 49.96 -39.13 -67.72
CA SER VB 145 48.73 -38.40 -67.99
C SER VB 145 48.34 -38.60 -69.44
N ASN VB 146 47.04 -38.45 -69.70
CA ASN VB 146 46.54 -38.46 -71.06
C ASN VB 146 46.52 -37.08 -71.70
N CYS VB 147 46.76 -36.03 -70.92
CA CYS VB 147 46.92 -34.68 -71.44
C CYS VB 147 48.40 -34.43 -71.75
N ARG VB 148 48.65 -33.58 -72.74
CA ARG VB 148 50.01 -33.41 -73.24
C ARG VB 148 50.90 -32.53 -72.35
N GLN VB 149 50.34 -31.89 -71.33
CA GLN VB 149 51.13 -31.06 -70.44
CA GLN VB 149 51.13 -31.06 -70.44
C GLN VB 149 50.57 -31.17 -69.03
N VAL VB 150 51.46 -31.10 -68.04
CA VAL VB 150 51.10 -31.21 -66.64
C VAL VB 150 51.74 -30.07 -65.88
N ALA VB 151 50.95 -29.36 -65.09
CA ALA VB 151 51.45 -28.27 -64.26
C ALA VB 151 51.73 -28.79 -62.85
N LEU VB 152 52.91 -28.47 -62.32
CA LEU VB 152 53.33 -28.92 -61.01
C LEU VB 152 53.52 -27.73 -60.08
N VAL VB 153 53.16 -27.91 -58.82
CA VAL VB 153 53.40 -26.94 -57.75
C VAL VB 153 54.08 -27.70 -56.63
N ILE VB 154 55.36 -27.44 -56.43
CA ILE VB 154 56.19 -28.22 -55.51
C ILE VB 154 56.52 -27.33 -54.31
N SER VB 155 56.01 -27.72 -53.14
CA SER VB 155 56.34 -27.04 -51.89
CA SER VB 155 56.34 -27.04 -51.89
C SER VB 155 57.65 -27.60 -51.35
N CYS VB 156 58.64 -26.73 -51.17
CA CYS VB 156 59.96 -27.18 -50.76
C CYS VB 156 60.66 -26.06 -50.01
N CYS VB 157 61.84 -26.38 -49.48
N CYS VB 157 61.83 -26.37 -49.47
CA CYS VB 157 62.68 -25.43 -48.74
CA CYS VB 157 62.65 -25.39 -48.76
C CYS VB 157 64.06 -25.43 -49.38
C CYS VB 157 64.05 -25.40 -49.34
N PHE VB 158 64.43 -24.31 -50.00
CA PHE VB 158 65.75 -24.19 -50.61
C PHE VB 158 66.79 -23.87 -49.55
N ASN VB 159 67.93 -24.54 -49.66
CA ASN VB 159 69.04 -24.30 -48.73
C ASN VB 159 70.38 -24.58 -49.40
N ASN WB 16 6.33 8.78 -41.22
CA ASN WB 16 7.34 9.83 -41.33
C ASN WB 16 6.71 11.11 -41.89
N SER WB 17 7.51 12.16 -42.03
CA SER WB 17 6.99 13.44 -42.48
C SER WB 17 6.41 13.33 -43.88
N ASN WB 18 5.28 14.00 -44.09
N ASN WB 18 5.28 14.01 -44.09
CA ASN WB 18 4.61 13.99 -45.40
CA ASN WB 18 4.59 14.00 -45.37
C ASN WB 18 4.61 15.35 -46.08
C ASN WB 18 4.67 15.33 -46.10
N VAL WB 19 5.18 16.38 -45.46
CA VAL WB 19 5.32 17.69 -46.06
C VAL WB 19 6.67 18.27 -45.69
N VAL WB 20 6.98 19.43 -46.27
CA VAL WB 20 8.26 20.09 -46.02
C VAL WB 20 8.31 20.56 -44.57
N THR WB 21 9.50 20.49 -43.97
CA THR WB 21 9.73 20.97 -42.61
C THR WB 21 10.91 21.92 -42.62
N MET WB 22 10.88 22.88 -41.70
CA MET WB 22 11.88 23.93 -41.66
CA MET WB 22 11.88 23.93 -41.64
C MET WB 22 13.16 23.44 -40.99
N ILE WB 23 14.29 23.79 -41.59
CA ILE WB 23 15.61 23.49 -41.04
C ILE WB 23 16.15 24.78 -40.42
N ARG WB 24 16.47 24.73 -39.12
CA ARG WB 24 17.00 25.89 -38.41
C ARG WB 24 18.52 25.91 -38.58
N ALA WB 25 18.94 26.40 -39.74
CA ALA WB 25 20.36 26.44 -40.09
C ALA WB 25 21.07 27.57 -39.36
N GLY WB 26 22.39 27.44 -39.26
CA GLY WB 26 23.19 28.42 -38.56
C GLY WB 26 24.15 29.17 -39.47
N SER WB 27 25.43 29.20 -39.10
CA SER WB 27 26.42 29.90 -39.90
CA SER WB 27 26.43 29.90 -39.89
C SER WB 27 26.69 29.14 -41.19
N TYR WB 28 27.44 29.78 -42.08
CA TYR WB 28 27.78 29.15 -43.35
C TYR WB 28 28.81 28.05 -43.11
N PRO WB 29 28.57 26.84 -43.59
CA PRO WB 29 29.46 25.72 -43.27
C PRO WB 29 30.66 25.67 -44.19
N LYS WB 30 31.64 24.87 -43.80
CA LYS WB 30 32.78 24.61 -44.67
C LYS WB 30 32.34 23.73 -45.82
N VAL WB 31 32.57 24.19 -47.05
CA VAL WB 31 32.05 23.53 -48.24
C VAL WB 31 33.21 23.07 -49.12
N ASN WB 32 32.87 22.22 -50.09
CA ASN WB 32 33.82 21.76 -51.10
C ASN WB 32 33.07 21.34 -52.36
N PRO WB 33 33.19 22.10 -53.45
CA PRO WB 33 32.43 21.74 -54.66
C PRO WB 33 33.01 20.59 -55.46
N THR WB 34 34.30 20.27 -55.27
CA THR WB 34 34.97 19.21 -56.01
C THR WB 34 35.60 18.24 -55.03
N PRO WB 35 34.82 17.34 -54.45
CA PRO WB 35 35.32 16.46 -53.40
C PRO WB 35 35.99 15.21 -54.00
N THR WB 36 36.40 14.32 -53.09
CA THR WB 36 37.02 13.06 -53.46
C THR WB 36 35.94 12.01 -53.75
N TRP WB 37 36.37 10.82 -54.16
CA TRP WB 37 35.43 9.78 -54.57
C TRP WB 37 36.16 8.45 -54.65
N VAL WB 38 35.81 7.52 -53.76
CA VAL WB 38 36.33 6.15 -53.85
C VAL WB 38 35.47 5.37 -54.83
N ARG WB 39 36.11 4.64 -55.73
CA ARG WB 39 35.41 3.99 -56.83
C ARG WB 39 36.07 2.66 -57.16
N ALA WB 40 35.35 1.86 -57.95
CA ALA WB 40 35.89 0.67 -58.61
C ALA WB 40 35.58 0.82 -60.10
N ILE WB 41 36.62 0.98 -60.90
CA ILE WB 41 36.47 1.32 -62.32
C ILE WB 41 36.62 0.03 -63.13
N PRO WB 42 35.58 -0.41 -63.85
CA PRO WB 42 35.74 -1.56 -64.73
C PRO WB 42 36.04 -1.17 -66.17
N PHE WB 43 37.15 -1.68 -66.71
CA PHE WB 43 37.50 -1.42 -68.11
C PHE WB 43 38.34 -2.59 -68.61
N GLU WB 44 38.52 -2.63 -69.93
CA GLU WB 44 39.16 -3.75 -70.60
C GLU WB 44 40.36 -3.27 -71.40
N VAL WB 45 41.31 -4.18 -71.62
CA VAL WB 45 42.51 -3.91 -72.41
C VAL WB 45 42.72 -5.06 -73.38
N SER WB 46 43.30 -4.74 -74.53
CA SER WB 46 43.67 -5.74 -75.52
C SER WB 46 45.13 -6.14 -75.31
N VAL WB 47 45.37 -7.45 -75.30
N VAL WB 47 45.38 -7.45 -75.28
CA VAL WB 47 46.69 -8.02 -75.02
CA VAL WB 47 46.72 -7.98 -75.03
C VAL WB 47 47.07 -8.97 -76.15
C VAL WB 47 47.07 -8.97 -76.12
N GLN WB 48 48.34 -8.96 -76.53
CA GLN WB 48 48.87 -9.88 -77.51
C GLN WB 48 49.54 -11.06 -76.82
N SER WB 49 49.68 -12.16 -77.56
CA SER WB 49 50.30 -13.35 -77.01
CA SER WB 49 50.30 -13.35 -77.01
C SER WB 49 51.80 -13.16 -76.87
N GLY WB 50 52.34 -13.50 -75.70
CA GLY WB 50 53.76 -13.38 -75.44
C GLY WB 50 54.29 -11.97 -75.30
N ILE WB 51 53.40 -10.98 -75.22
CA ILE WB 51 53.80 -9.58 -75.12
C ILE WB 51 53.13 -8.97 -73.89
N ALA WB 52 53.93 -8.35 -73.03
CA ALA WB 52 53.40 -7.68 -71.86
C ALA WB 52 52.84 -6.32 -72.24
N PHE WB 53 51.67 -6.01 -71.69
CA PHE WB 53 50.98 -4.75 -71.96
C PHE WB 53 50.95 -3.92 -70.68
N LYS WB 54 51.49 -2.72 -70.76
CA LYS WB 54 51.47 -1.79 -69.64
C LYS WB 54 50.14 -1.03 -69.64
N VAL WB 55 49.45 -1.07 -68.50
CA VAL WB 55 48.14 -0.44 -68.36
C VAL WB 55 48.36 1.00 -67.88
N PRO WB 56 48.01 2.01 -68.67
N PRO WB 56 48.02 2.00 -68.68
CA PRO WB 56 48.23 3.39 -68.24
CA PRO WB 56 48.22 3.39 -68.25
C PRO WB 56 47.16 3.84 -67.27
C PRO WB 56 47.17 3.82 -67.23
N VAL WB 57 47.55 4.80 -66.42
CA VAL WB 57 46.62 5.36 -65.43
C VAL WB 57 45.57 6.22 -66.12
N GLY WB 58 45.85 6.75 -67.31
CA GLY WB 58 44.90 7.57 -68.02
C GLY WB 58 43.60 6.88 -68.38
N SER WB 59 43.58 5.54 -68.32
N SER WB 59 43.57 5.54 -68.31
CA SER WB 59 42.35 4.81 -68.59
CA SER WB 59 42.34 4.82 -68.60
C SER WB 59 41.29 5.03 -67.52
C SER WB 59 41.28 5.07 -67.52
N LEU WB 60 41.70 5.38 -66.30
CA LEU WB 60 40.76 5.60 -65.21
C LEU WB 60 40.03 6.94 -65.32
N PHE WB 61 40.57 7.90 -66.06
CA PHE WB 61 39.97 9.21 -66.23
C PHE WB 61 39.15 9.22 -67.52
N SER WB 62 37.83 9.22 -67.38
CA SER WB 62 36.95 9.20 -68.54
C SER WB 62 35.55 9.61 -68.11
N ALA WB 63 34.81 10.22 -69.04
CA ALA WB 63 33.42 10.57 -68.77
C ALA WB 63 32.53 9.34 -68.71
N ASN WB 64 33.01 8.19 -69.20
CA ASN WB 64 32.27 6.95 -69.06
C ASN WB 64 32.23 6.44 -67.63
N PHE WB 65 33.07 6.99 -66.75
CA PHE WB 65 33.11 6.62 -65.34
C PHE WB 65 32.79 7.79 -64.43
N ARG WB 66 32.38 8.94 -64.99
CA ARG WB 66 32.17 10.18 -64.24
C ARG WB 66 33.44 10.66 -63.57
N THR WB 67 34.61 10.36 -64.16
CA THR WB 67 35.89 10.70 -63.57
C THR WB 67 36.74 11.57 -64.49
N ASP WB 68 36.14 12.23 -65.47
CA ASP WB 68 36.89 13.11 -66.34
C ASP WB 68 37.31 14.40 -65.66
N SER WB 69 36.75 14.70 -64.49
CA SER WB 69 37.06 15.91 -63.76
C SER WB 69 38.26 15.76 -62.82
N PHE WB 70 38.83 14.56 -62.71
CA PHE WB 70 39.97 14.31 -61.86
C PHE WB 70 41.26 14.31 -62.69
N THR WB 71 42.36 14.69 -62.05
CA THR WB 71 43.68 14.68 -62.66
C THR WB 71 44.63 13.65 -62.06
N SER WB 72 44.41 13.28 -60.79
CA SER WB 72 45.22 12.28 -60.11
C SER WB 72 44.30 11.25 -59.49
N VAL WB 73 44.87 10.12 -59.09
CA VAL WB 73 44.10 9.03 -58.50
C VAL WB 73 45.04 8.15 -57.70
N THR WB 74 44.57 7.69 -56.54
CA THR WB 74 45.33 6.81 -55.67
C THR WB 74 44.76 5.40 -55.81
N VAL WB 75 45.55 4.49 -56.36
CA VAL WB 75 45.12 3.12 -56.57
C VAL WB 75 45.33 2.31 -55.30
N MET WB 76 44.31 1.55 -54.90
CA MET WB 76 44.37 0.72 -53.71
CA MET WB 76 44.37 0.72 -53.71
C MET WB 76 44.48 -0.77 -54.00
N SER WB 77 43.87 -1.24 -55.09
CA SER WB 77 43.98 -2.66 -55.45
C SER WB 77 43.62 -2.81 -56.91
N VAL WB 78 44.12 -3.89 -57.51
CA VAL WB 78 43.96 -4.16 -58.94
C VAL WB 78 43.57 -5.62 -59.12
N ARG WB 79 42.52 -5.86 -59.90
CA ARG WB 79 42.06 -7.20 -60.23
CA ARG WB 79 42.07 -7.21 -60.22
C ARG WB 79 41.92 -7.35 -61.73
N ALA WB 80 42.14 -8.56 -62.22
CA ALA WB 80 42.09 -8.83 -63.64
C ALA WB 80 41.37 -10.15 -63.92
N TRP WB 81 40.51 -10.14 -64.93
CA TRP WB 81 39.86 -11.34 -65.43
C TRP WB 81 40.07 -11.45 -66.93
N THR WB 82 40.19 -12.68 -67.41
CA THR WB 82 40.28 -12.92 -68.85
C THR WB 82 38.93 -12.66 -69.49
N GLN WB 83 38.91 -11.77 -70.48
CA GLN WB 83 37.65 -11.33 -71.08
C GLN WB 83 37.20 -12.22 -72.24
N LEU WB 84 38.13 -12.85 -72.94
CA LEU WB 84 37.81 -13.71 -74.07
C LEU WB 84 38.27 -15.14 -73.79
N THR WB 85 37.90 -16.03 -74.70
CA THR WB 85 38.23 -17.44 -74.54
C THR WB 85 39.72 -17.68 -74.81
N PRO WB 86 40.31 -18.68 -74.14
CA PRO WB 86 41.72 -18.98 -74.37
C PRO WB 86 41.90 -19.72 -75.69
N PRO WB 87 43.15 -19.91 -76.13
CA PRO WB 87 43.39 -20.71 -77.35
C PRO WB 87 42.90 -22.14 -77.17
N VAL WB 88 42.87 -22.86 -78.29
CA VAL WB 88 42.37 -24.23 -78.29
C VAL WB 88 43.30 -25.12 -77.49
N ASN WB 89 42.72 -26.00 -76.68
CA ASN WB 89 43.36 -26.99 -75.81
C ASN WB 89 43.92 -26.39 -74.53
N GLU WB 90 43.86 -25.07 -74.36
CA GLU WB 90 44.50 -24.40 -73.22
C GLU WB 90 43.47 -23.88 -72.23
N TYR WB 91 43.91 -23.71 -71.00
CA TYR WB 91 43.16 -23.05 -69.95
C TYR WB 91 43.60 -21.58 -69.87
N SER WB 92 42.69 -20.72 -69.43
CA SER WB 92 43.00 -19.30 -69.34
C SER WB 92 43.96 -19.01 -68.20
N PHE WB 93 44.79 -17.99 -68.38
CA PHE WB 93 45.67 -17.52 -67.32
C PHE WB 93 45.93 -16.03 -67.53
N VAL WB 94 46.21 -15.33 -66.44
CA VAL WB 94 46.50 -13.90 -66.47
C VAL WB 94 47.58 -13.62 -65.44
N ARG WB 95 48.59 -12.83 -65.84
CA ARG WB 95 49.67 -12.43 -64.95
C ARG WB 95 49.63 -10.93 -64.74
N LEU WB 96 50.03 -10.51 -63.53
CA LEU WB 96 50.08 -9.09 -63.18
C LEU WB 96 51.43 -8.76 -62.57
N LYS WB 97 52.09 -7.75 -63.11
CA LYS WB 97 53.32 -7.21 -62.53
C LYS WB 97 53.10 -5.77 -62.10
N PRO WB 98 53.03 -5.46 -60.81
CA PRO WB 98 52.80 -4.08 -60.39
C PRO WB 98 53.94 -3.16 -60.81
N LEU WB 99 53.59 -1.94 -61.17
CA LEU WB 99 54.55 -0.91 -61.57
C LEU WB 99 54.38 0.32 -60.69
N PHE WB 100 55.50 0.93 -60.32
CA PHE WB 100 55.49 2.13 -59.50
C PHE WB 100 56.49 3.14 -60.06
N LYS WB 101 56.28 4.41 -59.71
CA LYS WB 101 57.20 5.44 -60.17
CA LYS WB 101 57.19 5.45 -60.16
C LYS WB 101 58.51 5.39 -59.40
N THR WB 102 58.46 5.03 -58.12
CA THR WB 102 59.66 4.96 -57.30
C THR WB 102 60.45 3.68 -57.50
N GLY WB 103 59.91 2.72 -58.24
CA GLY WB 103 60.61 1.46 -58.48
C GLY WB 103 59.66 0.32 -58.80
N ASP WB 104 59.76 -0.20 -60.01
CA ASP WB 104 58.86 -1.27 -60.44
C ASP WB 104 59.18 -2.57 -59.71
N SER WB 105 58.14 -3.38 -59.52
CA SER WB 105 58.28 -4.66 -58.86
CA SER WB 105 58.29 -4.66 -58.86
C SER WB 105 58.52 -5.77 -59.89
N THR WB 106 58.89 -6.95 -59.39
CA THR WB 106 59.15 -8.10 -60.24
C THR WB 106 58.21 -9.27 -59.95
N GLU WB 107 57.22 -9.09 -59.08
CA GLU WB 107 56.27 -10.15 -58.82
C GLU WB 107 55.38 -10.39 -60.04
N GLU WB 108 55.05 -11.66 -60.29
CA GLU WB 108 54.16 -12.05 -61.38
C GLU WB 108 53.01 -12.86 -60.77
N PHE WB 109 52.07 -12.16 -60.14
CA PHE WB 109 50.89 -12.81 -59.58
C PHE WB 109 50.07 -13.41 -60.71
N GLU WB 110 49.92 -14.73 -60.69
CA GLU WB 110 49.30 -15.46 -61.79
C GLU WB 110 48.09 -16.26 -61.28
N GLY WB 111 47.04 -16.26 -62.08
CA GLY WB 111 45.89 -17.12 -61.80
C GLY WB 111 45.47 -17.84 -63.06
N ARG WB 112 45.16 -19.13 -62.91
CA ARG WB 112 44.75 -19.97 -64.01
C ARG WB 112 43.34 -20.50 -63.78
N ALA WB 113 42.68 -20.85 -64.88
CA ALA WB 113 41.35 -21.43 -64.83
C ALA WB 113 41.45 -22.95 -64.80
N SER WB 114 40.64 -23.58 -63.96
CA SER WB 114 40.57 -25.03 -63.90
C SER WB 114 39.51 -25.61 -64.83
N ASN WB 115 38.68 -24.77 -65.43
CA ASN WB 115 37.71 -25.17 -66.43
C ASN WB 115 37.97 -24.34 -67.69
N ILE WB 116 38.04 -25.00 -68.84
CA ILE WB 116 38.40 -24.33 -70.08
C ILE WB 116 37.39 -23.25 -70.45
N ASN WB 117 36.17 -23.34 -69.93
CA ASN WB 117 35.11 -22.38 -70.24
C ASN WB 117 34.94 -21.31 -69.17
N THR WB 118 35.83 -21.26 -68.18
CA THR WB 118 35.74 -20.33 -67.08
CA THR WB 118 35.74 -20.31 -67.09
C THR WB 118 36.90 -19.33 -67.13
N ARG WB 119 36.64 -18.12 -66.65
CA ARG WB 119 37.65 -17.07 -66.61
C ARG WB 119 38.76 -17.43 -65.62
N ALA WB 120 39.90 -16.79 -65.80
CA ALA WB 120 41.01 -16.86 -64.85
C ALA WB 120 41.19 -15.50 -64.19
N SER WB 121 41.54 -15.52 -62.90
CA SER WB 121 41.52 -14.30 -62.11
C SER WB 121 42.71 -14.27 -61.14
N VAL WB 122 43.19 -13.06 -60.88
CA VAL WB 122 44.19 -12.82 -59.85
C VAL WB 122 44.19 -11.34 -59.55
N GLY WB 123 44.80 -10.96 -58.43
CA GLY WB 123 44.87 -9.55 -58.07
C GLY WB 123 45.95 -9.30 -57.05
N TYR WB 124 46.19 -8.02 -56.78
CA TYR WB 124 47.20 -7.64 -55.80
C TYR WB 124 46.77 -6.36 -55.08
N ARG WB 125 47.18 -6.26 -53.82
CA ARG WB 125 46.87 -5.13 -52.97
C ARG WB 125 48.12 -4.26 -52.81
N ILE WB 126 47.95 -2.95 -52.98
CA ILE WB 126 49.06 -2.01 -52.84
C ILE WB 126 49.12 -1.54 -51.39
N PRO WB 127 50.28 -1.64 -50.73
CA PRO WB 127 50.36 -1.26 -49.32
C PRO WB 127 50.26 0.26 -49.15
N THR WB 128 50.02 0.65 -47.90
CA THR WB 128 49.82 2.07 -47.58
CA THR WB 128 49.82 2.07 -47.59
C THR WB 128 51.07 2.89 -47.88
N ASN WB 129 52.25 2.32 -47.67
CA ASN WB 129 53.48 3.06 -47.91
C ASN WB 129 53.75 3.35 -49.37
N LEU WB 130 53.00 2.73 -50.29
CA LEU WB 130 53.16 2.98 -51.72
C LEU WB 130 51.91 3.57 -52.36
N ARG WB 131 50.94 4.01 -51.56
CA ARG WB 131 49.70 4.57 -52.10
C ARG WB 131 49.81 6.09 -52.29
N GLN WB 132 50.76 6.48 -53.13
CA GLN WB 132 50.89 7.87 -53.53
C GLN WB 132 50.00 8.15 -54.74
N ASN WB 133 50.02 9.39 -55.21
CA ASN WB 133 49.21 9.75 -56.36
C ASN WB 133 49.87 9.30 -57.66
N THR WB 134 49.03 9.06 -58.67
CA THR WB 134 49.49 8.70 -60.01
C THR WB 134 48.70 9.51 -61.02
N VAL WB 135 49.37 9.95 -62.08
CA VAL WB 135 48.74 10.75 -63.13
C VAL WB 135 48.57 9.91 -64.38
N ALA WB 136 47.94 10.49 -65.41
CA ALA WB 136 47.58 9.72 -66.60
C ALA WB 136 48.80 9.14 -67.29
N ALA WB 137 49.93 9.85 -67.27
CA ALA WB 137 51.13 9.37 -67.93
C ALA WB 137 51.72 8.13 -67.27
N ASP WB 138 51.41 7.90 -66.00
CA ASP WB 138 51.97 6.76 -65.28
C ASP WB 138 51.29 5.47 -65.72
N ASN WB 139 51.90 4.35 -65.34
CA ASN WB 139 51.36 3.03 -65.60
C ASN WB 139 50.97 2.36 -64.29
N VAL WB 140 49.95 1.51 -64.36
CA VAL WB 140 49.50 0.77 -63.18
C VAL WB 140 50.25 -0.54 -63.02
N CYS WB 141 50.29 -1.35 -64.08
CA CYS WB 141 50.90 -2.67 -64.02
C CYS WB 141 51.06 -3.20 -65.43
N GLU WB 142 51.80 -4.30 -65.55
CA GLU WB 142 51.88 -5.08 -66.77
C GLU WB 142 50.89 -6.24 -66.70
N VAL WB 143 50.35 -6.60 -67.86
CA VAL WB 143 49.36 -7.67 -67.98
CA VAL WB 143 49.37 -7.68 -67.96
C VAL WB 143 49.81 -8.63 -69.06
N ARG WB 144 49.77 -9.94 -68.75
CA ARG WB 144 50.10 -10.99 -69.69
C ARG WB 144 49.00 -12.04 -69.63
N SER WB 145 48.68 -12.63 -70.78
CA SER WB 145 47.64 -13.64 -70.86
C SER WB 145 47.71 -14.34 -72.20
N ASN WB 146 47.09 -15.51 -72.27
CA ASN WB 146 46.89 -16.21 -73.53
C ASN WB 146 45.57 -15.84 -74.20
N CYS WB 147 44.68 -15.15 -73.48
CA CYS WB 147 43.47 -14.60 -74.07
C CYS WB 147 43.75 -13.20 -74.59
N ARG WB 148 43.00 -12.80 -75.61
CA ARG WB 148 43.29 -11.56 -76.31
C ARG WB 148 42.77 -10.31 -75.60
N GLN WB 149 41.90 -10.45 -74.61
CA GLN WB 149 41.37 -9.32 -73.88
CA GLN WB 149 41.38 -9.31 -73.88
C GLN WB 149 41.34 -9.63 -72.40
N VAL WB 150 41.56 -8.60 -71.58
CA VAL WB 150 41.57 -8.72 -70.13
C VAL WB 150 40.67 -7.64 -69.55
N ALA WB 151 39.81 -8.03 -68.62
CA ALA WB 151 38.93 -7.09 -67.93
C ALA WB 151 39.52 -6.77 -66.56
N LEU WB 152 39.61 -5.49 -66.23
CA LEU WB 152 40.20 -5.03 -64.99
C LEU WB 152 39.18 -4.27 -64.15
N VAL WB 153 39.30 -4.40 -62.83
CA VAL WB 153 38.49 -3.67 -61.87
C VAL WB 153 39.44 -3.11 -60.82
N ILE WB 154 39.65 -1.79 -60.86
CA ILE WB 154 40.69 -1.14 -60.07
C ILE WB 154 40.01 -0.31 -58.98
N SER WB 155 40.16 -0.74 -57.74
CA SER WB 155 39.65 0.02 -56.60
CA SER WB 155 39.65 0.02 -56.60
C SER WB 155 40.61 1.15 -56.29
N CYS WB 156 40.15 2.39 -56.42
CA CYS WB 156 41.03 3.54 -56.28
C CYS WB 156 40.25 4.69 -55.66
N CYS WB 157 41.00 5.73 -55.29
N CYS WB 157 40.98 5.74 -55.30
CA CYS WB 157 40.45 6.97 -54.73
CA CYS WB 157 40.38 6.95 -54.74
C CYS WB 157 40.80 8.12 -55.68
C CYS WB 157 40.77 8.15 -55.60
N PHE WB 158 39.78 8.70 -56.30
CA PHE WB 158 40.01 9.86 -57.16
C PHE WB 158 40.06 11.12 -56.31
N ASN WB 159 41.13 11.91 -56.48
CA ASN WB 159 41.29 13.14 -55.74
C ASN WB 159 41.93 14.22 -56.61
P PO4 FD . -43.90 -32.22 32.31
O1 PO4 FD . -44.42 -33.31 31.41
O1 PO4 FD . -44.66 -31.69 31.11
O1 PO4 FD . -44.21 -30.74 32.20
O1 PO4 FD . -43.71 -31.66 33.70
O1 PO4 FD . -43.34 -33.42 33.03
O2 PO4 FD . -43.40 -32.80 33.60
O2 PO4 FD . -43.61 -33.68 32.11
O2 PO4 FD . -44.17 -32.88 30.99
O2 PO4 FD . -44.78 -31.27 31.52
O2 PO4 FD . -43.85 -31.02 33.24
O3 PO4 FD . -45.01 -31.22 32.60
O3 PO4 FD . -44.73 -32.02 33.55
O3 PO4 FD . -44.77 -32.82 33.38
O3 PO4 FD . -44.55 -33.57 32.39
O3 PO4 FD . -45.33 -32.48 31.90
O4 PO4 FD . -42.76 -31.50 31.61
O4 PO4 FD . -42.60 -31.46 32.44
O4 PO4 FD . -42.44 -32.40 32.67
O4 PO4 FD . -42.55 -32.33 31.63
O4 PO4 FD . -43.07 -31.93 31.08
P PO4 GD . -15.74 39.75 27.26
O1 PO4 GD . -16.80 38.79 26.80
O1 PO4 GD . -16.02 39.77 25.77
O1 PO4 GD . -14.61 40.13 26.32
O1 PO4 GD . -14.56 40.31 28.02
O1 PO4 GD . -15.62 39.29 28.69
O2 PO4 GD . -15.56 40.83 26.22
O2 PO4 GD . -14.70 40.79 27.59
O2 PO4 GD . -15.50 40.36 28.61
O2 PO4 GD . -16.78 39.27 28.23
O2 PO4 GD . -17.18 39.66 26.83
O3 PO4 GD . -16.15 40.38 28.56
O3 PO4 GD . -17.01 40.05 28.01
O3 PO4 GD . -17.04 40.26 26.69
O3 PO4 GD . -16.33 40.82 26.37
O3 PO4 GD . -15.27 41.18 27.15
O4 PO4 GD . -14.44 39.01 27.44
O4 PO4 GD . -15.22 38.39 27.64
O4 PO4 GD . -15.80 38.25 27.38
O4 PO4 GD . -15.28 38.59 26.40
O4 PO4 GD . -14.89 38.87 26.37
P PO4 HD . 15.39 -10.52 77.33
O1 PO4 HD . 15.23 -11.43 76.14
O1 PO4 HD . 14.84 -10.55 75.92
O1 PO4 HD . 15.44 -9.72 76.04
O1 PO4 HD . 16.20 -10.21 76.08
O1 PO4 HD . 16.17 -10.99 76.12
O2 PO4 HD . 14.98 -9.11 76.94
O2 PO4 HD . 16.59 -9.61 77.36
O2 PO4 HD . 16.58 -11.45 77.38
O2 PO4 HD . 15.03 -11.98 77.34
O2 PO4 HD . 13.92 -10.74 77.09
O3 PO4 HD . 14.53 -11.00 78.46
O3 PO4 HD . 14.33 -9.99 78.27
O3 PO4 HD . 15.45 -9.56 78.50
O3 PO4 HD . 16.20 -10.19 78.55
O3 PO4 HD . 15.83 -11.28 78.55
O4 PO4 HD . 16.84 -10.51 77.77
O4 PO4 HD . 15.79 -11.90 77.75
O4 PO4 HD . 14.11 -11.31 77.38
O4 PO4 HD . 14.13 -9.68 77.32
O4 PO4 HD . 15.65 -9.05 77.54
P PO4 ID . 30.41 43.22 -34.94
O1 PO4 ID . 31.37 42.61 -35.94
O1 PO4 ID . 31.82 43.27 -34.41
O1 PO4 ID . 30.69 43.86 -33.61
O1 PO4 ID . 29.16 43.99 -34.57
O1 PO4 ID . 29.48 42.69 -36.01
O2 PO4 ID . 31.16 44.12 -34.01
O2 PO4 ID . 29.51 44.05 -34.06
O2 PO4 ID . 28.92 43.18 -35.18
O2 PO4 ID . 30.24 42.62 -36.32
O2 PO4 ID . 31.83 42.80 -35.26
O3 PO4 ID . 29.35 44.01 -35.67
O3 PO4 ID . 30.38 43.77 -36.35
O3 PO4 ID . 31.07 44.02 -36.04
O3 PO4 ID . 31.60 44.15 -34.94
O3 PO4 ID . 30.33 44.73 -34.90
O4 PO4 ID . 29.75 42.11 -34.16
O4 PO4 ID . 29.94 41.78 -34.95
O4 PO4 ID . 30.95 41.81 -34.95
O4 PO4 ID . 30.63 42.11 -33.94
O4 PO4 ID . 30.00 42.65 -33.60
P PO4 JD . -34.54 0.95 -37.07
O1 PO4 JD . -34.94 0.96 -38.53
O1 PO4 JD . -34.83 1.92 -38.20
O1 PO4 JD . -35.38 2.19 -36.91
O1 PO4 JD . -35.87 1.42 -36.53
O1 PO4 JD . -35.86 0.21 -37.10
O2 PO4 JD . -33.92 2.28 -36.71
O2 PO4 JD . -34.99 1.56 -35.76
O2 PO4 JD . -34.92 -0.05 -36.00
O2 PO4 JD . -34.69 -0.44 -37.63
O2 PO4 JD . -33.77 0.68 -38.34
O3 PO4 JD . -35.77 0.73 -36.22
O3 PO4 JD . -35.29 -0.33 -37.31
O3 PO4 JD . -34.79 0.36 -38.43
O3 PO4 JD . -34.08 1.89 -38.16
O3 PO4 JD . -34.80 2.43 -36.96
O4 PO4 JD . -33.55 -0.15 -36.82
O4 PO4 JD . -33.06 0.67 -37.01
O4 PO4 JD . -33.08 1.31 -36.93
O4 PO4 JD . -33.53 0.94 -35.96
O4 PO4 JD . -33.73 0.49 -35.88
P PO4 KD . 30.73 -26.69 -68.39
O1 PO4 KD . 31.09 -28.16 -68.50
O1 PO4 KD . 32.24 -26.84 -68.43
O1 PO4 KD . 31.27 -25.31 -68.60
O1 PO4 KD . 29.70 -25.68 -68.81
O1 PO4 KD . 29.43 -27.33 -68.82
O2 PO4 KD . 29.23 -26.54 -68.38
O2 PO4 KD . 30.09 -28.06 -68.33
O2 PO4 KD . 31.86 -27.62 -67.98
O2 PO4 KD . 32.07 -26.01 -68.22
O2 PO4 KD . 30.62 -25.19 -68.48
O3 PO4 KD . 31.32 -25.95 -69.56
O3 PO4 KD . 30.26 -25.97 -69.63
O3 PO4 KD . 30.11 -27.20 -69.67
O3 PO4 KD . 30.84 -27.77 -69.45
O3 PO4 KD . 31.84 -27.17 -69.29
O4 PO4 KD . 31.30 -26.14 -67.11
O4 PO4 KD . 30.34 -25.91 -67.16
O4 PO4 KD . 29.69 -26.67 -67.29
O4 PO4 KD . 30.32 -27.32 -67.07
O4 PO4 KD . 31.04 -27.09 -66.96
#